data_5BSF
#
_entry.id   5BSF
#
_cell.length_a   87.540
_cell.length_b   100.780
_cell.length_c   101.610
_cell.angle_alpha   67.500
_cell.angle_beta   85.860
_cell.angle_gamma   89.780
#
_symmetry.space_group_name_H-M   'P 1'
#
loop_
_entity.id
_entity.type
_entity.pdbx_description
1 polymer 'Pyrroline-5-carboxylate reductase'
2 non-polymer NICOTINAMIDE-ADENINE-DINUCLEOTIDE
3 non-polymer '3[N-MORPHOLINO]PROPANE SULFONIC ACID'
4 non-polymer 'CHLORIDE ION'
5 water water
#
_entity_poly.entity_id   1
_entity_poly.type   'polypeptide(L)'
_entity_poly.pdbx_seq_one_letter_code
;SNAMEIIPIPADSYTLGFIGAGKMAESIAKGAVRSGVLSPSRIKTAIHSNPARRTAFESIGITVLSSNDDVVRDSNVVVF
SVKPQLLKDVVLKLKPLLTKDKLLVSVAAGIKMKDLQEWAGHERFIRVMPNTAATVGEAASVMSLGGAATEEDANLISQL
FGSIGKIWKADDKYFDAITGLSGSGPAYIYLAIEALADGGVAAGLPRDLALSLASQTVLGAASMATQSGKHPGQLKDDVT
SPGGTTIAGVHELEKAGFRGILMNAVVAAAKRSQELS
;
_entity_poly.pdbx_strand_id   A,B,C,D,E,F,G,H,I,J
#
loop_
_chem_comp.id
_chem_comp.type
_chem_comp.name
_chem_comp.formula
CL non-polymer 'CHLORIDE ION' 'Cl -1'
MPO non-polymer '3[N-MORPHOLINO]PROPANE SULFONIC ACID' 'C7 H15 N O4 S'
NAD non-polymer NICOTINAMIDE-ADENINE-DINUCLEOTIDE 'C21 H27 N7 O14 P2'
#
# COMPACT_ATOMS: atom_id res chain seq x y z
N ILE A 6 -59.37 8.14 -14.85
CA ILE A 6 -58.64 7.67 -13.63
C ILE A 6 -59.66 7.36 -12.54
N ILE A 7 -60.27 6.21 -12.68
CA ILE A 7 -61.19 5.67 -11.65
C ILE A 7 -60.33 5.04 -10.53
N PRO A 8 -60.67 5.24 -9.25
CA PRO A 8 -59.91 4.57 -8.20
C PRO A 8 -59.95 3.04 -8.39
N ILE A 9 -58.81 2.38 -8.11
CA ILE A 9 -58.77 0.96 -8.17
C ILE A 9 -59.48 0.43 -6.92
N PRO A 10 -60.40 -0.55 -7.07
CA PRO A 10 -61.11 -1.00 -5.83
C PRO A 10 -60.20 -1.70 -4.87
N ALA A 11 -59.99 -1.07 -3.76
CA ALA A 11 -58.91 -1.45 -2.86
C ALA A 11 -58.97 -2.89 -2.35
N ASP A 12 -60.17 -3.46 -2.23
CA ASP A 12 -60.33 -4.80 -1.64
C ASP A 12 -60.62 -5.90 -2.64
N SER A 13 -60.85 -5.51 -3.88
CA SER A 13 -61.34 -6.51 -4.84
C SER A 13 -60.59 -6.46 -6.17
N TYR A 14 -59.56 -5.64 -6.27
CA TYR A 14 -58.93 -5.44 -7.55
C TYR A 14 -58.28 -6.75 -8.00
N THR A 15 -58.15 -6.89 -9.31
CA THR A 15 -57.41 -8.00 -9.86
C THR A 15 -56.01 -7.49 -10.32
N LEU A 16 -55.02 -8.39 -10.19
CA LEU A 16 -53.64 -8.10 -10.48
C LEU A 16 -53.16 -9.02 -11.61
N GLY A 17 -52.49 -8.44 -12.60
CA GLY A 17 -51.91 -9.22 -13.66
C GLY A 17 -50.42 -9.04 -13.74
N PHE A 18 -49.70 -10.15 -13.94
CA PHE A 18 -48.26 -10.09 -14.21
C PHE A 18 -47.96 -10.36 -15.68
N ILE A 19 -47.26 -9.42 -16.28
CA ILE A 19 -46.72 -9.58 -17.59
C ILE A 19 -45.24 -9.91 -17.44
N GLY A 20 -44.91 -11.15 -17.76
CA GLY A 20 -43.62 -11.78 -17.53
C GLY A 20 -43.71 -12.65 -16.29
N ALA A 21 -43.88 -13.94 -16.50
CA ALA A 21 -44.12 -14.84 -15.39
C ALA A 21 -42.83 -15.37 -14.81
N GLY A 22 -41.99 -14.47 -14.36
CA GLY A 22 -40.67 -14.78 -13.86
C GLY A 22 -40.59 -15.04 -12.37
N LYS A 23 -39.36 -15.04 -11.86
CA LYS A 23 -39.12 -15.23 -10.39
C LYS A 23 -39.66 -14.12 -9.52
N MET A 24 -39.44 -12.87 -9.95
CA MET A 24 -39.96 -11.73 -9.17
C MET A 24 -41.50 -11.73 -9.14
N ALA A 25 -42.12 -12.01 -10.28
CA ALA A 25 -43.56 -12.08 -10.33
C ALA A 25 -44.07 -13.13 -9.33
N GLU A 26 -43.38 -14.26 -9.33
CA GLU A 26 -43.73 -15.36 -8.46
C GLU A 26 -43.61 -14.93 -7.02
N SER A 27 -42.53 -14.22 -6.69
CA SER A 27 -42.35 -13.80 -5.27
C SER A 27 -43.37 -12.80 -4.82
N ILE A 28 -43.74 -11.88 -5.73
CA ILE A 28 -44.80 -10.92 -5.39
C ILE A 28 -46.15 -11.64 -5.23
N ALA A 29 -46.44 -12.53 -6.15
CA ALA A 29 -47.74 -13.29 -6.10
C ALA A 29 -47.81 -14.08 -4.81
N LYS A 30 -46.73 -14.82 -4.49
CA LYS A 30 -46.70 -15.60 -3.25
C LYS A 30 -46.81 -14.80 -1.99
N GLY A 31 -46.12 -13.69 -1.97
CA GLY A 31 -46.27 -12.77 -0.83
C GLY A 31 -47.67 -12.22 -0.65
N ALA A 32 -48.26 -11.77 -1.74
CA ALA A 32 -49.51 -11.11 -1.66
C ALA A 32 -50.57 -12.15 -1.18
N VAL A 33 -50.45 -13.35 -1.70
CA VAL A 33 -51.36 -14.45 -1.27
C VAL A 33 -51.16 -14.77 0.22
N ARG A 34 -49.90 -14.99 0.62
CA ARG A 34 -49.50 -15.28 2.04
C ARG A 34 -50.03 -14.24 2.97
N SER A 35 -49.90 -12.99 2.64
CA SER A 35 -50.33 -11.92 3.54
C SER A 35 -51.83 -11.68 3.53
N GLY A 36 -52.52 -12.34 2.62
CA GLY A 36 -53.97 -12.09 2.48
C GLY A 36 -54.31 -10.82 1.74
N VAL A 37 -53.32 -10.13 1.21
CA VAL A 37 -53.65 -8.94 0.40
C VAL A 37 -54.44 -9.33 -0.85
N LEU A 38 -54.06 -10.46 -1.48
CA LEU A 38 -54.74 -10.96 -2.65
C LEU A 38 -55.05 -12.43 -2.42
N SER A 39 -56.03 -12.93 -3.14
CA SER A 39 -56.31 -14.36 -3.21
C SER A 39 -55.76 -14.82 -4.55
N PRO A 40 -55.43 -16.09 -4.69
CA PRO A 40 -54.99 -16.54 -6.05
C PRO A 40 -55.93 -16.31 -7.19
N SER A 41 -57.25 -16.30 -6.90
CA SER A 41 -58.23 -16.13 -7.96
C SER A 41 -58.26 -14.73 -8.51
N ARG A 42 -57.63 -13.80 -7.78
CA ARG A 42 -57.51 -12.42 -8.22
C ARG A 42 -56.22 -12.07 -8.96
N ILE A 43 -55.41 -13.08 -9.23
CA ILE A 43 -54.14 -12.91 -9.89
C ILE A 43 -54.13 -13.72 -11.19
N LYS A 44 -53.59 -13.09 -12.23
CA LYS A 44 -53.42 -13.76 -13.54
C LYS A 44 -52.03 -13.50 -14.08
N THR A 45 -51.52 -14.45 -14.85
CA THR A 45 -50.34 -14.18 -15.68
C THR A 45 -50.46 -14.95 -17.01
N ALA A 46 -49.48 -14.83 -17.86
CA ALA A 46 -49.47 -15.54 -19.15
C ALA A 46 -48.05 -15.94 -19.42
N ILE A 47 -47.87 -17.09 -20.03
CA ILE A 47 -46.51 -17.35 -20.50
C ILE A 47 -46.46 -16.97 -21.97
N HIS A 48 -45.30 -16.54 -22.42
CA HIS A 48 -45.11 -16.42 -23.86
C HIS A 48 -44.46 -17.75 -24.43
N SER A 49 -43.27 -18.11 -23.94
CA SER A 49 -42.50 -19.28 -24.43
C SER A 49 -41.79 -20.20 -23.41
N ASN A 50 -42.00 -20.05 -22.10
CA ASN A 50 -41.68 -21.12 -21.18
C ASN A 50 -42.84 -21.79 -20.45
N PRO A 51 -43.27 -22.99 -20.88
CA PRO A 51 -44.40 -23.70 -20.18
C PRO A 51 -44.06 -24.34 -18.81
N ALA A 52 -42.79 -24.34 -18.44
CA ALA A 52 -42.38 -24.79 -17.08
C ALA A 52 -42.93 -23.80 -16.04
N ARG A 53 -42.97 -22.52 -16.43
CA ARG A 53 -43.53 -21.44 -15.57
C ARG A 53 -45.00 -21.66 -15.32
N ARG A 54 -45.68 -22.31 -16.28
CA ARG A 54 -47.12 -22.59 -16.13
C ARG A 54 -47.43 -23.29 -14.83
N THR A 55 -46.65 -24.32 -14.57
CA THR A 55 -46.92 -25.15 -13.37
C THR A 55 -46.60 -24.33 -12.09
N ALA A 56 -45.55 -23.54 -12.12
CA ALA A 56 -45.21 -22.71 -10.88
C ALA A 56 -46.35 -21.74 -10.38
N PHE A 57 -47.07 -21.16 -11.32
CA PHE A 57 -48.21 -20.30 -10.94
C PHE A 57 -49.41 -21.17 -10.63
N GLU A 58 -49.62 -22.20 -11.45
CA GLU A 58 -50.82 -23.03 -11.31
C GLU A 58 -50.82 -23.75 -9.97
N SER A 59 -49.65 -24.08 -9.52
CA SER A 59 -49.51 -24.74 -8.24
C SER A 59 -49.76 -23.88 -7.03
N ILE A 60 -49.81 -22.56 -7.19
CA ILE A 60 -50.28 -21.71 -6.09
C ILE A 60 -51.72 -21.23 -6.32
N GLY A 61 -52.40 -21.84 -7.31
CA GLY A 61 -53.82 -21.57 -7.54
C GLY A 61 -54.09 -20.42 -8.49
N ILE A 62 -53.05 -19.97 -9.20
CA ILE A 62 -53.18 -18.87 -10.10
C ILE A 62 -53.43 -19.31 -11.51
N THR A 63 -54.38 -18.67 -12.12
CA THR A 63 -54.70 -18.95 -13.51
C THR A 63 -53.68 -18.35 -14.48
N VAL A 64 -53.22 -19.21 -15.36
CA VAL A 64 -52.32 -18.88 -16.45
C VAL A 64 -53.03 -18.78 -17.81
N LEU A 65 -53.09 -17.58 -18.35
CA LEU A 65 -53.82 -17.32 -19.58
C LEU A 65 -52.87 -17.49 -20.72
N SER A 66 -53.43 -17.43 -21.92
CA SER A 66 -52.65 -17.76 -23.13
C SER A 66 -51.98 -16.54 -23.76
N SER A 67 -52.41 -15.37 -23.38
CA SER A 67 -51.82 -14.14 -23.95
C SER A 67 -51.69 -13.00 -22.94
N ASN A 68 -50.68 -12.16 -23.19
CA ASN A 68 -50.48 -10.95 -22.41
C ASN A 68 -51.71 -10.08 -22.52
N ASP A 69 -52.30 -10.05 -23.71
CA ASP A 69 -53.49 -9.22 -23.95
C ASP A 69 -54.61 -9.54 -22.98
N ASP A 70 -54.85 -10.82 -22.76
CA ASP A 70 -55.94 -11.24 -21.88
C ASP A 70 -55.65 -10.93 -20.41
N VAL A 71 -54.37 -11.02 -20.05
CA VAL A 71 -53.96 -10.69 -18.67
C VAL A 71 -54.32 -9.21 -18.43
N VAL A 72 -53.95 -8.36 -19.38
CA VAL A 72 -54.28 -6.94 -19.27
C VAL A 72 -55.77 -6.67 -19.18
N ARG A 73 -56.54 -7.23 -20.13
CA ARG A 73 -57.99 -7.06 -20.11
C ARG A 73 -58.63 -7.43 -18.78
N ASP A 74 -58.18 -8.53 -18.21
CA ASP A 74 -58.78 -9.02 -16.97
C ASP A 74 -58.21 -8.38 -15.69
N SER A 75 -57.30 -7.44 -15.81
CA SER A 75 -56.64 -6.86 -14.63
C SER A 75 -56.90 -5.39 -14.42
N ASN A 76 -57.09 -5.00 -13.16
CA ASN A 76 -57.11 -3.59 -12.76
C ASN A 76 -55.70 -2.99 -12.56
N VAL A 77 -54.75 -3.84 -12.14
CA VAL A 77 -53.37 -3.42 -11.87
C VAL A 77 -52.49 -4.39 -12.66
N VAL A 78 -51.59 -3.83 -13.43
CA VAL A 78 -50.72 -4.63 -14.30
C VAL A 78 -49.28 -4.41 -13.88
N VAL A 79 -48.58 -5.47 -13.50
CA VAL A 79 -47.19 -5.42 -13.16
C VAL A 79 -46.32 -6.00 -14.28
N PHE A 80 -45.44 -5.18 -14.79
CA PHE A 80 -44.51 -5.58 -15.81
C PHE A 80 -43.25 -6.09 -15.15
N SER A 81 -43.05 -7.39 -15.29
CA SER A 81 -41.93 -8.10 -14.71
C SER A 81 -41.14 -8.91 -15.77
N VAL A 82 -41.03 -8.37 -16.97
CA VAL A 82 -40.09 -8.90 -17.98
C VAL A 82 -38.72 -8.28 -17.80
N LYS A 83 -37.74 -8.91 -18.39
CA LYS A 83 -36.40 -8.41 -18.40
C LYS A 83 -36.40 -7.02 -18.97
N PRO A 84 -35.53 -6.16 -18.49
CA PRO A 84 -35.65 -4.75 -18.93
C PRO A 84 -35.57 -4.49 -20.42
N GLN A 85 -34.65 -5.20 -21.06
CA GLN A 85 -34.37 -4.97 -22.49
C GLN A 85 -35.56 -5.43 -23.35
N LEU A 86 -36.46 -6.18 -22.80
CA LEU A 86 -37.70 -6.60 -23.51
C LEU A 86 -38.94 -5.73 -23.25
N LEU A 87 -38.83 -4.82 -22.28
CA LEU A 87 -40.06 -4.14 -21.76
C LEU A 87 -40.72 -3.20 -22.79
N LYS A 88 -39.90 -2.38 -23.43
CA LYS A 88 -40.45 -1.39 -24.38
C LYS A 88 -41.38 -2.07 -25.42
N ASP A 89 -40.89 -3.12 -26.07
CA ASP A 89 -41.71 -3.78 -27.13
C ASP A 89 -42.96 -4.39 -26.56
N VAL A 90 -42.82 -4.97 -25.34
CA VAL A 90 -43.97 -5.55 -24.66
C VAL A 90 -45.04 -4.47 -24.43
N VAL A 91 -44.63 -3.33 -23.90
CA VAL A 91 -45.59 -2.27 -23.57
C VAL A 91 -46.22 -1.74 -24.88
N LEU A 92 -45.38 -1.53 -25.89
CA LEU A 92 -45.89 -1.00 -27.18
C LEU A 92 -46.95 -1.92 -27.79
N LYS A 93 -46.70 -3.22 -27.75
CA LYS A 93 -47.68 -4.21 -28.25
C LYS A 93 -48.99 -4.15 -27.52
N LEU A 94 -48.95 -3.85 -26.21
CA LEU A 94 -50.16 -3.86 -25.36
C LEU A 94 -50.86 -2.53 -25.31
N LYS A 95 -50.24 -1.54 -25.90
CA LYS A 95 -50.66 -0.16 -25.69
C LYS A 95 -52.16 0.15 -25.84
N PRO A 96 -52.83 -0.41 -26.89
CA PRO A 96 -54.26 -0.12 -27.06
C PRO A 96 -55.10 -0.56 -25.88
N LEU A 97 -54.62 -1.56 -25.15
CA LEU A 97 -55.30 -2.10 -23.97
C LEU A 97 -54.97 -1.37 -22.63
N LEU A 98 -54.00 -0.47 -22.68
CA LEU A 98 -53.47 0.18 -21.49
C LEU A 98 -54.28 1.43 -21.20
N THR A 99 -55.55 1.23 -20.90
CA THR A 99 -56.45 2.35 -20.69
C THR A 99 -56.21 2.93 -19.30
N LYS A 100 -56.56 4.20 -19.13
CA LYS A 100 -56.17 4.97 -17.92
C LYS A 100 -56.88 4.50 -16.66
N ASP A 101 -57.85 3.59 -16.81
CA ASP A 101 -58.53 2.99 -15.66
C ASP A 101 -57.68 1.90 -14.99
N LYS A 102 -56.60 1.52 -15.65
CA LYS A 102 -55.71 0.44 -15.17
C LYS A 102 -54.38 1.07 -14.66
N LEU A 103 -54.05 0.74 -13.43
CA LEU A 103 -52.77 1.22 -12.83
C LEU A 103 -51.64 0.33 -13.35
N LEU A 104 -50.62 0.93 -13.92
CA LEU A 104 -49.48 0.20 -14.39
C LEU A 104 -48.30 0.28 -13.42
N VAL A 105 -47.58 -0.84 -13.31
CA VAL A 105 -46.42 -0.94 -12.40
C VAL A 105 -45.27 -1.58 -13.13
N SER A 106 -44.07 -1.02 -13.03
CA SER A 106 -42.87 -1.69 -13.55
C SER A 106 -41.96 -2.07 -12.38
N VAL A 107 -41.44 -3.29 -12.38
CA VAL A 107 -40.34 -3.67 -11.51
C VAL A 107 -39.04 -3.82 -12.25
N ALA A 108 -39.01 -3.39 -13.50
CA ALA A 108 -37.79 -3.57 -14.35
C ALA A 108 -36.62 -2.71 -13.90
N ALA A 109 -35.49 -3.36 -13.66
CA ALA A 109 -34.30 -2.60 -13.19
C ALA A 109 -33.86 -1.63 -14.27
N GLY A 110 -33.52 -0.41 -13.87
CA GLY A 110 -32.88 0.55 -14.72
C GLY A 110 -33.84 1.28 -15.70
N ILE A 111 -35.13 1.02 -15.71
CA ILE A 111 -36.03 1.67 -16.69
C ILE A 111 -36.75 2.83 -16.00
N LYS A 112 -36.48 4.03 -16.47
CA LYS A 112 -36.96 5.25 -15.85
C LYS A 112 -38.41 5.55 -16.11
N MET A 113 -38.99 6.34 -15.24
CA MET A 113 -40.45 6.63 -15.30
C MET A 113 -40.76 7.42 -16.57
N LYS A 114 -39.87 8.30 -16.97
CA LYS A 114 -40.06 9.10 -18.20
C LYS A 114 -40.32 8.19 -19.41
N ASP A 115 -39.55 7.12 -19.49
CA ASP A 115 -39.73 6.18 -20.55
C ASP A 115 -41.00 5.32 -20.39
N LEU A 116 -41.20 4.80 -19.19
CA LEU A 116 -42.43 4.02 -18.94
C LEU A 116 -43.67 4.79 -19.45
N GLN A 117 -43.74 6.03 -19.10
CA GLN A 117 -44.94 6.84 -19.39
C GLN A 117 -45.09 7.06 -20.91
N GLU A 118 -43.98 7.36 -21.55
CA GLU A 118 -43.91 7.56 -22.99
C GLU A 118 -44.34 6.31 -23.71
N TRP A 119 -43.86 5.13 -23.28
CA TRP A 119 -44.24 3.89 -23.93
C TRP A 119 -45.72 3.59 -23.81
N ALA A 120 -46.25 3.80 -22.60
CA ALA A 120 -47.65 3.45 -22.32
C ALA A 120 -48.63 4.50 -22.88
N GLY A 121 -48.13 5.70 -23.00
CA GLY A 121 -48.95 6.86 -23.47
C GLY A 121 -49.81 7.49 -22.42
N HIS A 122 -49.57 7.17 -21.15
CA HIS A 122 -50.19 7.87 -20.07
C HIS A 122 -49.30 7.76 -18.82
N GLU A 123 -49.68 8.48 -17.78
CA GLU A 123 -48.84 8.70 -16.60
C GLU A 123 -49.32 8.00 -15.31
N ARG A 124 -50.26 7.10 -15.46
CA ARG A 124 -50.80 6.39 -14.31
C ARG A 124 -49.96 5.12 -14.13
N PHE A 125 -48.74 5.36 -13.68
CA PHE A 125 -47.68 4.38 -13.71
C PHE A 125 -46.89 4.54 -12.43
N ILE A 126 -46.54 3.41 -11.82
CA ILE A 126 -45.64 3.38 -10.65
C ILE A 126 -44.48 2.49 -10.95
N ARG A 127 -43.26 2.95 -10.64
CA ARG A 127 -42.06 2.16 -10.75
C ARG A 127 -41.66 1.67 -9.36
N VAL A 128 -41.36 0.38 -9.26
CA VAL A 128 -40.79 -0.20 -8.04
C VAL A 128 -39.48 -0.85 -8.34
N MET A 129 -38.49 -0.60 -7.47
N MET A 129 -38.52 -0.62 -7.45
CA MET A 129 -37.26 -1.38 -7.49
CA MET A 129 -37.28 -1.36 -7.49
C MET A 129 -37.17 -2.22 -6.24
C MET A 129 -37.17 -2.21 -6.24
N PRO A 130 -37.53 -3.49 -6.35
CA PRO A 130 -37.38 -4.41 -5.24
C PRO A 130 -35.94 -4.99 -5.25
N ASN A 131 -35.65 -5.96 -4.42
CA ASN A 131 -34.36 -6.62 -4.48
C ASN A 131 -34.55 -8.09 -4.27
N THR A 132 -33.43 -8.80 -4.23
CA THR A 132 -33.46 -10.29 -4.25
C THR A 132 -34.17 -10.93 -3.04
N ALA A 133 -34.25 -10.23 -1.92
CA ALA A 133 -34.76 -10.78 -0.70
C ALA A 133 -36.27 -10.83 -0.67
N ALA A 134 -36.86 -10.39 -1.75
CA ALA A 134 -38.29 -10.65 -1.98
C ALA A 134 -38.67 -12.13 -1.77
N THR A 135 -37.75 -13.01 -2.15
CA THR A 135 -38.01 -14.45 -2.06
C THR A 135 -38.37 -14.87 -0.64
N VAL A 136 -37.81 -14.20 0.36
CA VAL A 136 -38.04 -14.54 1.79
C VAL A 136 -38.82 -13.45 2.51
N GLY A 137 -39.51 -12.59 1.74
CA GLY A 137 -40.34 -11.58 2.33
C GLY A 137 -39.57 -10.49 3.05
N GLU A 138 -38.30 -10.30 2.68
CA GLU A 138 -37.47 -9.25 3.25
C GLU A 138 -36.84 -8.32 2.25
N ALA A 139 -37.53 -8.08 1.14
CA ALA A 139 -37.08 -7.08 0.22
C ALA A 139 -36.94 -5.70 0.80
N ALA A 140 -35.99 -4.97 0.25
CA ALA A 140 -35.92 -3.53 0.41
C ALA A 140 -36.33 -2.97 -0.93
N SER A 141 -37.49 -2.34 -0.94
CA SER A 141 -38.05 -1.83 -2.20
C SER A 141 -38.24 -0.33 -2.13
N VAL A 142 -38.18 0.31 -3.29
CA VAL A 142 -38.53 1.73 -3.36
C VAL A 142 -39.42 2.00 -4.54
N MET A 143 -40.41 2.88 -4.37
CA MET A 143 -41.34 3.22 -5.47
C MET A 143 -41.25 4.67 -5.84
N SER A 144 -41.49 4.95 -7.11
CA SER A 144 -41.60 6.35 -7.59
C SER A 144 -42.88 6.41 -8.36
N LEU A 145 -43.51 7.57 -8.32
CA LEU A 145 -44.80 7.74 -8.91
C LEU A 145 -44.78 8.52 -10.20
N GLY A 146 -45.49 8.01 -11.18
CA GLY A 146 -45.71 8.72 -12.41
C GLY A 146 -46.59 9.93 -12.17
N GLY A 147 -46.72 10.77 -13.18
CA GLY A 147 -47.47 12.07 -13.03
C GLY A 147 -48.96 11.95 -12.70
N ALA A 148 -49.58 10.82 -13.03
CA ALA A 148 -51.01 10.63 -12.78
C ALA A 148 -51.32 9.51 -11.80
N ALA A 149 -50.27 8.88 -11.22
CA ALA A 149 -50.52 7.96 -10.13
C ALA A 149 -51.08 8.71 -8.93
N THR A 150 -52.18 8.23 -8.40
CA THR A 150 -52.82 8.90 -7.23
C THR A 150 -52.26 8.44 -5.91
N GLU A 151 -52.65 9.12 -4.85
CA GLU A 151 -52.23 8.70 -3.49
C GLU A 151 -52.80 7.34 -3.14
N GLU A 152 -53.99 7.07 -3.62
CA GLU A 152 -54.61 5.79 -3.36
C GLU A 152 -53.88 4.68 -4.17
N ASP A 153 -53.46 5.01 -5.39
CA ASP A 153 -52.61 4.08 -6.21
C ASP A 153 -51.35 3.72 -5.42
N ALA A 154 -50.70 4.73 -4.90
CA ALA A 154 -49.50 4.57 -4.11
C ALA A 154 -49.74 3.65 -2.92
N ASN A 155 -50.83 3.92 -2.18
CA ASN A 155 -51.18 3.05 -1.03
C ASN A 155 -51.43 1.61 -1.39
N LEU A 156 -52.10 1.40 -2.54
CA LEU A 156 -52.32 0.09 -3.02
C LEU A 156 -50.94 -0.65 -3.28
N ILE A 157 -50.03 0.05 -3.93
CA ILE A 157 -48.71 -0.55 -4.29
C ILE A 157 -47.86 -0.71 -3.00
N SER A 158 -48.01 0.21 -2.05
CA SER A 158 -47.37 0.08 -0.75
C SER A 158 -47.84 -1.19 -0.02
N GLN A 159 -49.14 -1.44 0.00
CA GLN A 159 -49.67 -2.64 0.62
C GLN A 159 -49.23 -3.92 -0.12
N LEU A 160 -49.25 -3.88 -1.44
CA LEU A 160 -48.73 -4.99 -2.25
C LEU A 160 -47.30 -5.34 -1.98
N PHE A 161 -46.40 -4.36 -2.12
CA PHE A 161 -44.96 -4.62 -1.92
C PHE A 161 -44.56 -4.73 -0.48
N GLY A 162 -45.46 -4.24 0.44
CA GLY A 162 -45.30 -4.48 1.88
C GLY A 162 -45.43 -5.97 2.20
N SER A 163 -46.01 -6.73 1.28
N SER A 163 -46.01 -6.72 1.28
CA SER A 163 -46.13 -8.17 1.48
CA SER A 163 -46.14 -8.16 1.44
C SER A 163 -44.89 -8.97 1.17
C SER A 163 -44.88 -8.96 1.17
N ILE A 164 -43.88 -8.34 0.55
CA ILE A 164 -42.61 -9.01 0.28
C ILE A 164 -41.40 -8.34 0.96
N GLY A 165 -41.65 -7.40 1.86
CA GLY A 165 -40.60 -6.71 2.57
C GLY A 165 -41.01 -5.36 3.00
N LYS A 166 -40.13 -4.43 2.97
CA LYS A 166 -40.39 -3.04 3.29
C LYS A 166 -40.39 -2.24 2.03
N ILE A 167 -41.10 -1.15 2.04
CA ILE A 167 -41.22 -0.33 0.82
C ILE A 167 -41.27 1.14 1.18
N TRP A 168 -40.36 1.90 0.56
CA TRP A 168 -40.25 3.34 0.75
C TRP A 168 -40.56 4.05 -0.55
N LYS A 169 -40.74 5.35 -0.48
CA LYS A 169 -41.01 6.20 -1.66
C LYS A 169 -39.83 7.08 -1.96
N ALA A 170 -39.50 7.25 -3.23
CA ALA A 170 -38.46 8.20 -3.58
C ALA A 170 -38.61 8.67 -4.99
N ASP A 171 -38.03 9.81 -5.24
CA ASP A 171 -38.02 10.37 -6.57
C ASP A 171 -37.26 9.45 -7.51
N ASP A 172 -37.72 9.44 -8.77
CA ASP A 172 -37.11 8.58 -9.78
C ASP A 172 -35.64 8.92 -9.96
N LYS A 173 -35.21 10.17 -9.71
CA LYS A 173 -33.84 10.45 -9.99
C LYS A 173 -32.82 9.70 -8.98
N TYR A 174 -33.33 9.17 -7.91
CA TYR A 174 -32.46 8.44 -6.92
C TYR A 174 -32.25 6.97 -7.31
N PHE A 175 -32.88 6.48 -8.37
CA PHE A 175 -32.93 5.05 -8.57
C PHE A 175 -31.60 4.40 -8.99
N ASP A 176 -30.72 5.12 -9.66
CA ASP A 176 -29.35 4.56 -9.90
C ASP A 176 -28.60 4.30 -8.60
N ALA A 177 -28.62 5.25 -7.65
CA ALA A 177 -28.06 5.06 -6.34
C ALA A 177 -28.76 3.96 -5.49
N ILE A 178 -30.11 3.92 -5.51
CA ILE A 178 -30.84 2.87 -4.90
C ILE A 178 -30.34 1.50 -5.46
N THR A 179 -30.15 1.44 -6.78
CA THR A 179 -29.79 0.18 -7.44
C THR A 179 -28.39 -0.27 -6.90
N GLY A 180 -27.49 0.68 -6.72
CA GLY A 180 -26.21 0.35 -6.15
C GLY A 180 -26.16 -0.06 -4.72
N LEU A 181 -27.15 0.37 -3.94
CA LEU A 181 -27.27 0.09 -2.52
C LEU A 181 -28.17 -1.10 -2.21
N SER A 182 -29.48 -0.96 -2.38
CA SER A 182 -30.34 -2.07 -2.07
C SER A 182 -30.43 -3.10 -3.14
N GLY A 183 -30.24 -2.73 -4.41
CA GLY A 183 -30.26 -3.69 -5.46
C GLY A 183 -29.06 -4.61 -5.51
N SER A 184 -27.89 -4.01 -5.40
CA SER A 184 -26.65 -4.72 -5.45
C SER A 184 -26.10 -5.15 -4.12
N GLY A 185 -26.47 -4.42 -3.03
CA GLY A 185 -25.97 -4.66 -1.72
C GLY A 185 -26.02 -6.11 -1.23
N PRO A 186 -27.07 -6.85 -1.55
CA PRO A 186 -27.07 -8.21 -1.03
C PRO A 186 -25.82 -8.98 -1.37
N ALA A 187 -25.25 -8.76 -2.54
CA ALA A 187 -23.96 -9.46 -2.87
C ALA A 187 -22.81 -9.11 -1.97
N TYR A 188 -22.78 -7.85 -1.54
CA TYR A 188 -21.71 -7.36 -0.64
C TYR A 188 -21.83 -8.13 0.62
N ILE A 189 -23.10 -8.37 1.07
CA ILE A 189 -23.27 -9.09 2.30
C ILE A 189 -23.07 -10.58 2.20
N TYR A 190 -23.38 -11.16 1.07
CA TYR A 190 -22.98 -12.55 0.81
C TYR A 190 -21.50 -12.78 0.87
N LEU A 191 -20.73 -11.85 0.31
CA LEU A 191 -19.27 -11.86 0.51
C LEU A 191 -18.89 -11.75 1.99
N ALA A 192 -19.53 -10.81 2.67
CA ALA A 192 -19.23 -10.63 4.07
C ALA A 192 -19.49 -11.88 4.90
N ILE A 193 -20.60 -12.53 4.65
CA ILE A 193 -20.95 -13.75 5.34
C ILE A 193 -19.96 -14.86 5.09
N GLU A 194 -19.54 -15.02 3.86
CA GLU A 194 -18.53 -16.07 3.55
C GLU A 194 -17.22 -15.74 4.24
N ALA A 195 -16.88 -14.46 4.19
CA ALA A 195 -15.60 -14.04 4.83
C ALA A 195 -15.59 -14.16 6.30
N LEU A 196 -16.71 -13.86 6.99
CA LEU A 196 -16.82 -14.11 8.36
C LEU A 196 -16.74 -15.57 8.76
N ALA A 197 -17.36 -16.44 7.96
CA ALA A 197 -17.22 -17.88 8.11
C ALA A 197 -15.77 -18.33 7.90
N ASP A 198 -15.13 -17.84 6.85
CA ASP A 198 -13.71 -18.14 6.58
C ASP A 198 -12.83 -17.68 7.77
N GLY A 199 -13.14 -16.46 8.33
CA GLY A 199 -12.50 -16.02 9.52
C GLY A 199 -12.66 -16.91 10.72
N GLY A 200 -13.88 -17.41 10.96
CA GLY A 200 -14.09 -18.31 12.05
C GLY A 200 -13.26 -19.57 11.88
N VAL A 201 -13.33 -20.14 10.68
CA VAL A 201 -12.48 -21.37 10.37
C VAL A 201 -11.01 -21.06 10.54
N ALA A 202 -10.59 -19.85 10.12
CA ALA A 202 -9.15 -19.46 10.31
C ALA A 202 -8.80 -19.43 11.82
N ALA A 203 -9.79 -19.09 12.63
CA ALA A 203 -9.63 -19.03 14.10
C ALA A 203 -9.90 -20.34 14.80
N GLY A 204 -10.12 -21.39 14.06
CA GLY A 204 -10.25 -22.75 14.62
C GLY A 204 -11.64 -23.34 14.69
N LEU A 205 -12.65 -22.65 14.18
CA LEU A 205 -14.00 -23.19 14.22
C LEU A 205 -14.31 -24.19 13.14
N PRO A 206 -15.18 -25.15 13.45
CA PRO A 206 -15.72 -26.01 12.41
C PRO A 206 -16.46 -25.17 11.37
N ARG A 207 -16.42 -25.63 10.12
CA ARG A 207 -17.03 -24.86 9.03
C ARG A 207 -18.55 -24.69 9.19
N ASP A 208 -19.26 -25.77 9.56
N ASP A 208 -19.28 -25.74 9.54
CA ASP A 208 -20.71 -25.72 9.65
CA ASP A 208 -20.71 -25.66 9.61
C ASP A 208 -21.19 -24.73 10.69
C ASP A 208 -21.13 -24.66 10.66
N LEU A 209 -20.51 -24.72 11.83
CA LEU A 209 -20.79 -23.78 12.88
C LEU A 209 -20.41 -22.33 12.47
N ALA A 210 -19.22 -22.18 11.87
CA ALA A 210 -18.76 -20.87 11.47
C ALA A 210 -19.75 -20.24 10.51
N LEU A 211 -20.23 -20.98 9.52
CA LEU A 211 -21.21 -20.42 8.58
C LEU A 211 -22.55 -20.12 9.24
N SER A 212 -23.04 -21.02 10.09
CA SER A 212 -24.28 -20.77 10.86
C SER A 212 -24.18 -19.54 11.70
N LEU A 213 -23.07 -19.37 12.39
CA LEU A 213 -22.86 -18.21 13.23
C LEU A 213 -22.74 -16.93 12.43
N ALA A 214 -22.03 -17.01 11.33
CA ALA A 214 -21.88 -15.84 10.41
C ALA A 214 -23.21 -15.31 9.93
N SER A 215 -24.04 -16.20 9.41
CA SER A 215 -25.33 -15.78 8.86
C SER A 215 -26.25 -15.21 9.93
N GLN A 216 -26.27 -15.84 11.07
CA GLN A 216 -27.15 -15.43 12.13
C GLN A 216 -26.66 -14.16 12.82
N THR A 217 -25.36 -13.99 12.87
CA THR A 217 -24.77 -12.77 13.39
C THR A 217 -25.15 -11.57 12.55
N VAL A 218 -25.05 -11.75 11.23
CA VAL A 218 -25.45 -10.68 10.31
C VAL A 218 -26.96 -10.38 10.47
N LEU A 219 -27.76 -11.41 10.50
CA LEU A 219 -29.24 -11.28 10.68
C LEU A 219 -29.58 -10.52 11.93
N GLY A 220 -28.95 -10.93 13.04
CA GLY A 220 -29.23 -10.31 14.31
C GLY A 220 -28.81 -8.88 14.37
N ALA A 221 -27.61 -8.58 13.88
CA ALA A 221 -27.19 -7.19 13.89
C ALA A 221 -28.09 -6.28 13.05
N ALA A 222 -28.48 -6.76 11.87
CA ALA A 222 -29.36 -5.96 11.02
C ALA A 222 -30.74 -5.80 11.69
N SER A 223 -31.20 -6.84 12.40
CA SER A 223 -32.51 -6.72 13.11
C SER A 223 -32.44 -5.70 14.20
N MET A 224 -31.30 -5.65 14.89
CA MET A 224 -31.04 -4.59 15.89
C MET A 224 -31.11 -3.22 15.22
N ALA A 225 -30.45 -3.06 14.08
CA ALA A 225 -30.39 -1.76 13.40
C ALA A 225 -31.83 -1.39 12.90
N THR A 226 -32.59 -2.37 12.45
CA THR A 226 -33.92 -2.09 11.89
C THR A 226 -34.92 -1.77 13.06
N GLN A 227 -34.77 -2.39 14.22
CA GLN A 227 -35.75 -2.21 15.33
C GLN A 227 -35.39 -1.26 16.42
N SER A 228 -34.12 -0.97 16.63
CA SER A 228 -33.71 -0.33 17.87
C SER A 228 -34.01 1.17 17.93
N GLY A 229 -34.20 1.76 16.79
CA GLY A 229 -34.26 3.21 16.82
C GLY A 229 -32.90 3.91 17.06
N LYS A 230 -31.78 3.18 16.99
CA LYS A 230 -30.51 3.80 17.27
C LYS A 230 -29.68 4.02 16.01
N HIS A 231 -28.80 4.99 16.06
CA HIS A 231 -27.79 5.19 14.99
C HIS A 231 -26.84 3.99 15.02
N PRO A 232 -26.35 3.54 13.86
CA PRO A 232 -25.37 2.43 13.89
C PRO A 232 -24.16 2.67 14.73
N GLY A 233 -23.70 3.91 14.80
CA GLY A 233 -22.57 4.24 15.69
C GLY A 233 -22.81 4.03 17.15
N GLN A 234 -24.06 4.33 17.58
CA GLN A 234 -24.46 4.03 18.95
C GLN A 234 -24.54 2.54 19.23
N LEU A 235 -25.03 1.78 18.26
CA LEU A 235 -25.08 0.33 18.35
C LEU A 235 -23.67 -0.25 18.48
N LYS A 236 -22.71 0.28 17.67
CA LYS A 236 -21.34 -0.12 17.80
C LYS A 236 -20.80 0.26 19.20
N ASP A 237 -21.10 1.45 19.67
CA ASP A 237 -20.68 1.85 20.99
C ASP A 237 -21.23 0.90 22.07
N ASP A 238 -22.46 0.49 21.93
CA ASP A 238 -23.07 -0.44 22.90
C ASP A 238 -22.30 -1.72 23.06
N VAL A 239 -21.68 -2.24 22.01
CA VAL A 239 -21.03 -3.53 22.09
C VAL A 239 -19.52 -3.52 22.20
N THR A 240 -18.88 -2.38 22.13
CA THR A 240 -17.44 -2.31 22.23
C THR A 240 -16.96 -2.09 23.67
N SER A 241 -16.88 -3.15 24.42
CA SER A 241 -16.40 -3.04 25.83
C SER A 241 -14.95 -2.63 25.89
N PRO A 242 -14.54 -1.96 26.97
CA PRO A 242 -13.17 -1.43 27.05
C PRO A 242 -12.11 -2.45 26.87
N GLY A 243 -11.20 -2.20 25.95
CA GLY A 243 -10.10 -3.13 25.66
C GLY A 243 -10.50 -4.55 25.26
N GLY A 244 -11.73 -4.76 24.82
CA GLY A 244 -12.26 -6.07 24.68
C GLY A 244 -12.10 -6.64 23.24
N THR A 245 -12.72 -7.75 23.02
CA THR A 245 -12.55 -8.45 21.76
C THR A 245 -13.16 -7.67 20.59
N THR A 246 -14.29 -7.05 20.85
CA THR A 246 -15.03 -6.34 19.79
C THR A 246 -14.21 -5.19 19.27
N ILE A 247 -13.69 -4.36 20.14
CA ILE A 247 -12.96 -3.24 19.68
C ILE A 247 -11.68 -3.71 18.98
N ALA A 248 -11.09 -4.81 19.41
CA ALA A 248 -9.91 -5.29 18.69
C ALA A 248 -10.27 -5.63 17.22
N GLY A 249 -11.38 -6.25 17.01
CA GLY A 249 -11.86 -6.55 15.66
C GLY A 249 -12.22 -5.30 14.85
N VAL A 250 -12.87 -4.36 15.49
CA VAL A 250 -13.26 -3.10 14.89
C VAL A 250 -12.00 -2.35 14.50
N HIS A 251 -10.98 -2.35 15.34
CA HIS A 251 -9.77 -1.66 15.02
C HIS A 251 -9.15 -2.24 13.74
N GLU A 252 -9.18 -3.56 13.53
CA GLU A 252 -8.61 -4.15 12.30
C GLU A 252 -9.40 -3.67 11.10
N LEU A 253 -10.71 -3.58 11.23
CA LEU A 253 -11.54 -3.04 10.14
C LEU A 253 -11.10 -1.59 9.80
N GLU A 254 -10.95 -0.78 10.83
CA GLU A 254 -10.65 0.61 10.61
C GLU A 254 -9.23 0.76 10.01
N LYS A 255 -8.27 0.00 10.48
CA LYS A 255 -6.89 0.03 9.89
C LYS A 255 -6.95 -0.16 8.44
N ALA A 256 -7.85 -1.00 7.97
CA ALA A 256 -7.92 -1.39 6.53
C ALA A 256 -8.79 -0.48 5.72
N GLY A 257 -9.48 0.48 6.34
CA GLY A 257 -10.43 1.33 5.60
C GLY A 257 -11.70 0.61 5.17
N PHE A 258 -12.16 -0.30 5.96
CA PHE A 258 -13.42 -1.11 5.72
C PHE A 258 -14.58 -0.24 5.28
N ARG A 259 -14.84 0.85 6.00
CA ARG A 259 -15.95 1.69 5.64
C ARG A 259 -15.84 2.27 4.32
N GLY A 260 -14.69 2.82 3.98
CA GLY A 260 -14.45 3.36 2.70
C GLY A 260 -14.58 2.39 1.53
N ILE A 261 -14.24 1.13 1.79
CA ILE A 261 -14.41 0.05 0.76
C ILE A 261 -15.84 -0.18 0.43
N LEU A 262 -16.71 -0.21 1.45
CA LEU A 262 -18.11 -0.35 1.20
C LEU A 262 -18.73 0.88 0.51
N MET A 263 -18.30 2.06 0.92
CA MET A 263 -18.67 3.25 0.17
C MET A 263 -18.27 3.17 -1.29
N ASN A 264 -17.04 2.74 -1.56
CA ASN A 264 -16.60 2.53 -2.92
C ASN A 264 -17.46 1.59 -3.75
N ALA A 265 -17.89 0.50 -3.13
CA ALA A 265 -18.74 -0.46 -3.79
C ALA A 265 -20.05 0.17 -4.20
N VAL A 266 -20.69 0.88 -3.26
CA VAL A 266 -21.97 1.48 -3.59
C VAL A 266 -21.83 2.51 -4.66
N VAL A 267 -20.86 3.37 -4.54
CA VAL A 267 -20.58 4.39 -5.57
C VAL A 267 -20.30 3.76 -6.96
N ALA A 268 -19.51 2.68 -7.01
CA ALA A 268 -19.20 2.04 -8.28
C ALA A 268 -20.43 1.43 -8.90
N ALA A 269 -21.22 0.76 -8.07
CA ALA A 269 -22.43 0.14 -8.56
C ALA A 269 -23.43 1.17 -9.09
N ALA A 270 -23.56 2.27 -8.38
CA ALA A 270 -24.44 3.40 -8.81
C ALA A 270 -24.00 4.03 -10.13
N LYS A 271 -22.73 4.24 -10.27
CA LYS A 271 -22.15 4.67 -11.52
C LYS A 271 -22.39 3.71 -12.69
N ARG A 272 -22.19 2.42 -12.43
N ARG A 272 -22.19 2.41 -12.44
CA ARG A 272 -22.49 1.43 -13.43
CA ARG A 272 -22.49 1.42 -13.44
C ARG A 272 -23.97 1.48 -13.84
C ARG A 272 -23.97 1.48 -13.84
N SER A 273 -24.85 1.64 -12.84
CA SER A 273 -26.27 1.77 -13.13
C SER A 273 -26.51 2.91 -14.10
N GLN A 274 -25.90 4.03 -13.83
CA GLN A 274 -26.08 5.23 -14.66
C GLN A 274 -25.54 4.93 -16.05
N GLU A 275 -24.40 4.32 -16.14
CA GLU A 275 -23.83 3.98 -17.42
C GLU A 275 -24.67 3.02 -18.22
N LEU A 276 -25.39 2.12 -17.58
CA LEU A 276 -26.25 1.17 -18.26
C LEU A 276 -27.63 1.80 -18.69
N SER A 277 -27.85 3.04 -18.27
CA SER A 277 -29.04 3.82 -18.48
C SER A 277 -29.43 4.04 -19.93
N ILE B 6 -26.93 -37.17 40.45
CA ILE B 6 -27.46 -36.12 39.52
C ILE B 6 -28.96 -36.34 39.25
N ILE B 7 -29.81 -35.61 39.97
CA ILE B 7 -31.25 -35.74 39.76
C ILE B 7 -31.71 -34.92 38.55
N PRO B 8 -32.45 -35.54 37.59
CA PRO B 8 -32.95 -34.72 36.50
C PRO B 8 -33.74 -33.47 36.96
N ILE B 9 -33.56 -32.36 36.23
CA ILE B 9 -34.32 -31.15 36.49
C ILE B 9 -35.69 -31.44 35.87
N PRO B 10 -36.76 -31.32 36.63
CA PRO B 10 -38.04 -31.64 36.02
C PRO B 10 -38.25 -30.68 34.87
N ALA B 11 -38.49 -31.25 33.70
CA ALA B 11 -38.54 -30.48 32.47
C ALA B 11 -39.68 -29.48 32.37
N ASP B 12 -40.86 -29.87 32.83
CA ASP B 12 -42.04 -29.02 32.67
C ASP B 12 -42.40 -28.18 33.90
N SER B 13 -41.61 -28.28 34.96
CA SER B 13 -41.93 -27.57 36.19
C SER B 13 -40.77 -26.91 36.90
N TYR B 14 -39.60 -26.85 36.25
CA TYR B 14 -38.49 -26.29 36.92
C TYR B 14 -38.64 -24.80 37.11
N THR B 15 -38.03 -24.30 38.18
CA THR B 15 -37.97 -22.88 38.41
C THR B 15 -36.60 -22.33 38.06
N LEU B 16 -36.61 -21.11 37.55
CA LEU B 16 -35.43 -20.44 36.95
C LEU B 16 -35.09 -19.21 37.73
N GLY B 17 -33.83 -19.09 38.13
CA GLY B 17 -33.36 -17.87 38.82
C GLY B 17 -32.26 -17.15 38.09
N PHE B 18 -32.35 -15.83 38.03
CA PHE B 18 -31.30 -15.03 37.47
C PHE B 18 -30.53 -14.29 38.56
N ILE B 19 -29.21 -14.47 38.51
CA ILE B 19 -28.30 -13.74 39.33
C ILE B 19 -27.63 -12.71 38.46
N GLY B 20 -28.01 -11.46 38.71
CA GLY B 20 -27.69 -10.31 37.89
C GLY B 20 -28.91 -10.00 37.05
N ALA B 21 -29.67 -8.98 37.47
CA ALA B 21 -30.90 -8.62 36.79
C ALA B 21 -30.61 -7.63 35.68
N GLY B 22 -29.74 -8.04 34.77
CA GLY B 22 -29.26 -7.22 33.70
C GLY B 22 -30.09 -7.29 32.43
N LYS B 23 -29.57 -6.65 31.40
CA LYS B 23 -30.21 -6.62 30.07
C LYS B 23 -30.35 -8.01 29.50
N MET B 24 -29.30 -8.81 29.63
CA MET B 24 -29.33 -10.16 29.06
C MET B 24 -30.35 -11.03 29.87
N ALA B 25 -30.34 -10.91 31.19
CA ALA B 25 -31.34 -11.62 32.01
C ALA B 25 -32.78 -11.29 31.62
N GLU B 26 -32.98 -10.01 31.40
CA GLU B 26 -34.28 -9.53 31.00
C GLU B 26 -34.67 -10.10 29.65
N SER B 27 -33.73 -10.08 28.70
CA SER B 27 -34.04 -10.61 27.37
C SER B 27 -34.42 -12.07 27.48
N ILE B 28 -33.68 -12.84 28.28
CA ILE B 28 -33.94 -14.27 28.37
C ILE B 28 -35.30 -14.50 29.03
N ALA B 29 -35.51 -13.82 30.14
CA ALA B 29 -36.79 -13.93 30.81
C ALA B 29 -37.98 -13.61 29.92
N LYS B 30 -37.89 -12.49 29.22
CA LYS B 30 -38.98 -12.14 28.27
C LYS B 30 -39.18 -13.11 27.21
N GLY B 31 -38.07 -13.57 26.63
CA GLY B 31 -38.16 -14.55 25.58
C GLY B 31 -38.88 -15.80 26.08
N ALA B 32 -38.47 -16.28 27.24
CA ALA B 32 -38.97 -17.56 27.74
C ALA B 32 -40.47 -17.43 28.06
N VAL B 33 -40.82 -16.30 28.64
CA VAL B 33 -42.26 -16.05 28.89
C VAL B 33 -43.06 -15.93 27.55
N ARG B 34 -42.57 -15.10 26.65
CA ARG B 34 -43.18 -14.94 25.30
C ARG B 34 -43.37 -16.25 24.57
N SER B 35 -42.36 -17.08 24.51
CA SER B 35 -42.43 -18.35 23.80
C SER B 35 -43.30 -19.40 24.54
N GLY B 36 -43.73 -19.10 25.77
CA GLY B 36 -44.40 -20.09 26.58
C GLY B 36 -43.53 -21.17 27.21
N VAL B 37 -42.22 -21.03 27.11
CA VAL B 37 -41.36 -22.01 27.80
C VAL B 37 -41.62 -22.05 29.29
N LEU B 38 -41.87 -20.91 29.87
CA LEU B 38 -42.39 -20.90 31.24
C LEU B 38 -43.17 -19.68 31.57
N SER B 39 -43.83 -19.77 32.70
CA SER B 39 -44.63 -18.66 33.20
C SER B 39 -43.79 -17.74 34.08
N PRO B 40 -44.19 -16.47 34.17
CA PRO B 40 -43.46 -15.57 35.09
C PRO B 40 -43.33 -16.05 36.52
N SER B 41 -44.30 -16.85 36.98
CA SER B 41 -44.30 -17.29 38.39
C SER B 41 -43.16 -18.25 38.65
N ARG B 42 -42.68 -18.85 37.57
CA ARG B 42 -41.52 -19.81 37.70
C ARG B 42 -40.14 -19.15 37.59
N ILE B 43 -40.10 -17.83 37.55
CA ILE B 43 -38.88 -17.08 37.42
C ILE B 43 -38.67 -16.22 38.62
N LYS B 44 -37.44 -16.15 39.11
CA LYS B 44 -37.04 -15.20 40.17
C LYS B 44 -35.74 -14.49 39.85
N THR B 45 -35.59 -13.26 40.34
CA THR B 45 -34.28 -12.59 40.34
C THR B 45 -34.15 -11.78 41.63
N ALA B 46 -33.00 -11.12 41.76
CA ALA B 46 -32.73 -10.23 42.89
C ALA B 46 -32.00 -8.99 42.39
N ILE B 47 -32.21 -7.87 43.07
CA ILE B 47 -31.68 -6.59 42.59
C ILE B 47 -30.53 -6.04 43.42
N HIS B 48 -29.54 -5.49 42.74
CA HIS B 48 -28.33 -4.99 43.35
C HIS B 48 -28.30 -3.45 43.49
N SER B 49 -27.39 -2.81 42.75
CA SER B 49 -27.18 -1.37 42.84
C SER B 49 -28.35 -0.48 42.42
N ASN B 50 -29.07 -0.87 41.36
CA ASN B 50 -30.12 -0.02 40.83
C ASN B 50 -31.54 -0.55 40.98
N PRO B 51 -32.47 0.36 41.49
CA PRO B 51 -33.82 -0.20 41.65
C PRO B 51 -34.63 -0.03 40.37
N ALA B 52 -34.03 0.58 39.37
CA ALA B 52 -34.67 0.75 38.06
C ALA B 52 -34.96 -0.63 37.50
N ARG B 53 -34.04 -1.56 37.75
CA ARG B 53 -34.17 -2.93 37.26
C ARG B 53 -35.39 -3.64 37.83
N ARG B 54 -35.71 -3.37 39.10
CA ARG B 54 -36.82 -4.06 39.79
C ARG B 54 -38.07 -4.02 38.89
N THR B 55 -38.31 -2.85 38.32
CA THR B 55 -39.61 -2.57 37.69
C THR B 55 -39.63 -3.28 36.36
N ALA B 56 -38.46 -3.34 35.72
CA ALA B 56 -38.30 -4.15 34.49
C ALA B 56 -38.72 -5.62 34.63
N PHE B 57 -38.39 -6.24 35.75
CA PHE B 57 -38.82 -7.63 36.01
C PHE B 57 -40.26 -7.70 36.52
N GLU B 58 -40.57 -6.81 37.44
CA GLU B 58 -41.93 -6.85 38.05
C GLU B 58 -43.00 -6.61 37.00
N SER B 59 -42.68 -5.76 36.03
CA SER B 59 -43.64 -5.45 34.99
C SER B 59 -43.91 -6.57 34.02
N ILE B 60 -43.12 -7.62 34.06
CA ILE B 60 -43.47 -8.81 33.28
C ILE B 60 -43.99 -9.93 34.15
N GLY B 61 -44.29 -9.57 35.39
CA GLY B 61 -44.90 -10.53 36.35
C GLY B 61 -43.93 -11.36 37.15
N ILE B 62 -42.66 -10.95 37.15
CA ILE B 62 -41.64 -11.75 37.81
C ILE B 62 -41.38 -11.23 39.18
N THR B 63 -41.31 -12.15 40.13
CA THR B 63 -40.97 -11.78 41.49
C THR B 63 -39.48 -11.48 41.71
N VAL B 64 -39.24 -10.31 42.29
CA VAL B 64 -37.95 -9.84 42.67
C VAL B 64 -37.71 -10.02 44.16
N LEU B 65 -36.80 -10.92 44.49
CA LEU B 65 -36.42 -11.21 45.87
C LEU B 65 -35.34 -10.25 46.34
N SER B 66 -35.04 -10.36 47.62
CA SER B 66 -34.13 -9.37 48.28
C SER B 66 -32.67 -9.83 48.29
N SER B 67 -32.44 -11.12 48.07
CA SER B 67 -31.07 -11.61 48.04
C SER B 67 -30.82 -12.68 46.97
N ASN B 68 -29.58 -12.72 46.54
CA ASN B 68 -29.10 -13.76 45.62
C ASN B 68 -29.31 -15.12 46.23
N ASP B 69 -29.03 -15.23 47.54
CA ASP B 69 -29.21 -16.49 48.26
C ASP B 69 -30.63 -17.08 48.07
N ASP B 70 -31.63 -16.24 48.19
CA ASP B 70 -33.00 -16.71 48.08
C ASP B 70 -33.36 -17.14 46.67
N VAL B 71 -32.83 -16.40 45.72
CA VAL B 71 -33.04 -16.77 44.30
C VAL B 71 -32.52 -18.18 44.10
N VAL B 72 -31.30 -18.42 44.58
CA VAL B 72 -30.70 -19.76 44.45
C VAL B 72 -31.57 -20.84 45.13
N ARG B 73 -31.91 -20.62 46.39
CA ARG B 73 -32.75 -21.58 47.14
C ARG B 73 -34.03 -21.95 46.45
N ASP B 74 -34.71 -20.96 45.90
CA ASP B 74 -35.94 -21.20 45.17
C ASP B 74 -35.85 -21.70 43.74
N SER B 75 -34.62 -21.85 43.21
CA SER B 75 -34.46 -22.18 41.78
C SER B 75 -33.80 -23.54 41.54
N ASN B 76 -34.34 -24.26 40.58
CA ASN B 76 -33.74 -25.49 40.11
C ASN B 76 -32.59 -25.17 39.09
N VAL B 77 -32.75 -24.11 38.32
CA VAL B 77 -31.76 -23.67 37.25
C VAL B 77 -31.40 -22.28 37.55
N VAL B 78 -30.10 -22.02 37.63
CA VAL B 78 -29.64 -20.70 38.00
C VAL B 78 -28.76 -20.15 36.85
N VAL B 79 -29.14 -18.97 36.35
CA VAL B 79 -28.40 -18.32 35.34
C VAL B 79 -27.65 -17.20 35.94
N PHE B 80 -26.31 -17.24 35.75
CA PHE B 80 -25.43 -16.16 36.18
C PHE B 80 -25.27 -15.19 35.01
N SER B 81 -25.74 -13.98 35.24
CA SER B 81 -25.73 -12.92 34.27
C SER B 81 -25.16 -11.64 34.81
N VAL B 82 -24.23 -11.73 35.74
CA VAL B 82 -23.44 -10.54 36.16
C VAL B 82 -22.27 -10.35 35.19
N LYS B 83 -21.69 -9.17 35.22
CA LYS B 83 -20.48 -8.84 34.38
C LYS B 83 -19.37 -9.81 34.74
N PRO B 84 -18.51 -10.14 33.76
CA PRO B 84 -17.61 -11.28 33.97
C PRO B 84 -16.64 -11.11 35.15
N GLN B 85 -16.17 -9.89 35.31
CA GLN B 85 -15.18 -9.56 36.39
C GLN B 85 -15.81 -9.66 37.81
N LEU B 86 -17.14 -9.72 37.92
CA LEU B 86 -17.82 -9.88 39.17
C LEU B 86 -18.22 -11.31 39.49
N LEU B 87 -18.10 -12.17 38.49
CA LEU B 87 -18.75 -13.53 38.56
C LEU B 87 -18.08 -14.44 39.62
N LYS B 88 -16.77 -14.47 39.63
CA LYS B 88 -16.07 -15.33 40.59
C LYS B 88 -16.56 -15.10 42.03
N ASP B 89 -16.52 -13.84 42.48
CA ASP B 89 -16.93 -13.53 43.89
C ASP B 89 -18.36 -13.86 44.16
N VAL B 90 -19.23 -13.61 43.16
CA VAL B 90 -20.65 -13.92 43.27
C VAL B 90 -20.88 -15.43 43.45
N VAL B 91 -20.20 -16.22 42.62
CA VAL B 91 -20.31 -17.68 42.71
C VAL B 91 -19.72 -18.17 44.11
N LEU B 92 -18.57 -17.66 44.47
CA LEU B 92 -17.91 -18.10 45.76
C LEU B 92 -18.81 -17.79 46.95
N LYS B 93 -19.44 -16.61 46.95
CA LYS B 93 -20.39 -16.25 48.03
C LYS B 93 -21.57 -17.20 48.11
N LEU B 94 -22.04 -17.69 46.96
CA LEU B 94 -23.25 -18.54 46.91
C LEU B 94 -22.93 -20.02 47.06
N LYS B 95 -21.66 -20.33 47.05
CA LYS B 95 -21.22 -21.71 46.90
C LYS B 95 -21.93 -22.76 47.81
N PRO B 96 -22.12 -22.45 49.11
CA PRO B 96 -22.78 -23.43 50.00
C PRO B 96 -24.19 -23.80 49.53
N LEU B 97 -24.84 -22.87 48.81
CA LEU B 97 -26.17 -23.12 48.24
C LEU B 97 -26.19 -23.80 46.87
N LEU B 98 -25.03 -23.89 46.23
CA LEU B 98 -24.90 -24.45 44.88
C LEU B 98 -24.84 -25.95 44.91
N THR B 99 -25.91 -26.56 45.39
CA THR B 99 -25.94 -28.01 45.49
C THR B 99 -26.15 -28.66 44.14
N LYS B 100 -25.73 -29.90 44.02
CA LYS B 100 -25.63 -30.59 42.70
C LYS B 100 -26.95 -30.92 42.07
N ASP B 101 -28.02 -30.73 42.82
CA ASP B 101 -29.36 -30.90 42.27
C ASP B 101 -29.80 -29.66 41.44
N LYS B 102 -29.01 -28.58 41.49
CA LYS B 102 -29.31 -27.34 40.74
C LYS B 102 -28.36 -27.16 39.53
N LEU B 103 -28.95 -26.98 38.35
CA LEU B 103 -28.19 -26.78 37.10
C LEU B 103 -27.75 -25.34 37.07
N LEU B 104 -26.45 -25.15 36.88
CA LEU B 104 -25.91 -23.81 36.80
C LEU B 104 -25.61 -23.44 35.34
N VAL B 105 -25.84 -22.18 35.00
CA VAL B 105 -25.60 -21.65 33.63
C VAL B 105 -24.90 -20.32 33.75
N SER B 106 -23.85 -20.15 32.95
CA SER B 106 -23.17 -18.83 32.87
C SER B 106 -23.37 -18.28 31.46
N VAL B 107 -23.78 -17.03 31.35
CA VAL B 107 -23.74 -16.32 30.11
C VAL B 107 -22.54 -15.37 30.01
N ALA B 108 -21.63 -15.43 30.98
CA ALA B 108 -20.56 -14.45 31.04
C ALA B 108 -19.57 -14.61 29.93
N ALA B 109 -19.29 -13.51 29.26
CA ALA B 109 -18.28 -13.52 28.18
C ALA B 109 -16.91 -13.86 28.74
N GLY B 110 -16.22 -14.73 28.08
CA GLY B 110 -14.79 -14.94 28.36
C GLY B 110 -14.51 -15.80 29.56
N ILE B 111 -15.51 -16.36 30.25
CA ILE B 111 -15.24 -17.15 31.44
C ILE B 111 -15.36 -18.63 31.07
N LYS B 112 -14.26 -19.34 31.09
CA LYS B 112 -14.18 -20.74 30.69
C LYS B 112 -14.83 -21.71 31.66
N MET B 113 -15.21 -22.87 31.12
CA MET B 113 -15.93 -23.88 31.88
C MET B 113 -15.03 -24.41 33.05
N LYS B 114 -13.75 -24.50 32.80
CA LYS B 114 -12.82 -24.97 33.90
C LYS B 114 -12.94 -24.09 35.12
N ASP B 115 -12.97 -22.78 34.91
CA ASP B 115 -13.12 -21.85 36.00
C ASP B 115 -14.48 -21.88 36.66
N LEU B 116 -15.52 -21.90 35.83
CA LEU B 116 -16.88 -22.00 36.38
C LEU B 116 -16.97 -23.17 37.37
N GLN B 117 -16.49 -24.32 36.95
CA GLN B 117 -16.63 -25.56 37.69
C GLN B 117 -15.78 -25.48 39.03
N GLU B 118 -14.59 -24.91 38.92
CA GLU B 118 -13.70 -24.69 40.09
C GLU B 118 -14.37 -23.77 41.11
N TRP B 119 -14.99 -22.67 40.63
CA TRP B 119 -15.64 -21.75 41.54
C TRP B 119 -16.84 -22.36 42.23
N ALA B 120 -17.67 -23.07 41.47
CA ALA B 120 -18.86 -23.66 42.03
C ALA B 120 -18.56 -24.90 42.89
N GLY B 121 -17.46 -25.58 42.56
CA GLY B 121 -17.08 -26.84 43.21
C GLY B 121 -17.78 -28.06 42.67
N HIS B 122 -18.52 -27.92 41.57
CA HIS B 122 -19.05 -29.10 40.88
C HIS B 122 -19.13 -28.83 39.38
N GLU B 123 -19.49 -29.86 38.62
CA GLU B 123 -19.47 -29.85 37.17
C GLU B 123 -20.83 -29.86 36.46
N ARG B 124 -21.90 -29.63 37.21
CA ARG B 124 -23.20 -29.54 36.61
C ARG B 124 -23.44 -28.07 36.22
N PHE B 125 -22.78 -27.70 35.13
CA PHE B 125 -22.69 -26.31 34.72
C PHE B 125 -22.75 -26.31 33.21
N ILE B 126 -23.43 -25.30 32.66
CA ILE B 126 -23.51 -25.06 31.22
C ILE B 126 -23.12 -23.61 30.95
N ARG B 127 -22.23 -23.41 29.95
CA ARG B 127 -21.79 -22.07 29.54
C ARG B 127 -22.54 -21.78 28.28
N VAL B 128 -23.11 -20.59 28.19
CA VAL B 128 -23.69 -20.07 26.94
C VAL B 128 -23.00 -18.77 26.61
N MET B 129 -22.65 -18.62 25.33
N MET B 129 -22.70 -18.62 25.33
CA MET B 129 -22.24 -17.30 24.81
CA MET B 129 -22.28 -17.32 24.83
C MET B 129 -23.31 -16.81 23.85
C MET B 129 -23.33 -16.82 23.86
N PRO B 130 -24.21 -15.91 24.32
CA PRO B 130 -25.22 -15.30 23.44
C PRO B 130 -24.60 -14.10 22.76
N ASN B 131 -25.35 -13.28 22.05
CA ASN B 131 -24.79 -12.01 21.55
C ASN B 131 -25.85 -10.95 21.71
N THR B 132 -25.48 -9.75 21.28
CA THR B 132 -26.34 -8.57 21.53
C THR B 132 -27.76 -8.62 20.92
N ALA B 133 -27.96 -9.48 19.89
CA ALA B 133 -29.23 -9.54 19.26
C ALA B 133 -30.30 -10.32 20.01
N ALA B 134 -29.94 -10.84 21.18
CA ALA B 134 -30.92 -11.35 22.15
C ALA B 134 -32.08 -10.39 22.41
N THR B 135 -31.77 -9.11 22.37
CA THR B 135 -32.78 -8.05 22.58
C THR B 135 -33.95 -8.12 21.58
N VAL B 136 -33.71 -8.58 20.35
CA VAL B 136 -34.76 -8.68 19.33
C VAL B 136 -35.09 -10.15 18.98
N GLY B 137 -34.62 -11.08 19.79
CA GLY B 137 -34.93 -12.48 19.57
C GLY B 137 -34.15 -13.10 18.45
N GLU B 138 -33.01 -12.49 18.10
CA GLU B 138 -32.17 -13.01 17.01
C GLU B 138 -30.73 -13.24 17.41
N ALA B 139 -30.54 -13.61 18.65
CA ALA B 139 -29.21 -14.01 19.09
C ALA B 139 -28.67 -15.16 18.28
N ALA B 140 -27.33 -15.12 18.11
CA ALA B 140 -26.56 -16.29 17.76
C ALA B 140 -25.87 -16.78 19.04
N SER B 141 -26.28 -17.93 19.55
CA SER B 141 -25.75 -18.40 20.83
C SER B 141 -25.13 -19.78 20.73
N VAL B 142 -24.13 -20.04 21.56
CA VAL B 142 -23.52 -21.36 21.58
C VAL B 142 -23.37 -21.81 22.99
N MET B 143 -23.65 -23.06 23.23
CA MET B 143 -23.46 -23.63 24.59
C MET B 143 -22.38 -24.69 24.65
N SER B 144 -21.73 -24.79 25.80
CA SER B 144 -20.80 -25.91 26.08
C SER B 144 -21.21 -26.53 27.41
N LEU B 145 -20.97 -27.81 27.53
CA LEU B 145 -21.38 -28.56 28.69
C LEU B 145 -20.24 -28.87 29.65
N GLY B 146 -20.47 -28.64 30.91
CA GLY B 146 -19.54 -29.05 31.97
C GLY B 146 -19.56 -30.56 32.10
N GLY B 147 -18.65 -31.10 32.89
CA GLY B 147 -18.45 -32.55 32.98
C GLY B 147 -19.66 -33.34 33.51
N ALA B 148 -20.52 -32.70 34.29
CA ALA B 148 -21.69 -33.41 34.85
C ALA B 148 -22.99 -32.93 34.29
N ALA B 149 -22.95 -32.02 33.32
CA ALA B 149 -24.22 -31.58 32.69
C ALA B 149 -24.75 -32.72 31.81
N THR B 150 -25.99 -33.05 31.98
CA THR B 150 -26.58 -34.18 31.24
C THR B 150 -27.17 -33.76 29.89
N GLU B 151 -27.53 -34.75 29.09
CA GLU B 151 -28.23 -34.46 27.84
C GLU B 151 -29.57 -33.73 28.10
N GLU B 152 -30.23 -34.09 29.18
CA GLU B 152 -31.52 -33.46 29.51
C GLU B 152 -31.32 -32.02 29.97
N ASP B 153 -30.23 -31.80 30.71
CA ASP B 153 -29.80 -30.42 31.09
C ASP B 153 -29.59 -29.57 29.82
N ALA B 154 -28.90 -30.13 28.86
CA ALA B 154 -28.65 -29.46 27.57
C ALA B 154 -29.93 -29.11 26.83
N ASN B 155 -30.85 -30.06 26.78
CA ASN B 155 -32.15 -29.84 26.11
C ASN B 155 -32.91 -28.75 26.77
N LEU B 156 -32.87 -28.72 28.09
CA LEU B 156 -33.56 -27.68 28.84
C LEU B 156 -32.98 -26.28 28.47
N ILE B 157 -31.66 -26.18 28.44
CA ILE B 157 -30.98 -24.91 28.09
C ILE B 157 -31.18 -24.56 26.56
N SER B 158 -31.22 -25.55 25.68
CA SER B 158 -31.54 -25.27 24.29
C SER B 158 -32.84 -24.66 24.12
N GLN B 159 -33.83 -25.23 24.81
CA GLN B 159 -35.17 -24.71 24.71
C GLN B 159 -35.21 -23.28 25.23
N LEU B 160 -34.55 -23.07 26.34
CA LEU B 160 -34.51 -21.73 26.95
C LEU B 160 -33.85 -20.66 26.05
N PHE B 161 -32.64 -20.95 25.52
CA PHE B 161 -31.98 -20.02 24.65
C PHE B 161 -32.50 -19.98 23.20
N GLY B 162 -33.25 -21.03 22.81
CA GLY B 162 -34.01 -21.05 21.56
C GLY B 162 -35.09 -19.97 21.59
N SER B 163 -35.44 -19.49 22.73
CA SER B 163 -36.46 -18.44 22.81
C SER B 163 -35.96 -17.04 22.51
N ILE B 164 -34.63 -16.82 22.46
CA ILE B 164 -34.03 -15.50 22.14
C ILE B 164 -33.17 -15.49 20.83
N GLY B 165 -33.25 -16.54 20.06
CA GLY B 165 -32.49 -16.68 18.82
C GLY B 165 -32.26 -18.11 18.47
N LYS B 166 -31.10 -18.35 17.88
CA LYS B 166 -30.67 -19.70 17.56
C LYS B 166 -29.62 -20.12 18.55
N ILE B 167 -29.52 -21.39 18.79
CA ILE B 167 -28.57 -21.94 19.74
C ILE B 167 -27.91 -23.22 19.20
N TRP B 168 -26.57 -23.24 19.20
CA TRP B 168 -25.80 -24.39 18.77
C TRP B 168 -24.93 -24.87 19.95
N LYS B 169 -24.34 -26.02 19.79
CA LYS B 169 -23.50 -26.66 20.81
C LYS B 169 -22.11 -26.73 20.33
N ALA B 170 -21.15 -26.46 21.22
CA ALA B 170 -19.75 -26.64 20.83
C ALA B 170 -18.89 -26.83 22.04
N ASP B 171 -17.74 -27.44 21.80
N ASP B 171 -17.76 -27.44 21.79
CA ASP B 171 -16.76 -27.64 22.80
CA ASP B 171 -16.79 -27.64 22.80
C ASP B 171 -16.26 -26.29 23.30
C ASP B 171 -16.25 -26.29 23.29
N ASP B 172 -15.91 -26.25 24.57
CA ASP B 172 -15.43 -25.02 25.20
C ASP B 172 -14.19 -24.47 24.51
N LYS B 173 -13.35 -25.34 23.92
CA LYS B 173 -12.16 -24.84 23.34
C LYS B 173 -12.41 -23.90 22.06
N TYR B 174 -13.60 -23.94 21.53
CA TYR B 174 -13.97 -23.08 20.41
C TYR B 174 -14.42 -21.69 20.83
N PHE B 175 -14.56 -21.42 22.11
CA PHE B 175 -15.27 -20.22 22.54
C PHE B 175 -14.57 -18.87 22.32
N ASP B 176 -13.24 -18.89 22.31
CA ASP B 176 -12.53 -17.68 21.88
C ASP B 176 -12.90 -17.26 20.47
N ALA B 177 -12.85 -18.20 19.57
CA ALA B 177 -13.20 -17.96 18.20
C ALA B 177 -14.70 -17.61 18.05
N ILE B 178 -15.60 -18.33 18.72
CA ILE B 178 -17.02 -17.92 18.74
C ILE B 178 -17.14 -16.46 19.16
N THR B 179 -16.42 -16.10 20.24
CA THR B 179 -16.49 -14.74 20.77
C THR B 179 -16.06 -13.70 19.70
N GLY B 180 -15.01 -14.03 18.92
CA GLY B 180 -14.54 -13.12 17.87
C GLY B 180 -15.48 -13.03 16.65
N LEU B 181 -16.28 -14.06 16.43
CA LEU B 181 -17.23 -14.14 15.34
C LEU B 181 -18.67 -13.68 15.74
N SER B 182 -19.40 -14.48 16.47
CA SER B 182 -20.79 -14.11 16.84
C SER B 182 -20.90 -13.14 17.97
N GLY B 183 -19.96 -13.17 18.92
CA GLY B 183 -19.99 -12.20 20.00
C GLY B 183 -19.67 -10.77 19.56
N SER B 184 -18.54 -10.65 18.81
CA SER B 184 -18.05 -9.37 18.36
C SER B 184 -18.59 -8.93 16.99
N GLY B 185 -18.97 -9.90 16.16
CA GLY B 185 -19.41 -9.63 14.80
C GLY B 185 -20.46 -8.58 14.60
N PRO B 186 -21.41 -8.45 15.55
CA PRO B 186 -22.40 -7.41 15.31
C PRO B 186 -21.81 -6.05 15.09
N ALA B 187 -20.77 -5.72 15.79
CA ALA B 187 -20.14 -4.39 15.58
C ALA B 187 -19.59 -4.25 14.14
N TYR B 188 -19.10 -5.35 13.54
CA TYR B 188 -18.53 -5.30 12.19
C TYR B 188 -19.69 -4.95 11.23
N ILE B 189 -20.87 -5.49 11.54
CA ILE B 189 -22.04 -5.25 10.70
C ILE B 189 -22.61 -3.87 10.93
N TYR B 190 -22.56 -3.36 12.14
CA TYR B 190 -22.92 -1.99 12.36
C TYR B 190 -22.05 -1.03 11.60
N LEU B 191 -20.79 -1.25 11.57
CA LEU B 191 -19.92 -0.49 10.69
C LEU B 191 -20.35 -0.59 9.24
N ALA B 192 -20.61 -1.80 8.82
CA ALA B 192 -21.02 -2.04 7.43
C ALA B 192 -22.28 -1.32 7.06
N ILE B 193 -23.27 -1.33 7.95
CA ILE B 193 -24.52 -0.60 7.74
C ILE B 193 -24.29 0.90 7.62
N GLU B 194 -23.50 1.44 8.52
CA GLU B 194 -23.20 2.85 8.44
C GLU B 194 -22.46 3.23 7.12
N ALA B 195 -21.49 2.41 6.76
CA ALA B 195 -20.69 2.66 5.59
C ALA B 195 -21.54 2.55 4.34
N LEU B 196 -22.48 1.61 4.31
CA LEU B 196 -23.40 1.46 3.18
C LEU B 196 -24.25 2.71 3.07
N ALA B 197 -24.79 3.17 4.19
CA ALA B 197 -25.59 4.36 4.19
C ALA B 197 -24.78 5.55 3.71
N ASP B 198 -23.58 5.73 4.26
CA ASP B 198 -22.67 6.78 3.80
C ASP B 198 -22.41 6.70 2.29
N GLY B 199 -22.22 5.46 1.79
CA GLY B 199 -22.09 5.24 0.38
C GLY B 199 -23.30 5.71 -0.42
N GLY B 200 -24.52 5.39 0.09
CA GLY B 200 -25.70 5.84 -0.58
C GLY B 200 -25.74 7.35 -0.70
N VAL B 201 -25.43 8.01 0.42
CA VAL B 201 -25.41 9.46 0.53
C VAL B 201 -24.38 10.02 -0.41
N ALA B 202 -23.26 9.36 -0.48
CA ALA B 202 -22.18 9.80 -1.40
C ALA B 202 -22.63 9.72 -2.87
N ALA B 203 -23.55 8.78 -3.15
CA ALA B 203 -24.12 8.60 -4.45
C ALA B 203 -25.38 9.43 -4.67
N GLY B 204 -25.74 10.30 -3.74
CA GLY B 204 -26.82 11.25 -3.92
C GLY B 204 -28.10 10.91 -3.19
N LEU B 205 -28.16 9.84 -2.41
CA LEU B 205 -29.40 9.51 -1.68
C LEU B 205 -29.61 10.39 -0.44
N PRO B 206 -30.88 10.66 -0.11
CA PRO B 206 -31.21 11.21 1.22
C PRO B 206 -30.76 10.24 2.33
N ARG B 207 -30.31 10.81 3.43
CA ARG B 207 -29.80 10.03 4.55
C ARG B 207 -30.78 9.04 5.12
N ASP B 208 -32.00 9.46 5.39
N ASP B 208 -32.00 9.44 5.40
CA ASP B 208 -32.98 8.58 5.98
CA ASP B 208 -32.95 8.55 6.01
C ASP B 208 -33.22 7.35 5.15
C ASP B 208 -33.22 7.35 5.15
N LEU B 209 -33.43 7.58 3.87
CA LEU B 209 -33.61 6.48 2.94
C LEU B 209 -32.36 5.59 2.90
N ALA B 210 -31.23 6.21 2.77
CA ALA B 210 -29.95 5.43 2.69
C ALA B 210 -29.74 4.51 3.87
N LEU B 211 -30.00 5.00 5.07
CA LEU B 211 -29.88 4.21 6.26
C LEU B 211 -30.97 3.14 6.34
N SER B 212 -32.22 3.47 5.99
CA SER B 212 -33.30 2.44 5.93
C SER B 212 -32.96 1.35 4.95
N LEU B 213 -32.49 1.72 3.77
CA LEU B 213 -32.14 0.72 2.73
C LEU B 213 -30.99 -0.15 3.20
N ALA B 214 -29.97 0.48 3.75
CA ALA B 214 -28.75 -0.25 4.23
C ALA B 214 -29.12 -1.32 5.23
N SER B 215 -29.92 -0.97 6.23
CA SER B 215 -30.29 -1.92 7.25
C SER B 215 -31.15 -3.04 6.72
N GLN B 216 -32.10 -2.70 5.87
CA GLN B 216 -33.00 -3.74 5.38
C GLN B 216 -32.34 -4.60 4.33
N THR B 217 -31.39 -4.03 3.64
CA THR B 217 -30.58 -4.83 2.64
C THR B 217 -29.76 -5.90 3.34
N VAL B 218 -29.11 -5.51 4.41
CA VAL B 218 -28.36 -6.49 5.23
C VAL B 218 -29.26 -7.51 5.81
N LEU B 219 -30.41 -7.09 6.39
CA LEU B 219 -31.36 -8.05 6.93
C LEU B 219 -31.81 -9.04 5.92
N GLY B 220 -32.22 -8.53 4.74
CA GLY B 220 -32.71 -9.41 3.73
C GLY B 220 -31.68 -10.37 3.15
N ALA B 221 -30.47 -9.91 2.96
CA ALA B 221 -29.41 -10.82 2.52
C ALA B 221 -29.08 -11.92 3.50
N ALA B 222 -29.08 -11.54 4.77
CA ALA B 222 -28.81 -12.57 5.83
C ALA B 222 -29.99 -13.53 5.94
N SER B 223 -31.20 -13.04 5.68
CA SER B 223 -32.34 -13.94 5.66
C SER B 223 -32.30 -14.93 4.53
N MET B 224 -31.83 -14.49 3.38
CA MET B 224 -31.60 -15.36 2.23
C MET B 224 -30.56 -16.41 2.56
N ALA B 225 -29.49 -15.97 3.26
CA ALA B 225 -28.42 -16.94 3.63
C ALA B 225 -28.99 -17.96 4.62
N THR B 226 -29.81 -17.50 5.57
CA THR B 226 -30.26 -18.40 6.61
C THR B 226 -31.32 -19.38 6.09
N GLN B 227 -32.19 -18.94 5.17
CA GLN B 227 -33.28 -19.77 4.71
C GLN B 227 -33.07 -20.54 3.40
N SER B 228 -32.14 -20.15 2.54
CA SER B 228 -32.14 -20.66 1.15
C SER B 228 -31.56 -22.05 1.05
N GLY B 229 -30.80 -22.48 2.02
CA GLY B 229 -30.03 -23.65 1.85
C GLY B 229 -28.77 -23.53 0.92
N LYS B 230 -28.44 -22.33 0.43
CA LYS B 230 -27.38 -22.17 -0.55
C LYS B 230 -26.07 -21.73 0.10
N HIS B 231 -24.98 -22.08 -0.52
CA HIS B 231 -23.70 -21.57 -0.13
C HIS B 231 -23.70 -20.06 -0.45
N PRO B 232 -23.05 -19.24 0.36
CA PRO B 232 -22.94 -17.77 -0.02
C PRO B 232 -22.39 -17.45 -1.37
N GLY B 233 -21.47 -18.26 -1.89
CA GLY B 233 -20.99 -18.11 -3.25
C GLY B 233 -22.07 -18.30 -4.31
N GLN B 234 -23.01 -19.24 -4.02
CA GLN B 234 -24.12 -19.48 -4.95
C GLN B 234 -25.05 -18.28 -4.93
N LEU B 235 -25.27 -17.73 -3.76
CA LEU B 235 -26.12 -16.59 -3.58
C LEU B 235 -25.54 -15.36 -4.26
N LYS B 236 -24.24 -15.18 -4.13
CA LYS B 236 -23.56 -14.13 -4.89
C LYS B 236 -23.65 -14.35 -6.39
N ASP B 237 -23.54 -15.61 -6.85
CA ASP B 237 -23.72 -15.91 -8.27
C ASP B 237 -25.11 -15.61 -8.73
N ASP B 238 -26.12 -15.90 -7.89
CA ASP B 238 -27.49 -15.59 -8.25
C ASP B 238 -27.77 -14.13 -8.55
N VAL B 239 -27.08 -13.21 -7.88
CA VAL B 239 -27.37 -11.81 -8.07
C VAL B 239 -26.39 -11.04 -8.90
N THR B 240 -25.30 -11.65 -9.35
CA THR B 240 -24.32 -10.92 -10.10
C THR B 240 -24.57 -11.08 -11.59
N SER B 241 -25.49 -10.30 -12.12
CA SER B 241 -25.84 -10.48 -13.53
C SER B 241 -24.65 -10.00 -14.42
N PRO B 242 -24.52 -10.56 -15.60
CA PRO B 242 -23.31 -10.28 -16.43
C PRO B 242 -23.14 -8.82 -16.72
N GLY B 243 -21.97 -8.31 -16.47
CA GLY B 243 -21.67 -6.92 -16.70
C GLY B 243 -22.50 -5.89 -15.92
N GLY B 244 -23.20 -6.32 -14.93
CA GLY B 244 -24.20 -5.46 -14.29
C GLY B 244 -23.67 -4.61 -13.12
N THR B 245 -24.61 -3.96 -12.41
CA THR B 245 -24.24 -3.09 -11.29
C THR B 245 -23.63 -3.91 -10.13
N THR B 246 -24.17 -5.09 -9.88
CA THR B 246 -23.76 -5.87 -8.74
C THR B 246 -22.32 -6.28 -8.86
N ILE B 247 -21.96 -6.89 -9.98
CA ILE B 247 -20.60 -7.37 -10.18
C ILE B 247 -19.65 -6.19 -10.17
N ALA B 248 -20.10 -5.03 -10.66
CA ALA B 248 -19.22 -3.86 -10.52
C ALA B 248 -18.87 -3.54 -9.05
N GLY B 249 -19.89 -3.59 -8.19
CA GLY B 249 -19.62 -3.32 -6.77
C GLY B 249 -18.81 -4.40 -6.13
N VAL B 250 -19.10 -5.66 -6.48
CA VAL B 250 -18.34 -6.82 -5.92
C VAL B 250 -16.88 -6.70 -6.39
N HIS B 251 -16.66 -6.29 -7.63
CA HIS B 251 -15.24 -6.14 -8.10
C HIS B 251 -14.49 -5.07 -7.27
N GLU B 252 -15.14 -3.97 -6.87
CA GLU B 252 -14.51 -2.99 -6.00
C GLU B 252 -14.15 -3.62 -4.66
N LEU B 253 -15.04 -4.43 -4.11
CA LEU B 253 -14.75 -5.10 -2.83
C LEU B 253 -13.51 -6.01 -2.97
N GLU B 254 -13.49 -6.79 -4.04
CA GLU B 254 -12.44 -7.75 -4.26
C GLU B 254 -11.11 -7.04 -4.53
N LYS B 255 -11.09 -5.95 -5.29
CA LYS B 255 -9.87 -5.12 -5.50
C LYS B 255 -9.24 -4.74 -4.13
N ALA B 256 -10.08 -4.46 -3.16
CA ALA B 256 -9.61 -3.97 -1.87
C ALA B 256 -9.34 -5.05 -0.88
N GLY B 257 -9.61 -6.31 -1.22
CA GLY B 257 -9.41 -7.38 -0.22
C GLY B 257 -10.40 -7.36 0.93
N PHE B 258 -11.62 -7.02 0.63
CA PHE B 258 -12.79 -6.97 1.60
C PHE B 258 -12.88 -8.21 2.40
N ARG B 259 -12.87 -9.38 1.74
CA ARG B 259 -13.00 -10.65 2.48
C ARG B 259 -11.89 -10.87 3.48
N GLY B 260 -10.64 -10.57 3.12
CA GLY B 260 -9.56 -10.71 4.01
C GLY B 260 -9.64 -9.80 5.22
N ILE B 261 -10.20 -8.64 5.03
CA ILE B 261 -10.34 -7.62 6.14
C ILE B 261 -11.28 -8.13 7.19
N LEU B 262 -12.36 -8.77 6.75
CA LEU B 262 -13.27 -9.37 7.71
C LEU B 262 -12.66 -10.62 8.39
N MET B 263 -11.89 -11.41 7.64
CA MET B 263 -11.19 -12.47 8.26
C MET B 263 -10.23 -11.93 9.33
N ASN B 264 -9.48 -10.90 9.02
CA ASN B 264 -8.57 -10.29 9.93
C ASN B 264 -9.30 -9.86 11.23
N ALA B 265 -10.49 -9.31 11.11
CA ALA B 265 -11.26 -8.82 12.26
C ALA B 265 -11.63 -9.97 13.17
N VAL B 266 -12.14 -11.07 12.59
CA VAL B 266 -12.47 -12.22 13.40
C VAL B 266 -11.25 -12.81 14.10
N VAL B 267 -10.14 -12.99 13.34
CA VAL B 267 -8.90 -13.53 13.89
C VAL B 267 -8.36 -12.68 15.01
N ALA B 268 -8.37 -11.34 14.87
CA ALA B 268 -7.87 -10.47 15.89
C ALA B 268 -8.75 -10.50 17.12
N ALA B 269 -10.04 -10.51 16.92
CA ALA B 269 -10.98 -10.54 18.06
C ALA B 269 -10.86 -11.87 18.84
N ALA B 270 -10.66 -12.96 18.11
CA ALA B 270 -10.43 -14.27 18.70
C ALA B 270 -9.10 -14.36 19.49
N LYS B 271 -8.04 -13.82 18.91
N LYS B 271 -8.04 -13.84 18.90
CA LYS B 271 -6.76 -13.69 19.62
CA LYS B 271 -6.75 -13.71 19.63
C LYS B 271 -6.86 -12.82 20.87
C LYS B 271 -6.86 -12.82 20.87
N ARG B 272 -7.57 -11.72 20.77
N ARG B 272 -7.56 -11.72 20.77
CA ARG B 272 -7.82 -10.89 21.96
CA ARG B 272 -7.82 -10.88 21.96
C ARG B 272 -8.57 -11.65 23.06
C ARG B 272 -8.57 -11.64 23.05
N SER B 273 -9.56 -12.43 22.64
CA SER B 273 -10.32 -13.22 23.57
C SER B 273 -9.40 -14.16 24.35
N GLN B 274 -8.58 -14.81 23.61
CA GLN B 274 -7.59 -15.72 24.22
C GLN B 274 -6.67 -14.94 25.21
N GLU B 275 -6.21 -13.79 24.80
CA GLU B 275 -5.27 -13.02 25.62
C GLU B 275 -5.91 -12.55 26.88
N LEU B 276 -7.18 -12.32 26.86
CA LEU B 276 -7.89 -11.84 28.06
C LEU B 276 -8.20 -12.98 29.00
N SER B 277 -8.00 -14.20 28.55
CA SER B 277 -8.66 -15.33 29.22
C SER B 277 -7.83 -15.74 30.42
N PRO C 8 -27.82 -31.17 -45.73
CA PRO C 8 -27.11 -31.48 -44.48
C PRO C 8 -25.77 -32.14 -44.76
N ILE C 9 -24.80 -31.88 -43.91
CA ILE C 9 -23.45 -32.44 -44.11
C ILE C 9 -23.49 -33.85 -43.56
N PRO C 10 -23.08 -34.86 -44.35
CA PRO C 10 -23.17 -36.23 -43.88
C PRO C 10 -22.29 -36.44 -42.64
N ALA C 11 -22.96 -36.65 -41.53
CA ALA C 11 -22.31 -36.67 -40.22
C ALA C 11 -21.16 -37.66 -40.08
N ASP C 12 -21.26 -38.81 -40.75
CA ASP C 12 -20.26 -39.90 -40.62
C ASP C 12 -19.26 -39.98 -41.76
N SER C 13 -19.43 -39.21 -42.80
CA SER C 13 -18.57 -39.36 -43.97
C SER C 13 -18.03 -38.04 -44.52
N TYR C 14 -18.30 -36.92 -43.85
CA TYR C 14 -17.94 -35.65 -44.43
C TYR C 14 -16.44 -35.52 -44.53
N THR C 15 -16.00 -34.70 -45.46
CA THR C 15 -14.59 -34.37 -45.57
C THR C 15 -14.35 -32.96 -45.02
N LEU C 16 -13.16 -32.79 -44.49
CA LEU C 16 -12.77 -31.59 -43.75
C LEU C 16 -11.53 -31.01 -44.42
N GLY C 17 -11.56 -29.72 -44.68
CA GLY C 17 -10.39 -29.04 -45.19
C GLY C 17 -9.92 -27.97 -44.26
N PHE C 18 -8.61 -27.86 -44.07
CA PHE C 18 -7.96 -26.73 -43.42
C PHE C 18 -7.31 -25.76 -44.36
N ILE C 19 -7.70 -24.50 -44.25
CA ILE C 19 -7.05 -23.41 -44.88
C ILE C 19 -6.17 -22.70 -43.86
N GLY C 20 -4.87 -22.89 -44.02
CA GLY C 20 -3.84 -22.50 -43.08
C GLY C 20 -3.41 -23.75 -42.34
N ALA C 21 -2.28 -24.32 -42.75
CA ALA C 21 -1.79 -25.56 -42.15
C ALA C 21 -0.91 -25.25 -40.95
N GLY C 22 -1.49 -24.52 -40.01
CA GLY C 22 -0.82 -24.06 -38.81
C GLY C 22 -0.88 -25.04 -37.66
N LYS C 23 -0.44 -24.58 -36.51
CA LYS C 23 -0.44 -25.41 -35.32
C LYS C 23 -1.83 -25.75 -34.85
N MET C 24 -2.72 -24.80 -34.89
CA MET C 24 -4.12 -25.11 -34.44
C MET C 24 -4.74 -26.12 -35.37
N ALA C 25 -4.52 -25.97 -36.68
CA ALA C 25 -5.07 -26.94 -37.64
C ALA C 25 -4.54 -28.33 -37.36
N GLU C 26 -3.23 -28.41 -37.14
CA GLU C 26 -2.59 -29.65 -36.79
C GLU C 26 -3.24 -30.25 -35.51
N SER C 27 -3.46 -29.42 -34.48
CA SER C 27 -4.05 -29.96 -33.23
C SER C 27 -5.46 -30.51 -33.49
N ILE C 28 -6.25 -29.79 -34.30
CA ILE C 28 -7.58 -30.23 -34.57
C ILE C 28 -7.56 -31.55 -35.35
N ALA C 29 -6.73 -31.57 -36.37
CA ALA C 29 -6.64 -32.76 -37.23
C ALA C 29 -6.26 -33.99 -36.38
N LYS C 30 -5.23 -33.83 -35.57
CA LYS C 30 -4.79 -34.91 -34.69
C LYS C 30 -5.85 -35.35 -33.73
N GLY C 31 -6.54 -34.39 -33.11
CA GLY C 31 -7.61 -34.77 -32.22
C GLY C 31 -8.74 -35.50 -32.89
N ALA C 32 -9.13 -35.02 -34.05
CA ALA C 32 -10.26 -35.61 -34.74
C ALA C 32 -9.88 -37.04 -35.17
N VAL C 33 -8.67 -37.21 -35.63
CA VAL C 33 -8.18 -38.58 -35.99
C VAL C 33 -8.17 -39.49 -34.75
N ARG C 34 -7.54 -39.01 -33.68
CA ARG C 34 -7.42 -39.77 -32.44
C ARG C 34 -8.76 -40.21 -31.92
N SER C 35 -9.73 -39.32 -31.91
CA SER C 35 -11.06 -39.65 -31.38
C SER C 35 -11.91 -40.48 -32.36
N GLY C 36 -11.41 -40.69 -33.55
CA GLY C 36 -12.19 -41.42 -34.54
C GLY C 36 -13.29 -40.60 -35.19
N VAL C 37 -13.37 -39.32 -34.90
CA VAL C 37 -14.38 -38.50 -35.53
C VAL C 37 -14.12 -38.41 -37.00
N LEU C 38 -12.84 -38.34 -37.36
CA LEU C 38 -12.37 -38.34 -38.75
C LEU C 38 -11.24 -39.35 -38.96
N SER C 39 -11.05 -39.78 -40.19
CA SER C 39 -9.90 -40.57 -40.58
C SER C 39 -8.96 -39.59 -41.33
N PRO C 40 -7.64 -39.86 -41.41
CA PRO C 40 -6.78 -38.98 -42.19
C PRO C 40 -7.15 -38.83 -43.65
N SER C 41 -7.75 -39.84 -44.26
CA SER C 41 -8.11 -39.76 -45.68
C SER C 41 -9.22 -38.75 -45.95
N ARG C 42 -9.95 -38.42 -44.90
CA ARG C 42 -11.06 -37.47 -45.00
C ARG C 42 -10.66 -36.01 -44.70
N ILE C 43 -9.38 -35.77 -44.57
CA ILE C 43 -8.88 -34.45 -44.24
C ILE C 43 -7.93 -33.99 -45.32
N LYS C 44 -8.02 -32.72 -45.66
CA LYS C 44 -7.07 -32.11 -46.62
C LYS C 44 -6.60 -30.77 -46.12
N THR C 45 -5.41 -30.39 -46.50
CA THR C 45 -4.94 -29.03 -46.32
C THR C 45 -4.00 -28.67 -47.48
N ALA C 46 -3.47 -27.46 -47.46
CA ALA C 46 -2.55 -26.98 -48.48
C ALA C 46 -1.51 -26.11 -47.82
N ILE C 47 -0.32 -26.06 -48.39
CA ILE C 47 0.75 -25.25 -47.81
C ILE C 47 1.01 -24.05 -48.70
N HIS C 48 1.09 -22.87 -48.08
CA HIS C 48 1.28 -21.66 -48.86
C HIS C 48 2.75 -21.26 -49.06
N SER C 49 3.50 -21.11 -47.97
CA SER C 49 4.90 -20.73 -48.08
C SER C 49 5.90 -21.62 -47.34
N ASN C 50 5.39 -22.54 -46.54
CA ASN C 50 6.27 -23.35 -45.70
C ASN C 50 6.16 -24.84 -45.96
N PRO C 51 7.35 -25.48 -46.34
CA PRO C 51 7.16 -26.92 -46.62
C PRO C 51 7.41 -27.77 -45.39
N ALA C 52 7.84 -27.16 -44.31
CA ALA C 52 8.04 -27.86 -43.05
C ALA C 52 6.70 -28.38 -42.59
N ARG C 53 5.67 -27.58 -42.83
CA ARG C 53 4.31 -27.95 -42.48
C ARG C 53 3.87 -29.19 -43.25
N ARG C 54 4.33 -29.32 -44.49
CA ARG C 54 3.84 -30.38 -45.35
C ARG C 54 4.04 -31.70 -44.65
N THR C 55 5.19 -31.82 -44.03
CA THR C 55 5.59 -33.07 -43.44
C THR C 55 4.76 -33.35 -42.23
N ALA C 56 4.49 -32.30 -41.48
CA ALA C 56 3.65 -32.43 -40.25
C ALA C 56 2.31 -33.06 -40.56
N PHE C 57 1.71 -32.67 -41.68
CA PHE C 57 0.38 -33.27 -42.04
C PHE C 57 0.54 -34.62 -42.67
N GLU C 58 1.52 -34.72 -43.58
CA GLU C 58 1.73 -35.96 -44.31
C GLU C 58 2.08 -37.09 -43.36
N SER C 59 2.82 -36.78 -42.32
CA SER C 59 3.18 -37.81 -41.37
C SER C 59 2.02 -38.36 -40.53
N ILE C 60 0.89 -37.68 -40.53
CA ILE C 60 -0.31 -38.25 -39.87
C ILE C 60 -1.29 -38.79 -40.86
N GLY C 61 -0.82 -38.90 -42.11
CA GLY C 61 -1.60 -39.58 -43.16
C GLY C 61 -2.49 -38.66 -43.94
N ILE C 62 -2.31 -37.35 -43.77
CA ILE C 62 -3.18 -36.37 -44.40
C ILE C 62 -2.58 -35.89 -45.71
N THR C 63 -3.43 -35.87 -46.74
CA THR C 63 -3.01 -35.35 -48.04
C THR C 63 -2.92 -33.82 -48.07
N VAL C 64 -1.78 -33.35 -48.54
CA VAL C 64 -1.47 -31.94 -48.70
C VAL C 64 -1.55 -31.53 -50.17
N LEU C 65 -2.55 -30.74 -50.50
CA LEU C 65 -2.82 -30.30 -51.86
C LEU C 65 -2.02 -29.04 -52.14
N SER C 66 -2.08 -28.61 -53.38
CA SER C 66 -1.20 -27.49 -53.80
C SER C 66 -1.83 -26.14 -53.69
N SER C 67 -3.14 -26.12 -53.59
CA SER C 67 -3.84 -24.85 -53.53
C SER C 67 -5.02 -24.88 -52.53
N ASN C 68 -5.27 -23.71 -51.96
CA ASN C 68 -6.46 -23.49 -51.12
C ASN C 68 -7.73 -23.84 -51.86
N ASP C 69 -7.77 -23.47 -53.15
CA ASP C 69 -8.93 -23.76 -54.02
C ASP C 69 -9.31 -25.23 -53.99
N ASP C 70 -8.32 -26.08 -54.16
CA ASP C 70 -8.59 -27.53 -54.26
C ASP C 70 -9.03 -28.11 -52.93
N VAL C 71 -8.47 -27.55 -51.86
CA VAL C 71 -8.90 -27.96 -50.55
C VAL C 71 -10.43 -27.71 -50.43
N VAL C 72 -10.83 -26.51 -50.81
CA VAL C 72 -12.23 -26.12 -50.71
C VAL C 72 -13.11 -27.02 -51.54
N ARG C 73 -12.73 -27.21 -52.80
CA ARG C 73 -13.51 -28.09 -53.73
C ARG C 73 -13.73 -29.47 -53.16
N ASP C 74 -12.68 -30.03 -52.55
CA ASP C 74 -12.75 -31.38 -52.01
C ASP C 74 -13.33 -31.52 -50.58
N SER C 75 -13.78 -30.40 -49.99
CA SER C 75 -14.24 -30.45 -48.60
C SER C 75 -15.71 -30.05 -48.42
N ASN C 76 -16.40 -30.81 -47.58
CA ASN C 76 -17.77 -30.42 -47.13
C ASN C 76 -17.72 -29.34 -46.03
N VAL C 77 -16.69 -29.41 -45.20
CA VAL C 77 -16.51 -28.46 -44.06
C VAL C 77 -15.14 -27.84 -44.23
N VAL C 78 -15.09 -26.50 -44.16
CA VAL C 78 -13.84 -25.81 -44.37
C VAL C 78 -13.52 -25.00 -43.10
N VAL C 79 -12.36 -25.28 -42.53
CA VAL C 79 -11.86 -24.55 -41.36
C VAL C 79 -10.78 -23.56 -41.76
N PHE C 80 -11.02 -22.29 -41.48
CA PHE C 80 -10.05 -21.23 -41.71
C PHE C 80 -9.22 -21.05 -40.47
N SER C 81 -7.95 -21.38 -40.59
CA SER C 81 -6.99 -21.30 -39.52
C SER C 81 -5.74 -20.53 -39.93
N VAL C 82 -5.90 -19.49 -40.73
CA VAL C 82 -4.83 -18.51 -40.96
C VAL C 82 -4.84 -17.44 -39.87
N LYS C 83 -3.73 -16.73 -39.74
CA LYS C 83 -3.63 -15.60 -38.82
C LYS C 83 -4.73 -14.56 -39.18
N PRO C 84 -5.27 -13.90 -38.14
CA PRO C 84 -6.50 -13.12 -38.34
C PRO C 84 -6.39 -12.03 -39.37
N GLN C 85 -5.22 -11.37 -39.37
CA GLN C 85 -4.98 -10.25 -40.31
C GLN C 85 -4.88 -10.71 -41.79
N LEU C 86 -4.75 -12.00 -42.02
CA LEU C 86 -4.70 -12.55 -43.39
C LEU C 86 -6.03 -13.15 -43.87
N LEU C 87 -6.98 -13.27 -42.94
CA LEU C 87 -8.22 -14.05 -43.25
C LEU C 87 -9.12 -13.40 -44.31
N LYS C 88 -9.32 -12.10 -44.21
CA LYS C 88 -10.24 -11.44 -45.16
C LYS C 88 -9.84 -11.74 -46.62
N ASP C 89 -8.57 -11.53 -46.94
CA ASP C 89 -8.11 -11.71 -48.34
C ASP C 89 -8.23 -13.16 -48.77
N VAL C 90 -7.89 -14.05 -47.85
CA VAL C 90 -8.00 -15.50 -48.11
C VAL C 90 -9.44 -15.90 -48.46
N VAL C 91 -10.39 -15.39 -47.66
CA VAL C 91 -11.80 -15.70 -47.94
C VAL C 91 -12.27 -15.07 -49.28
N LEU C 92 -11.91 -13.82 -49.49
CA LEU C 92 -12.34 -13.13 -50.71
C LEU C 92 -11.81 -13.86 -51.98
N LYS C 93 -10.56 -14.32 -51.93
CA LYS C 93 -9.98 -15.09 -53.06
C LYS C 93 -10.73 -16.39 -53.33
N LEU C 94 -11.25 -17.02 -52.27
CA LEU C 94 -11.95 -18.33 -52.39
C LEU C 94 -13.42 -18.20 -52.68
N LYS C 95 -13.92 -16.98 -52.62
CA LYS C 95 -15.36 -16.76 -52.55
C LYS C 95 -16.22 -17.54 -53.55
N PRO C 96 -15.79 -17.60 -54.84
CA PRO C 96 -16.62 -18.26 -55.84
C PRO C 96 -16.84 -19.72 -55.49
N LEU C 97 -15.88 -20.30 -54.78
CA LEU C 97 -15.95 -21.73 -54.38
C LEU C 97 -16.73 -21.97 -53.07
N LEU C 98 -17.06 -20.88 -52.38
CA LEU C 98 -17.69 -20.99 -51.04
C LEU C 98 -19.19 -21.15 -51.20
N THR C 99 -19.59 -22.28 -51.75
CA THR C 99 -21.00 -22.46 -52.05
C THR C 99 -21.72 -22.86 -50.79
N LYS C 100 -23.02 -22.62 -50.75
CA LYS C 100 -23.84 -22.78 -49.50
C LYS C 100 -24.02 -24.21 -49.02
N ASP C 101 -23.62 -25.18 -49.83
CA ASP C 101 -23.61 -26.56 -49.41
C ASP C 101 -22.38 -26.92 -48.52
N LYS C 102 -21.43 -26.00 -48.41
CA LYS C 102 -20.20 -26.20 -47.59
C LYS C 102 -20.25 -25.36 -46.31
N LEU C 103 -20.07 -26.04 -45.20
CA LEU C 103 -20.09 -25.34 -43.88
C LEU C 103 -18.75 -24.70 -43.66
N LEU C 104 -18.74 -23.42 -43.38
CA LEU C 104 -17.51 -22.71 -43.13
C LEU C 104 -17.29 -22.51 -41.61
N VAL C 105 -16.04 -22.59 -41.19
CA VAL C 105 -15.67 -22.40 -39.77
C VAL C 105 -14.45 -21.49 -39.70
N SER C 106 -14.46 -20.54 -38.78
CA SER C 106 -13.26 -19.74 -38.50
C SER C 106 -12.79 -19.98 -37.08
N VAL C 107 -11.50 -20.22 -36.90
CA VAL C 107 -10.86 -20.25 -35.57
C VAL C 107 -10.06 -18.99 -35.34
N ALA C 108 -10.20 -18.00 -36.23
CA ALA C 108 -9.35 -16.76 -36.11
C ALA C 108 -9.72 -15.93 -34.91
N ALA C 109 -8.70 -15.64 -34.10
CA ALA C 109 -8.95 -14.82 -32.89
C ALA C 109 -9.41 -13.40 -33.31
N GLY C 110 -10.42 -12.89 -32.63
CA GLY C 110 -10.82 -11.52 -32.79
C GLY C 110 -11.63 -11.22 -34.08
N ILE C 111 -11.96 -12.18 -34.92
CA ILE C 111 -12.77 -11.87 -36.15
C ILE C 111 -14.25 -12.22 -35.97
N LYS C 112 -15.08 -11.20 -36.03
CA LYS C 112 -16.51 -11.33 -35.74
C LYS C 112 -17.33 -11.98 -36.82
N MET C 113 -18.44 -12.58 -36.39
CA MET C 113 -19.30 -13.33 -37.28
C MET C 113 -19.85 -12.40 -38.40
N LYS C 114 -20.15 -11.16 -38.04
CA LYS C 114 -20.71 -10.21 -39.03
C LYS C 114 -19.75 -10.06 -40.23
N ASP C 115 -18.46 -9.99 -39.93
CA ASP C 115 -17.44 -9.87 -40.96
C ASP C 115 -17.25 -11.19 -41.75
N LEU C 116 -17.18 -12.30 -41.01
CA LEU C 116 -17.04 -13.59 -41.67
C LEU C 116 -18.13 -13.79 -42.78
N GLN C 117 -19.36 -13.50 -42.42
CA GLN C 117 -20.49 -13.68 -43.28
C GLN C 117 -20.46 -12.74 -44.51
N GLU C 118 -20.09 -11.51 -44.26
CA GLU C 118 -19.92 -10.51 -45.30
C GLU C 118 -18.85 -10.96 -46.28
N TRP C 119 -17.71 -11.44 -45.78
CA TRP C 119 -16.58 -11.82 -46.67
C TRP C 119 -16.97 -13.02 -47.53
N ALA C 120 -17.61 -13.98 -46.91
CA ALA C 120 -17.98 -15.21 -47.63
C ALA C 120 -19.21 -15.04 -48.53
N GLY C 121 -20.01 -14.06 -48.24
CA GLY C 121 -21.25 -13.81 -48.96
C GLY C 121 -22.40 -14.74 -48.62
N HIS C 122 -22.28 -15.50 -47.55
CA HIS C 122 -23.42 -16.25 -47.01
C HIS C 122 -23.24 -16.45 -45.47
N GLU C 123 -24.23 -17.07 -44.84
CA GLU C 123 -24.30 -17.14 -43.39
C GLU C 123 -24.14 -18.54 -42.81
N ARG C 124 -23.73 -19.48 -43.64
CA ARG C 124 -23.55 -20.84 -43.19
C ARG C 124 -22.11 -20.94 -42.67
N PHE C 125 -21.94 -20.31 -41.52
CA PHE C 125 -20.62 -20.06 -40.96
C PHE C 125 -20.70 -20.26 -39.44
N ILE C 126 -19.68 -20.90 -38.89
CA ILE C 126 -19.52 -21.03 -37.42
C ILE C 126 -18.16 -20.49 -37.01
N ARG C 127 -18.13 -19.69 -35.96
CA ARG C 127 -16.92 -19.18 -35.40
C ARG C 127 -16.63 -19.98 -34.13
N VAL C 128 -15.40 -20.41 -33.99
CA VAL C 128 -14.89 -21.07 -32.78
C VAL C 128 -13.71 -20.31 -32.28
N MET C 129 -13.66 -20.15 -30.95
N MET C 129 -13.69 -20.16 -30.96
CA MET C 129 -12.49 -19.62 -30.28
CA MET C 129 -12.51 -19.66 -30.30
C MET C 129 -11.98 -20.75 -29.34
C MET C 129 -11.98 -20.74 -29.35
N PRO C 130 -10.96 -21.48 -29.80
CA PRO C 130 -10.28 -22.44 -28.96
C PRO C 130 -9.24 -21.78 -28.07
N ASN C 131 -8.45 -22.56 -27.35
CA ASN C 131 -7.32 -21.99 -26.65
C ASN C 131 -6.12 -22.88 -26.78
N THR C 132 -5.03 -22.47 -26.16
CA THR C 132 -3.72 -23.14 -26.37
C THR C 132 -3.69 -24.62 -25.97
N ALA C 133 -4.61 -25.05 -25.10
CA ALA C 133 -4.58 -26.39 -24.58
C ALA C 133 -5.14 -27.37 -25.54
N ALA C 134 -5.52 -26.90 -26.71
CA ALA C 134 -5.84 -27.79 -27.82
C ALA C 134 -4.73 -28.83 -28.07
N THR C 135 -3.53 -28.41 -27.87
CA THR C 135 -2.34 -29.26 -28.15
C THR C 135 -2.35 -30.55 -27.28
N VAL C 136 -2.97 -30.50 -26.10
CA VAL C 136 -3.08 -31.72 -25.25
C VAL C 136 -4.50 -32.20 -25.10
N GLY C 137 -5.38 -31.75 -25.99
CA GLY C 137 -6.76 -32.23 -25.94
C GLY C 137 -7.59 -31.68 -24.83
N GLU C 138 -7.16 -30.56 -24.27
CA GLU C 138 -7.91 -29.92 -23.14
C GLU C 138 -8.26 -28.48 -23.39
N ALA C 139 -8.53 -28.17 -24.65
CA ALA C 139 -9.01 -26.82 -24.98
C ALA C 139 -10.31 -26.47 -24.26
N ALA C 140 -10.45 -25.17 -23.93
CA ALA C 140 -11.72 -24.59 -23.58
C ALA C 140 -12.16 -23.75 -24.82
N SER C 141 -13.15 -24.27 -25.56
CA SER C 141 -13.54 -23.63 -26.79
C SER C 141 -14.97 -23.09 -26.69
N VAL C 142 -15.26 -22.04 -27.46
CA VAL C 142 -16.66 -21.55 -27.57
CA VAL C 142 -16.64 -21.59 -27.58
C VAL C 142 -17.01 -21.30 -29.04
N MET C 143 -18.23 -21.63 -29.41
CA MET C 143 -18.71 -21.47 -30.77
C MET C 143 -19.84 -20.50 -30.85
N SER C 144 -19.89 -19.72 -31.95
CA SER C 144 -21.10 -18.90 -32.22
C SER C 144 -21.54 -19.18 -33.62
N LEU C 145 -22.84 -19.06 -33.83
CA LEU C 145 -23.45 -19.56 -35.07
C LEU C 145 -23.82 -18.43 -35.96
N GLY C 146 -23.47 -18.54 -37.22
CA GLY C 146 -23.96 -17.59 -38.22
C GLY C 146 -25.45 -17.81 -38.47
N GLY C 147 -26.04 -16.91 -39.22
CA GLY C 147 -27.50 -16.89 -39.44
C GLY C 147 -28.04 -18.12 -40.18
N ALA C 148 -27.22 -18.83 -40.92
CA ALA C 148 -27.72 -20.02 -41.64
C ALA C 148 -27.11 -21.31 -41.18
N ALA C 149 -26.30 -21.27 -40.14
CA ALA C 149 -25.73 -22.51 -39.59
C ALA C 149 -26.84 -23.28 -38.94
N THR C 150 -26.96 -24.54 -39.30
CA THR C 150 -28.07 -25.35 -38.77
C THR C 150 -27.70 -26.04 -37.47
N GLU C 151 -28.70 -26.59 -36.80
CA GLU C 151 -28.48 -27.33 -35.54
C GLU C 151 -27.57 -28.55 -35.80
N GLU C 152 -27.73 -29.15 -36.97
CA GLU C 152 -26.89 -30.28 -37.36
C GLU C 152 -25.42 -29.82 -37.63
N ASP C 153 -25.29 -28.63 -38.20
CA ASP C 153 -23.96 -27.99 -38.43
C ASP C 153 -23.30 -27.79 -37.04
N ALA C 154 -24.07 -27.27 -36.08
CA ALA C 154 -23.57 -27.02 -34.72
C ALA C 154 -23.10 -28.31 -34.06
N ASN C 155 -23.88 -29.36 -34.23
CA ASN C 155 -23.55 -30.66 -33.65
C ASN C 155 -22.28 -31.18 -34.25
N LEU C 156 -22.13 -31.00 -35.54
CA LEU C 156 -20.91 -31.50 -36.23
C LEU C 156 -19.64 -30.82 -35.67
N ILE C 157 -19.73 -29.51 -35.54
CA ILE C 157 -18.63 -28.69 -34.96
C ILE C 157 -18.42 -28.99 -33.48
N SER C 158 -19.48 -29.23 -32.72
CA SER C 158 -19.31 -29.70 -31.31
C SER C 158 -18.58 -30.99 -31.21
N GLN C 159 -18.92 -31.94 -32.09
CA GLN C 159 -18.19 -33.22 -32.10
C GLN C 159 -16.73 -33.01 -32.48
N LEU C 160 -16.52 -32.21 -33.50
CA LEU C 160 -15.14 -31.97 -33.98
C LEU C 160 -14.27 -31.31 -32.88
N PHE C 161 -14.74 -30.21 -32.30
CA PHE C 161 -14.00 -29.53 -31.25
C PHE C 161 -14.00 -30.26 -29.92
N GLY C 162 -15.01 -31.11 -29.73
CA GLY C 162 -15.08 -32.03 -28.56
C GLY C 162 -13.92 -33.01 -28.59
N SER C 163 -13.26 -33.17 -29.74
CA SER C 163 -12.08 -34.00 -29.81
C SER C 163 -10.78 -33.36 -29.38
N ILE C 164 -10.75 -32.05 -29.16
CA ILE C 164 -9.58 -31.38 -28.61
C ILE C 164 -9.80 -30.70 -27.23
N GLY C 165 -10.92 -31.00 -26.58
CA GLY C 165 -11.28 -30.37 -25.33
C GLY C 165 -12.79 -30.33 -25.15
N LYS C 166 -13.25 -29.27 -24.54
CA LYS C 166 -14.64 -29.01 -24.28
C LYS C 166 -15.04 -27.86 -25.14
N ILE C 167 -16.29 -27.87 -25.51
CA ILE C 167 -16.82 -26.84 -26.37
C ILE C 167 -18.24 -26.43 -25.92
N TRP C 168 -18.43 -25.10 -25.75
CA TRP C 168 -19.73 -24.51 -25.37
C TRP C 168 -20.18 -23.55 -26.48
N LYS C 169 -21.42 -23.15 -26.42
CA LYS C 169 -21.99 -22.23 -27.36
C LYS C 169 -22.15 -20.91 -26.74
N ALA C 170 -21.88 -19.86 -27.47
CA ALA C 170 -22.20 -18.51 -26.93
C ALA C 170 -22.40 -17.51 -28.07
N ASP C 171 -23.13 -16.46 -27.76
CA ASP C 171 -23.38 -15.38 -28.66
C ASP C 171 -22.06 -14.73 -28.99
N ASP C 172 -21.96 -14.26 -30.21
CA ASP C 172 -20.73 -13.66 -30.74
C ASP C 172 -20.35 -12.44 -29.93
N LYS C 173 -21.31 -11.75 -29.35
CA LYS C 173 -20.97 -10.54 -28.62
C LYS C 173 -20.10 -10.81 -27.33
N TYR C 174 -20.09 -12.06 -26.89
CA TYR C 174 -19.28 -12.43 -25.65
C TYR C 174 -17.81 -12.72 -25.96
N PHE C 175 -17.44 -12.72 -27.23
CA PHE C 175 -16.11 -13.28 -27.62
C PHE C 175 -14.88 -12.44 -27.13
N ASP C 176 -15.00 -11.11 -27.02
CA ASP C 176 -13.93 -10.36 -26.26
C ASP C 176 -13.68 -10.78 -24.83
N ALA C 177 -14.72 -10.94 -24.08
CA ALA C 177 -14.58 -11.47 -22.75
C ALA C 177 -14.11 -12.93 -22.69
N ILE C 178 -14.67 -13.78 -23.57
CA ILE C 178 -14.20 -15.12 -23.65
C ILE C 178 -12.64 -15.08 -23.86
N THR C 179 -12.20 -14.21 -24.71
CA THR C 179 -10.76 -14.12 -25.09
C THR C 179 -9.92 -13.78 -23.82
N GLY C 180 -10.45 -12.90 -22.97
CA GLY C 180 -9.73 -12.49 -21.77
C GLY C 180 -9.69 -13.56 -20.69
N LEU C 181 -10.64 -14.50 -20.76
CA LEU C 181 -10.76 -15.58 -19.83
C LEU C 181 -10.12 -16.87 -20.32
N SER C 182 -10.71 -17.52 -21.30
CA SER C 182 -10.21 -18.84 -21.75
C SER C 182 -9.06 -18.71 -22.71
N GLY C 183 -8.99 -17.58 -23.46
CA GLY C 183 -7.91 -17.40 -24.39
C GLY C 183 -6.64 -17.03 -23.70
N SER C 184 -6.73 -16.09 -22.78
CA SER C 184 -5.59 -15.54 -22.07
C SER C 184 -5.27 -16.20 -20.75
N GLY C 185 -6.30 -16.74 -20.10
CA GLY C 185 -6.20 -17.38 -18.83
C GLY C 185 -5.06 -18.37 -18.64
N PRO C 186 -4.73 -19.17 -19.69
CA PRO C 186 -3.67 -20.12 -19.44
C PRO C 186 -2.40 -19.45 -18.95
N ALA C 187 -2.11 -18.26 -19.42
CA ALA C 187 -0.88 -17.58 -18.94
C ALA C 187 -0.94 -17.25 -17.46
N TYR C 188 -2.14 -16.90 -16.98
CA TYR C 188 -2.31 -16.55 -15.58
C TYR C 188 -1.95 -17.81 -14.73
N ILE C 189 -2.41 -18.98 -15.23
CA ILE C 189 -2.12 -20.25 -14.59
C ILE C 189 -0.66 -20.69 -14.68
N TYR C 190 0.01 -20.42 -15.77
CA TYR C 190 1.46 -20.62 -15.88
C TYR C 190 2.24 -19.82 -14.84
N LEU C 191 1.89 -18.56 -14.67
CA LEU C 191 2.40 -17.76 -13.53
C LEU C 191 2.11 -18.39 -12.20
N ALA C 192 0.88 -18.84 -12.00
CA ALA C 192 0.51 -19.42 -10.75
C ALA C 192 1.32 -20.67 -10.45
N ILE C 193 1.47 -21.51 -11.45
CA ILE C 193 2.28 -22.77 -11.30
C ILE C 193 3.72 -22.46 -10.94
N GLU C 194 4.31 -21.46 -11.59
CA GLU C 194 5.66 -21.10 -11.27
C GLU C 194 5.76 -20.59 -9.85
N ALA C 195 4.81 -19.74 -9.48
CA ALA C 195 4.81 -19.12 -8.17
C ALA C 195 4.59 -20.13 -7.07
N LEU C 196 3.74 -21.08 -7.28
CA LEU C 196 3.58 -22.18 -6.35
C LEU C 196 4.84 -22.99 -6.16
N ALA C 197 5.50 -23.30 -7.28
CA ALA C 197 6.79 -23.96 -7.22
C ALA C 197 7.85 -23.15 -6.47
N ASP C 198 7.93 -21.84 -6.78
CA ASP C 198 8.80 -20.98 -6.05
C ASP C 198 8.49 -20.94 -4.55
N GLY C 199 7.19 -20.95 -4.23
CA GLY C 199 6.74 -21.01 -2.84
C GLY C 199 7.22 -22.27 -2.15
N GLY C 200 7.06 -23.38 -2.87
CA GLY C 200 7.56 -24.65 -2.35
C GLY C 200 9.04 -24.59 -2.03
N VAL C 201 9.82 -24.15 -3.00
CA VAL C 201 11.30 -23.97 -2.82
C VAL C 201 11.55 -23.07 -1.65
N ALA C 202 10.81 -21.97 -1.56
CA ALA C 202 10.99 -21.04 -0.42
C ALA C 202 10.72 -21.73 0.95
N ALA C 203 9.82 -22.71 0.96
CA ALA C 203 9.49 -23.48 2.14
C ALA C 203 10.39 -24.66 2.33
N GLY C 204 11.37 -24.84 1.49
CA GLY C 204 12.42 -25.90 1.65
C GLY C 204 12.39 -27.06 0.71
N LEU C 205 11.47 -27.06 -0.27
CA LEU C 205 11.40 -28.17 -1.20
C LEU C 205 12.46 -28.16 -2.29
N PRO C 206 12.91 -29.34 -2.71
CA PRO C 206 13.68 -29.38 -3.94
C PRO C 206 12.82 -28.82 -5.10
N ARG C 207 13.50 -28.21 -6.03
CA ARG C 207 12.83 -27.57 -7.21
C ARG C 207 12.03 -28.56 -8.08
N ASP C 208 12.60 -29.71 -8.42
N ASP C 208 12.60 -29.71 -8.43
CA ASP C 208 11.94 -30.60 -9.33
CA ASP C 208 11.94 -30.60 -9.34
C ASP C 208 10.64 -31.10 -8.71
C ASP C 208 10.64 -31.07 -8.71
N LEU C 209 10.71 -31.45 -7.44
CA LEU C 209 9.50 -31.92 -6.73
C LEU C 209 8.49 -30.76 -6.61
N ALA C 210 9.00 -29.58 -6.31
CA ALA C 210 8.08 -28.39 -6.14
C ALA C 210 7.30 -28.10 -7.41
N LEU C 211 7.99 -28.17 -8.54
CA LEU C 211 7.34 -27.92 -9.84
C LEU C 211 6.40 -29.04 -10.22
N SER C 212 6.82 -30.32 -10.00
CA SER C 212 5.92 -31.46 -10.28
C SER C 212 4.66 -31.37 -9.43
N LEU C 213 4.84 -31.07 -8.15
CA LEU C 213 3.67 -30.95 -7.23
C LEU C 213 2.78 -29.80 -7.62
N ALA C 214 3.40 -28.67 -7.95
CA ALA C 214 2.61 -27.48 -8.39
C ALA C 214 1.71 -27.75 -9.57
N SER C 215 2.27 -28.35 -10.58
CA SER C 215 1.46 -28.66 -11.81
C SER C 215 0.36 -29.67 -11.57
N GLN C 216 0.66 -30.72 -10.81
CA GLN C 216 -0.31 -31.74 -10.62
C GLN C 216 -1.40 -31.29 -9.62
N THR C 217 -0.99 -30.40 -8.69
CA THR C 217 -1.94 -29.82 -7.73
C THR C 217 -2.97 -29.01 -8.48
N VAL C 218 -2.51 -28.16 -9.37
CA VAL C 218 -3.43 -27.34 -10.15
C VAL C 218 -4.32 -28.22 -11.04
N LEU C 219 -3.71 -29.20 -11.70
CA LEU C 219 -4.48 -30.18 -12.54
C LEU C 219 -5.60 -30.89 -11.75
N GLY C 220 -5.24 -31.39 -10.58
CA GLY C 220 -6.15 -32.09 -9.74
C GLY C 220 -7.26 -31.24 -9.21
N ALA C 221 -6.95 -30.03 -8.80
CA ALA C 221 -7.97 -29.11 -8.30
C ALA C 221 -8.96 -28.74 -9.42
N ALA C 222 -8.42 -28.51 -10.60
CA ALA C 222 -9.31 -28.20 -11.75
C ALA C 222 -10.18 -29.39 -12.16
N SER C 223 -9.64 -30.61 -12.02
CA SER C 223 -10.40 -31.78 -12.32
C SER C 223 -11.54 -31.99 -11.34
N MET C 224 -11.26 -31.73 -10.06
CA MET C 224 -12.32 -31.75 -9.04
C MET C 224 -13.41 -30.75 -9.42
N ALA C 225 -13.01 -29.55 -9.84
CA ALA C 225 -13.99 -28.53 -10.16
C ALA C 225 -14.81 -29.00 -11.37
N THR C 226 -14.16 -29.56 -12.34
CA THR C 226 -14.86 -29.91 -13.62
C THR C 226 -15.80 -31.10 -13.39
N GLN C 227 -15.41 -32.07 -12.52
CA GLN C 227 -16.21 -33.28 -12.37
C GLN C 227 -17.14 -33.34 -11.19
N SER C 228 -16.92 -32.51 -10.16
CA SER C 228 -17.63 -32.70 -8.90
C SER C 228 -19.09 -32.20 -8.90
N GLY C 229 -19.45 -31.36 -9.82
N GLY C 229 -19.39 -31.31 -9.82
CA GLY C 229 -20.76 -30.72 -9.71
CA GLY C 229 -20.61 -30.51 -9.80
C GLY C 229 -20.88 -29.67 -8.57
C GLY C 229 -20.47 -29.10 -9.16
N LYS C 230 -19.74 -29.19 -8.04
CA LYS C 230 -19.83 -28.26 -6.86
C LYS C 230 -19.43 -26.87 -7.21
N HIS C 231 -20.00 -25.91 -6.51
CA HIS C 231 -19.52 -24.54 -6.56
C HIS C 231 -18.06 -24.46 -6.00
N PRO C 232 -17.19 -23.63 -6.60
CA PRO C 232 -15.80 -23.56 -6.07
C PRO C 232 -15.68 -23.15 -4.62
N GLY C 233 -16.62 -22.37 -4.13
CA GLY C 233 -16.74 -22.08 -2.67
C GLY C 233 -16.99 -23.27 -1.78
N GLN C 234 -17.78 -24.21 -2.30
CA GLN C 234 -18.02 -25.46 -1.59
C GLN C 234 -16.77 -26.33 -1.60
N LEU C 235 -16.07 -26.38 -2.75
CA LEU C 235 -14.86 -27.14 -2.83
C LEU C 235 -13.83 -26.56 -1.81
N LYS C 236 -13.71 -25.22 -1.77
CA LYS C 236 -12.84 -24.61 -0.81
C LYS C 236 -13.24 -24.98 0.61
N ASP C 237 -14.54 -24.99 0.92
CA ASP C 237 -15.02 -25.37 2.24
C ASP C 237 -14.66 -26.81 2.58
N ASP C 238 -14.74 -27.67 1.59
CA ASP C 238 -14.38 -29.09 1.80
C ASP C 238 -12.97 -29.28 2.27
N VAL C 239 -12.02 -28.43 1.84
CA VAL C 239 -10.61 -28.66 2.15
C VAL C 239 -10.05 -27.74 3.24
N THR C 240 -10.83 -26.78 3.73
CA THR C 240 -10.33 -25.85 4.73
C THR C 240 -10.66 -26.34 6.14
N SER C 241 -9.87 -27.27 6.67
CA SER C 241 -10.16 -27.82 7.96
C SER C 241 -9.92 -26.76 9.03
N PRO C 242 -10.67 -26.82 10.13
CA PRO C 242 -10.54 -25.78 11.17
C PRO C 242 -9.16 -25.52 11.67
N GLY C 243 -8.75 -24.26 11.65
CA GLY C 243 -7.44 -23.88 12.08
C GLY C 243 -6.23 -24.59 11.40
N GLY C 244 -6.44 -25.12 10.24
CA GLY C 244 -5.47 -25.97 9.57
C GLY C 244 -4.54 -25.22 8.61
N THR C 245 -3.72 -26.00 7.89
CA THR C 245 -2.73 -25.41 7.03
C THR C 245 -3.44 -24.66 5.87
N THR C 246 -4.48 -25.27 5.34
CA THR C 246 -5.15 -24.74 4.15
C THR C 246 -5.73 -23.40 4.39
N ILE C 247 -6.49 -23.24 5.47
CA ILE C 247 -7.07 -21.93 5.76
C ILE C 247 -6.02 -20.91 6.04
N ALA C 248 -4.89 -21.32 6.63
CA ALA C 248 -3.78 -20.37 6.81
C ALA C 248 -3.29 -19.82 5.47
N GLY C 249 -3.16 -20.67 4.49
CA GLY C 249 -2.76 -20.23 3.15
C GLY C 249 -3.80 -19.41 2.47
N VAL C 250 -5.08 -19.82 2.62
CA VAL C 250 -6.17 -19.05 2.00
C VAL C 250 -6.23 -17.68 2.63
N HIS C 251 -6.02 -17.59 3.91
CA HIS C 251 -6.09 -16.29 4.57
C HIS C 251 -5.05 -15.36 3.97
N GLU C 252 -3.85 -15.88 3.70
CA GLU C 252 -2.81 -14.99 3.07
C GLU C 252 -3.28 -14.52 1.72
N LEU C 253 -3.92 -15.41 0.95
CA LEU C 253 -4.45 -14.99 -0.34
C LEU C 253 -5.48 -13.82 -0.19
N GLU C 254 -6.41 -14.01 0.77
CA GLU C 254 -7.43 -13.04 0.98
C GLU C 254 -6.86 -11.71 1.50
N LYS C 255 -5.90 -11.76 2.41
CA LYS C 255 -5.28 -10.51 2.88
C LYS C 255 -4.82 -9.66 1.73
N ALA C 256 -4.30 -10.32 0.68
CA ALA C 256 -3.61 -9.61 -0.41
C ALA C 256 -4.60 -9.26 -1.53
N GLY C 257 -5.87 -9.73 -1.44
CA GLY C 257 -6.82 -9.43 -2.52
C GLY C 257 -6.61 -10.28 -3.82
N PHE C 258 -6.20 -11.52 -3.64
CA PHE C 258 -5.88 -12.47 -4.70
C PHE C 258 -7.00 -12.59 -5.70
N ARG C 259 -8.25 -12.68 -5.19
CA ARG C 259 -9.35 -12.83 -6.14
C ARG C 259 -9.58 -11.62 -6.99
N GLY C 260 -9.45 -10.46 -6.42
CA GLY C 260 -9.55 -9.26 -7.15
C GLY C 260 -8.45 -9.06 -8.22
N ILE C 261 -7.28 -9.59 -7.95
CA ILE C 261 -6.16 -9.50 -8.93
C ILE C 261 -6.47 -10.31 -10.15
N LEU C 262 -6.97 -11.54 -9.97
CA LEU C 262 -7.43 -12.31 -11.08
C LEU C 262 -8.57 -11.66 -11.83
N MET C 263 -9.54 -11.09 -11.12
CA MET C 263 -10.59 -10.39 -11.80
C MET C 263 -10.00 -9.26 -12.64
N ASN C 264 -9.07 -8.49 -12.06
CA ASN C 264 -8.38 -7.44 -12.80
C ASN C 264 -7.73 -7.91 -14.11
N ALA C 265 -7.14 -9.09 -14.06
CA ALA C 265 -6.48 -9.64 -15.25
C ALA C 265 -7.46 -9.98 -16.37
N VAL C 266 -8.58 -10.64 -16.03
CA VAL C 266 -9.61 -10.96 -16.98
C VAL C 266 -10.19 -9.69 -17.58
N VAL C 267 -10.56 -8.75 -16.73
CA VAL C 267 -11.12 -7.48 -17.20
C VAL C 267 -10.16 -6.71 -18.15
N ALA C 268 -8.87 -6.58 -17.77
CA ALA C 268 -7.92 -5.91 -18.60
C ALA C 268 -7.68 -6.61 -19.95
N ALA C 269 -7.55 -7.93 -19.89
CA ALA C 269 -7.45 -8.71 -21.14
C ALA C 269 -8.67 -8.57 -22.07
N ALA C 270 -9.86 -8.60 -21.47
CA ALA C 270 -11.09 -8.39 -22.27
C ALA C 270 -11.19 -6.99 -22.90
N LYS C 271 -10.82 -5.99 -22.13
CA LYS C 271 -10.80 -4.64 -22.63
C LYS C 271 -9.78 -4.50 -23.80
N ARG C 272 -8.63 -5.12 -23.64
N ARG C 272 -8.62 -5.12 -23.64
CA ARG C 272 -7.63 -5.12 -24.71
CA ARG C 272 -7.61 -5.13 -24.71
C ARG C 272 -8.17 -5.81 -25.97
C ARG C 272 -8.16 -5.81 -25.98
N SER C 273 -8.89 -6.91 -25.78
CA SER C 273 -9.50 -7.63 -26.90
C SER C 273 -10.44 -6.68 -27.68
N GLN C 274 -11.25 -5.97 -26.93
CA GLN C 274 -12.19 -5.00 -27.54
C GLN C 274 -11.42 -3.89 -28.26
N GLU C 275 -10.36 -3.39 -27.66
CA GLU C 275 -9.59 -2.35 -28.27
C GLU C 275 -8.90 -2.83 -29.54
N LEU C 276 -8.55 -4.09 -29.63
CA LEU C 276 -7.87 -4.63 -30.82
C LEU C 276 -8.86 -5.01 -31.94
N SER C 277 -10.16 -4.94 -31.69
CA SER C 277 -11.18 -5.57 -32.50
C SER C 277 -11.45 -4.68 -33.71
N ILE D 7 9.58 -61.33 4.75
CA ILE D 7 10.08 -60.21 3.91
C ILE D 7 9.22 -60.04 2.63
N PRO D 8 9.67 -60.40 1.36
CA PRO D 8 8.95 -59.70 0.23
C PRO D 8 7.44 -59.93 0.11
N ILE D 9 6.72 -58.84 -0.18
CA ILE D 9 5.27 -58.93 -0.35
C ILE D 9 5.05 -59.43 -1.78
N PRO D 10 4.27 -60.52 -1.97
CA PRO D 10 4.04 -60.98 -3.34
C PRO D 10 3.36 -59.94 -4.23
N ALA D 11 4.10 -59.44 -5.20
CA ALA D 11 3.71 -58.27 -5.98
C ALA D 11 2.36 -58.43 -6.71
N ASP D 12 2.02 -59.64 -7.15
CA ASP D 12 0.80 -59.85 -7.94
C ASP D 12 -0.35 -60.50 -7.20
N SER D 13 -0.13 -60.88 -5.96
CA SER D 13 -1.17 -61.58 -5.22
C SER D 13 -1.38 -61.05 -3.81
N TYR D 14 -0.71 -59.98 -3.44
CA TYR D 14 -0.83 -59.52 -2.08
C TYR D 14 -2.25 -59.08 -1.76
N THR D 15 -2.59 -59.15 -0.49
CA THR D 15 -3.86 -58.62 -0.01
C THR D 15 -3.64 -57.31 0.74
N LEU D 16 -4.61 -56.44 0.60
CA LEU D 16 -4.55 -55.08 1.12
C LEU D 16 -5.66 -54.88 2.14
N GLY D 17 -5.33 -54.32 3.28
CA GLY D 17 -6.33 -53.97 4.27
C GLY D 17 -6.34 -52.49 4.60
N PHE D 18 -7.53 -51.94 4.74
CA PHE D 18 -7.70 -50.57 5.19
C PHE D 18 -8.20 -50.54 6.59
N ILE D 19 -7.44 -49.82 7.42
CA ILE D 19 -7.88 -49.44 8.72
C ILE D 19 -8.34 -47.99 8.65
N GLY D 20 -9.66 -47.85 8.72
CA GLY D 20 -10.38 -46.61 8.58
C GLY D 20 -11.01 -46.61 7.21
N ALA D 21 -12.30 -46.93 7.15
CA ALA D 21 -13.00 -47.03 5.88
C ALA D 21 -13.57 -45.68 5.49
N GLY D 22 -12.69 -44.70 5.37
CA GLY D 22 -13.05 -43.35 5.06
C GLY D 22 -13.07 -43.05 3.58
N LYS D 23 -13.19 -41.77 3.26
CA LYS D 23 -13.18 -41.32 1.86
C LYS D 23 -11.87 -41.68 1.16
N MET D 24 -10.74 -41.44 1.85
CA MET D 24 -9.43 -41.66 1.17
C MET D 24 -9.24 -43.15 0.94
N ALA D 25 -9.65 -43.96 1.91
CA ALA D 25 -9.56 -45.44 1.72
C ALA D 25 -10.40 -45.90 0.51
N GLU D 26 -11.58 -45.32 0.43
CA GLU D 26 -12.49 -45.63 -0.66
C GLU D 26 -11.86 -45.23 -1.98
N SER D 27 -11.32 -44.03 -2.04
CA SER D 27 -10.67 -43.56 -3.30
C SER D 27 -9.56 -44.50 -3.71
N ILE D 28 -8.76 -44.94 -2.74
CA ILE D 28 -7.61 -45.77 -3.09
C ILE D 28 -8.13 -47.12 -3.58
N ALA D 29 -9.08 -47.67 -2.85
CA ALA D 29 -9.63 -48.98 -3.21
C ALA D 29 -10.23 -48.96 -4.62
N LYS D 30 -11.03 -47.93 -4.89
CA LYS D 30 -11.62 -47.78 -6.22
C LYS D 30 -10.57 -47.64 -7.30
N GLY D 31 -9.58 -46.79 -7.06
CA GLY D 31 -8.51 -46.61 -8.03
C GLY D 31 -7.76 -47.90 -8.31
N ALA D 32 -7.42 -48.62 -7.25
CA ALA D 32 -6.64 -49.86 -7.39
C ALA D 32 -7.44 -50.93 -8.16
N VAL D 33 -8.73 -51.02 -7.86
CA VAL D 33 -9.61 -51.92 -8.61
C VAL D 33 -9.71 -51.49 -10.09
N ARG D 34 -10.04 -50.22 -10.31
CA ARG D 34 -10.17 -49.66 -11.65
C ARG D 34 -8.94 -49.92 -12.49
N SER D 35 -7.77 -49.68 -11.93
CA SER D 35 -6.51 -49.84 -12.69
C SER D 35 -6.10 -51.31 -12.85
N GLY D 36 -6.83 -52.22 -12.22
CA GLY D 36 -6.44 -53.62 -12.22
C GLY D 36 -5.27 -53.97 -11.32
N VAL D 37 -4.78 -53.01 -10.54
CA VAL D 37 -3.68 -53.32 -9.61
C VAL D 37 -4.14 -54.37 -8.59
N LEU D 38 -5.39 -54.25 -8.16
CA LEU D 38 -6.00 -55.16 -7.19
C LEU D 38 -7.39 -55.59 -7.70
N SER D 39 -7.86 -56.74 -7.24
CA SER D 39 -9.25 -57.19 -7.40
C SER D 39 -9.96 -56.88 -6.09
N PRO D 40 -11.29 -56.69 -6.12
CA PRO D 40 -11.99 -56.45 -4.85
C PRO D 40 -11.83 -57.56 -3.81
N SER D 41 -11.63 -58.79 -4.27
CA SER D 41 -11.51 -59.94 -3.35
C SER D 41 -10.23 -59.89 -2.55
N ARG D 42 -9.25 -59.13 -3.04
CA ARG D 42 -7.95 -58.95 -2.38
C ARG D 42 -7.90 -57.75 -1.41
N ILE D 43 -9.03 -57.11 -1.19
CA ILE D 43 -9.11 -55.94 -0.34
C ILE D 43 -10.07 -56.22 0.80
N LYS D 44 -9.69 -55.78 2.00
CA LYS D 44 -10.57 -55.86 3.18
C LYS D 44 -10.58 -54.54 3.92
N THR D 45 -11.67 -54.25 4.56
CA THR D 45 -11.67 -53.21 5.59
C THR D 45 -12.57 -53.61 6.76
N ALA D 46 -12.60 -52.79 7.79
CA ALA D 46 -13.54 -52.96 8.90
C ALA D 46 -14.24 -51.65 9.19
N ILE D 47 -15.56 -51.70 9.34
CA ILE D 47 -16.35 -50.51 9.64
C ILE D 47 -16.20 -50.03 11.08
N HIS D 48 -16.38 -48.74 11.28
CA HIS D 48 -16.43 -48.15 12.61
C HIS D 48 -17.89 -47.90 12.99
N SER D 49 -18.16 -46.78 13.64
CA SER D 49 -19.51 -46.45 14.07
C SER D 49 -20.47 -46.28 12.89
N ASN D 50 -19.99 -45.65 11.82
CA ASN D 50 -20.85 -45.31 10.69
C ASN D 50 -21.11 -46.50 9.77
N PRO D 51 -22.47 -46.81 9.58
CA PRO D 51 -22.69 -47.97 8.68
C PRO D 51 -22.89 -47.55 7.24
N ALA D 52 -22.85 -46.25 6.98
CA ALA D 52 -22.95 -45.73 5.62
C ALA D 52 -21.76 -46.26 4.84
N ARG D 53 -20.62 -46.32 5.52
CA ARG D 53 -19.39 -46.80 4.92
C ARG D 53 -19.50 -48.26 4.46
N ARG D 54 -20.20 -49.10 5.22
CA ARG D 54 -20.21 -50.53 4.88
C ARG D 54 -20.62 -50.70 3.41
N THR D 55 -21.66 -49.95 3.04
CA THR D 55 -22.32 -50.17 1.75
C THR D 55 -21.42 -49.63 0.66
N ALA D 56 -20.74 -48.53 0.96
CA ALA D 56 -19.72 -47.98 0.03
C ALA D 56 -18.66 -49.00 -0.39
N PHE D 57 -18.18 -49.79 0.55
CA PHE D 57 -17.17 -50.82 0.22
C PHE D 57 -17.82 -52.06 -0.38
N GLU D 58 -18.93 -52.48 0.21
CA GLU D 58 -19.60 -53.71 -0.25
C GLU D 58 -20.08 -53.55 -1.71
N SER D 59 -20.49 -52.35 -2.05
CA SER D 59 -20.96 -52.07 -3.43
C SER D 59 -19.88 -52.05 -4.48
N ILE D 60 -18.61 -52.03 -4.08
CA ILE D 60 -17.53 -52.27 -5.06
C ILE D 60 -16.92 -53.67 -4.95
N GLY D 61 -17.60 -54.52 -4.20
CA GLY D 61 -17.24 -55.95 -4.13
C GLY D 61 -16.24 -56.28 -3.03
N ILE D 62 -16.05 -55.33 -2.12
CA ILE D 62 -15.05 -55.50 -1.05
C ILE D 62 -15.70 -56.03 0.20
N THR D 63 -15.05 -57.04 0.77
CA THR D 63 -15.51 -57.60 2.06
C THR D 63 -15.19 -56.74 3.28
N VAL D 64 -16.24 -56.47 4.04
CA VAL D 64 -16.16 -55.67 5.26
C VAL D 64 -16.20 -56.58 6.47
N LEU D 65 -15.07 -56.65 7.16
CA LEU D 65 -14.94 -57.47 8.36
C LEU D 65 -15.41 -56.71 9.60
N SER D 66 -15.47 -57.43 10.72
CA SER D 66 -16.08 -56.91 11.96
C SER D 66 -15.07 -56.24 12.88
N SER D 67 -13.79 -56.51 12.66
CA SER D 67 -12.75 -55.88 13.49
C SER D 67 -11.49 -55.49 12.72
N ASN D 68 -10.85 -54.45 13.23
CA ASN D 68 -9.54 -54.04 12.72
C ASN D 68 -8.54 -55.19 12.81
N ASP D 69 -8.62 -55.95 13.91
CA ASP D 69 -7.71 -57.10 14.11
C ASP D 69 -7.74 -58.06 12.93
N ASP D 70 -8.94 -58.39 12.48
CA ASP D 70 -9.10 -59.37 11.39
C ASP D 70 -8.59 -58.83 10.06
N VAL D 71 -8.82 -57.54 9.84
CA VAL D 71 -8.31 -56.89 8.63
C VAL D 71 -6.77 -57.08 8.61
N VAL D 72 -6.13 -56.80 9.75
CA VAL D 72 -4.66 -56.91 9.84
C VAL D 72 -4.20 -58.35 9.60
N ARG D 73 -4.83 -59.31 10.27
CA ARG D 73 -4.46 -60.69 10.10
C ARG D 73 -4.51 -61.09 8.65
N ASP D 74 -5.58 -60.73 7.98
CA ASP D 74 -5.80 -61.17 6.59
C ASP D 74 -5.03 -60.39 5.52
N SER D 75 -4.25 -59.41 5.94
CA SER D 75 -3.63 -58.51 4.97
C SER D 75 -2.10 -58.60 5.00
N ASN D 76 -1.52 -58.60 3.80
CA ASN D 76 -0.05 -58.40 3.64
C ASN D 76 0.38 -56.92 3.79
N VAL D 77 -0.49 -56.01 3.35
CA VAL D 77 -0.21 -54.56 3.33
C VAL D 77 -1.36 -53.94 4.07
N VAL D 78 -1.04 -53.10 5.02
CA VAL D 78 -2.06 -52.44 5.81
C VAL D 78 -1.95 -50.91 5.64
N VAL D 79 -3.02 -50.29 5.19
CA VAL D 79 -3.08 -48.85 5.08
C VAL D 79 -3.90 -48.27 6.23
N PHE D 80 -3.24 -47.42 7.00
CA PHE D 80 -3.93 -46.64 8.03
C PHE D 80 -4.48 -45.34 7.47
N SER D 81 -5.80 -45.22 7.50
CA SER D 81 -6.52 -44.09 6.92
C SER D 81 -7.54 -43.52 7.90
N VAL D 82 -7.24 -43.65 9.20
CA VAL D 82 -8.04 -42.92 10.23
C VAL D 82 -7.55 -41.47 10.36
N LYS D 83 -8.37 -40.64 10.97
CA LYS D 83 -7.97 -39.24 11.25
C LYS D 83 -6.71 -39.24 12.07
N PRO D 84 -5.84 -38.24 11.86
CA PRO D 84 -4.51 -38.28 12.49
C PRO D 84 -4.51 -38.39 14.01
N GLN D 85 -5.41 -37.64 14.65
CA GLN D 85 -5.48 -37.60 16.13
C GLN D 85 -5.93 -38.95 16.71
N LEU D 86 -6.46 -39.84 15.90
CA LEU D 86 -6.87 -41.19 16.36
C LEU D 86 -5.84 -42.31 16.07
N LEU D 87 -4.83 -41.97 15.27
CA LEU D 87 -3.95 -43.03 14.71
C LEU D 87 -3.08 -43.73 15.78
N LYS D 88 -2.49 -42.94 16.67
CA LYS D 88 -1.60 -43.51 17.67
C LYS D 88 -2.29 -44.65 18.43
N ASP D 89 -3.50 -44.38 18.95
CA ASP D 89 -4.21 -45.42 19.75
C ASP D 89 -4.60 -46.63 18.92
N VAL D 90 -4.98 -46.38 17.67
CA VAL D 90 -5.32 -47.45 16.75
C VAL D 90 -4.12 -48.38 16.50
N VAL D 91 -2.95 -47.78 16.26
CA VAL D 91 -1.74 -48.58 16.02
C VAL D 91 -1.35 -49.33 17.29
N LEU D 92 -1.41 -48.64 18.42
CA LEU D 92 -1.03 -49.28 19.71
C LEU D 92 -1.94 -50.49 20.05
N LYS D 93 -3.24 -50.36 19.81
CA LYS D 93 -4.17 -51.48 19.99
C LYS D 93 -3.85 -52.68 19.08
N LEU D 94 -3.39 -52.41 17.87
CA LEU D 94 -3.12 -53.50 16.87
C LEU D 94 -1.71 -54.07 16.96
N LYS D 95 -0.89 -53.42 17.76
CA LYS D 95 0.54 -53.67 17.73
C LYS D 95 0.98 -55.16 17.72
N PRO D 96 0.38 -56.00 18.60
CA PRO D 96 0.78 -57.42 18.60
C PRO D 96 0.63 -58.11 17.25
N LEU D 97 -0.31 -57.62 16.45
CA LEU D 97 -0.56 -58.18 15.11
C LEU D 97 0.31 -57.59 14.00
N LEU D 98 1.04 -56.54 14.34
CA LEU D 98 1.82 -55.79 13.32
C LEU D 98 3.17 -56.44 13.15
N THR D 99 3.15 -57.65 12.66
CA THR D 99 4.39 -58.39 12.49
C THR D 99 5.16 -57.88 11.27
N LYS D 100 6.47 -58.07 11.28
CA LYS D 100 7.39 -57.50 10.28
C LYS D 100 7.22 -58.02 8.87
N ASP D 101 6.45 -59.07 8.71
CA ASP D 101 6.14 -59.60 7.37
C ASP D 101 5.02 -58.80 6.67
N LYS D 102 4.40 -57.88 7.43
CA LYS D 102 3.37 -56.98 6.88
C LYS D 102 3.89 -55.55 6.69
N LEU D 103 3.71 -55.05 5.47
CA LEU D 103 4.09 -53.69 5.10
C LEU D 103 3.01 -52.73 5.61
N LEU D 104 3.43 -51.75 6.40
CA LEU D 104 2.50 -50.75 6.93
C LEU D 104 2.60 -49.41 6.15
N VAL D 105 1.44 -48.77 5.98
CA VAL D 105 1.33 -47.53 5.24
C VAL D 105 0.46 -46.59 6.01
N SER D 106 0.90 -45.36 6.19
CA SER D 106 0.03 -44.31 6.75
C SER D 106 -0.25 -43.24 5.68
N VAL D 107 -1.50 -42.83 5.56
CA VAL D 107 -1.87 -41.64 4.79
C VAL D 107 -2.21 -40.47 5.68
N ALA D 108 -1.98 -40.61 6.99
CA ALA D 108 -2.44 -39.55 7.96
C ALA D 108 -1.69 -38.27 7.80
N ALA D 109 -2.43 -37.18 7.69
CA ALA D 109 -1.78 -35.87 7.50
C ALA D 109 -0.99 -35.51 8.75
N GLY D 110 0.23 -35.02 8.56
CA GLY D 110 1.00 -34.45 9.65
C GLY D 110 1.62 -35.47 10.63
N ILE D 111 1.51 -36.76 10.39
CA ILE D 111 2.10 -37.75 11.31
C ILE D 111 3.44 -38.27 10.75
N LYS D 112 4.53 -37.97 11.47
CA LYS D 112 5.89 -38.26 11.00
C LYS D 112 6.27 -39.71 11.08
N MET D 113 7.21 -40.06 10.24
CA MET D 113 7.70 -41.45 10.15
C MET D 113 8.31 -41.90 11.48
N LYS D 114 9.04 -41.00 12.13
CA LYS D 114 9.64 -41.35 13.46
C LYS D 114 8.57 -41.88 14.46
N ASP D 115 7.45 -41.18 14.50
CA ASP D 115 6.33 -41.61 15.35
C ASP D 115 5.65 -42.89 14.88
N LEU D 116 5.36 -42.96 13.60
CA LEU D 116 4.75 -44.18 13.05
C LEU D 116 5.57 -45.45 13.50
N GLN D 117 6.85 -45.37 13.34
CA GLN D 117 7.75 -46.50 13.58
C GLN D 117 7.82 -46.86 15.09
N GLU D 118 7.88 -45.83 15.93
CA GLU D 118 7.77 -45.99 17.39
C GLU D 118 6.47 -46.65 17.80
N TRP D 119 5.36 -46.19 17.25
CA TRP D 119 4.08 -46.76 17.61
C TRP D 119 3.96 -48.24 17.20
N ALA D 120 4.42 -48.55 16.00
CA ALA D 120 4.28 -49.91 15.50
C ALA D 120 5.30 -50.86 16.07
N GLY D 121 6.42 -50.31 16.52
CA GLY D 121 7.54 -51.09 17.02
C GLY D 121 8.39 -51.73 15.95
N HIS D 122 8.23 -51.33 14.70
CA HIS D 122 9.22 -51.66 13.67
C HIS D 122 9.24 -50.58 12.57
N GLU D 123 10.13 -50.77 11.59
CA GLU D 123 10.44 -49.73 10.57
C GLU D 123 10.00 -50.06 9.14
N ARG D 124 9.23 -51.12 8.99
CA ARG D 124 8.72 -51.51 7.69
C ARG D 124 7.40 -50.74 7.47
N PHE D 125 7.58 -49.45 7.18
CA PHE D 125 6.50 -48.51 7.21
C PHE D 125 6.76 -47.50 6.08
N ILE D 126 5.70 -47.19 5.35
CA ILE D 126 5.76 -46.13 4.31
C ILE D 126 4.69 -45.08 4.65
N ARG D 127 5.09 -43.79 4.58
CA ARG D 127 4.15 -42.70 4.75
C ARG D 127 3.85 -42.17 3.35
N VAL D 128 2.58 -41.92 3.09
CA VAL D 128 2.16 -41.23 1.89
C VAL D 128 1.32 -40.01 2.25
N MET D 129 1.60 -38.88 1.63
CA MET D 129 0.73 -37.73 1.74
C MET D 129 0.05 -37.48 0.40
N PRO D 130 -1.26 -37.95 0.30
CA PRO D 130 -1.92 -37.63 -0.97
C PRO D 130 -2.65 -36.29 -0.87
N ASN D 131 -3.54 -35.97 -1.82
CA ASN D 131 -4.33 -34.79 -1.64
C ASN D 131 -5.76 -35.06 -2.06
N THR D 132 -6.56 -34.05 -1.96
CA THR D 132 -8.02 -34.16 -2.21
C THR D 132 -8.41 -34.69 -3.59
N ALA D 133 -7.56 -34.56 -4.57
CA ALA D 133 -7.94 -34.92 -5.94
C ALA D 133 -7.84 -36.43 -6.18
N ALA D 134 -7.44 -37.16 -5.19
CA ALA D 134 -7.60 -38.62 -5.19
C ALA D 134 -8.97 -39.09 -5.64
N THR D 135 -9.99 -38.32 -5.25
CA THR D 135 -11.37 -38.63 -5.59
C THR D 135 -11.60 -38.73 -7.09
N VAL D 136 -10.89 -37.94 -7.89
CA VAL D 136 -11.00 -38.01 -9.35
C VAL D 136 -9.76 -38.61 -10.03
N GLY D 137 -8.94 -39.33 -9.29
CA GLY D 137 -7.78 -40.02 -9.88
C GLY D 137 -6.70 -39.06 -10.31
N GLU D 138 -6.70 -37.85 -9.73
CA GLU D 138 -5.62 -36.85 -10.03
C GLU D 138 -4.90 -36.32 -8.78
N ALA D 139 -4.74 -37.15 -7.80
CA ALA D 139 -3.94 -36.83 -6.60
C ALA D 139 -2.47 -36.45 -6.98
N ALA D 140 -1.93 -35.51 -6.21
CA ALA D 140 -0.49 -35.27 -6.14
C ALA D 140 -0.06 -35.85 -4.83
N SER D 141 0.65 -37.00 -4.87
CA SER D 141 1.01 -37.71 -3.68
C SER D 141 2.51 -37.78 -3.50
N VAL D 142 2.96 -37.84 -2.25
CA VAL D 142 4.42 -38.07 -2.01
C VAL D 142 4.59 -39.13 -0.97
N MET D 143 5.58 -39.95 -1.15
CA MET D 143 5.85 -41.04 -0.19
C MET D 143 7.25 -40.91 0.45
N SER D 144 7.36 -41.33 1.73
CA SER D 144 8.67 -41.40 2.42
C SER D 144 8.77 -42.79 2.99
N LEU D 145 10.00 -43.29 3.05
CA LEU D 145 10.25 -44.67 3.45
C LEU D 145 10.78 -44.76 4.85
N GLY D 146 10.20 -45.65 5.61
CA GLY D 146 10.77 -46.00 6.92
C GLY D 146 12.06 -46.76 6.76
N GLY D 147 12.76 -46.95 7.87
CA GLY D 147 14.14 -47.55 7.85
C GLY D 147 14.23 -48.98 7.30
N ALA D 148 13.15 -49.73 7.37
CA ALA D 148 13.15 -51.11 6.86
C ALA D 148 12.28 -51.33 5.65
N ALA D 149 11.71 -50.26 5.13
CA ALA D 149 10.90 -50.40 3.89
C ALA D 149 11.86 -50.68 2.76
N THR D 150 11.57 -51.70 2.00
CA THR D 150 12.46 -52.07 0.87
C THR D 150 12.14 -51.35 -0.42
N GLU D 151 13.02 -51.46 -1.40
CA GLU D 151 12.76 -50.94 -2.73
C GLU D 151 11.51 -51.57 -3.36
N GLU D 152 11.29 -52.84 -3.08
CA GLU D 152 10.14 -53.55 -3.64
C GLU D 152 8.87 -53.09 -2.95
N ASP D 153 8.98 -52.82 -1.65
CA ASP D 153 7.88 -52.23 -0.90
C ASP D 153 7.48 -50.87 -1.56
N ALA D 154 8.49 -50.04 -1.84
CA ALA D 154 8.29 -48.72 -2.43
C ALA D 154 7.57 -48.85 -3.76
N ASN D 155 8.01 -49.80 -4.57
CA ASN D 155 7.42 -50.04 -5.89
C ASN D 155 5.96 -50.46 -5.79
N LEU D 156 5.68 -51.29 -4.81
CA LEU D 156 4.32 -51.74 -4.58
C LEU D 156 3.42 -50.49 -4.26
N ILE D 157 3.91 -49.64 -3.38
CA ILE D 157 3.18 -48.42 -2.98
C ILE D 157 3.08 -47.40 -4.12
N SER D 158 4.13 -47.29 -4.93
CA SER D 158 4.04 -46.44 -6.14
C SER D 158 2.95 -46.89 -7.07
N GLN D 159 2.88 -48.20 -7.29
CA GLN D 159 1.87 -48.76 -8.19
C GLN D 159 0.48 -48.49 -7.62
N LEU D 160 0.35 -48.70 -6.32
CA LEU D 160 -0.93 -48.50 -5.67
C LEU D 160 -1.40 -47.03 -5.76
N PHE D 161 -0.54 -46.11 -5.37
CA PHE D 161 -0.93 -44.68 -5.40
C PHE D 161 -0.87 -44.06 -6.78
N GLY D 162 -0.14 -44.72 -7.69
CA GLY D 162 -0.17 -44.36 -9.12
C GLY D 162 -1.57 -44.57 -9.69
N SER D 163 -2.38 -45.37 -9.01
CA SER D 163 -3.75 -45.60 -9.46
C SER D 163 -4.75 -44.49 -9.11
N ILE D 164 -4.36 -43.58 -8.22
CA ILE D 164 -5.22 -42.40 -7.90
C ILE D 164 -4.59 -41.03 -8.26
N GLY D 165 -3.52 -41.04 -9.04
CA GLY D 165 -2.84 -39.81 -9.42
C GLY D 165 -1.41 -40.05 -9.74
N LYS D 166 -0.60 -39.08 -9.40
CA LYS D 166 0.83 -39.21 -9.53
C LYS D 166 1.41 -39.37 -8.14
N ILE D 167 2.57 -39.99 -8.06
CA ILE D 167 3.23 -40.20 -6.81
C ILE D 167 4.74 -40.02 -6.95
N TRP D 168 5.30 -39.25 -6.04
CA TRP D 168 6.74 -38.95 -5.99
C TRP D 168 7.29 -39.33 -4.64
N LYS D 169 8.62 -39.42 -4.57
CA LYS D 169 9.30 -39.84 -3.33
C LYS D 169 9.98 -38.65 -2.73
N ALA D 170 9.95 -38.53 -1.43
CA ALA D 170 10.72 -37.47 -0.76
C ALA D 170 10.98 -37.82 0.68
N ASP D 171 12.03 -37.21 1.19
N ASP D 171 12.03 -37.21 1.19
CA ASP D 171 12.45 -37.38 2.56
CA ASP D 171 12.44 -37.37 2.57
C ASP D 171 11.35 -36.81 3.46
C ASP D 171 11.33 -36.83 3.45
N ASP D 172 11.15 -37.46 4.61
CA ASP D 172 10.12 -37.11 5.55
C ASP D 172 10.27 -35.68 6.00
N LYS D 173 11.49 -35.14 6.01
CA LYS D 173 11.65 -33.78 6.49
C LYS D 173 10.97 -32.67 5.56
N TYR D 174 10.64 -33.05 4.35
CA TYR D 174 9.95 -32.12 3.40
C TYR D 174 8.42 -32.10 3.54
N PHE D 175 7.86 -32.94 4.39
CA PHE D 175 6.40 -33.11 4.45
C PHE D 175 5.56 -31.91 4.93
N ASP D 176 6.09 -31.08 5.80
CA ASP D 176 5.39 -29.79 6.08
C ASP D 176 5.23 -28.90 4.90
N ALA D 177 6.34 -28.66 4.18
CA ALA D 177 6.28 -27.88 2.96
C ALA D 177 5.37 -28.56 1.91
N ILE D 178 5.50 -29.87 1.75
CA ILE D 178 4.59 -30.59 0.80
C ILE D 178 3.13 -30.24 1.17
N THR D 179 2.86 -30.33 2.44
CA THR D 179 1.46 -30.12 2.97
C THR D 179 0.98 -28.72 2.56
N GLY D 180 1.86 -27.74 2.65
CA GLY D 180 1.48 -26.36 2.23
C GLY D 180 1.29 -26.16 0.76
N LEU D 181 1.91 -27.02 -0.07
CA LEU D 181 1.83 -26.96 -1.52
C LEU D 181 0.79 -27.86 -2.12
N SER D 182 1.03 -29.17 -2.11
CA SER D 182 0.06 -30.06 -2.68
C SER D 182 -1.13 -30.38 -1.80
N GLY D 183 -0.96 -30.36 -0.50
CA GLY D 183 -2.09 -30.63 0.39
C GLY D 183 -3.07 -29.49 0.43
N SER D 184 -2.56 -28.26 0.63
CA SER D 184 -3.35 -27.06 0.72
C SER D 184 -3.64 -26.37 -0.58
N GLY D 185 -2.75 -26.53 -1.58
CA GLY D 185 -2.86 -25.82 -2.82
C GLY D 185 -4.16 -25.96 -3.60
N PRO D 186 -4.88 -27.07 -3.47
CA PRO D 186 -6.18 -27.08 -4.18
C PRO D 186 -7.12 -25.94 -3.81
N ALA D 187 -7.13 -25.56 -2.54
CA ALA D 187 -7.95 -24.42 -2.13
C ALA D 187 -7.57 -23.12 -2.82
N TYR D 188 -6.27 -22.92 -3.04
CA TYR D 188 -5.76 -21.72 -3.72
C TYR D 188 -6.29 -21.67 -5.17
N ILE D 189 -6.40 -22.87 -5.77
CA ILE D 189 -6.97 -22.98 -7.06
C ILE D 189 -8.48 -22.86 -7.13
N TYR D 190 -9.19 -23.36 -6.15
CA TYR D 190 -10.62 -23.10 -6.04
C TYR D 190 -10.94 -21.57 -5.96
N LEU D 191 -10.19 -20.84 -5.15
CA LEU D 191 -10.26 -19.39 -5.20
C LEU D 191 -9.98 -18.84 -6.56
N ALA D 192 -8.93 -19.33 -7.24
CA ALA D 192 -8.61 -18.81 -8.51
C ALA D 192 -9.69 -19.04 -9.53
N ILE D 193 -10.28 -20.24 -9.50
CA ILE D 193 -11.38 -20.57 -10.42
C ILE D 193 -12.57 -19.65 -10.22
N GLU D 194 -12.92 -19.41 -8.97
CA GLU D 194 -14.07 -18.58 -8.66
C GLU D 194 -13.76 -17.15 -9.11
N ALA D 195 -12.55 -16.74 -8.84
CA ALA D 195 -12.15 -15.33 -9.21
C ALA D 195 -12.11 -15.12 -10.69
N LEU D 196 -11.63 -16.12 -11.41
CA LEU D 196 -11.67 -16.08 -12.89
C LEU D 196 -13.10 -15.99 -13.42
N ALA D 197 -13.97 -16.82 -12.85
CA ALA D 197 -15.39 -16.76 -13.22
C ALA D 197 -15.99 -15.39 -12.95
N ASP D 198 -15.77 -14.88 -11.77
CA ASP D 198 -16.17 -13.53 -11.42
C ASP D 198 -15.63 -12.48 -12.33
N GLY D 199 -14.35 -12.63 -12.75
CA GLY D 199 -13.77 -11.75 -13.71
C GLY D 199 -14.52 -11.81 -15.04
N GLY D 200 -14.84 -13.01 -15.48
CA GLY D 200 -15.60 -13.17 -16.71
C GLY D 200 -16.95 -12.49 -16.67
N VAL D 201 -17.65 -12.68 -15.54
CA VAL D 201 -18.95 -12.04 -15.31
C VAL D 201 -18.76 -10.53 -15.29
N ALA D 202 -17.70 -10.08 -14.66
CA ALA D 202 -17.41 -8.62 -14.64
C ALA D 202 -17.19 -8.05 -16.05
N ALA D 203 -16.65 -8.87 -16.95
CA ALA D 203 -16.44 -8.50 -18.30
C ALA D 203 -17.64 -8.69 -19.19
N GLY D 204 -18.75 -9.16 -18.67
CA GLY D 204 -19.95 -9.36 -19.44
C GLY D 204 -20.43 -10.78 -19.74
N LEU D 205 -19.70 -11.80 -19.31
CA LEU D 205 -20.09 -13.17 -19.57
C LEU D 205 -21.20 -13.71 -18.70
N PRO D 206 -22.05 -14.59 -19.26
CA PRO D 206 -22.98 -15.32 -18.43
C PRO D 206 -22.21 -16.15 -17.40
N ARG D 207 -22.80 -16.30 -16.23
CA ARG D 207 -22.14 -17.00 -15.12
C ARG D 207 -21.83 -18.47 -15.43
N ASP D 208 -22.78 -19.22 -15.98
N ASP D 208 -22.78 -19.23 -15.95
CA ASP D 208 -22.56 -20.63 -16.24
CA ASP D 208 -22.57 -20.63 -16.20
C ASP D 208 -21.39 -20.84 -17.19
C ASP D 208 -21.39 -20.83 -17.18
N LEU D 209 -21.34 -20.03 -18.24
CA LEU D 209 -20.21 -20.09 -19.21
C LEU D 209 -18.92 -19.73 -18.51
N ALA D 210 -18.98 -18.61 -17.75
CA ALA D 210 -17.76 -18.09 -17.12
C ALA D 210 -17.14 -19.15 -16.20
N LEU D 211 -17.95 -19.83 -15.42
CA LEU D 211 -17.47 -20.87 -14.57
C LEU D 211 -16.95 -22.09 -15.36
N SER D 212 -17.71 -22.54 -16.36
CA SER D 212 -17.28 -23.63 -17.20
C SER D 212 -15.93 -23.33 -17.85
N LEU D 213 -15.79 -22.13 -18.39
CA LEU D 213 -14.53 -21.75 -18.96
C LEU D 213 -13.41 -21.65 -17.97
N ALA D 214 -13.71 -21.10 -16.83
CA ALA D 214 -12.64 -20.95 -15.77
C ALA D 214 -12.04 -22.26 -15.39
N SER D 215 -12.91 -23.21 -15.11
CA SER D 215 -12.42 -24.58 -14.70
C SER D 215 -11.64 -25.28 -15.79
N GLN D 216 -12.16 -25.22 -17.02
CA GLN D 216 -11.49 -25.93 -18.11
C GLN D 216 -10.21 -25.21 -18.56
N THR D 217 -10.18 -23.89 -18.42
CA THR D 217 -8.93 -23.12 -18.66
C THR D 217 -7.82 -23.53 -17.71
N VAL D 218 -8.16 -23.61 -16.44
CA VAL D 218 -7.20 -24.05 -15.45
C VAL D 218 -6.74 -25.50 -15.73
N LEU D 219 -7.71 -26.37 -16.03
CA LEU D 219 -7.39 -27.76 -16.28
C LEU D 219 -6.41 -27.88 -17.50
N GLY D 220 -6.75 -27.16 -18.57
CA GLY D 220 -5.95 -27.20 -19.77
C GLY D 220 -4.56 -26.65 -19.61
N ALA D 221 -4.45 -25.53 -18.91
CA ALA D 221 -3.14 -24.96 -18.63
C ALA D 221 -2.27 -25.93 -17.79
N ALA D 222 -2.87 -26.56 -16.78
CA ALA D 222 -2.11 -27.51 -15.95
C ALA D 222 -1.68 -28.71 -16.77
N SER D 223 -2.58 -29.14 -17.67
CA SER D 223 -2.27 -30.27 -18.55
C SER D 223 -1.10 -29.96 -19.48
N MET D 224 -1.05 -28.73 -19.98
CA MET D 224 0.07 -28.26 -20.78
C MET D 224 1.35 -28.30 -19.97
N ALA D 225 1.26 -27.87 -18.70
CA ALA D 225 2.46 -27.80 -17.87
C ALA D 225 2.92 -29.23 -17.54
N THR D 226 1.99 -30.11 -17.32
CA THR D 226 2.35 -31.49 -16.97
C THR D 226 2.94 -32.25 -18.21
N GLN D 227 2.43 -32.01 -19.40
CA GLN D 227 2.78 -32.83 -20.58
C GLN D 227 3.79 -32.22 -21.51
N SER D 228 3.99 -30.90 -21.49
CA SER D 228 4.75 -30.26 -22.54
C SER D 228 6.26 -30.44 -22.37
N GLY D 229 6.73 -30.75 -21.19
CA GLY D 229 8.15 -30.67 -20.95
C GLY D 229 8.74 -29.24 -20.89
N LYS D 230 7.91 -28.22 -20.83
CA LYS D 230 8.40 -26.87 -20.87
C LYS D 230 8.40 -26.23 -19.48
N HIS D 231 9.31 -25.30 -19.28
CA HIS D 231 9.23 -24.44 -18.07
C HIS D 231 7.97 -23.56 -18.14
N PRO D 232 7.31 -23.28 -16.99
CA PRO D 232 6.12 -22.38 -17.04
C PRO D 232 6.38 -21.05 -17.66
N GLY D 233 7.55 -20.53 -17.52
CA GLY D 233 7.92 -19.25 -18.18
C GLY D 233 7.90 -19.36 -19.72
N GLN D 234 8.31 -20.51 -20.23
N GLN D 234 8.30 -20.51 -20.23
CA GLN D 234 8.29 -20.73 -21.64
CA GLN D 234 8.29 -20.77 -21.67
C GLN D 234 6.85 -20.86 -22.16
C GLN D 234 6.85 -20.86 -22.17
N LEU D 235 6.01 -21.53 -21.38
CA LEU D 235 4.61 -21.65 -21.70
C LEU D 235 3.97 -20.27 -21.72
N LYS D 236 4.28 -19.46 -20.73
CA LYS D 236 3.77 -18.08 -20.70
C LYS D 236 4.26 -17.26 -21.91
N ASP D 237 5.55 -17.48 -22.30
CA ASP D 237 6.05 -16.82 -23.49
C ASP D 237 5.32 -17.25 -24.74
N ASP D 238 5.00 -18.54 -24.84
CA ASP D 238 4.29 -19.04 -26.02
C ASP D 238 2.97 -18.30 -26.26
N VAL D 239 2.26 -17.92 -25.20
CA VAL D 239 0.90 -17.41 -25.35
C VAL D 239 0.82 -15.90 -25.27
N THR D 240 1.91 -15.23 -24.95
CA THR D 240 1.84 -13.77 -24.78
C THR D 240 2.22 -13.06 -26.06
N SER D 241 1.29 -12.98 -26.97
CA SER D 241 1.58 -12.36 -28.25
C SER D 241 1.84 -10.86 -28.04
N PRO D 242 2.67 -10.25 -28.89
CA PRO D 242 3.02 -8.83 -28.76
C PRO D 242 1.87 -7.89 -28.62
N GLY D 243 1.89 -7.06 -27.61
CA GLY D 243 0.82 -6.11 -27.32
C GLY D 243 -0.61 -6.68 -27.22
N GLY D 244 -0.75 -7.98 -27.01
CA GLY D 244 -2.00 -8.65 -27.07
C GLY D 244 -2.83 -8.66 -25.78
N THR D 245 -3.87 -9.45 -25.81
CA THR D 245 -4.76 -9.55 -24.67
C THR D 245 -4.09 -10.24 -23.46
N THR D 246 -3.31 -11.26 -23.77
CA THR D 246 -2.68 -12.07 -22.73
C THR D 246 -1.69 -11.32 -21.94
N ILE D 247 -0.80 -10.58 -22.60
CA ILE D 247 0.19 -9.77 -21.87
C ILE D 247 -0.46 -8.68 -21.08
N ALA D 248 -1.59 -8.14 -21.60
CA ALA D 248 -2.33 -7.14 -20.79
C ALA D 248 -2.82 -7.72 -19.45
N GLY D 249 -3.33 -8.91 -19.46
CA GLY D 249 -3.75 -9.54 -18.22
C GLY D 249 -2.59 -9.96 -17.34
N VAL D 250 -1.53 -10.45 -17.96
CA VAL D 250 -0.33 -10.80 -17.17
C VAL D 250 0.28 -9.56 -16.51
N HIS D 251 0.28 -8.42 -17.22
CA HIS D 251 0.84 -7.23 -16.65
C HIS D 251 0.04 -6.85 -15.40
N GLU D 252 -1.28 -7.03 -15.44
CA GLU D 252 -2.06 -6.68 -14.21
C GLU D 252 -1.68 -7.59 -13.06
N LEU D 253 -1.47 -8.85 -13.34
CA LEU D 253 -0.99 -9.77 -12.31
C LEU D 253 0.33 -9.29 -11.71
N GLU D 254 1.28 -8.96 -12.60
CA GLU D 254 2.58 -8.54 -12.11
C GLU D 254 2.53 -7.23 -11.33
N LYS D 255 1.72 -6.26 -11.77
CA LYS D 255 1.57 -5.02 -11.05
C LYS D 255 1.20 -5.29 -9.60
N ALA D 256 0.35 -6.31 -9.38
CA ALA D 256 -0.21 -6.56 -8.06
C ALA D 256 0.65 -7.53 -7.26
N GLY D 257 1.73 -8.03 -7.82
CA GLY D 257 2.58 -8.97 -7.06
C GLY D 257 1.94 -10.37 -6.90
N PHE D 258 1.23 -10.81 -7.90
CA PHE D 258 0.47 -12.13 -7.91
C PHE D 258 1.35 -13.31 -7.55
N ARG D 259 2.56 -13.37 -8.13
CA ARG D 259 3.42 -14.48 -7.77
C ARG D 259 3.80 -14.51 -6.38
N GLY D 260 4.21 -13.37 -5.83
CA GLY D 260 4.56 -13.29 -4.44
C GLY D 260 3.44 -13.66 -3.47
N ILE D 261 2.20 -13.40 -3.87
CA ILE D 261 1.04 -13.74 -3.02
C ILE D 261 0.88 -15.25 -2.93
N LEU D 262 1.06 -15.95 -4.06
CA LEU D 262 0.99 -17.39 -4.01
C LEU D 262 2.16 -17.93 -3.18
N MET D 263 3.36 -17.35 -3.32
CA MET D 263 4.49 -17.78 -2.52
C MET D 263 4.17 -17.63 -1.05
N ASN D 264 3.58 -16.49 -0.70
CA ASN D 264 3.19 -16.22 0.66
C ASN D 264 2.24 -17.28 1.23
N ALA D 265 1.28 -17.72 0.43
CA ALA D 265 0.31 -18.73 0.84
C ALA D 265 0.97 -20.07 1.12
N VAL D 266 1.90 -20.52 0.20
CA VAL D 266 2.57 -21.78 0.43
C VAL D 266 3.40 -21.70 1.72
N VAL D 267 4.19 -20.61 1.86
CA VAL D 267 5.01 -20.41 3.04
C VAL D 267 4.22 -20.42 4.35
N ALA D 268 3.10 -19.70 4.36
CA ALA D 268 2.26 -19.65 5.56
C ALA D 268 1.65 -20.97 5.89
N ALA D 269 1.14 -21.63 4.88
CA ALA D 269 0.59 -22.98 5.11
C ALA D 269 1.65 -23.96 5.64
N ALA D 270 2.85 -23.93 5.03
CA ALA D 270 3.92 -24.77 5.51
C ALA D 270 4.33 -24.49 6.95
N LYS D 271 4.39 -23.23 7.31
CA LYS D 271 4.69 -22.82 8.66
C LYS D 271 3.60 -23.31 9.63
N ARG D 272 2.35 -23.21 9.20
N ARG D 272 2.35 -23.21 9.20
CA ARG D 272 1.23 -23.72 10.02
CA ARG D 272 1.22 -23.72 10.03
C ARG D 272 1.35 -25.24 10.22
C ARG D 272 1.34 -25.25 10.22
N SER D 273 1.73 -25.94 9.15
CA SER D 273 1.93 -27.39 9.22
C SER D 273 2.96 -27.73 10.32
N GLN D 274 4.04 -26.99 10.33
CA GLN D 274 5.12 -27.19 11.28
C GLN D 274 4.59 -26.87 12.69
N GLU D 275 3.84 -25.81 12.84
CA GLU D 275 3.33 -25.46 14.12
C GLU D 275 2.37 -26.51 14.68
N LEU D 276 1.64 -27.21 13.81
CA LEU D 276 0.64 -28.18 14.23
C LEU D 276 1.32 -29.55 14.49
N SER D 277 2.63 -29.55 14.27
N SER D 277 2.57 -29.67 14.09
CA SER D 277 3.67 -30.39 14.90
CA SER D 277 3.43 -30.86 14.24
C SER D 277 4.70 -30.60 13.82
C SER D 277 3.62 -31.32 15.71
N ILE E 6 19.61 2.51 -57.83
CA ILE E 6 20.11 1.77 -56.65
C ILE E 6 21.13 0.75 -57.15
N ILE E 7 22.33 1.28 -57.33
CA ILE E 7 23.50 0.43 -57.61
C ILE E 7 23.94 -0.24 -56.27
N PRO E 8 24.25 -1.56 -56.24
CA PRO E 8 24.83 -2.13 -55.00
C PRO E 8 26.06 -1.37 -54.49
N ILE E 9 26.16 -1.25 -53.16
CA ILE E 9 27.27 -0.53 -52.56
C ILE E 9 28.38 -1.55 -52.60
N PRO E 10 29.55 -1.19 -53.18
CA PRO E 10 30.64 -2.17 -53.17
C PRO E 10 31.07 -2.60 -51.78
N ALA E 11 30.81 -3.84 -51.51
CA ALA E 11 30.94 -4.36 -50.11
C ALA E 11 32.36 -4.20 -49.50
N ASP E 12 33.41 -4.34 -50.33
CA ASP E 12 34.81 -4.43 -49.87
C ASP E 12 35.58 -3.11 -50.08
N SER E 13 34.94 -2.12 -50.71
CA SER E 13 35.61 -0.86 -50.96
C SER E 13 34.81 0.39 -50.69
N TYR E 14 33.62 0.25 -50.13
CA TYR E 14 32.83 1.45 -49.97
C TYR E 14 33.50 2.45 -49.03
N THR E 15 33.19 3.71 -49.25
CA THR E 15 33.53 4.75 -48.29
C THR E 15 32.32 5.22 -47.41
N LEU E 16 32.61 5.52 -46.15
CA LEU E 16 31.65 5.81 -45.11
C LEU E 16 31.81 7.24 -44.63
N GLY E 17 30.71 7.98 -44.55
CA GLY E 17 30.76 9.35 -44.04
C GLY E 17 29.86 9.57 -42.88
N PHE E 18 30.35 10.28 -41.86
CA PHE E 18 29.56 10.61 -40.70
C PHE E 18 29.20 12.08 -40.72
N ILE E 19 27.91 12.35 -40.67
CA ILE E 19 27.38 13.67 -40.50
C ILE E 19 26.96 13.80 -39.06
N GLY E 20 27.75 14.56 -38.31
CA GLY E 20 27.68 14.60 -36.87
C GLY E 20 28.87 13.81 -36.33
N ALA E 21 29.75 14.49 -35.62
CA ALA E 21 31.05 13.96 -35.24
C ALA E 21 31.11 13.62 -33.76
N GLY E 22 29.96 13.25 -33.22
CA GLY E 22 29.80 12.98 -31.81
C GLY E 22 30.24 11.61 -31.35
N LYS E 23 29.91 11.34 -30.08
CA LYS E 23 30.30 10.14 -29.40
C LYS E 23 29.89 8.90 -30.14
N MET E 24 28.66 8.87 -30.59
CA MET E 24 28.16 7.64 -31.24
C MET E 24 28.92 7.43 -32.58
N ALA E 25 29.14 8.51 -33.33
CA ALA E 25 29.95 8.39 -34.58
C ALA E 25 31.31 7.85 -34.30
N GLU E 26 31.92 8.38 -33.27
CA GLU E 26 33.23 7.98 -32.87
C GLU E 26 33.25 6.48 -32.47
N SER E 27 32.28 6.05 -31.70
CA SER E 27 32.20 4.64 -31.29
C SER E 27 32.06 3.77 -32.52
N ILE E 28 31.25 4.17 -33.48
CA ILE E 28 31.06 3.33 -34.69
C ILE E 28 32.33 3.29 -35.52
N ALA E 29 32.91 4.47 -35.77
CA ALA E 29 34.19 4.52 -36.53
C ALA E 29 35.29 3.69 -35.90
N LYS E 30 35.45 3.81 -34.60
CA LYS E 30 36.43 3.02 -33.87
C LYS E 30 36.16 1.54 -33.93
N GLY E 31 34.94 1.17 -33.71
CA GLY E 31 34.51 -0.23 -33.80
C GLY E 31 34.83 -0.76 -35.19
N ALA E 32 34.49 0.00 -36.22
CA ALA E 32 34.64 -0.53 -37.60
C ALA E 32 36.14 -0.69 -37.92
N VAL E 33 36.94 0.26 -37.48
CA VAL E 33 38.38 0.21 -37.72
C VAL E 33 38.99 -0.98 -36.94
N ARG E 34 38.66 -1.05 -35.66
CA ARG E 34 39.08 -2.16 -34.78
C ARG E 34 38.74 -3.52 -35.33
N SER E 35 37.50 -3.73 -35.75
CA SER E 35 37.08 -5.02 -36.26
C SER E 35 37.68 -5.33 -37.68
N GLY E 36 38.38 -4.38 -38.29
CA GLY E 36 38.81 -4.55 -39.68
C GLY E 36 37.74 -4.41 -40.75
N VAL E 37 36.54 -3.98 -40.38
CA VAL E 37 35.50 -3.79 -41.37
C VAL E 37 35.89 -2.70 -42.36
N LEU E 38 36.51 -1.66 -41.86
CA LEU E 38 36.89 -0.46 -42.64
C LEU E 38 38.32 -0.10 -42.22
N SER E 39 39.09 0.47 -43.14
CA SER E 39 40.29 1.21 -42.85
C SER E 39 39.96 2.72 -42.58
N PRO E 40 40.82 3.44 -41.82
CA PRO E 40 40.50 4.89 -41.54
C PRO E 40 40.42 5.73 -42.81
N SER E 41 41.15 5.32 -43.83
CA SER E 41 41.19 6.09 -45.08
C SER E 41 39.86 6.08 -45.84
N ARG E 42 39.04 5.09 -45.54
CA ARG E 42 37.70 4.95 -46.13
C ARG E 42 36.59 5.67 -45.32
N ILE E 43 36.96 6.43 -44.28
CA ILE E 43 35.98 7.11 -43.40
C ILE E 43 36.24 8.60 -43.46
N LYS E 44 35.16 9.39 -43.56
CA LYS E 44 35.23 10.84 -43.49
C LYS E 44 34.18 11.39 -42.55
N THR E 45 34.48 12.51 -41.92
CA THR E 45 33.49 13.25 -41.20
C THR E 45 33.80 14.77 -41.36
N ALA E 46 32.96 15.61 -40.77
CA ALA E 46 33.15 17.05 -40.76
C ALA E 46 32.78 17.56 -39.38
N ILE E 47 33.48 18.58 -38.90
CA ILE E 47 33.24 19.07 -37.56
C ILE E 47 32.52 20.41 -37.57
N HIS E 48 31.35 20.45 -36.92
CA HIS E 48 30.51 21.64 -36.95
C HIS E 48 31.14 22.87 -36.31
N SER E 49 31.69 22.70 -35.11
CA SER E 49 32.38 23.80 -34.44
C SER E 49 33.52 23.36 -33.52
N ASN E 50 33.90 22.09 -33.55
CA ASN E 50 34.73 21.54 -32.48
C ASN E 50 36.17 21.20 -32.82
N PRO E 51 37.13 21.97 -32.16
CA PRO E 51 38.51 21.50 -32.39
C PRO E 51 38.73 20.13 -31.75
N ALA E 52 38.15 19.92 -30.58
CA ALA E 52 38.32 18.68 -29.83
C ALA E 52 37.79 17.47 -30.57
N ARG E 53 36.63 17.62 -31.23
CA ARG E 53 36.09 16.54 -32.02
C ARG E 53 37.02 16.22 -33.18
N ARG E 54 37.60 17.26 -33.77
CA ARG E 54 38.53 17.06 -34.89
C ARG E 54 39.63 16.06 -34.50
N THR E 55 40.17 16.23 -33.30
CA THR E 55 41.37 15.51 -32.89
C THR E 55 40.98 14.09 -32.62
N ALA E 56 39.80 13.90 -32.04
CA ALA E 56 39.25 12.57 -31.79
C ALA E 56 39.19 11.70 -33.04
N PHE E 57 38.79 12.28 -34.16
CA PHE E 57 38.79 11.52 -35.45
C PHE E 57 40.16 11.44 -36.08
N GLU E 58 40.88 12.56 -36.05
CA GLU E 58 42.21 12.61 -36.68
C GLU E 58 43.16 11.62 -36.02
N SER E 59 43.05 11.50 -34.72
CA SER E 59 43.93 10.61 -33.99
C SER E 59 43.69 9.13 -34.25
N ILE E 60 42.60 8.78 -34.92
CA ILE E 60 42.42 7.40 -35.37
C ILE E 60 42.63 7.26 -36.85
N GLY E 61 43.12 8.32 -37.46
CA GLY E 61 43.54 8.29 -38.85
C GLY E 61 42.47 8.69 -39.83
N ILE E 62 41.41 9.29 -39.31
CA ILE E 62 40.30 9.63 -40.16
C ILE E 62 40.43 11.08 -40.61
N THR E 63 40.17 11.30 -41.89
CA THR E 63 40.17 12.67 -42.46
C THR E 63 38.90 13.45 -42.15
N VAL E 64 39.12 14.63 -41.62
CA VAL E 64 38.08 15.56 -41.25
C VAL E 64 37.98 16.66 -42.27
N LEU E 65 36.87 16.66 -43.00
CA LEU E 65 36.62 17.65 -44.04
C LEU E 65 35.95 18.87 -43.45
N SER E 66 35.81 19.88 -44.30
CA SER E 66 35.36 21.19 -43.84
C SER E 66 33.86 21.38 -43.93
N SER E 67 33.19 20.53 -44.71
CA SER E 67 31.74 20.64 -44.86
C SER E 67 31.03 19.28 -44.92
N ASN E 68 29.79 19.30 -44.50
CA ASN E 68 28.90 18.16 -44.62
C ASN E 68 28.75 17.78 -46.07
N ASP E 69 28.64 18.79 -46.95
CA ASP E 69 28.49 18.54 -48.40
C ASP E 69 29.58 17.68 -48.98
N ASP E 70 30.80 17.96 -48.60
CA ASP E 70 31.95 17.17 -49.08
C ASP E 70 32.00 15.76 -48.53
N VAL E 71 31.58 15.62 -47.27
CA VAL E 71 31.49 14.28 -46.66
C VAL E 71 30.52 13.42 -47.50
N VAL E 72 29.37 14.00 -47.81
CA VAL E 72 28.36 13.30 -48.60
C VAL E 72 28.86 12.94 -50.00
N ARG E 73 29.37 13.93 -50.70
CA ARG E 73 29.99 13.67 -52.02
C ARG E 73 30.97 12.52 -52.04
N ASP E 74 31.86 12.48 -51.06
CA ASP E 74 32.93 11.47 -51.02
C ASP E 74 32.51 10.10 -50.45
N SER E 75 31.24 9.96 -50.05
CA SER E 75 30.82 8.74 -49.34
C SER E 75 29.78 7.96 -50.13
N ASN E 76 29.91 6.66 -50.11
CA ASN E 76 28.91 5.73 -50.62
C ASN E 76 27.81 5.47 -49.56
N VAL E 77 28.20 5.54 -48.29
CA VAL E 77 27.27 5.26 -47.15
C VAL E 77 27.40 6.43 -46.22
N VAL E 78 26.28 7.01 -45.87
CA VAL E 78 26.28 8.22 -45.06
C VAL E 78 25.50 7.91 -43.76
N VAL E 79 26.14 8.14 -42.61
CA VAL E 79 25.53 7.97 -41.34
C VAL E 79 25.23 9.32 -40.72
N PHE E 80 23.96 9.56 -40.41
CA PHE E 80 23.53 10.74 -39.72
C PHE E 80 23.50 10.47 -38.23
N SER E 81 24.34 11.19 -37.53
CA SER E 81 24.52 11.08 -36.08
C SER E 81 24.45 12.40 -35.38
N VAL E 82 23.67 13.31 -35.92
CA VAL E 82 23.40 14.57 -35.22
C VAL E 82 22.22 14.35 -34.23
N LYS E 83 22.07 15.27 -33.30
CA LYS E 83 20.93 15.25 -32.39
C LYS E 83 19.64 15.27 -33.17
N PRO E 84 18.62 14.56 -32.67
CA PRO E 84 17.42 14.33 -33.50
C PRO E 84 16.76 15.63 -33.97
N GLN E 85 16.74 16.61 -33.08
CA GLN E 85 16.01 17.88 -33.37
C GLN E 85 16.72 18.68 -34.48
N LEU E 86 17.97 18.35 -34.78
CA LEU E 86 18.73 19.01 -35.81
C LEU E 86 18.72 18.27 -37.14
N LEU E 87 18.23 17.04 -37.13
CA LEU E 87 18.39 16.17 -38.31
C LEU E 87 17.61 16.65 -39.56
N LYS E 88 16.37 17.03 -39.36
CA LYS E 88 15.52 17.41 -40.51
C LYS E 88 16.20 18.51 -41.34
N ASP E 89 16.67 19.55 -40.68
CA ASP E 89 17.25 20.68 -41.43
C ASP E 89 18.55 20.28 -42.08
N VAL E 90 19.30 19.42 -41.43
CA VAL E 90 20.55 18.94 -41.95
C VAL E 90 20.25 18.21 -43.27
N VAL E 91 19.23 17.35 -43.25
CA VAL E 91 18.96 16.48 -44.42
C VAL E 91 18.46 17.38 -45.53
N LEU E 92 17.56 18.29 -45.19
CA LEU E 92 16.96 19.22 -46.21
C LEU E 92 18.04 20.07 -46.89
N LYS E 93 19.04 20.52 -46.14
CA LYS E 93 20.20 21.22 -46.74
C LYS E 93 21.04 20.36 -47.68
N LEU E 94 21.22 19.10 -47.35
CA LEU E 94 22.06 18.19 -48.14
C LEU E 94 21.32 17.52 -49.29
N LYS E 95 20.02 17.68 -49.28
CA LYS E 95 19.16 16.86 -50.13
C LYS E 95 19.61 16.70 -51.62
N PRO E 96 20.01 17.80 -52.28
CA PRO E 96 20.46 17.65 -53.69
C PRO E 96 21.59 16.63 -53.86
N LEU E 97 22.41 16.49 -52.81
CA LEU E 97 23.55 15.53 -52.84
C LEU E 97 23.19 14.09 -52.49
N LEU E 98 21.96 13.87 -51.98
CA LEU E 98 21.53 12.58 -51.49
C LEU E 98 21.00 11.73 -52.62
N THR E 99 21.89 11.38 -53.55
CA THR E 99 21.44 10.63 -54.70
C THR E 99 21.24 9.18 -54.36
N LYS E 100 20.41 8.48 -55.14
CA LYS E 100 19.96 7.12 -54.81
C LYS E 100 21.02 6.05 -54.82
N ASP E 101 22.18 6.39 -55.34
CA ASP E 101 23.32 5.47 -55.33
C ASP E 101 24.03 5.44 -53.96
N LYS E 102 23.63 6.34 -53.06
CA LYS E 102 24.21 6.41 -51.71
C LYS E 102 23.20 5.85 -50.67
N LEU E 103 23.68 4.94 -49.84
CA LEU E 103 22.89 4.37 -48.76
C LEU E 103 22.93 5.30 -47.58
N LEU E 104 21.77 5.67 -47.09
CA LEU E 104 21.66 6.59 -45.95
C LEU E 104 21.28 5.81 -44.67
N VAL E 105 21.87 6.24 -43.56
CA VAL E 105 21.66 5.59 -42.25
C VAL E 105 21.42 6.66 -41.20
N SER E 106 20.38 6.50 -40.39
CA SER E 106 20.13 7.37 -39.27
C SER E 106 20.31 6.61 -37.99
N VAL E 107 21.06 7.18 -37.06
CA VAL E 107 21.08 6.66 -35.68
C VAL E 107 20.23 7.51 -34.75
N ALA E 108 19.50 8.47 -35.28
CA ALA E 108 18.78 9.46 -34.41
C ALA E 108 17.65 8.83 -33.62
N ALA E 109 17.66 9.05 -32.32
CA ALA E 109 16.57 8.49 -31.50
C ALA E 109 15.23 9.14 -31.94
N GLY E 110 14.19 8.33 -32.05
CA GLY E 110 12.83 8.84 -32.09
C GLY E 110 12.45 9.39 -33.48
N ILE E 111 13.34 9.34 -34.47
CA ILE E 111 12.98 9.80 -35.88
C ILE E 111 12.60 8.62 -36.77
N LYS E 112 11.32 8.56 -37.12
CA LYS E 112 10.74 7.47 -37.86
C LYS E 112 11.22 7.41 -39.35
N MET E 113 11.13 6.23 -39.90
CA MET E 113 11.58 5.95 -41.25
C MET E 113 10.75 6.78 -42.27
N LYS E 114 9.45 6.87 -42.02
CA LYS E 114 8.58 7.64 -42.92
C LYS E 114 9.12 9.05 -43.11
N ASP E 115 9.53 9.67 -42.00
CA ASP E 115 10.07 11.01 -42.03
C ASP E 115 11.44 11.04 -42.72
N LEU E 116 12.29 10.10 -42.36
CA LEU E 116 13.66 10.09 -42.98
C LEU E 116 13.55 10.06 -44.50
N GLN E 117 12.70 9.18 -44.99
CA GLN E 117 12.52 8.98 -46.40
C GLN E 117 11.91 10.29 -47.10
N GLU E 118 10.93 10.88 -46.48
CA GLU E 118 10.34 12.16 -46.94
C GLU E 118 11.40 13.21 -46.99
N TRP E 119 12.22 13.33 -45.96
CA TRP E 119 13.23 14.42 -45.94
C TRP E 119 14.28 14.21 -47.03
N ALA E 120 14.73 13.00 -47.18
CA ALA E 120 15.77 12.71 -48.14
C ALA E 120 15.24 12.66 -49.61
N GLY E 121 13.97 12.38 -49.77
CA GLY E 121 13.34 12.25 -51.06
C GLY E 121 13.54 10.93 -51.72
N HIS E 122 14.05 9.93 -50.99
CA HIS E 122 14.07 8.57 -51.47
C HIS E 122 14.10 7.55 -50.30
N GLU E 123 14.03 6.25 -50.65
CA GLU E 123 13.79 5.20 -49.71
C GLU E 123 14.94 4.24 -49.45
N ARG E 124 16.11 4.62 -49.89
CA ARG E 124 17.31 3.83 -49.67
C ARG E 124 17.96 4.31 -48.36
N PHE E 125 17.26 3.97 -47.28
CA PHE E 125 17.54 4.53 -45.96
C PHE E 125 17.42 3.37 -44.97
N ILE E 126 18.36 3.32 -44.03
CA ILE E 126 18.29 2.36 -42.89
C ILE E 126 18.34 3.13 -41.58
N ARG E 127 17.45 2.78 -40.67
CA ARG E 127 17.42 3.42 -39.32
C ARG E 127 18.00 2.41 -38.40
N VAL E 128 18.92 2.88 -37.57
CA VAL E 128 19.47 2.04 -36.47
C VAL E 128 19.23 2.75 -35.13
N MET E 129 18.81 1.98 -34.15
CA MET E 129 18.69 2.52 -32.79
C MET E 129 19.72 1.73 -31.92
N PRO E 130 20.87 2.28 -31.69
CA PRO E 130 21.86 1.72 -30.75
C PRO E 130 21.56 2.11 -29.31
N ASN E 131 22.40 1.78 -28.37
CA ASN E 131 22.26 2.28 -27.02
C ASN E 131 23.67 2.67 -26.46
N THR E 132 23.65 3.11 -25.22
CA THR E 132 24.84 3.75 -24.62
C THR E 132 26.07 2.80 -24.55
N ALA E 133 25.82 1.48 -24.61
CA ALA E 133 26.89 0.52 -24.42
C ALA E 133 27.75 0.34 -25.65
N ALA E 134 27.42 1.05 -26.71
CA ALA E 134 28.30 1.17 -27.85
C ALA E 134 29.73 1.48 -27.43
N THR E 135 29.85 2.28 -26.40
CA THR E 135 31.16 2.80 -25.92
C THR E 135 32.10 1.66 -25.49
N VAL E 136 31.55 0.55 -25.07
CA VAL E 136 32.30 -0.65 -24.72
C VAL E 136 32.05 -1.85 -25.62
N GLY E 137 31.48 -1.64 -26.78
CA GLY E 137 31.32 -2.67 -27.74
C GLY E 137 30.19 -3.64 -27.40
N GLU E 138 29.27 -3.20 -26.57
CA GLU E 138 28.18 -4.07 -26.13
C GLU E 138 26.79 -3.41 -26.31
N ALA E 139 26.66 -2.60 -27.35
CA ALA E 139 25.37 -2.06 -27.68
C ALA E 139 24.37 -3.16 -27.97
N ALA E 140 23.11 -2.83 -27.65
CA ALA E 140 21.96 -3.59 -28.14
C ALA E 140 21.33 -2.65 -29.19
N SER E 141 21.44 -3.05 -30.44
CA SER E 141 20.98 -2.19 -31.52
C SER E 141 19.94 -2.88 -32.33
N VAL E 142 19.08 -2.06 -32.94
CA VAL E 142 18.05 -2.62 -33.84
CA VAL E 142 18.09 -2.62 -33.85
C VAL E 142 18.03 -1.79 -35.12
N MET E 143 17.86 -2.46 -36.25
CA MET E 143 17.73 -1.75 -37.55
C MET E 143 16.42 -1.96 -38.21
N SER E 144 15.94 -0.93 -38.87
CA SER E 144 14.71 -1.08 -39.72
C SER E 144 15.08 -0.55 -41.13
N LEU E 145 14.46 -1.14 -42.14
CA LEU E 145 14.83 -0.88 -43.53
C LEU E 145 13.78 -0.02 -44.19
N GLY E 146 14.25 0.98 -44.87
CA GLY E 146 13.38 1.79 -45.74
C GLY E 146 12.92 0.95 -46.96
N GLY E 147 12.03 1.53 -47.74
CA GLY E 147 11.39 0.80 -48.86
C GLY E 147 12.32 0.39 -50.04
N ALA E 148 13.45 1.04 -50.15
CA ALA E 148 14.41 0.68 -51.20
C ALA E 148 15.74 0.17 -50.66
N ALA E 149 15.85 -0.04 -49.35
CA ALA E 149 17.08 -0.61 -48.80
C ALA E 149 17.10 -2.07 -49.16
N THR E 150 18.20 -2.52 -49.69
CA THR E 150 18.28 -3.89 -50.16
C THR E 150 18.77 -4.82 -49.10
N GLU E 151 18.70 -6.11 -49.36
CA GLU E 151 19.29 -7.09 -48.45
C GLU E 151 20.78 -6.86 -48.27
N GLU E 152 21.43 -6.50 -49.35
CA GLU E 152 22.87 -6.31 -49.32
C GLU E 152 23.21 -5.06 -48.50
N ASP E 153 22.38 -4.04 -48.65
CA ASP E 153 22.48 -2.83 -47.82
C ASP E 153 22.38 -3.20 -46.31
N ALA E 154 21.41 -4.04 -46.00
CA ALA E 154 21.18 -4.52 -44.61
C ALA E 154 22.39 -5.24 -44.09
N ASN E 155 22.94 -6.12 -44.91
CA ASN E 155 24.13 -6.85 -44.52
C ASN E 155 25.30 -5.96 -44.24
N LEU E 156 25.45 -4.92 -45.07
CA LEU E 156 26.54 -3.98 -44.89
C LEU E 156 26.40 -3.27 -43.52
N ILE E 157 25.19 -2.84 -43.21
CA ILE E 157 24.90 -2.16 -41.93
C ILE E 157 25.00 -3.14 -40.76
N SER E 158 24.53 -4.37 -40.95
CA SER E 158 24.65 -5.42 -39.92
C SER E 158 26.13 -5.58 -39.54
N GLN E 159 27.00 -5.63 -40.57
CA GLN E 159 28.41 -5.79 -40.33
C GLN E 159 28.97 -4.62 -39.62
N LEU E 160 28.57 -3.45 -40.06
CA LEU E 160 29.03 -2.20 -39.41
C LEU E 160 28.62 -2.05 -37.90
N PHE E 161 27.33 -2.24 -37.58
CA PHE E 161 26.85 -2.14 -36.21
C PHE E 161 27.16 -3.40 -35.32
N GLY E 162 27.41 -4.53 -35.99
CA GLY E 162 28.01 -5.71 -35.35
C GLY E 162 29.36 -5.41 -34.71
N SER E 163 30.02 -4.35 -35.14
CA SER E 163 31.27 -3.97 -34.53
C SER E 163 31.22 -3.24 -33.18
N ILE E 164 30.05 -2.72 -32.81
CA ILE E 164 29.85 -2.07 -31.54
C ILE E 164 28.85 -2.81 -30.59
N GLY E 165 28.50 -4.03 -30.89
CA GLY E 165 27.58 -4.81 -30.08
C GLY E 165 26.86 -5.77 -30.93
N LYS E 166 25.63 -6.06 -30.56
CA LYS E 166 24.78 -6.93 -31.25
C LYS E 166 23.77 -6.11 -32.01
N ILE E 167 23.30 -6.66 -33.09
CA ILE E 167 22.34 -5.94 -33.93
C ILE E 167 21.26 -6.90 -34.44
N TRP E 168 20.00 -6.50 -34.22
CA TRP E 168 18.83 -7.24 -34.67
C TRP E 168 18.05 -6.38 -35.70
N LYS E 169 17.13 -7.03 -36.39
CA LYS E 169 16.25 -6.33 -37.35
C LYS E 169 14.87 -6.27 -36.83
N ALA E 170 14.20 -5.17 -37.00
CA ALA E 170 12.77 -5.09 -36.64
C ALA E 170 12.06 -4.01 -37.44
N ASP E 171 10.76 -4.16 -37.52
CA ASP E 171 9.93 -3.22 -38.19
C ASP E 171 9.99 -1.91 -37.46
N ASP E 172 9.91 -0.82 -38.22
CA ASP E 172 9.98 0.51 -37.68
C ASP E 172 8.91 0.76 -36.63
N LYS E 173 7.76 0.13 -36.75
CA LYS E 173 6.71 0.42 -35.85
C LYS E 173 7.04 -0.01 -34.35
N TYR E 174 8.03 -0.85 -34.17
CA TYR E 174 8.44 -1.32 -32.85
C TYR E 174 9.40 -0.37 -32.14
N PHE E 175 9.85 0.69 -32.80
CA PHE E 175 10.96 1.45 -32.25
C PHE E 175 10.68 2.27 -30.99
N ASP E 176 9.45 2.72 -30.79
CA ASP E 176 9.13 3.34 -29.48
C ASP E 176 9.29 2.41 -28.29
N ALA E 177 8.82 1.19 -28.44
CA ALA E 177 9.02 0.15 -27.44
C ALA E 177 10.48 -0.24 -27.32
N ILE E 178 11.19 -0.36 -28.44
CA ILE E 178 12.62 -0.65 -28.39
C ILE E 178 13.32 0.46 -27.54
N THR E 179 12.92 1.71 -27.78
CA THR E 179 13.54 2.83 -27.10
C THR E 179 13.34 2.69 -25.59
N GLY E 180 12.14 2.28 -25.16
CA GLY E 180 11.83 2.11 -23.76
C GLY E 180 12.50 0.93 -23.07
N LEU E 181 12.95 -0.05 -23.88
CA LEU E 181 13.64 -1.23 -23.41
C LEU E 181 15.14 -1.11 -23.56
N SER E 182 15.69 -1.23 -24.75
CA SER E 182 17.15 -1.17 -24.88
C SER E 182 17.75 0.22 -24.85
N GLY E 183 16.99 1.23 -25.27
CA GLY E 183 17.52 2.57 -25.22
C GLY E 183 17.59 3.10 -23.81
N SER E 184 16.48 3.00 -23.09
CA SER E 184 16.39 3.49 -21.76
C SER E 184 16.79 2.51 -20.64
N GLY E 185 16.71 1.21 -20.94
CA GLY E 185 17.05 0.19 -19.94
C GLY E 185 18.34 0.29 -19.23
N PRO E 186 19.40 0.82 -19.89
CA PRO E 186 20.61 0.90 -19.12
C PRO E 186 20.45 1.63 -17.81
N ALA E 187 19.71 2.70 -17.82
CA ALA E 187 19.55 3.48 -16.58
C ALA E 187 18.87 2.65 -15.46
N TYR E 188 17.96 1.77 -15.83
CA TYR E 188 17.25 0.93 -14.86
C TYR E 188 18.29 -0.01 -14.21
N ILE E 189 19.28 -0.43 -15.02
CA ILE E 189 20.37 -1.28 -14.50
C ILE E 189 21.37 -0.53 -13.69
N TYR E 190 21.66 0.72 -14.03
CA TYR E 190 22.50 1.53 -13.20
C TYR E 190 21.87 1.76 -11.80
N LEU E 191 20.57 2.01 -11.78
CA LEU E 191 19.83 2.04 -10.48
C LEU E 191 19.98 0.71 -9.74
N ALA E 192 19.85 -0.37 -10.48
CA ALA E 192 19.97 -1.68 -9.84
C ALA E 192 21.31 -1.96 -9.26
N ILE E 193 22.36 -1.63 -9.99
CA ILE E 193 23.69 -1.78 -9.52
C ILE E 193 23.96 -0.97 -8.26
N GLU E 194 23.52 0.29 -8.26
CA GLU E 194 23.71 1.08 -7.05
C GLU E 194 22.95 0.53 -5.87
N ALA E 195 21.72 0.10 -6.14
CA ALA E 195 20.85 -0.44 -5.05
C ALA E 195 21.42 -1.76 -4.50
N LEU E 196 21.95 -2.59 -5.38
CA LEU E 196 22.64 -3.80 -4.90
C LEU E 196 23.82 -3.52 -4.05
N ALA E 197 24.63 -2.55 -4.46
CA ALA E 197 25.73 -2.10 -3.66
C ALA E 197 25.33 -1.54 -2.31
N ASP E 198 24.36 -0.63 -2.33
CA ASP E 198 23.74 -0.15 -1.08
C ASP E 198 23.23 -1.29 -0.16
N GLY E 199 22.62 -2.29 -0.78
CA GLY E 199 22.16 -3.45 -0.05
C GLY E 199 23.30 -4.21 0.59
N GLY E 200 24.40 -4.36 -0.16
CA GLY E 200 25.55 -5.03 0.44
C GLY E 200 26.09 -4.28 1.65
N VAL E 201 26.21 -2.96 1.51
CA VAL E 201 26.69 -2.11 2.58
C VAL E 201 25.70 -2.20 3.74
N ALA E 202 24.41 -2.25 3.43
CA ALA E 202 23.40 -2.40 4.52
C ALA E 202 23.59 -3.71 5.27
N ALA E 203 24.07 -4.73 4.56
CA ALA E 203 24.34 -6.04 5.15
C ALA E 203 25.71 -6.15 5.75
N GLY E 204 26.49 -5.09 5.74
CA GLY E 204 27.78 -5.05 6.41
C GLY E 204 29.00 -5.07 5.54
N LEU E 205 28.85 -5.07 4.24
CA LEU E 205 30.02 -5.02 3.32
C LEU E 205 30.70 -3.67 3.17
N PRO E 206 32.04 -3.68 2.96
CA PRO E 206 32.71 -2.49 2.54
C PRO E 206 32.15 -2.00 1.21
N ARG E 207 32.10 -0.69 1.05
CA ARG E 207 31.54 -0.09 -0.12
C ARG E 207 32.25 -0.48 -1.41
N ASP E 208 33.57 -0.47 -1.41
N ASP E 208 33.56 -0.47 -1.45
CA ASP E 208 34.31 -0.76 -2.64
CA ASP E 208 34.26 -0.77 -2.69
C ASP E 208 34.06 -2.18 -3.14
C ASP E 208 33.98 -2.18 -3.15
N LEU E 209 34.04 -3.11 -2.22
CA LEU E 209 33.71 -4.50 -2.51
C LEU E 209 32.25 -4.67 -2.96
N ALA E 210 31.35 -3.99 -2.27
CA ALA E 210 29.94 -4.10 -2.60
C ALA E 210 29.66 -3.64 -4.02
N LEU E 211 30.25 -2.51 -4.41
CA LEU E 211 30.06 -2.01 -5.78
C LEU E 211 30.73 -2.92 -6.80
N SER E 212 31.93 -3.40 -6.51
CA SER E 212 32.63 -4.30 -7.41
C SER E 212 31.83 -5.60 -7.60
N LEU E 213 31.30 -6.11 -6.49
CA LEU E 213 30.47 -7.32 -6.60
C LEU E 213 29.17 -7.06 -7.39
N ALA E 214 28.52 -5.94 -7.08
CA ALA E 214 27.24 -5.61 -7.73
C ALA E 214 27.39 -5.58 -9.23
N SER E 215 28.38 -4.84 -9.74
CA SER E 215 28.57 -4.76 -11.16
C SER E 215 28.91 -6.08 -11.81
N GLN E 216 29.78 -6.82 -11.18
CA GLN E 216 30.23 -8.06 -11.80
C GLN E 216 29.15 -9.15 -11.70
N THR E 217 28.33 -9.06 -10.65
CA THR E 217 27.16 -9.98 -10.53
C THR E 217 26.20 -9.78 -11.67
N VAL E 218 25.90 -8.52 -11.94
CA VAL E 218 25.00 -8.23 -13.02
C VAL E 218 25.58 -8.66 -14.34
N LEU E 219 26.85 -8.35 -14.56
N LEU E 219 26.85 -8.35 -14.56
CA LEU E 219 27.53 -8.74 -15.80
CA LEU E 219 27.54 -8.75 -15.80
C LEU E 219 27.48 -10.25 -16.01
C LEU E 219 27.49 -10.25 -16.00
N GLY E 220 27.81 -10.98 -14.95
CA GLY E 220 27.82 -12.43 -15.05
C GLY E 220 26.50 -13.06 -15.27
N ALA E 221 25.49 -12.55 -14.59
CA ALA E 221 24.14 -13.06 -14.84
C ALA E 221 23.65 -12.80 -16.27
N ALA E 222 23.93 -11.60 -16.78
CA ALA E 222 23.49 -11.27 -18.18
C ALA E 222 24.30 -12.10 -19.15
N SER E 223 25.57 -12.39 -18.81
CA SER E 223 26.36 -13.27 -19.70
C SER E 223 25.82 -14.67 -19.74
N MET E 224 25.33 -15.14 -18.60
CA MET E 224 24.70 -16.48 -18.50
C MET E 224 23.45 -16.43 -19.38
N ALA E 225 22.67 -15.34 -19.28
CA ALA E 225 21.46 -15.27 -20.04
C ALA E 225 21.79 -15.24 -21.57
N THR E 226 22.81 -14.47 -21.95
CA THR E 226 23.12 -14.31 -23.38
C THR E 226 23.75 -15.56 -23.96
N GLN E 227 24.52 -16.34 -23.17
CA GLN E 227 25.23 -17.51 -23.71
C GLN E 227 24.59 -18.86 -23.49
N SER E 228 23.75 -19.01 -22.49
CA SER E 228 23.31 -20.34 -22.04
C SER E 228 22.28 -21.02 -22.90
N GLY E 229 21.61 -20.28 -23.73
N GLY E 229 21.59 -20.24 -23.71
CA GLY E 229 20.46 -20.89 -24.42
CA GLY E 229 20.34 -20.69 -24.37
C GLY E 229 19.23 -21.21 -23.50
C GLY E 229 19.06 -20.29 -23.59
N LYS E 230 19.18 -20.61 -22.28
CA LYS E 230 18.11 -20.96 -21.37
C LYS E 230 17.15 -19.85 -21.13
N HIS E 231 15.92 -20.21 -20.82
CA HIS E 231 14.96 -19.21 -20.43
C HIS E 231 15.37 -18.62 -19.09
N PRO E 232 15.15 -17.32 -18.86
CA PRO E 232 15.51 -16.78 -17.51
C PRO E 232 14.89 -17.50 -16.32
N GLY E 233 13.71 -18.04 -16.47
CA GLY E 233 13.08 -18.80 -15.41
C GLY E 233 13.85 -20.06 -15.06
N GLN E 234 14.45 -20.67 -16.08
N GLN E 234 14.46 -20.67 -16.09
CA GLN E 234 15.25 -21.84 -15.86
CA GLN E 234 15.27 -21.86 -15.92
C GLN E 234 16.53 -21.49 -15.14
C GLN E 234 16.53 -21.50 -15.15
N LEU E 235 17.14 -20.39 -15.57
CA LEU E 235 18.35 -19.89 -14.93
C LEU E 235 18.07 -19.57 -13.44
N LYS E 236 16.92 -18.93 -13.17
CA LYS E 236 16.53 -18.66 -11.76
C LYS E 236 16.30 -20.00 -11.00
N ASP E 237 15.69 -20.99 -11.65
CA ASP E 237 15.52 -22.29 -11.03
C ASP E 237 16.86 -22.98 -10.74
N ASP E 238 17.83 -22.81 -11.64
CA ASP E 238 19.13 -23.41 -11.42
C ASP E 238 19.81 -22.90 -10.15
N VAL E 239 19.60 -21.66 -9.76
CA VAL E 239 20.33 -21.11 -8.60
C VAL E 239 19.53 -21.01 -7.33
N THR E 240 18.25 -21.32 -7.36
CA THR E 240 17.44 -21.22 -6.12
C THR E 240 17.42 -22.54 -5.33
N SER E 241 18.44 -22.80 -4.51
N SER E 241 18.46 -22.83 -4.55
CA SER E 241 18.49 -24.02 -3.71
CA SER E 241 18.51 -24.09 -3.81
C SER E 241 17.35 -24.06 -2.71
C SER E 241 17.38 -24.08 -2.72
N PRO E 242 16.89 -25.27 -2.34
CA PRO E 242 15.76 -25.38 -1.37
C PRO E 242 16.00 -24.68 -0.09
N GLY E 243 15.12 -23.79 0.30
CA GLY E 243 15.22 -23.03 1.53
C GLY E 243 16.45 -22.16 1.68
N GLY E 244 17.10 -21.84 0.60
CA GLY E 244 18.42 -21.21 0.64
C GLY E 244 18.37 -19.68 0.60
N THR E 245 19.55 -19.09 0.52
CA THR E 245 19.64 -17.63 0.57
C THR E 245 19.00 -17.02 -0.71
N THR E 246 19.18 -17.66 -1.85
CA THR E 246 18.71 -17.12 -3.10
C THR E 246 17.23 -17.01 -3.14
N ILE E 247 16.53 -18.05 -2.77
CA ILE E 247 15.09 -18.00 -2.77
C ILE E 247 14.54 -17.06 -1.69
N ALA E 248 15.25 -16.88 -0.60
CA ALA E 248 14.85 -15.86 0.35
C ALA E 248 14.84 -14.42 -0.26
N GLY E 249 15.91 -14.11 -1.03
CA GLY E 249 15.98 -12.84 -1.71
C GLY E 249 14.98 -12.70 -2.83
N VAL E 250 14.76 -13.75 -3.61
CA VAL E 250 13.79 -13.74 -4.70
C VAL E 250 12.36 -13.55 -4.09
N HIS E 251 12.10 -14.19 -2.99
CA HIS E 251 10.78 -14.01 -2.33
C HIS E 251 10.55 -12.52 -1.98
N GLU E 252 11.58 -11.80 -1.49
CA GLU E 252 11.40 -10.37 -1.18
C GLU E 252 11.07 -9.60 -2.45
N LEU E 253 11.72 -9.92 -3.56
CA LEU E 253 11.44 -9.26 -4.83
C LEU E 253 10.02 -9.52 -5.22
N GLU E 254 9.57 -10.75 -5.10
CA GLU E 254 8.22 -11.10 -5.52
C GLU E 254 7.13 -10.46 -4.59
N LYS E 255 7.37 -10.41 -3.31
CA LYS E 255 6.44 -9.73 -2.36
C LYS E 255 6.21 -8.30 -2.81
N ALA E 256 7.26 -7.67 -3.35
CA ALA E 256 7.18 -6.25 -3.68
C ALA E 256 6.75 -5.98 -5.11
N GLY E 257 6.49 -7.03 -5.86
CA GLY E 257 6.10 -6.81 -7.24
C GLY E 257 7.23 -6.27 -8.16
N PHE E 258 8.43 -6.65 -7.87
CA PHE E 258 9.68 -6.29 -8.65
C PHE E 258 9.49 -6.42 -10.15
N ARG E 259 8.95 -7.56 -10.63
CA ARG E 259 8.83 -7.74 -12.04
C ARG E 259 7.86 -6.72 -12.66
N GLY E 260 6.76 -6.49 -12.01
CA GLY E 260 5.79 -5.55 -12.46
C GLY E 260 6.33 -4.12 -12.55
N ILE E 261 7.18 -3.78 -11.62
CA ILE E 261 7.82 -2.45 -11.63
C ILE E 261 8.66 -2.25 -12.80
N LEU E 262 9.45 -3.24 -13.12
CA LEU E 262 10.28 -3.17 -14.34
C LEU E 262 9.41 -3.15 -15.61
N MET E 263 8.31 -3.90 -15.62
CA MET E 263 7.36 -3.81 -16.77
C MET E 263 6.82 -2.38 -16.86
N ASN E 264 6.46 -1.78 -15.73
CA ASN E 264 5.93 -0.44 -15.71
C ASN E 264 6.90 0.58 -16.25
N ALA E 265 8.16 0.41 -15.94
CA ALA E 265 9.21 1.31 -16.44
C ALA E 265 9.36 1.25 -17.94
N VAL E 266 9.41 0.07 -18.48
CA VAL E 266 9.49 -0.10 -19.95
C VAL E 266 8.29 0.50 -20.63
N VAL E 267 7.10 0.21 -20.10
CA VAL E 267 5.90 0.76 -20.68
C VAL E 267 5.86 2.28 -20.60
N ALA E 268 6.24 2.87 -19.47
CA ALA E 268 6.23 4.30 -19.35
C ALA E 268 7.22 4.97 -20.26
N ALA E 269 8.41 4.38 -20.35
CA ALA E 269 9.42 4.89 -21.29
C ALA E 269 8.97 4.81 -22.75
N ALA E 270 8.36 3.69 -23.12
CA ALA E 270 7.80 3.50 -24.46
C ALA E 270 6.66 4.54 -24.80
N LYS E 271 5.79 4.75 -23.84
CA LYS E 271 4.75 5.77 -23.98
C LYS E 271 5.34 7.17 -24.14
N ARG E 272 6.33 7.50 -23.32
N ARG E 272 6.33 7.50 -23.32
CA ARG E 272 7.03 8.77 -23.45
CA ARG E 272 7.04 8.78 -23.46
C ARG E 272 7.67 8.92 -24.85
C ARG E 272 7.67 8.93 -24.86
N SER E 273 8.26 7.84 -25.35
CA SER E 273 8.87 7.86 -26.66
C SER E 273 7.83 8.23 -27.75
N GLN E 274 6.69 7.59 -27.64
CA GLN E 274 5.55 7.85 -28.56
C GLN E 274 5.07 9.31 -28.43
N GLU E 275 4.96 9.78 -27.23
CA GLU E 275 4.56 11.17 -26.99
C GLU E 275 5.51 12.17 -27.52
N LEU E 276 6.79 11.88 -27.52
CA LEU E 276 7.80 12.79 -28.03
C LEU E 276 7.93 12.71 -29.55
N SER E 277 7.23 11.81 -30.18
CA SER E 277 7.54 11.51 -31.59
C SER E 277 6.79 12.53 -32.46
N ILE F 6 55.68 -25.11 5.52
CA ILE F 6 55.00 -24.32 4.46
C ILE F 6 56.06 -23.95 3.41
N ILE F 7 56.29 -24.92 2.52
CA ILE F 7 57.11 -24.71 1.31
C ILE F 7 56.27 -23.97 0.25
N PRO F 8 56.82 -22.95 -0.43
CA PRO F 8 56.04 -22.30 -1.48
C PRO F 8 55.56 -23.30 -2.54
N ILE F 9 54.33 -23.08 -3.02
CA ILE F 9 53.77 -23.95 -4.05
C ILE F 9 54.42 -23.51 -5.38
N PRO F 10 54.93 -24.45 -6.20
CA PRO F 10 55.65 -23.97 -7.41
C PRO F 10 54.73 -23.35 -8.43
N ALA F 11 54.89 -22.05 -8.64
CA ALA F 11 53.85 -21.24 -9.29
C ALA F 11 53.50 -21.73 -10.68
N ASP F 12 54.47 -22.32 -11.38
CA ASP F 12 54.29 -22.67 -12.80
C ASP F 12 54.04 -24.13 -13.05
N SER F 13 54.24 -24.93 -12.05
CA SER F 13 54.20 -26.33 -12.27
C SER F 13 53.32 -27.08 -11.26
N TYR F 14 52.63 -26.37 -10.39
CA TYR F 14 51.91 -27.08 -9.32
C TYR F 14 50.86 -27.98 -9.92
N THR F 15 50.52 -29.00 -9.21
CA THR F 15 49.38 -29.81 -9.55
C THR F 15 48.18 -29.49 -8.65
N LEU F 16 46.99 -29.60 -9.23
CA LEU F 16 45.74 -29.21 -8.60
C LEU F 16 44.83 -30.41 -8.53
N GLY F 17 44.23 -30.61 -7.35
CA GLY F 17 43.29 -31.69 -7.18
C GLY F 17 41.95 -31.23 -6.73
N PHE F 18 40.88 -31.80 -7.29
CA PHE F 18 39.52 -31.47 -6.85
C PHE F 18 38.93 -32.62 -6.10
N ILE F 19 38.46 -32.32 -4.90
CA ILE F 19 37.71 -33.27 -4.10
C ILE F 19 36.28 -32.85 -4.20
N GLY F 20 35.52 -33.66 -4.94
CA GLY F 20 34.17 -33.39 -5.35
C GLY F 20 34.17 -32.95 -6.80
N ALA F 21 33.82 -33.86 -7.70
CA ALA F 21 33.85 -33.58 -9.13
C ALA F 21 32.55 -33.00 -9.64
N GLY F 22 32.14 -31.90 -9.04
CA GLY F 22 30.89 -31.24 -9.35
C GLY F 22 30.98 -30.21 -10.46
N LYS F 23 29.89 -29.48 -10.65
CA LYS F 23 29.81 -28.42 -11.64
C LYS F 23 30.85 -27.38 -11.42
N MET F 24 30.98 -26.96 -10.19
CA MET F 24 31.95 -25.82 -9.87
C MET F 24 33.37 -26.27 -10.11
N ALA F 25 33.67 -27.48 -9.69
CA ALA F 25 35.00 -28.08 -10.02
C ALA F 25 35.26 -28.08 -11.53
N GLU F 26 34.27 -28.52 -12.26
CA GLU F 26 34.39 -28.57 -13.73
C GLU F 26 34.61 -27.19 -14.28
N SER F 27 33.81 -26.23 -13.81
CA SER F 27 34.01 -24.82 -14.30
C SER F 27 35.37 -24.25 -14.01
N ILE F 28 35.91 -24.56 -12.84
CA ILE F 28 37.24 -24.09 -12.51
C ILE F 28 38.26 -24.81 -13.42
N ALA F 29 38.17 -26.13 -13.51
CA ALA F 29 39.13 -26.90 -14.30
C ALA F 29 39.12 -26.43 -15.76
N LYS F 30 37.93 -26.26 -16.33
CA LYS F 30 37.81 -25.73 -17.71
C LYS F 30 38.38 -24.37 -17.89
N GLY F 31 38.06 -23.47 -16.97
CA GLY F 31 38.65 -22.13 -17.01
C GLY F 31 40.17 -22.12 -16.95
N ALA F 32 40.71 -22.85 -16.00
CA ALA F 32 42.13 -22.84 -15.76
C ALA F 32 42.87 -23.43 -17.04
N VAL F 33 42.31 -24.47 -17.60
CA VAL F 33 42.84 -25.06 -18.85
C VAL F 33 42.74 -24.05 -20.04
N ARG F 34 41.56 -23.50 -20.22
CA ARG F 34 41.30 -22.46 -21.25
C ARG F 34 42.24 -21.29 -21.15
N SER F 35 42.47 -20.78 -19.98
CA SER F 35 43.35 -19.61 -19.83
C SER F 35 44.84 -19.96 -19.91
N GLY F 36 45.16 -21.26 -19.95
CA GLY F 36 46.55 -21.68 -19.89
C GLY F 36 47.19 -21.61 -18.52
N VAL F 37 46.42 -21.31 -17.49
CA VAL F 37 47.02 -21.31 -16.13
C VAL F 37 47.48 -22.71 -15.75
N LEU F 38 46.70 -23.69 -16.19
CA LEU F 38 47.00 -25.11 -15.92
C LEU F 38 46.85 -25.87 -17.26
N SER F 39 47.51 -26.99 -17.37
CA SER F 39 47.29 -27.98 -18.41
C SER F 39 46.41 -29.07 -17.80
N PRO F 40 45.69 -29.84 -18.61
CA PRO F 40 44.93 -30.95 -18.03
C PRO F 40 45.74 -32.00 -17.28
N SER F 41 46.98 -32.21 -17.69
CA SER F 41 47.83 -33.24 -17.04
C SER F 41 48.21 -32.89 -15.60
N ARG F 42 48.09 -31.62 -15.28
CA ARG F 42 48.35 -31.11 -13.97
C ARG F 42 47.11 -31.09 -13.03
N ILE F 43 46.00 -31.65 -13.49
CA ILE F 43 44.75 -31.64 -12.71
C ILE F 43 44.33 -33.07 -12.45
N LYS F 44 43.87 -33.36 -11.25
CA LYS F 44 43.25 -34.64 -10.91
C LYS F 44 41.96 -34.45 -10.20
N THR F 45 41.08 -35.42 -10.33
CA THR F 45 39.92 -35.50 -9.43
C THR F 45 39.59 -37.00 -9.19
N ALA F 46 38.56 -37.25 -8.39
CA ALA F 46 38.14 -38.62 -8.12
C ALA F 46 36.67 -38.62 -8.09
N ILE F 47 36.09 -39.66 -8.65
CA ILE F 47 34.65 -39.70 -8.80
C ILE F 47 33.97 -40.60 -7.80
N HIS F 48 33.12 -39.99 -6.97
CA HIS F 48 32.41 -40.71 -5.92
C HIS F 48 31.44 -41.78 -6.39
N SER F 49 30.61 -41.47 -7.37
CA SER F 49 29.63 -42.45 -7.84
C SER F 49 29.54 -42.70 -9.35
N ASN F 50 29.45 -41.63 -10.12
CA ASN F 50 28.93 -41.68 -11.49
C ASN F 50 29.90 -41.72 -12.64
N PRO F 51 29.62 -42.71 -13.59
CA PRO F 51 30.50 -42.65 -14.77
C PRO F 51 30.28 -41.35 -15.51
N ALA F 52 29.12 -40.73 -15.32
CA ALA F 52 28.81 -39.50 -16.02
C ALA F 52 29.77 -38.38 -15.69
N ARG F 53 30.09 -38.20 -14.42
CA ARG F 53 31.05 -37.18 -14.03
C ARG F 53 32.43 -37.52 -14.55
N ARG F 54 32.74 -38.80 -14.56
CA ARG F 54 34.06 -39.29 -14.97
C ARG F 54 34.36 -38.78 -16.37
N THR F 55 33.34 -38.84 -17.22
CA THR F 55 33.54 -38.56 -18.65
C THR F 55 33.70 -37.09 -18.83
N ALA F 56 32.96 -36.31 -18.07
CA ALA F 56 33.12 -34.85 -18.10
C ALA F 56 34.54 -34.43 -17.90
N PHE F 57 35.22 -35.03 -16.93
CA PHE F 57 36.63 -34.62 -16.68
C PHE F 57 37.59 -35.28 -17.66
N GLU F 58 37.36 -36.54 -17.92
CA GLU F 58 38.23 -37.29 -18.90
C GLU F 58 38.18 -36.62 -20.26
N SER F 59 37.04 -36.10 -20.64
CA SER F 59 36.92 -35.50 -21.98
C SER F 59 37.66 -34.22 -22.13
N ILE F 60 38.10 -33.62 -21.02
CA ILE F 60 38.94 -32.42 -21.15
C ILE F 60 40.38 -32.77 -20.88
N GLY F 61 40.67 -34.05 -20.83
CA GLY F 61 42.04 -34.53 -20.68
C GLY F 61 42.53 -34.69 -19.26
N ILE F 62 41.59 -34.66 -18.32
CA ILE F 62 41.94 -34.75 -16.89
C ILE F 62 41.85 -36.20 -16.44
N THR F 63 42.86 -36.63 -15.69
CA THR F 63 42.85 -37.97 -15.07
C THR F 63 41.97 -38.07 -13.83
N VAL F 64 41.10 -39.06 -13.85
CA VAL F 64 40.18 -39.37 -12.80
C VAL F 64 40.66 -40.56 -12.03
N LEU F 65 41.04 -40.30 -10.78
CA LEU F 65 41.59 -41.33 -9.87
C LEU F 65 40.45 -41.99 -9.12
N SER F 66 40.77 -43.05 -8.40
CA SER F 66 39.72 -43.89 -7.77
C SER F 66 39.38 -43.47 -6.34
N SER F 67 40.26 -42.66 -5.72
CA SER F 67 40.04 -42.25 -4.38
C SER F 67 40.47 -40.78 -4.15
N ASN F 68 39.78 -40.19 -3.22
CA ASN F 68 40.09 -38.86 -2.74
C ASN F 68 41.51 -38.83 -2.20
N ASP F 69 41.89 -39.91 -1.50
CA ASP F 69 43.23 -40.00 -0.94
C ASP F 69 44.29 -39.80 -2.00
N ASP F 70 44.14 -40.46 -3.11
CA ASP F 70 45.19 -40.39 -4.16
C ASP F 70 45.25 -38.99 -4.82
N VAL F 71 44.07 -38.38 -4.89
CA VAL F 71 44.03 -37.01 -5.42
C VAL F 71 44.90 -36.14 -4.52
N VAL F 72 44.70 -36.27 -3.20
CA VAL F 72 45.44 -35.46 -2.25
C VAL F 72 46.92 -35.72 -2.39
N ARG F 73 47.31 -37.00 -2.36
CA ARG F 73 48.73 -37.33 -2.47
CA ARG F 73 48.73 -37.36 -2.47
C ARG F 73 49.39 -36.73 -3.67
N ASP F 74 48.70 -36.76 -4.80
CA ASP F 74 49.27 -36.25 -6.06
C ASP F 74 49.17 -34.73 -6.28
N SER F 75 48.59 -34.01 -5.32
CA SER F 75 48.30 -32.56 -5.53
C SER F 75 49.04 -31.67 -4.59
N ASN F 76 49.53 -30.56 -5.14
CA ASN F 76 50.09 -29.50 -4.34
C ASN F 76 48.98 -28.60 -3.75
N VAL F 77 47.92 -28.40 -4.53
CA VAL F 77 46.80 -27.51 -4.14
C VAL F 77 45.56 -28.39 -4.21
N VAL F 78 44.77 -28.37 -3.16
CA VAL F 78 43.56 -29.24 -3.11
C VAL F 78 42.33 -28.36 -2.94
N VAL F 79 41.41 -28.42 -3.90
CA VAL F 79 40.18 -27.69 -3.86
C VAL F 79 39.06 -28.61 -3.43
N PHE F 80 38.43 -28.27 -2.29
CA PHE F 80 37.24 -28.98 -1.81
C PHE F 80 35.98 -28.38 -2.36
N SER F 81 35.31 -29.15 -3.20
CA SER F 81 34.14 -28.71 -3.93
C SER F 81 32.95 -29.63 -3.73
N VAL F 82 32.87 -30.27 -2.59
CA VAL F 82 31.70 -31.12 -2.25
C VAL F 82 30.65 -30.17 -1.65
N LYS F 83 29.41 -30.64 -1.60
CA LYS F 83 28.30 -29.91 -0.94
C LYS F 83 28.69 -29.64 0.52
N PRO F 84 28.26 -28.50 1.04
CA PRO F 84 28.78 -28.05 2.34
C PRO F 84 28.58 -29.02 3.48
N GLN F 85 27.41 -29.66 3.49
CA GLN F 85 27.04 -30.58 4.59
C GLN F 85 27.86 -31.87 4.59
N LEU F 86 28.56 -32.16 3.50
CA LEU F 86 29.45 -33.31 3.41
C LEU F 86 30.91 -33.02 3.71
N LEU F 87 31.27 -31.73 3.77
CA LEU F 87 32.68 -31.34 3.77
C LEU F 87 33.44 -31.80 5.02
N LYS F 88 32.84 -31.61 6.17
CA LYS F 88 33.54 -31.91 7.42
C LYS F 88 34.07 -33.36 7.43
N ASP F 89 33.19 -34.30 7.09
CA ASP F 89 33.62 -35.75 7.15
C ASP F 89 34.67 -36.02 6.10
N VAL F 90 34.53 -35.36 4.95
CA VAL F 90 35.48 -35.57 3.87
C VAL F 90 36.87 -35.10 4.32
N VAL F 91 36.93 -33.91 4.90
CA VAL F 91 38.22 -33.38 5.39
C VAL F 91 38.78 -34.29 6.51
N LEU F 92 37.92 -34.65 7.45
CA LEU F 92 38.39 -35.49 8.60
C LEU F 92 38.97 -36.81 8.11
N LYS F 93 38.32 -37.43 7.15
CA LYS F 93 38.87 -38.68 6.60
C LYS F 93 40.25 -38.50 5.99
N LEU F 94 40.46 -37.36 5.34
CA LEU F 94 41.72 -37.12 4.59
C LEU F 94 42.83 -36.59 5.46
N LYS F 95 42.47 -36.20 6.65
CA LYS F 95 43.34 -35.39 7.49
C LYS F 95 44.81 -35.81 7.56
N PRO F 96 45.10 -37.12 7.77
CA PRO F 96 46.51 -37.52 7.85
C PRO F 96 47.31 -37.14 6.62
N LEU F 97 46.63 -37.07 5.46
CA LEU F 97 47.29 -36.73 4.18
C LEU F 97 47.41 -35.21 3.93
N LEU F 98 46.73 -34.43 4.74
CA LEU F 98 46.67 -32.93 4.57
C LEU F 98 47.86 -32.29 5.19
N THR F 99 49.01 -32.60 4.63
CA THR F 99 50.27 -32.07 5.19
C THR F 99 50.47 -30.63 4.82
N LYS F 100 51.25 -29.90 5.61
CA LYS F 100 51.29 -28.43 5.51
C LYS F 100 51.97 -27.91 4.27
N ASP F 101 52.57 -28.80 3.50
CA ASP F 101 53.18 -28.44 2.22
C ASP F 101 52.12 -28.33 1.09
N LYS F 102 50.88 -28.70 1.41
CA LYS F 102 49.75 -28.61 0.46
C LYS F 102 48.84 -27.44 0.87
N LEU F 103 48.59 -26.59 -0.10
CA LEU F 103 47.61 -25.51 0.07
C LEU F 103 46.18 -26.05 -0.12
N LEU F 104 45.33 -25.81 0.88
CA LEU F 104 43.95 -26.23 0.83
C LEU F 104 43.00 -25.08 0.53
N VAL F 105 42.00 -25.39 -0.29
CA VAL F 105 41.02 -24.35 -0.76
C VAL F 105 39.62 -24.94 -0.59
N SER F 106 38.70 -24.18 -0.02
CA SER F 106 37.28 -24.57 0.03
C SER F 106 36.47 -23.59 -0.81
N VAL F 107 35.59 -24.12 -1.67
CA VAL F 107 34.58 -23.30 -2.40
C VAL F 107 33.18 -23.50 -1.75
N ALA F 108 33.15 -24.18 -0.61
CA ALA F 108 31.80 -24.58 -0.03
C ALA F 108 31.07 -23.40 0.50
N ALA F 109 29.82 -23.23 0.06
CA ALA F 109 29.02 -22.10 0.53
C ALA F 109 28.79 -22.24 2.04
N GLY F 110 28.99 -21.14 2.77
CA GLY F 110 28.55 -21.02 4.15
C GLY F 110 29.51 -21.70 5.15
N ILE F 111 30.63 -22.25 4.72
CA ILE F 111 31.53 -22.91 5.68
C ILE F 111 32.71 -21.95 6.03
N LYS F 112 32.78 -21.54 7.29
CA LYS F 112 33.73 -20.58 7.77
C LYS F 112 35.15 -21.09 7.91
N MET F 113 36.06 -20.15 7.81
CA MET F 113 37.52 -20.45 7.82
C MET F 113 37.88 -21.08 9.17
N LYS F 114 37.25 -20.63 10.22
CA LYS F 114 37.58 -21.17 11.57
C LYS F 114 37.35 -22.70 11.58
N ASP F 115 36.24 -23.13 10.98
CA ASP F 115 35.92 -24.56 10.90
C ASP F 115 36.86 -25.29 9.97
N LEU F 116 37.06 -24.75 8.79
CA LEU F 116 37.98 -25.37 7.81
C LEU F 116 39.32 -25.71 8.46
N GLN F 117 39.86 -24.76 9.17
CA GLN F 117 41.18 -24.87 9.78
C GLN F 117 41.17 -25.94 10.92
N GLU F 118 40.12 -25.93 11.70
CA GLU F 118 39.92 -26.93 12.77
C GLU F 118 39.84 -28.34 12.19
N TRP F 119 39.05 -28.51 11.13
CA TRP F 119 38.90 -29.81 10.55
C TRP F 119 40.22 -30.34 9.98
N ALA F 120 40.95 -29.47 9.31
CA ALA F 120 42.17 -29.87 8.66
C ALA F 120 43.34 -30.04 9.62
N GLY F 121 43.27 -29.34 10.72
CA GLY F 121 44.33 -29.30 11.74
C GLY F 121 45.49 -28.42 11.40
N HIS F 122 45.36 -27.58 10.37
CA HIS F 122 46.33 -26.51 10.13
C HIS F 122 45.61 -25.30 9.45
N GLU F 123 46.36 -24.23 9.25
CA GLU F 123 45.84 -22.94 8.81
C GLU F 123 46.24 -22.50 7.40
N ARG F 124 46.83 -23.39 6.63
CA ARG F 124 47.26 -23.10 5.28
C ARG F 124 46.07 -23.44 4.34
N PHE F 125 45.07 -22.57 4.47
CA PHE F 125 43.74 -22.79 3.91
C PHE F 125 43.26 -21.47 3.35
N ILE F 126 42.66 -21.52 2.17
CA ILE F 126 41.98 -20.32 1.59
C ILE F 126 40.53 -20.72 1.26
N ARG F 127 39.60 -19.84 1.61
CA ARG F 127 38.19 -20.01 1.29
C ARG F 127 37.90 -19.09 0.11
N VAL F 128 37.17 -19.63 -0.87
CA VAL F 128 36.65 -18.81 -1.98
C VAL F 128 35.14 -18.99 -2.09
N MET F 129 34.44 -17.92 -2.34
CA MET F 129 33.03 -17.99 -2.62
C MET F 129 32.89 -17.47 -4.07
N PRO F 130 32.74 -18.36 -5.02
CA PRO F 130 32.44 -17.98 -6.40
C PRO F 130 30.96 -17.79 -6.61
N ASN F 131 30.50 -17.62 -7.83
CA ASN F 131 29.05 -17.67 -8.07
C ASN F 131 28.77 -18.38 -9.33
N THR F 132 27.51 -18.43 -9.70
CA THR F 132 27.05 -19.26 -10.84
C THR F 132 27.64 -18.90 -12.23
N ALA F 133 28.14 -17.68 -12.39
CA ALA F 133 28.63 -17.25 -13.69
C ALA F 133 30.00 -17.76 -13.99
N ALA F 134 30.56 -18.53 -13.04
CA ALA F 134 31.75 -19.32 -13.32
C ALA F 134 31.66 -20.06 -14.64
N THR F 135 30.49 -20.56 -14.92
CA THR F 135 30.24 -21.34 -16.12
C THR F 135 30.61 -20.61 -17.40
N VAL F 136 30.48 -19.28 -17.43
CA VAL F 136 30.82 -18.50 -18.63
C VAL F 136 32.04 -17.61 -18.41
N GLY F 137 32.79 -17.90 -17.37
CA GLY F 137 34.02 -17.12 -17.12
C GLY F 137 33.76 -15.72 -16.61
N GLU F 138 32.60 -15.51 -15.99
CA GLU F 138 32.26 -14.20 -15.42
C GLU F 138 31.81 -14.25 -13.96
N ALA F 139 32.37 -15.19 -13.20
CA ALA F 139 32.13 -15.20 -11.79
C ALA F 139 32.52 -13.96 -11.12
N ALA F 140 31.78 -13.66 -10.06
CA ALA F 140 32.23 -12.71 -9.07
C ALA F 140 32.63 -13.54 -7.85
N SER F 141 33.91 -13.58 -7.52
CA SER F 141 34.40 -14.43 -6.46
C SER F 141 35.10 -13.62 -5.38
N VAL F 142 35.08 -14.12 -4.14
CA VAL F 142 35.85 -13.46 -3.08
C VAL F 142 36.60 -14.50 -2.30
N MET F 143 37.81 -14.20 -1.88
CA MET F 143 38.63 -15.13 -1.07
C MET F 143 38.96 -14.58 0.27
N SER F 144 39.06 -15.46 1.24
CA SER F 144 39.54 -15.10 2.60
C SER F 144 40.64 -16.08 2.97
N LEU F 145 41.61 -15.60 3.75
CA LEU F 145 42.82 -16.35 3.97
C LEU F 145 42.85 -16.91 5.36
N GLY F 146 43.23 -18.14 5.47
CA GLY F 146 43.54 -18.74 6.75
C GLY F 146 44.81 -18.17 7.35
N GLY F 147 45.06 -18.50 8.60
CA GLY F 147 46.16 -17.89 9.35
C GLY F 147 47.58 -18.22 8.84
N ALA F 148 47.73 -19.29 8.07
CA ALA F 148 49.05 -19.63 7.53
C ALA F 148 49.12 -19.57 6.01
N ALA F 149 48.05 -19.10 5.38
CA ALA F 149 48.10 -18.92 3.93
C ALA F 149 49.01 -17.77 3.62
N THR F 150 49.92 -17.98 2.70
CA THR F 150 50.91 -16.92 2.39
C THR F 150 50.44 -15.98 1.32
N GLU F 151 51.14 -14.87 1.15
CA GLU F 151 50.84 -13.95 0.06
C GLU F 151 50.99 -14.63 -1.32
N GLU F 152 51.94 -15.52 -1.44
CA GLU F 152 52.14 -16.24 -2.65
C GLU F 152 50.98 -17.26 -2.90
N ASP F 153 50.50 -17.87 -1.83
CA ASP F 153 49.32 -18.78 -1.87
C ASP F 153 48.14 -17.97 -2.40
N ALA F 154 47.94 -16.78 -1.84
CA ALA F 154 46.86 -15.90 -2.28
C ALA F 154 46.95 -15.60 -3.74
N ASN F 155 48.15 -15.25 -4.19
CA ASN F 155 48.38 -14.91 -5.60
C ASN F 155 48.08 -16.05 -6.52
N LEU F 156 48.49 -17.24 -6.10
CA LEU F 156 48.19 -18.46 -6.87
C LEU F 156 46.66 -18.62 -7.06
N ILE F 157 45.95 -18.45 -5.97
CA ILE F 157 44.47 -18.62 -5.99
C ILE F 157 43.81 -17.49 -6.76
N SER F 158 44.39 -16.30 -6.69
CA SER F 158 43.87 -15.20 -7.53
C SER F 158 44.00 -15.49 -8.99
N GLN F 159 45.15 -16.01 -9.39
CA GLN F 159 45.34 -16.37 -10.76
C GLN F 159 44.41 -17.48 -11.18
N LEU F 160 44.29 -18.49 -10.33
CA LEU F 160 43.38 -19.58 -10.62
C LEU F 160 41.95 -19.10 -10.85
N PHE F 161 41.44 -18.38 -9.87
CA PHE F 161 40.01 -17.94 -9.95
C PHE F 161 39.80 -16.79 -10.88
N GLY F 162 40.92 -16.11 -11.22
CA GLY F 162 40.90 -15.09 -12.27
C GLY F 162 40.56 -15.74 -13.60
N SER F 163 40.74 -17.04 -13.74
CA SER F 163 40.38 -17.73 -14.96
C SER F 163 38.92 -18.04 -15.16
N ILE F 164 38.08 -17.80 -14.14
CA ILE F 164 36.66 -17.98 -14.29
C ILE F 164 35.84 -16.71 -13.98
N GLY F 165 36.52 -15.57 -13.87
CA GLY F 165 35.88 -14.31 -13.57
C GLY F 165 36.81 -13.40 -12.84
N LYS F 166 36.26 -12.61 -11.96
CA LYS F 166 37.01 -11.65 -11.20
C LYS F 166 37.09 -12.20 -9.80
N ILE F 167 38.10 -11.77 -9.07
CA ILE F 167 38.30 -12.27 -7.73
C ILE F 167 38.87 -11.19 -6.84
N TRP F 168 38.19 -10.97 -5.71
CA TRP F 168 38.57 -9.95 -4.70
C TRP F 168 38.88 -10.66 -3.39
N LYS F 169 39.46 -9.94 -2.46
CA LYS F 169 39.83 -10.44 -1.14
C LYS F 169 38.98 -9.82 -0.10
N ALA F 170 38.50 -10.60 0.83
CA ALA F 170 37.75 -10.00 1.99
C ALA F 170 37.88 -10.86 3.23
N ASP F 171 37.66 -10.24 4.37
CA ASP F 171 37.67 -10.93 5.61
C ASP F 171 36.55 -11.94 5.61
N ASP F 172 36.80 -13.05 6.30
CA ASP F 172 35.84 -14.12 6.39
C ASP F 172 34.51 -13.62 7.01
N LYS F 173 34.52 -12.59 7.83
CA LYS F 173 33.28 -12.24 8.48
C LYS F 173 32.21 -11.62 7.49
N TYR F 174 32.66 -11.26 6.31
CA TYR F 174 31.76 -10.60 5.30
C TYR F 174 31.04 -11.63 4.43
N PHE F 175 31.34 -12.91 4.61
CA PHE F 175 30.91 -13.90 3.67
C PHE F 175 29.38 -14.18 3.64
N ASP F 176 28.69 -13.98 4.73
CA ASP F 176 27.20 -13.96 4.62
C ASP F 176 26.61 -12.92 3.74
N ALA F 177 27.07 -11.71 3.90
CA ALA F 177 26.65 -10.59 3.05
C ALA F 177 27.10 -10.76 1.59
N ILE F 178 28.32 -11.25 1.38
CA ILE F 178 28.76 -11.58 0.01
C ILE F 178 27.73 -12.57 -0.57
N THR F 179 27.39 -13.57 0.21
CA THR F 179 26.48 -14.67 -0.28
C THR F 179 25.14 -14.10 -0.73
N GLY F 180 24.61 -13.12 0.01
CA GLY F 180 23.37 -12.44 -0.38
C GLY F 180 23.43 -11.54 -1.58
N LEU F 181 24.63 -11.03 -1.90
CA LEU F 181 24.90 -10.17 -3.01
C LEU F 181 25.39 -10.89 -4.24
N SER F 182 26.59 -11.39 -4.24
CA SER F 182 27.14 -11.99 -5.45
C SER F 182 26.73 -13.43 -5.59
N GLY F 183 26.47 -14.09 -4.50
CA GLY F 183 25.99 -15.49 -4.57
C GLY F 183 24.60 -15.65 -5.05
N SER F 184 23.68 -14.88 -4.44
CA SER F 184 22.30 -14.88 -4.79
C SER F 184 21.86 -13.92 -5.85
N GLY F 185 22.59 -12.82 -6.01
CA GLY F 185 22.22 -11.75 -6.95
C GLY F 185 21.90 -12.17 -8.34
N PRO F 186 22.58 -13.19 -8.89
CA PRO F 186 22.21 -13.57 -10.24
C PRO F 186 20.77 -13.85 -10.43
N ALA F 187 20.13 -14.44 -9.44
CA ALA F 187 18.65 -14.73 -9.56
C ALA F 187 17.84 -13.45 -9.67
N TYR F 188 18.28 -12.43 -8.96
CA TYR F 188 17.60 -11.14 -9.00
C TYR F 188 17.64 -10.57 -10.40
N ILE F 189 18.80 -10.70 -11.06
CA ILE F 189 18.93 -10.31 -12.42
C ILE F 189 18.25 -11.14 -13.45
N TYR F 190 18.13 -12.42 -13.22
CA TYR F 190 17.26 -13.22 -14.05
C TYR F 190 15.83 -12.81 -14.02
N LEU F 191 15.30 -12.53 -12.86
CA LEU F 191 14.00 -11.94 -12.77
C LEU F 191 13.92 -10.64 -13.51
N ALA F 192 14.91 -9.79 -13.35
CA ALA F 192 14.93 -8.55 -14.02
C ALA F 192 14.87 -8.66 -15.55
N ILE F 193 15.66 -9.56 -16.10
CA ILE F 193 15.68 -9.85 -17.51
C ILE F 193 14.35 -10.29 -18.01
N GLU F 194 13.73 -11.23 -17.31
CA GLU F 194 12.42 -11.72 -17.72
C GLU F 194 11.41 -10.55 -17.72
N ALA F 195 11.44 -9.79 -16.65
CA ALA F 195 10.51 -8.66 -16.50
C ALA F 195 10.69 -7.60 -17.51
N LEU F 196 11.96 -7.30 -17.90
CA LEU F 196 12.20 -6.37 -18.96
C LEU F 196 11.64 -6.87 -20.28
N ALA F 197 11.84 -8.15 -20.56
CA ALA F 197 11.28 -8.77 -21.73
C ALA F 197 9.75 -8.71 -21.72
N ASP F 198 9.14 -9.09 -20.62
CA ASP F 198 7.67 -9.03 -20.46
C ASP F 198 7.18 -7.59 -20.70
N GLY F 199 7.97 -6.63 -20.20
CA GLY F 199 7.69 -5.24 -20.44
C GLY F 199 7.73 -4.85 -21.90
N GLY F 200 8.76 -5.29 -22.60
CA GLY F 200 8.79 -5.08 -24.03
C GLY F 200 7.61 -5.64 -24.78
N VAL F 201 7.27 -6.86 -24.47
CA VAL F 201 6.07 -7.55 -25.02
C VAL F 201 4.78 -6.79 -24.67
N ALA F 202 4.72 -6.26 -23.47
CA ALA F 202 3.53 -5.47 -23.07
C ALA F 202 3.43 -4.20 -23.90
N ALA F 203 4.58 -3.67 -24.32
CA ALA F 203 4.67 -2.49 -25.12
C ALA F 203 4.57 -2.76 -26.61
N GLY F 204 4.42 -3.99 -27.01
CA GLY F 204 4.20 -4.36 -28.41
C GLY F 204 5.30 -5.10 -29.11
N LEU F 205 6.39 -5.41 -28.40
CA LEU F 205 7.49 -6.11 -29.06
C LEU F 205 7.27 -7.60 -29.25
N PRO F 206 7.83 -8.15 -30.34
CA PRO F 206 7.91 -9.63 -30.43
C PRO F 206 8.76 -10.19 -29.26
N ARG F 207 8.37 -11.38 -28.78
CA ARG F 207 9.01 -12.02 -27.62
C ARG F 207 10.50 -12.27 -27.85
N ASP F 208 10.87 -12.76 -29.01
N ASP F 208 10.89 -12.78 -29.00
CA ASP F 208 12.24 -13.15 -29.26
CA ASP F 208 12.27 -13.18 -29.21
C ASP F 208 13.18 -11.95 -29.23
C ASP F 208 13.18 -11.95 -29.21
N LEU F 209 12.72 -10.86 -29.81
CA LEU F 209 13.43 -9.60 -29.79
C LEU F 209 13.47 -8.99 -28.39
N ALA F 210 12.34 -9.04 -27.68
CA ALA F 210 12.28 -8.48 -26.37
C ALA F 210 13.24 -9.14 -25.43
N LEU F 211 13.31 -10.44 -25.47
CA LEU F 211 14.21 -11.18 -24.58
C LEU F 211 15.69 -10.97 -25.02
N SER F 212 15.97 -10.96 -26.34
CA SER F 212 17.33 -10.63 -26.84
C SER F 212 17.78 -9.26 -26.39
N LEU F 213 16.92 -8.28 -26.54
CA LEU F 213 17.25 -6.93 -26.15
C LEU F 213 17.45 -6.81 -24.62
N ALA F 214 16.57 -7.47 -23.85
CA ALA F 214 16.66 -7.39 -22.37
C ALA F 214 17.99 -7.91 -21.87
N SER F 215 18.40 -9.09 -22.35
CA SER F 215 19.64 -9.67 -21.93
C SER F 215 20.84 -8.84 -22.35
N GLN F 216 20.84 -8.37 -23.56
CA GLN F 216 21.99 -7.60 -24.04
C GLN F 216 22.04 -6.17 -23.43
N THR F 217 20.88 -5.62 -23.12
CA THR F 217 20.82 -4.34 -22.44
C THR F 217 21.47 -4.43 -21.06
N VAL F 218 21.11 -5.52 -20.35
CA VAL F 218 21.69 -5.72 -18.98
C VAL F 218 23.18 -5.91 -19.12
N LEU F 219 23.58 -6.76 -20.03
CA LEU F 219 25.04 -7.03 -20.25
C LEU F 219 25.80 -5.75 -20.54
N GLY F 220 25.27 -4.96 -21.46
CA GLY F 220 25.93 -3.72 -21.81
C GLY F 220 26.02 -2.68 -20.73
N ALA F 221 24.92 -2.52 -19.95
CA ALA F 221 24.97 -1.59 -18.86
C ALA F 221 25.99 -2.03 -17.80
N ALA F 222 26.03 -3.34 -17.53
CA ALA F 222 26.97 -3.82 -16.54
C ALA F 222 28.41 -3.67 -17.04
N SER F 223 28.61 -3.87 -18.32
CA SER F 223 29.94 -3.63 -18.90
C SER F 223 30.37 -2.20 -18.79
N MET F 224 29.41 -1.26 -18.98
CA MET F 224 29.71 0.17 -18.81
C MET F 224 30.11 0.40 -17.35
N ALA F 225 29.40 -0.22 -16.42
CA ALA F 225 29.70 0.01 -15.00
C ALA F 225 31.08 -0.56 -14.68
N THR F 226 31.36 -1.69 -15.24
CA THR F 226 32.62 -2.37 -14.84
C THR F 226 33.83 -1.65 -15.47
N GLN F 227 33.67 -1.11 -16.68
CA GLN F 227 34.82 -0.50 -17.41
C GLN F 227 34.97 1.01 -17.30
N SER F 228 33.91 1.74 -17.00
CA SER F 228 33.92 3.19 -17.16
C SER F 228 34.66 3.93 -16.09
N GLY F 229 34.93 3.31 -14.99
CA GLY F 229 35.45 4.06 -13.87
C GLY F 229 34.45 5.09 -13.24
N LYS F 230 33.14 4.95 -13.52
CA LYS F 230 32.18 5.93 -12.98
C LYS F 230 31.29 5.37 -11.91
N HIS F 231 30.84 6.24 -11.03
CA HIS F 231 29.80 5.88 -10.07
C HIS F 231 28.51 5.59 -10.84
N PRO F 232 27.68 4.61 -10.37
CA PRO F 232 26.45 4.34 -11.08
C PRO F 232 25.53 5.51 -11.21
N GLY F 233 25.52 6.38 -10.22
CA GLY F 233 24.79 7.68 -10.30
C GLY F 233 25.19 8.57 -11.47
N GLN F 234 26.48 8.58 -11.76
N GLN F 234 26.48 8.59 -11.76
CA GLN F 234 26.98 9.33 -12.86
CA GLN F 234 27.03 9.32 -12.87
C GLN F 234 26.57 8.70 -14.19
C GLN F 234 26.59 8.70 -14.18
N LEU F 235 26.60 7.38 -14.23
CA LEU F 235 26.15 6.67 -15.40
C LEU F 235 24.71 6.92 -15.65
N LYS F 236 23.87 6.90 -14.58
CA LYS F 236 22.47 7.20 -14.75
C LYS F 236 22.29 8.66 -15.25
N ASP F 237 23.13 9.57 -14.72
CA ASP F 237 23.08 10.98 -15.19
C ASP F 237 23.44 11.10 -16.69
N ASP F 238 24.39 10.32 -17.13
CA ASP F 238 24.80 10.34 -18.51
C ASP F 238 23.68 9.98 -19.47
N VAL F 239 22.77 9.08 -19.10
CA VAL F 239 21.75 8.63 -20.03
C VAL F 239 20.38 9.25 -19.83
N THR F 240 20.20 10.04 -18.77
CA THR F 240 18.90 10.55 -18.47
C THR F 240 18.70 11.98 -19.12
N SER F 241 18.44 12.03 -20.41
N SER F 241 18.49 12.03 -20.42
CA SER F 241 18.27 13.31 -21.06
CA SER F 241 18.39 13.33 -21.06
C SER F 241 17.10 14.09 -20.53
C SER F 241 17.12 14.09 -20.58
N PRO F 242 17.17 15.43 -20.52
CA PRO F 242 16.03 16.20 -19.96
C PRO F 242 14.70 15.89 -20.57
N GLY F 243 13.73 15.57 -19.73
CA GLY F 243 12.39 15.28 -20.19
C GLY F 243 12.25 14.10 -21.17
N GLY F 244 13.22 13.21 -21.20
CA GLY F 244 13.24 12.18 -22.20
C GLY F 244 12.62 10.82 -21.73
N THR F 245 12.83 9.81 -22.52
CA THR F 245 12.23 8.51 -22.29
C THR F 245 12.90 7.82 -21.07
N THR F 246 14.19 7.97 -20.95
CA THR F 246 14.93 7.36 -19.86
C THR F 246 14.52 7.84 -18.49
N ILE F 247 14.45 9.17 -18.28
CA ILE F 247 14.08 9.73 -17.02
C ILE F 247 12.64 9.37 -16.73
N ALA F 248 11.80 9.25 -17.76
CA ALA F 248 10.42 8.84 -17.51
C ALA F 248 10.42 7.39 -16.87
N GLY F 249 11.21 6.49 -17.42
CA GLY F 249 11.26 5.12 -16.90
C GLY F 249 11.87 5.09 -15.51
N VAL F 250 12.92 5.86 -15.31
CA VAL F 250 13.57 5.97 -14.03
C VAL F 250 12.64 6.54 -12.96
N HIS F 251 11.86 7.56 -13.32
CA HIS F 251 10.89 8.07 -12.42
C HIS F 251 9.85 6.95 -11.96
N GLU F 252 9.40 6.12 -12.87
CA GLU F 252 8.50 5.03 -12.50
C GLU F 252 9.16 4.10 -11.48
N LEU F 253 10.42 3.78 -11.70
CA LEU F 253 11.15 2.95 -10.77
C LEU F 253 11.24 3.61 -9.39
N GLU F 254 11.51 4.90 -9.38
CA GLU F 254 11.63 5.61 -8.12
C GLU F 254 10.29 5.70 -7.41
N LYS F 255 9.23 5.98 -8.13
CA LYS F 255 7.87 6.01 -7.55
C LYS F 255 7.62 4.74 -6.74
N ALA F 256 8.11 3.60 -7.28
CA ALA F 256 7.77 2.30 -6.72
C ALA F 256 8.79 1.85 -5.70
N GLY F 257 9.85 2.63 -5.47
CA GLY F 257 10.82 2.20 -4.45
C GLY F 257 11.71 1.02 -4.93
N PHE F 258 11.99 0.98 -6.21
CA PHE F 258 12.83 -0.04 -6.90
C PHE F 258 14.12 -0.27 -6.15
N ARG F 259 14.83 0.80 -5.86
CA ARG F 259 16.10 0.61 -5.13
C ARG F 259 15.99 -0.04 -3.81
N GLY F 260 15.00 0.37 -2.99
CA GLY F 260 14.78 -0.25 -1.75
C GLY F 260 14.42 -1.73 -1.80
N ILE F 261 13.71 -2.12 -2.86
CA ILE F 261 13.37 -3.52 -3.05
C ILE F 261 14.59 -4.41 -3.25
N LEU F 262 15.51 -3.93 -4.05
CA LEU F 262 16.77 -4.65 -4.26
C LEU F 262 17.61 -4.70 -2.98
N MET F 263 17.64 -3.61 -2.22
CA MET F 263 18.27 -3.61 -0.93
C MET F 263 17.63 -4.64 -0.01
N ASN F 264 16.30 -4.68 0.02
CA ASN F 264 15.61 -5.68 0.79
C ASN F 264 16.03 -7.11 0.46
N ALA F 265 16.16 -7.38 -0.80
CA ALA F 265 16.56 -8.73 -1.25
C ALA F 265 17.92 -9.15 -0.82
N VAL F 266 18.92 -8.23 -0.96
CA VAL F 266 20.23 -8.50 -0.46
C VAL F 266 20.26 -8.71 1.03
N VAL F 267 19.57 -7.84 1.78
CA VAL F 267 19.54 -7.96 3.22
C VAL F 267 18.87 -9.28 3.68
N ALA F 268 17.76 -9.62 3.02
CA ALA F 268 17.07 -10.88 3.39
C ALA F 268 17.93 -12.10 3.10
N ALA F 269 18.57 -12.10 1.92
CA ALA F 269 19.44 -13.20 1.57
C ALA F 269 20.64 -13.36 2.52
N ALA F 270 21.24 -12.24 2.88
CA ALA F 270 22.33 -12.20 3.87
C ALA F 270 21.93 -12.68 5.24
N LYS F 271 20.77 -12.29 5.68
CA LYS F 271 20.20 -12.80 6.94
C LYS F 271 19.92 -14.31 6.92
N ARG F 272 19.39 -14.79 5.79
N ARG F 272 19.39 -14.80 5.80
CA ARG F 272 19.23 -16.22 5.60
CA ARG F 272 19.22 -16.23 5.60
C ARG F 272 20.54 -16.98 5.65
C ARG F 272 20.54 -16.98 5.65
N SER F 273 21.58 -16.39 5.05
CA SER F 273 22.89 -17.00 5.04
C SER F 273 23.39 -17.20 6.46
N GLN F 274 23.25 -16.18 7.23
CA GLN F 274 23.63 -16.19 8.66
C GLN F 274 22.81 -17.20 9.41
N GLU F 275 21.52 -17.27 9.15
CA GLU F 275 20.70 -18.27 9.81
C GLU F 275 21.08 -19.70 9.47
N LEU F 276 21.57 -19.96 8.27
CA LEU F 276 21.88 -21.30 7.84
C LEU F 276 23.28 -21.66 8.31
N SER F 277 23.99 -20.74 8.93
CA SER F 277 25.42 -20.96 9.18
C SER F 277 25.64 -21.79 10.45
N PRO G 10 29.04 50.47 -18.06
CA PRO G 10 28.69 51.45 -17.03
C PRO G 10 28.57 50.74 -15.69
N ALA G 11 29.13 49.55 -15.61
CA ALA G 11 28.97 48.69 -14.44
C ALA G 11 29.53 49.35 -13.20
N ASP G 12 30.68 50.01 -13.36
CA ASP G 12 31.38 50.62 -12.24
C ASP G 12 30.56 51.72 -11.58
N SER G 13 29.85 52.50 -12.38
CA SER G 13 29.13 53.65 -11.85
C SER G 13 27.63 53.67 -12.12
N TYR G 14 27.10 52.64 -12.78
CA TYR G 14 25.69 52.70 -13.17
C TYR G 14 24.80 52.97 -11.95
N THR G 15 23.64 53.59 -12.18
CA THR G 15 22.57 53.71 -11.14
C THR G 15 21.50 52.61 -11.39
N LEU G 16 21.00 52.11 -10.26
CA LEU G 16 20.02 51.06 -10.23
C LEU G 16 18.70 51.55 -9.64
N GLY G 17 17.59 51.21 -10.26
CA GLY G 17 16.29 51.61 -9.74
C GLY G 17 15.41 50.42 -9.52
N PHE G 18 14.69 50.44 -8.42
CA PHE G 18 13.68 49.42 -8.12
C PHE G 18 12.28 49.96 -8.25
N ILE G 19 11.52 49.29 -9.09
CA ILE G 19 10.12 49.49 -9.16
C ILE G 19 9.43 48.38 -8.39
N GLY G 20 8.87 48.77 -7.25
CA GLY G 20 8.21 47.90 -6.29
C GLY G 20 9.19 47.69 -5.15
N ALA G 21 8.99 48.42 -4.05
CA ALA G 21 9.95 48.41 -2.95
C ALA G 21 9.65 47.28 -2.01
N GLY G 22 9.67 46.08 -2.56
CA GLY G 22 9.31 44.89 -1.83
C GLY G 22 10.46 44.27 -1.10
N LYS G 23 10.17 43.16 -0.44
CA LYS G 23 11.19 42.40 0.24
C LYS G 23 12.32 42.05 -0.70
N MET G 24 11.99 41.55 -1.88
CA MET G 24 13.04 41.11 -2.82
C MET G 24 13.92 42.31 -3.22
N ALA G 25 13.31 43.44 -3.48
CA ALA G 25 14.08 44.62 -3.83
C ALA G 25 15.05 44.98 -2.67
N GLU G 26 14.50 44.95 -1.49
CA GLU G 26 15.31 45.25 -0.28
C GLU G 26 16.49 44.28 -0.19
N SER G 27 16.22 43.00 -0.38
CA SER G 27 17.30 41.99 -0.30
C SER G 27 18.40 42.25 -1.32
N ILE G 28 18.01 42.59 -2.52
CA ILE G 28 18.98 42.86 -3.57
C ILE G 28 19.79 44.10 -3.23
N ALA G 29 19.08 45.16 -2.85
CA ALA G 29 19.76 46.42 -2.53
C ALA G 29 20.79 46.20 -1.38
N LYS G 30 20.35 45.51 -0.32
CA LYS G 30 21.26 45.23 0.81
C LYS G 30 22.45 44.38 0.39
N GLY G 31 22.20 43.34 -0.39
CA GLY G 31 23.29 42.52 -0.87
C GLY G 31 24.28 43.32 -1.69
N ALA G 32 23.79 44.14 -2.58
CA ALA G 32 24.65 44.84 -3.51
C ALA G 32 25.52 45.84 -2.70
N VAL G 33 24.90 46.50 -1.74
CA VAL G 33 25.62 47.43 -0.89
C VAL G 33 26.70 46.68 -0.07
N ARG G 34 26.27 45.63 0.62
CA ARG G 34 27.17 44.76 1.45
C ARG G 34 28.36 44.26 0.65
N SER G 35 28.13 43.78 -0.56
CA SER G 35 29.24 43.28 -1.39
C SER G 35 30.10 44.39 -2.04
N GLY G 36 29.69 45.63 -1.90
CA GLY G 36 30.39 46.72 -2.61
C GLY G 36 30.12 46.83 -4.09
N VAL G 37 29.19 46.06 -4.62
CA VAL G 37 28.85 46.17 -6.03
C VAL G 37 28.25 47.55 -6.32
N LEU G 38 27.43 48.02 -5.40
CA LEU G 38 26.78 49.32 -5.48
C LEU G 38 26.95 50.08 -4.14
N SER G 39 26.89 51.40 -4.20
CA SER G 39 26.81 52.25 -3.02
C SER G 39 25.34 52.65 -2.89
N PRO G 40 24.87 52.99 -1.67
CA PRO G 40 23.46 53.40 -1.55
C PRO G 40 23.06 54.62 -2.40
N SER G 41 24.02 55.50 -2.65
CA SER G 41 23.71 56.74 -3.42
C SER G 41 23.39 56.43 -4.88
N ARG G 42 23.80 55.24 -5.32
CA ARG G 42 23.57 54.76 -6.69
C ARG G 42 22.28 53.96 -6.89
N ILE G 43 21.46 53.94 -5.85
CA ILE G 43 20.22 53.18 -5.87
C ILE G 43 19.07 54.13 -5.61
N LYS G 44 17.97 53.93 -6.35
CA LYS G 44 16.70 54.62 -6.08
C LYS G 44 15.52 53.67 -6.08
N THR G 45 14.51 54.01 -5.32
CA THR G 45 13.20 53.37 -5.46
C THR G 45 12.08 54.41 -5.25
N ALA G 46 10.83 53.96 -5.37
CA ALA G 46 9.66 54.77 -4.99
C ALA G 46 8.64 53.91 -4.25
N ILE G 47 7.90 54.50 -3.32
CA ILE G 47 6.97 53.73 -2.51
C ILE G 47 5.51 53.97 -2.88
N HIS G 48 4.82 52.90 -3.26
CA HIS G 48 3.42 52.99 -3.68
C HIS G 48 2.41 53.43 -2.62
N SER G 49 2.52 52.91 -1.40
CA SER G 49 1.59 53.29 -0.34
C SER G 49 2.17 53.34 1.07
N ASN G 50 2.49 52.17 1.63
CA ASN G 50 2.93 52.08 3.01
C ASN G 50 4.27 52.76 3.27
N PRO G 51 4.34 53.49 4.47
CA PRO G 51 5.64 54.16 4.67
C PRO G 51 6.62 53.25 5.37
N ALA G 52 6.17 52.06 5.75
CA ALA G 52 7.03 51.10 6.41
C ALA G 52 8.16 50.77 5.45
N ARG G 53 7.83 50.66 4.17
CA ARG G 53 8.83 50.48 3.13
C ARG G 53 9.80 51.66 3.00
N ARG G 54 9.30 52.90 3.12
CA ARG G 54 10.18 54.08 2.95
C ARG G 54 11.37 53.98 3.91
N THR G 55 11.09 53.61 5.14
CA THR G 55 12.09 53.66 6.23
C THR G 55 13.09 52.52 6.01
N ALA G 56 12.59 51.38 5.53
CA ALA G 56 13.46 50.23 5.17
C ALA G 56 14.57 50.59 4.18
N PHE G 57 14.24 51.41 3.19
CA PHE G 57 15.25 51.85 2.19
C PHE G 57 16.08 53.03 2.67
N GLU G 58 15.41 53.98 3.30
CA GLU G 58 16.11 55.15 3.83
C GLU G 58 17.16 54.70 4.88
N SER G 59 16.85 53.67 5.69
CA SER G 59 17.81 53.18 6.76
C SER G 59 19.05 52.55 6.17
N ILE G 60 19.03 52.21 4.90
CA ILE G 60 20.24 51.72 4.22
C ILE G 60 20.98 52.82 3.52
N GLY G 61 20.46 54.06 3.60
CA GLY G 61 21.06 55.18 2.90
C GLY G 61 20.52 55.41 1.48
N ILE G 62 19.42 54.75 1.13
CA ILE G 62 18.88 54.83 -0.24
C ILE G 62 17.80 55.90 -0.33
N THR G 63 17.91 56.72 -1.36
CA THR G 63 16.88 57.73 -1.65
C THR G 63 15.59 57.16 -2.24
N VAL G 64 14.51 57.51 -1.57
CA VAL G 64 13.16 57.14 -1.95
C VAL G 64 12.47 58.32 -2.66
N LEU G 65 12.20 58.14 -3.95
CA LEU G 65 11.54 59.16 -4.78
C LEU G 65 10.02 59.01 -4.68
N SER G 66 9.32 59.98 -5.26
CA SER G 66 7.87 60.09 -5.13
C SER G 66 7.10 59.36 -6.22
N SER G 67 7.79 59.03 -7.30
CA SER G 67 7.12 58.33 -8.40
C SER G 67 8.01 57.29 -9.09
N ASN G 68 7.35 56.28 -9.63
CA ASN G 68 8.02 55.27 -10.47
C ASN G 68 8.71 55.95 -11.66
N ASP G 69 8.04 56.95 -12.24
CA ASP G 69 8.57 57.69 -13.40
C ASP G 69 9.97 58.24 -13.13
N ASP G 70 10.14 58.87 -11.97
CA ASP G 70 11.43 59.49 -11.58
C ASP G 70 12.53 58.44 -11.30
N VAL G 71 12.12 57.32 -10.73
CA VAL G 71 13.06 56.19 -10.52
C VAL G 71 13.62 55.78 -11.90
N VAL G 72 12.71 55.64 -12.88
CA VAL G 72 13.13 55.19 -14.23
C VAL G 72 14.05 56.21 -14.87
N ARG G 73 13.62 57.48 -14.86
CA ARG G 73 14.45 58.56 -15.40
C ARG G 73 15.85 58.55 -14.86
N ASP G 74 15.98 58.41 -13.55
CA ASP G 74 17.29 58.48 -12.88
C ASP G 74 18.10 57.17 -12.88
N SER G 75 17.59 56.12 -13.49
CA SER G 75 18.29 54.82 -13.47
C SER G 75 18.78 54.32 -14.83
N ASN G 76 20.01 53.79 -14.84
CA ASN G 76 20.54 53.03 -16.01
C ASN G 76 19.98 51.60 -16.12
N VAL G 77 19.76 50.99 -14.96
CA VAL G 77 19.25 49.63 -14.84
C VAL G 77 18.00 49.72 -14.01
N VAL G 78 16.93 49.14 -14.50
CA VAL G 78 15.63 49.16 -13.78
C VAL G 78 15.20 47.71 -13.46
N VAL G 79 14.99 47.46 -12.17
CA VAL G 79 14.49 46.17 -11.73
C VAL G 79 13.03 46.27 -11.34
N PHE G 80 12.21 45.51 -12.00
CA PHE G 80 10.82 45.37 -11.65
C PHE G 80 10.61 44.29 -10.65
N SER G 81 10.14 44.71 -9.48
CA SER G 81 9.95 43.82 -8.33
C SER G 81 8.56 43.95 -7.69
N VAL G 82 7.56 44.23 -8.53
CA VAL G 82 6.15 44.18 -8.11
C VAL G 82 5.59 42.76 -8.27
N LYS G 83 4.43 42.52 -7.68
CA LYS G 83 3.76 41.24 -7.76
C LYS G 83 3.46 40.95 -9.22
N PRO G 84 3.53 39.69 -9.64
CA PRO G 84 3.41 39.38 -11.07
C PRO G 84 2.14 39.90 -11.75
N GLN G 85 1.02 39.77 -11.02
CA GLN G 85 -0.32 40.18 -11.50
C GLN G 85 -0.43 41.71 -11.71
N LEU G 86 0.47 42.47 -11.11
CA LEU G 86 0.50 43.93 -11.30
C LEU G 86 1.50 44.43 -12.36
N LEU G 87 2.36 43.53 -12.84
CA LEU G 87 3.54 43.98 -13.60
C LEU G 87 3.16 44.60 -14.96
N LYS G 88 2.24 43.94 -15.67
CA LYS G 88 1.89 44.37 -17.01
C LYS G 88 1.47 45.87 -17.01
N ASP G 89 0.55 46.21 -16.12
CA ASP G 89 0.04 47.62 -16.07
C ASP G 89 1.14 48.59 -15.66
N VAL G 90 2.00 48.16 -14.74
CA VAL G 90 3.14 48.97 -14.30
C VAL G 90 4.10 49.28 -15.48
N VAL G 91 4.42 48.25 -16.24
CA VAL G 91 5.31 48.41 -17.40
C VAL G 91 4.63 49.30 -18.48
N LEU G 92 3.36 48.99 -18.77
CA LEU G 92 2.60 49.76 -19.78
C LEU G 92 2.55 51.27 -19.39
N LYS G 93 2.30 51.58 -18.12
CA LYS G 93 2.32 53.00 -17.65
C LYS G 93 3.68 53.70 -17.81
N LEU G 94 4.75 52.97 -17.64
CA LEU G 94 6.12 53.52 -17.71
C LEU G 94 6.69 53.53 -19.12
N LYS G 95 5.98 52.89 -20.04
CA LYS G 95 6.53 52.56 -21.35
C LYS G 95 7.25 53.72 -22.10
N PRO G 96 6.64 54.91 -22.12
CA PRO G 96 7.32 56.04 -22.81
C PRO G 96 8.72 56.31 -22.28
N LEU G 97 8.93 56.01 -21.01
CA LEU G 97 10.23 56.23 -20.33
C LEU G 97 11.21 55.07 -20.48
N LEU G 98 10.73 53.95 -20.98
CA LEU G 98 11.56 52.73 -21.08
C LEU G 98 12.44 52.74 -22.31
N THR G 99 13.35 53.69 -22.34
CA THR G 99 14.17 53.91 -23.51
C THR G 99 15.23 52.81 -23.58
N LYS G 100 15.66 52.52 -24.79
CA LYS G 100 16.53 51.39 -25.12
C LYS G 100 17.94 51.47 -24.54
N ASP G 101 18.27 52.60 -23.95
CA ASP G 101 19.54 52.78 -23.26
C ASP G 101 19.48 52.30 -21.81
N LYS G 102 18.27 51.97 -21.35
CA LYS G 102 18.03 51.40 -19.95
C LYS G 102 17.82 49.88 -19.95
N LEU G 103 18.66 49.19 -19.21
CA LEU G 103 18.59 47.73 -19.11
C LEU G 103 17.45 47.44 -18.17
N LEU G 104 16.51 46.66 -18.67
CA LEU G 104 15.36 46.28 -17.83
C LEU G 104 15.54 44.84 -17.29
N VAL G 105 15.08 44.66 -16.06
CA VAL G 105 15.22 43.37 -15.38
C VAL G 105 13.87 43.09 -14.74
N SER G 106 13.38 41.87 -14.89
CA SER G 106 12.20 41.44 -14.12
C SER G 106 12.59 40.32 -13.16
N VAL G 107 12.11 40.40 -11.92
CA VAL G 107 12.21 39.28 -10.96
C VAL G 107 10.86 38.67 -10.71
N ALA G 108 9.85 39.04 -11.52
CA ALA G 108 8.48 38.50 -11.30
C ALA G 108 8.32 37.01 -11.59
N ALA G 109 7.73 36.27 -10.65
CA ALA G 109 7.57 34.82 -10.80
C ALA G 109 6.54 34.54 -11.89
N GLY G 110 6.87 33.58 -12.75
CA GLY G 110 5.91 33.16 -13.78
C GLY G 110 5.66 34.14 -14.97
N ILE G 111 6.37 35.25 -15.06
CA ILE G 111 6.20 36.13 -16.23
C ILE G 111 7.30 35.90 -17.25
N LYS G 112 6.88 35.41 -18.41
CA LYS G 112 7.81 35.09 -19.54
C LYS G 112 8.48 36.30 -20.22
N MET G 113 9.63 36.01 -20.82
CA MET G 113 10.42 37.01 -21.57
C MET G 113 9.65 37.56 -22.76
N LYS G 114 8.92 36.70 -23.45
CA LYS G 114 8.12 37.15 -24.62
C LYS G 114 7.18 38.31 -24.23
N ASP G 115 6.50 38.12 -23.11
CA ASP G 115 5.58 39.12 -22.60
C ASP G 115 6.30 40.38 -22.13
N LEU G 116 7.35 40.19 -21.34
CA LEU G 116 8.16 41.34 -20.86
C LEU G 116 8.54 42.25 -22.04
N GLN G 117 9.03 41.65 -23.10
CA GLN G 117 9.54 42.39 -24.25
C GLN G 117 8.40 43.11 -25.00
N GLU G 118 7.29 42.40 -25.14
CA GLU G 118 6.06 42.95 -25.73
C GLU G 118 5.56 44.15 -24.92
N TRP G 119 5.48 44.01 -23.61
CA TRP G 119 5.00 45.10 -22.78
C TRP G 119 5.90 46.34 -22.85
N ALA G 120 7.21 46.11 -22.80
CA ALA G 120 8.17 47.23 -22.80
C ALA G 120 8.38 47.83 -24.17
N GLY G 121 8.11 47.04 -25.21
CA GLY G 121 8.31 47.46 -26.59
C GLY G 121 9.75 47.37 -27.06
N HIS G 122 10.62 46.77 -26.29
CA HIS G 122 11.97 46.47 -26.78
C HIS G 122 12.51 45.20 -26.07
N GLU G 123 13.71 44.76 -26.47
CA GLU G 123 14.25 43.44 -26.09
C GLU G 123 15.50 43.49 -25.22
N ARG G 124 15.79 44.67 -24.70
CA ARG G 124 16.91 44.84 -23.78
C ARG G 124 16.38 44.59 -22.36
N PHE G 125 16.16 43.30 -22.09
CA PHE G 125 15.43 42.88 -20.93
C PHE G 125 16.12 41.57 -20.47
N ILE G 126 16.29 41.45 -19.17
CA ILE G 126 16.76 40.20 -18.53
C ILE G 126 15.74 39.78 -17.51
N ARG G 127 15.43 38.48 -17.52
CA ARG G 127 14.54 37.90 -16.52
C ARG G 127 15.43 37.17 -15.53
N VAL G 128 15.14 37.38 -14.23
CA VAL G 128 15.75 36.61 -13.18
C VAL G 128 14.65 35.99 -12.33
N MET G 129 14.87 34.73 -12.01
N MET G 129 14.88 34.75 -12.00
CA MET G 129 14.04 34.04 -11.03
CA MET G 129 14.05 34.08 -11.03
C MET G 129 14.92 33.73 -9.84
C MET G 129 14.93 33.74 -9.85
N PRO G 130 14.87 34.57 -8.81
CA PRO G 130 15.53 34.29 -7.55
C PRO G 130 14.66 33.34 -6.70
N ASN G 131 15.05 33.11 -5.46
CA ASN G 131 14.19 32.39 -4.55
C ASN G 131 14.24 33.07 -3.23
N THR G 132 13.53 32.49 -2.31
CA THR G 132 13.30 33.11 -0.99
C THR G 132 14.60 33.35 -0.17
N ALA G 133 15.65 32.55 -0.44
CA ALA G 133 16.85 32.66 0.33
C ALA G 133 17.74 33.89 -0.04
N ALA G 134 17.28 34.70 -0.95
CA ALA G 134 17.83 36.06 -1.19
C ALA G 134 17.99 36.83 0.12
N THR G 135 17.06 36.62 1.05
CA THR G 135 17.05 37.34 2.34
C THR G 135 18.34 37.12 3.13
N VAL G 136 18.90 35.91 3.05
CA VAL G 136 20.13 35.58 3.76
C VAL G 136 21.37 35.45 2.81
N GLY G 137 21.26 35.98 1.61
CA GLY G 137 22.38 35.95 0.66
C GLY G 137 22.69 34.58 0.10
N GLU G 138 21.68 33.67 0.11
CA GLU G 138 21.90 32.32 -0.43
C GLU G 138 20.86 31.94 -1.46
N ALA G 139 20.36 32.92 -2.19
CA ALA G 139 19.46 32.59 -3.31
C ALA G 139 20.06 31.66 -4.33
N ALA G 140 19.18 30.82 -4.92
CA ALA G 140 19.46 30.08 -6.14
C ALA G 140 18.68 30.82 -7.20
N SER G 141 19.42 31.55 -8.05
CA SER G 141 18.80 32.33 -9.08
C SER G 141 19.16 31.87 -10.48
N VAL G 142 18.28 32.15 -11.43
CA VAL G 142 18.56 31.85 -12.82
C VAL G 142 18.16 33.07 -13.65
N MET G 143 18.95 33.34 -14.67
CA MET G 143 18.62 34.43 -15.59
C MET G 143 18.45 33.94 -17.03
N SER G 144 17.54 34.59 -17.76
CA SER G 144 17.40 34.39 -19.21
C SER G 144 17.50 35.78 -19.86
N LEU G 145 18.05 35.77 -21.05
CA LEU G 145 18.33 37.00 -21.77
C LEU G 145 17.31 37.28 -22.83
N GLY G 146 16.85 38.53 -22.86
CA GLY G 146 16.02 38.99 -23.99
C GLY G 146 16.85 39.13 -25.24
N GLY G 147 16.20 39.36 -26.37
CA GLY G 147 16.88 39.36 -27.67
C GLY G 147 17.96 40.43 -27.87
N ALA G 148 17.85 41.54 -27.13
CA ALA G 148 18.83 42.64 -27.24
C ALA G 148 19.66 42.84 -25.99
N ALA G 149 19.52 41.96 -25.02
CA ALA G 149 20.43 41.98 -23.86
C ALA G 149 21.83 41.54 -24.29
N THR G 150 22.84 42.33 -23.96
CA THR G 150 24.22 42.02 -24.35
C THR G 150 24.95 41.16 -23.37
N GLU G 151 26.11 40.68 -23.77
CA GLU G 151 26.95 39.88 -22.85
C GLU G 151 27.37 40.72 -21.64
N GLU G 152 27.58 41.99 -21.86
CA GLU G 152 27.98 42.91 -20.77
C GLU G 152 26.80 43.16 -19.83
N ASP G 153 25.61 43.24 -20.41
CA ASP G 153 24.35 43.35 -19.62
C ASP G 153 24.24 42.10 -18.69
N ALA G 154 24.48 40.90 -19.25
CA ALA G 154 24.43 39.63 -18.53
C ALA G 154 25.44 39.60 -17.38
N ASN G 155 26.65 40.07 -17.65
CA ASN G 155 27.70 40.16 -16.62
C ASN G 155 27.35 41.10 -15.49
N LEU G 156 26.76 42.20 -15.85
CA LEU G 156 26.32 43.15 -14.85
C LEU G 156 25.28 42.47 -13.90
N ILE G 157 24.32 41.79 -14.51
CA ILE G 157 23.24 41.14 -13.73
C ILE G 157 23.83 39.97 -12.90
N SER G 158 24.83 39.30 -13.44
CA SER G 158 25.53 38.21 -12.77
C SER G 158 26.21 38.70 -11.52
N GLN G 159 26.91 39.82 -11.64
CA GLN G 159 27.53 40.50 -10.48
C GLN G 159 26.48 40.95 -9.45
N LEU G 160 25.43 41.59 -9.94
CA LEU G 160 24.37 42.05 -9.06
C LEU G 160 23.73 40.87 -8.24
N PHE G 161 23.28 39.83 -8.94
CA PHE G 161 22.59 38.74 -8.24
C PHE G 161 23.54 37.82 -7.52
N GLY G 162 24.80 37.86 -7.92
CA GLY G 162 25.85 37.14 -7.23
C GLY G 162 26.01 37.69 -5.80
N SER G 163 25.52 38.90 -5.54
CA SER G 163 25.59 39.47 -4.22
C SER G 163 24.53 38.94 -3.26
N ILE G 164 23.54 38.20 -3.75
CA ILE G 164 22.49 37.61 -2.89
C ILE G 164 22.40 36.09 -3.00
N GLY G 165 23.40 35.47 -3.59
CA GLY G 165 23.47 34.01 -3.69
C GLY G 165 24.24 33.63 -4.93
N LYS G 166 23.79 32.59 -5.58
CA LYS G 166 24.40 32.11 -6.81
C LYS G 166 23.47 32.37 -7.91
N ILE G 167 24.04 32.46 -9.09
CA ILE G 167 23.23 32.74 -10.26
C ILE G 167 23.74 31.97 -11.49
N TRP G 168 22.81 31.31 -12.19
CA TRP G 168 23.07 30.55 -13.39
C TRP G 168 22.22 31.08 -14.52
N LYS G 169 22.55 30.65 -15.73
CA LYS G 169 21.88 31.12 -16.96
C LYS G 169 21.10 30.02 -17.53
N ALA G 170 19.93 30.30 -18.04
CA ALA G 170 19.18 29.29 -18.72
C ALA G 170 18.14 29.90 -19.63
N ASP G 171 17.77 29.10 -20.61
CA ASP G 171 16.81 29.51 -21.59
C ASP G 171 15.47 29.71 -20.88
N ASP G 172 14.70 30.66 -21.36
CA ASP G 172 13.40 31.02 -20.78
C ASP G 172 12.44 29.86 -20.77
N LYS G 173 12.56 28.95 -21.72
CA LYS G 173 11.62 27.82 -21.72
C LYS G 173 11.77 26.85 -20.50
N TYR G 174 12.88 26.90 -19.80
CA TYR G 174 13.10 26.06 -18.59
C TYR G 174 12.44 26.63 -17.27
N PHE G 175 11.87 27.83 -17.34
CA PHE G 175 11.53 28.58 -16.10
C PHE G 175 10.35 28.02 -15.30
N ASP G 176 9.38 27.37 -15.93
CA ASP G 176 8.44 26.49 -15.14
C ASP G 176 9.06 25.41 -14.30
N ALA G 177 9.97 24.65 -14.87
CA ALA G 177 10.66 23.62 -14.11
C ALA G 177 11.55 24.24 -13.05
N ILE G 178 12.25 25.31 -13.42
CA ILE G 178 13.10 26.00 -12.39
C ILE G 178 12.21 26.38 -11.21
N THR G 179 11.07 26.92 -11.54
CA THR G 179 10.12 27.38 -10.49
C THR G 179 9.72 26.19 -9.54
N GLY G 180 9.47 25.03 -10.10
CA GLY G 180 9.16 23.83 -9.32
C GLY G 180 10.31 23.27 -8.46
N LEU G 181 11.54 23.58 -8.85
CA LEU G 181 12.74 23.18 -8.18
C LEU G 181 13.33 24.23 -7.22
N SER G 182 13.90 25.31 -7.75
CA SER G 182 14.51 26.29 -6.86
C SER G 182 13.53 27.27 -6.27
N GLY G 183 12.47 27.55 -6.97
CA GLY G 183 11.47 28.44 -6.44
C GLY G 183 10.66 27.81 -5.28
N SER G 184 10.16 26.59 -5.52
CA SER G 184 9.30 25.89 -4.61
C SER G 184 10.10 24.97 -3.64
N GLY G 185 11.26 24.54 -4.03
CA GLY G 185 12.07 23.63 -3.25
C GLY G 185 12.29 24.01 -1.81
N PRO G 186 12.46 25.29 -1.48
CA PRO G 186 12.70 25.59 -0.11
C PRO G 186 11.60 25.02 0.82
N ALA G 187 10.36 25.01 0.38
CA ALA G 187 9.28 24.51 1.24
C ALA G 187 9.46 22.97 1.51
N TYR G 188 9.99 22.28 0.53
CA TYR G 188 10.23 20.83 0.64
C TYR G 188 11.26 20.63 1.74
N ILE G 189 12.26 21.51 1.77
CA ILE G 189 13.29 21.44 2.78
C ILE G 189 12.85 21.93 4.14
N TYR G 190 11.95 22.87 4.20
CA TYR G 190 11.34 23.24 5.48
C TYR G 190 10.56 22.08 6.13
N LEU G 191 9.81 21.38 5.34
CA LEU G 191 9.18 20.15 5.80
C LEU G 191 10.20 19.12 6.24
N ALA G 192 11.32 18.98 5.45
CA ALA G 192 12.34 18.00 5.85
C ALA G 192 12.94 18.33 7.18
N ILE G 193 13.28 19.62 7.39
CA ILE G 193 13.85 20.07 8.60
C ILE G 193 12.96 19.80 9.80
N GLU G 194 11.69 20.10 9.64
CA GLU G 194 10.75 19.86 10.72
C GLU G 194 10.64 18.35 11.02
N ALA G 195 10.62 17.56 9.94
CA ALA G 195 10.47 16.08 10.08
C ALA G 195 11.66 15.48 10.70
N LEU G 196 12.83 15.98 10.35
CA LEU G 196 14.10 15.52 11.00
C LEU G 196 14.12 15.83 12.49
N ALA G 197 13.69 17.03 12.85
CA ALA G 197 13.56 17.40 14.25
C ALA G 197 12.55 16.54 14.97
N ASP G 198 11.41 16.33 14.36
CA ASP G 198 10.41 15.43 14.95
C ASP G 198 10.99 14.03 15.15
N GLY G 199 11.81 13.59 14.14
CA GLY G 199 12.41 12.26 14.23
C GLY G 199 13.35 12.21 15.41
N GLY G 200 14.15 13.27 15.57
CA GLY G 200 15.08 13.33 16.71
C GLY G 200 14.34 13.22 18.04
N VAL G 201 13.27 13.99 18.16
CA VAL G 201 12.40 13.97 19.36
C VAL G 201 11.83 12.56 19.54
N ALA G 202 11.40 11.96 18.43
CA ALA G 202 10.83 10.59 18.53
C ALA G 202 11.90 9.60 19.02
N ALA G 203 13.17 9.88 18.71
CA ALA G 203 14.28 9.10 19.18
C ALA G 203 14.78 9.48 20.54
N GLY G 204 14.23 10.50 21.19
CA GLY G 204 14.54 10.82 22.55
C GLY G 204 15.23 12.18 22.77
N LEU G 205 15.46 12.96 21.71
CA LEU G 205 16.13 14.21 21.85
C LEU G 205 15.22 15.32 22.40
N PRO G 206 15.78 16.25 23.18
CA PRO G 206 15.05 17.50 23.43
C PRO G 206 14.75 18.25 22.12
N ARG G 207 13.63 18.96 22.09
CA ARG G 207 13.19 19.64 20.90
C ARG G 207 14.14 20.72 20.43
N ASP G 208 14.65 21.59 21.33
CA ASP G 208 15.49 22.65 20.83
C ASP G 208 16.77 22.12 20.18
N LEU G 209 17.36 21.11 20.80
CA LEU G 209 18.55 20.49 20.23
C LEU G 209 18.21 19.82 18.89
N ALA G 210 17.08 19.12 18.85
CA ALA G 210 16.70 18.40 17.67
C ALA G 210 16.53 19.33 16.47
N LEU G 211 15.89 20.44 16.71
CA LEU G 211 15.71 21.42 15.67
C LEU G 211 17.02 22.12 15.24
N SER G 212 17.86 22.48 16.22
CA SER G 212 19.15 23.01 15.90
C SER G 212 19.98 22.08 15.10
N LEU G 213 20.02 20.81 15.54
CA LEU G 213 20.75 19.79 14.79
C LEU G 213 20.20 19.60 13.37
N ALA G 214 18.89 19.52 13.26
CA ALA G 214 18.27 19.34 11.94
C ALA G 214 18.70 20.41 10.97
N SER G 215 18.56 21.68 11.38
CA SER G 215 18.86 22.76 10.43
C SER G 215 20.35 22.77 10.05
N GLN G 216 21.21 22.58 11.04
CA GLN G 216 22.64 22.67 10.78
C GLN G 216 23.13 21.45 9.98
N THR G 217 22.48 20.30 10.18
CA THR G 217 22.80 19.11 9.42
C THR G 217 22.46 19.31 7.95
N VAL G 218 21.28 19.87 7.68
CA VAL G 218 20.90 20.18 6.29
C VAL G 218 21.86 21.20 5.67
N LEU G 219 22.13 22.28 6.41
CA LEU G 219 23.10 23.31 5.93
C LEU G 219 24.47 22.65 5.58
N GLY G 220 24.97 21.86 6.50
CA GLY G 220 26.28 21.23 6.30
C GLY G 220 26.36 20.31 5.14
N ALA G 221 25.35 19.44 5.03
CA ALA G 221 25.32 18.51 3.87
C ALA G 221 25.23 19.28 2.55
N ALA G 222 24.36 20.29 2.50
CA ALA G 222 24.23 21.05 1.27
C ALA G 222 25.59 21.83 0.94
N SER G 223 26.27 22.27 1.98
CA SER G 223 27.59 22.91 1.81
C SER G 223 28.65 21.95 1.28
N MET G 224 28.59 20.71 1.75
CA MET G 224 29.43 19.66 1.15
C MET G 224 29.10 19.47 -0.34
N ALA G 225 27.81 19.44 -0.68
CA ALA G 225 27.40 19.20 -2.05
C ALA G 225 27.82 20.38 -2.94
N THR G 226 27.66 21.57 -2.42
CA THR G 226 28.02 22.78 -3.22
C THR G 226 29.56 22.93 -3.40
N GLN G 227 30.35 22.56 -2.41
CA GLN G 227 31.80 22.81 -2.47
C GLN G 227 32.68 21.63 -2.86
N SER G 228 32.22 20.40 -2.73
CA SER G 228 33.07 19.23 -2.85
C SER G 228 33.44 18.89 -4.28
N GLY G 229 32.67 19.33 -5.23
CA GLY G 229 32.83 18.83 -6.59
C GLY G 229 32.35 17.35 -6.80
N LYS G 230 31.63 16.76 -5.84
CA LYS G 230 31.27 15.33 -5.98
C LYS G 230 29.81 15.11 -6.40
N HIS G 231 29.56 14.01 -7.06
CA HIS G 231 28.20 13.55 -7.31
C HIS G 231 27.55 13.26 -5.95
N PRO G 232 26.26 13.61 -5.80
CA PRO G 232 25.58 13.23 -4.50
C PRO G 232 25.60 11.76 -4.11
N GLY G 233 25.58 10.87 -5.07
CA GLY G 233 25.84 9.45 -4.84
C GLY G 233 27.17 9.09 -4.21
N GLN G 234 28.21 9.82 -4.64
N GLN G 234 28.22 9.82 -4.64
CA GLN G 234 29.51 9.63 -4.04
CA GLN G 234 29.55 9.65 -4.04
C GLN G 234 29.53 10.14 -2.61
C GLN G 234 29.53 10.13 -2.61
N LEU G 235 28.94 11.31 -2.40
CA LEU G 235 28.82 11.83 -1.07
C LEU G 235 28.11 10.84 -0.13
N LYS G 236 27.03 10.26 -0.61
CA LYS G 236 26.30 9.24 0.19
C LYS G 236 27.14 8.04 0.44
N ASP G 237 27.97 7.65 -0.58
CA ASP G 237 28.93 6.57 -0.34
C ASP G 237 29.94 6.93 0.73
N ASP G 238 30.41 8.16 0.74
CA ASP G 238 31.44 8.57 1.67
C ASP G 238 30.97 8.43 3.11
N VAL G 239 29.66 8.62 3.38
CA VAL G 239 29.16 8.57 4.78
C VAL G 239 28.45 7.29 5.17
N THR G 240 28.28 6.35 4.27
CA THR G 240 27.57 5.16 4.62
C THR G 240 28.51 4.01 5.01
N SER G 241 28.97 4.03 6.24
N SER G 241 29.00 4.05 6.24
CA SER G 241 29.87 2.96 6.69
CA SER G 241 29.95 3.01 6.67
C SER G 241 29.21 1.61 6.67
C SER G 241 29.25 1.63 6.71
N PRO G 242 30.02 0.55 6.50
CA PRO G 242 29.43 -0.79 6.45
C PRO G 242 28.57 -1.16 7.64
N GLY G 243 27.35 -1.62 7.39
CA GLY G 243 26.46 -1.99 8.46
C GLY G 243 26.21 -0.94 9.55
N GLY G 244 26.45 0.31 9.25
CA GLY G 244 26.34 1.36 10.25
C GLY G 244 24.98 2.06 10.37
N THR G 245 24.97 3.13 11.17
CA THR G 245 23.72 3.88 11.43
C THR G 245 23.22 4.54 10.14
N THR G 246 24.14 5.07 9.35
CA THR G 246 23.76 5.88 8.19
C THR G 246 23.07 5.06 7.19
N ILE G 247 23.65 3.90 6.84
CA ILE G 247 22.99 3.03 5.88
C ILE G 247 21.68 2.50 6.39
N ALA G 248 21.56 2.31 7.68
CA ALA G 248 20.23 1.87 8.24
C ALA G 248 19.15 2.90 7.99
N GLY G 249 19.52 4.12 8.13
CA GLY G 249 18.60 5.22 7.86
C GLY G 249 18.31 5.37 6.40
N VAL G 250 19.34 5.29 5.59
CA VAL G 250 19.14 5.38 4.14
C VAL G 250 18.23 4.26 3.67
N HIS G 251 18.44 3.05 4.19
CA HIS G 251 17.60 1.98 3.79
C HIS G 251 16.12 2.29 4.11
N GLU G 252 15.80 2.92 5.21
CA GLU G 252 14.40 3.24 5.47
C GLU G 252 13.89 4.19 4.41
N LEU G 253 14.73 5.14 4.00
CA LEU G 253 14.32 6.09 2.97
C LEU G 253 14.00 5.38 1.69
N GLU G 254 14.87 4.43 1.32
CA GLU G 254 14.68 3.69 0.09
C GLU G 254 13.46 2.78 0.14
N LYS G 255 13.25 2.10 1.24
CA LYS G 255 12.01 1.27 1.42
C LYS G 255 10.76 2.06 1.06
N ALA G 256 10.78 3.34 1.39
CA ALA G 256 9.55 4.17 1.29
C ALA G 256 9.46 4.90 -0.02
N GLY G 257 10.53 4.85 -0.85
CA GLY G 257 10.51 5.53 -2.12
C GLY G 257 10.73 7.03 -1.98
N PHE G 258 11.51 7.40 -1.00
CA PHE G 258 11.86 8.82 -0.72
C PHE G 258 12.22 9.60 -1.93
N ARG G 259 13.14 9.06 -2.76
CA ARG G 259 13.58 9.77 -3.92
C ARG G 259 12.46 10.06 -4.88
N GLY G 260 11.63 9.04 -5.12
CA GLY G 260 10.53 9.23 -6.01
C GLY G 260 9.54 10.30 -5.51
N ILE G 261 9.41 10.41 -4.23
CA ILE G 261 8.44 11.41 -3.64
C ILE G 261 8.90 12.84 -3.90
N LEU G 262 10.20 13.08 -3.73
CA LEU G 262 10.77 14.34 -4.11
C LEU G 262 10.68 14.64 -5.59
N MET G 263 10.88 13.60 -6.41
CA MET G 263 10.68 13.77 -7.86
C MET G 263 9.22 14.18 -8.15
N ASN G 264 8.28 13.50 -7.52
CA ASN G 264 6.86 13.84 -7.61
C ASN G 264 6.56 15.27 -7.28
N ALA G 265 7.19 15.79 -6.25
CA ALA G 265 6.96 17.18 -5.83
C ALA G 265 7.47 18.17 -6.85
N VAL G 266 8.69 17.98 -7.36
CA VAL G 266 9.23 18.85 -8.36
C VAL G 266 8.36 18.81 -9.62
N VAL G 267 7.98 17.61 -10.04
CA VAL G 267 7.19 17.48 -11.23
C VAL G 267 5.81 18.16 -11.08
N ALA G 268 5.16 17.93 -9.94
CA ALA G 268 3.86 18.52 -9.69
C ALA G 268 3.92 20.04 -9.65
N ALA G 269 4.94 20.57 -8.98
CA ALA G 269 5.12 22.01 -8.90
C ALA G 269 5.39 22.61 -10.29
N ALA G 270 6.28 21.97 -11.06
CA ALA G 270 6.52 22.40 -12.44
C ALA G 270 5.28 22.40 -13.36
N LYS G 271 4.48 21.36 -13.25
CA LYS G 271 3.22 21.30 -13.94
C LYS G 271 2.23 22.42 -13.52
N ARG G 272 2.14 22.66 -12.23
N ARG G 272 2.14 22.66 -12.23
CA ARG G 272 1.32 23.75 -11.73
CA ARG G 272 1.31 23.75 -11.73
C ARG G 272 1.80 25.10 -12.29
C ARG G 272 1.80 25.10 -12.29
N SER G 273 3.10 25.27 -12.34
CA SER G 273 3.69 26.48 -12.87
C SER G 273 3.23 26.71 -14.32
N GLN G 274 3.28 25.66 -15.08
CA GLN G 274 2.85 25.69 -16.48
C GLN G 274 1.38 26.02 -16.54
N GLU G 275 0.59 25.37 -15.73
CA GLU G 275 -0.86 25.63 -15.72
C GLU G 275 -1.18 27.05 -15.37
N LEU G 276 -0.39 27.67 -14.51
CA LEU G 276 -0.68 29.04 -14.08
C LEU G 276 -0.17 30.08 -15.09
N SER G 277 0.54 29.66 -16.12
CA SER G 277 1.30 30.56 -16.93
C SER G 277 0.40 31.17 -18.00
N ILE H 6 42.61 18.10 37.75
CA ILE H 6 42.46 19.14 38.82
C ILE H 6 42.93 20.57 38.38
N ILE H 7 44.05 20.72 37.66
CA ILE H 7 44.61 22.07 37.34
C ILE H 7 43.96 22.65 36.06
N PRO H 8 43.54 23.93 36.07
CA PRO H 8 42.95 24.47 34.83
C PRO H 8 43.94 24.40 33.66
N ILE H 9 43.42 24.11 32.48
CA ILE H 9 44.22 24.08 31.28
C ILE H 9 44.43 25.57 30.90
N PRO H 10 45.68 26.01 30.70
CA PRO H 10 45.89 27.45 30.35
C PRO H 10 45.22 27.82 29.01
N ALA H 11 44.19 28.61 29.12
CA ALA H 11 43.26 28.87 28.00
C ALA H 11 43.99 29.42 26.76
N ASP H 12 45.04 30.20 26.96
CA ASP H 12 45.71 30.96 25.85
C ASP H 12 46.96 30.31 25.36
N SER H 13 47.44 29.30 26.08
CA SER H 13 48.76 28.73 25.71
C SER H 13 48.79 27.21 25.75
N TYR H 14 47.65 26.57 25.89
CA TYR H 14 47.67 25.15 25.96
C TYR H 14 48.13 24.52 24.67
N THR H 15 48.70 23.33 24.79
CA THR H 15 49.09 22.54 23.64
C THR H 15 48.07 21.37 23.43
N LEU H 16 47.89 21.02 22.16
CA LEU H 16 46.86 20.06 21.69
C LEU H 16 47.52 18.94 20.97
N GLY H 17 47.16 17.73 21.34
CA GLY H 17 47.66 16.57 20.65
C GLY H 17 46.55 15.73 20.03
N PHE H 18 46.76 15.31 18.80
CA PHE H 18 45.87 14.32 18.15
C PHE H 18 46.45 12.95 18.12
N ILE H 19 45.68 12.01 18.65
CA ILE H 19 45.99 10.60 18.54
C ILE H 19 45.05 10.08 17.48
N GLY H 20 45.64 9.74 16.35
CA GLY H 20 44.97 9.32 15.13
C GLY H 20 44.94 10.49 14.19
N ALA H 21 45.85 10.52 13.24
CA ALA H 21 46.00 11.66 12.35
C ALA H 21 45.13 11.53 11.11
N GLY H 22 43.84 11.37 11.33
CA GLY H 22 42.87 11.17 10.29
C GLY H 22 42.30 12.42 9.67
N LYS H 23 41.24 12.24 8.88
CA LYS H 23 40.53 13.33 8.29
C LYS H 23 39.90 14.30 9.32
N MET H 24 39.28 13.75 10.33
CA MET H 24 38.62 14.57 11.33
C MET H 24 39.67 15.37 12.12
N ALA H 25 40.76 14.72 12.47
CA ALA H 25 41.86 15.44 13.17
C ALA H 25 42.35 16.62 12.33
N GLU H 26 42.54 16.34 11.06
CA GLU H 26 42.99 17.37 10.12
C GLU H 26 42.00 18.52 10.06
N SER H 27 40.72 18.19 9.95
CA SER H 27 39.71 19.26 9.91
C SER H 27 39.74 20.10 11.14
N ILE H 28 39.93 19.45 12.29
CA ILE H 28 39.94 20.24 13.56
C ILE H 28 41.20 21.11 13.66
N ALA H 29 42.33 20.52 13.36
CA ALA H 29 43.62 21.25 13.38
C ALA H 29 43.57 22.47 12.45
N LYS H 30 43.09 22.28 11.23
CA LYS H 30 42.94 23.38 10.29
C LYS H 30 42.04 24.46 10.73
N GLY H 31 40.88 24.04 11.24
CA GLY H 31 39.95 24.99 11.75
C GLY H 31 40.55 25.79 12.87
N ALA H 32 41.19 25.12 13.80
CA ALA H 32 41.70 25.81 14.99
C ALA H 32 42.84 26.81 14.61
N VAL H 33 43.69 26.39 13.68
CA VAL H 33 44.73 27.29 13.13
C VAL H 33 44.10 28.52 12.37
N ARG H 34 43.19 28.21 11.45
CA ARG H 34 42.44 29.24 10.68
C ARG H 34 41.79 30.26 11.58
N SER H 35 41.11 29.82 12.62
CA SER H 35 40.39 30.74 13.51
C SER H 35 41.30 31.47 14.49
N GLY H 36 42.57 31.11 14.51
CA GLY H 36 43.48 31.67 15.50
C GLY H 36 43.33 31.11 16.91
N VAL H 37 42.51 30.10 17.09
CA VAL H 37 42.38 29.50 18.44
C VAL H 37 43.70 28.91 18.87
N LEU H 38 44.38 28.29 17.92
CA LEU H 38 45.67 27.66 18.13
C LEU H 38 46.62 28.12 17.02
N SER H 39 47.92 28.04 17.31
N SER H 39 47.90 28.03 17.31
CA SER H 39 48.99 28.17 16.32
CA SER H 39 48.95 28.16 16.32
C SER H 39 49.47 26.77 15.98
C SER H 39 49.44 26.76 15.98
N PRO H 40 50.03 26.56 14.78
CA PRO H 40 50.51 25.22 14.46
C PRO H 40 51.57 24.68 15.43
N SER H 41 52.33 25.58 16.04
CA SER H 41 53.43 25.15 16.95
C SER H 41 52.91 24.56 18.25
N ARG H 42 51.65 24.84 18.55
CA ARG H 42 50.99 24.30 19.70
C ARG H 42 50.26 22.96 19.47
N ILE H 43 50.38 22.39 18.28
CA ILE H 43 49.68 21.17 17.93
C ILE H 43 50.72 20.11 17.61
N LYS H 44 50.46 18.90 18.08
CA LYS H 44 51.24 17.75 17.72
C LYS H 44 50.35 16.57 17.32
N THR H 45 50.88 15.71 16.48
CA THR H 45 50.28 14.39 16.23
C THR H 45 51.37 13.37 15.97
N ALA H 46 50.97 12.12 15.77
CA ALA H 46 51.91 11.07 15.39
C ALA H 46 51.30 10.31 14.24
N ILE H 47 52.11 9.85 13.30
CA ILE H 47 51.56 9.12 12.17
C ILE H 47 51.75 7.62 12.32
N HIS H 48 50.63 6.92 12.42
CA HIS H 48 50.63 5.48 12.60
C HIS H 48 51.22 4.71 11.42
N SER H 49 50.85 5.10 10.21
CA SER H 49 51.29 4.37 9.03
C SER H 49 51.66 5.24 7.82
N ASN H 50 50.65 5.87 7.22
CA ASN H 50 50.80 6.51 5.91
C ASN H 50 51.67 7.75 5.82
N PRO H 51 52.57 7.75 4.75
CA PRO H 51 53.32 9.01 4.60
C PRO H 51 52.42 10.19 4.27
N ALA H 52 51.35 9.94 3.52
CA ALA H 52 50.49 11.00 3.03
C ALA H 52 49.91 11.80 4.20
N ARG H 53 49.57 11.11 5.28
CA ARG H 53 49.10 11.80 6.47
C ARG H 53 50.17 12.72 7.04
N ARG H 54 51.43 12.28 7.06
CA ARG H 54 52.51 13.11 7.59
C ARG H 54 52.51 14.49 6.90
N THR H 55 52.35 14.46 5.59
CA THR H 55 52.56 15.65 4.78
C THR H 55 51.35 16.58 4.96
N ALA H 56 50.17 16.00 5.09
CA ALA H 56 48.97 16.74 5.43
C ALA H 56 49.11 17.61 6.67
N PHE H 57 49.72 17.07 7.71
CA PHE H 57 49.93 17.86 8.95
C PHE H 57 51.13 18.79 8.83
N GLU H 58 52.20 18.29 8.23
CA GLU H 58 53.40 19.11 8.10
C GLU H 58 53.09 20.35 7.22
N SER H 59 52.22 20.20 6.19
CA SER H 59 51.82 21.34 5.28
C SER H 59 51.04 22.42 5.98
N ILE H 60 50.51 22.14 7.16
CA ILE H 60 49.89 23.18 7.98
C ILE H 60 50.81 23.73 9.03
N GLY H 61 52.02 23.24 9.09
CA GLY H 61 53.03 23.73 10.04
C GLY H 61 53.08 22.95 11.35
N ILE H 62 52.46 21.77 11.33
CA ILE H 62 52.32 20.98 12.53
C ILE H 62 53.41 19.94 12.59
N THR H 63 54.01 19.83 13.76
CA THR H 63 55.03 18.80 14.02
C THR H 63 54.43 17.41 14.23
N VAL H 64 54.92 16.49 13.43
CA VAL H 64 54.58 15.08 13.50
C VAL H 64 55.64 14.27 14.26
N LEU H 65 55.30 13.80 15.45
CA LEU H 65 56.17 13.02 16.31
C LEU H 65 56.12 11.55 15.90
N SER H 66 56.98 10.77 16.52
CA SER H 66 57.16 9.36 16.14
C SER H 66 56.28 8.40 16.95
N SER H 67 55.75 8.86 18.08
CA SER H 67 54.92 8.00 18.92
C SER H 67 53.75 8.73 19.57
N ASN H 68 52.69 7.97 19.77
CA ASN H 68 51.54 8.45 20.52
C ASN H 68 51.96 8.94 21.91
N ASP H 69 52.89 8.20 22.51
CA ASP H 69 53.37 8.50 23.89
C ASP H 69 53.91 9.88 23.99
N ASP H 70 54.71 10.25 23.01
CA ASP H 70 55.28 11.63 23.00
C ASP H 70 54.26 12.74 22.75
N VAL H 71 53.30 12.44 21.88
CA VAL H 71 52.20 13.39 21.66
C VAL H 71 51.52 13.69 23.03
N VAL H 72 51.19 12.62 23.76
CA VAL H 72 50.49 12.78 25.04
C VAL H 72 51.36 13.57 26.02
N ARG H 73 52.62 13.16 26.16
CA ARG H 73 53.56 13.88 27.07
C ARG H 73 53.61 15.37 26.80
N ASP H 74 53.67 15.73 25.53
CA ASP H 74 53.78 17.14 25.14
C ASP H 74 52.47 17.92 25.10
N SER H 75 51.33 17.29 25.43
CA SER H 75 50.04 17.96 25.26
C SER H 75 49.28 18.17 26.56
N ASN H 76 48.67 19.33 26.71
CA ASN H 76 47.70 19.59 27.77
C ASN H 76 46.30 18.98 27.48
N VAL H 77 45.94 18.97 26.19
CA VAL H 77 44.62 18.46 25.70
C VAL H 77 44.93 17.41 24.64
N VAL H 78 44.34 16.23 24.80
CA VAL H 78 44.59 15.12 23.91
C VAL H 78 43.22 14.70 23.25
N VAL H 79 43.18 14.77 21.91
CA VAL H 79 42.01 14.39 21.12
C VAL H 79 42.24 13.04 20.51
N PHE H 80 41.41 12.08 20.88
CA PHE H 80 41.44 10.73 20.28
C PHE H 80 40.51 10.67 19.07
N SER H 81 41.13 10.45 17.93
CA SER H 81 40.48 10.48 16.63
C SER H 81 40.83 9.28 15.83
N VAL H 82 41.04 8.15 16.52
CA VAL H 82 41.17 6.83 15.83
C VAL H 82 39.75 6.23 15.63
N LYS H 83 39.67 5.27 14.73
CA LYS H 83 38.43 4.53 14.52
C LYS H 83 37.95 3.92 15.82
N PRO H 84 36.62 3.88 16.02
CA PRO H 84 36.11 3.52 17.33
C PRO H 84 36.57 2.15 17.83
N GLN H 85 36.62 1.19 16.91
CA GLN H 85 37.00 -0.19 17.31
C GLN H 85 38.48 -0.29 17.74
N LEU H 86 39.29 0.73 17.48
CA LEU H 86 40.70 0.74 17.89
C LEU H 86 40.95 1.53 19.16
N LEU H 87 39.94 2.28 19.60
CA LEU H 87 40.15 3.28 20.63
C LEU H 87 40.52 2.68 22.03
N LYS H 88 39.79 1.65 22.45
CA LYS H 88 40.01 1.04 23.75
C LYS H 88 41.50 0.65 23.95
N ASP H 89 42.04 -0.08 23.00
CA ASP H 89 43.45 -0.51 23.12
C ASP H 89 44.41 0.67 23.12
N VAL H 90 44.12 1.66 22.30
CA VAL H 90 44.96 2.86 22.21
C VAL H 90 45.01 3.58 23.54
N VAL H 91 43.84 3.76 24.14
CA VAL H 91 43.75 4.42 25.48
C VAL H 91 44.47 3.56 26.57
N LEU H 92 44.21 2.27 26.56
CA LEU H 92 44.83 1.37 27.55
C LEU H 92 46.36 1.41 27.47
N LYS H 93 46.90 1.38 26.25
CA LYS H 93 48.36 1.49 26.05
C LYS H 93 48.94 2.81 26.55
N LEU H 94 48.18 3.87 26.44
CA LEU H 94 48.64 5.22 26.89
C LEU H 94 48.34 5.55 28.36
N LYS H 95 47.59 4.68 29.00
CA LYS H 95 47.00 4.99 30.30
C LYS H 95 47.97 5.58 31.36
N PRO H 96 49.17 4.99 31.53
CA PRO H 96 50.11 5.57 32.51
C PRO H 96 50.42 7.06 32.28
N LEU H 97 50.37 7.49 31.02
CA LEU H 97 50.62 8.90 30.64
C LEU H 97 49.39 9.82 30.76
N LEU H 98 48.22 9.21 30.98
CA LEU H 98 46.96 9.98 30.99
C LEU H 98 46.68 10.55 32.36
N THR H 99 47.52 11.46 32.77
CA THR H 99 47.42 12.03 34.10
C THR H 99 46.29 13.05 34.14
N LYS H 100 45.73 13.25 35.33
CA LYS H 100 44.49 14.04 35.56
C LYS H 100 44.67 15.54 35.27
N ASP H 101 45.89 15.97 35.05
CA ASP H 101 46.15 17.38 34.61
C ASP H 101 45.90 17.58 33.10
N LYS H 102 45.69 16.47 32.36
CA LYS H 102 45.48 16.53 30.91
C LYS H 102 43.99 16.24 30.57
N LEU H 103 43.39 17.17 29.85
CA LEU H 103 41.97 17.07 29.40
C LEU H 103 41.89 16.15 28.21
N LEU H 104 41.13 15.10 28.33
CA LEU H 104 41.02 14.10 27.26
C LEU H 104 39.68 14.32 26.49
N VAL H 105 39.74 14.07 25.18
CA VAL H 105 38.57 14.31 24.27
C VAL H 105 38.49 13.15 23.34
N SER H 106 37.29 12.60 23.18
CA SER H 106 37.08 11.57 22.19
C SER H 106 36.08 12.09 21.12
N VAL H 107 36.43 11.90 19.84
CA VAL H 107 35.47 12.16 18.74
C VAL H 107 34.94 10.86 18.18
N ALA H 108 35.25 9.75 18.81
CA ALA H 108 34.91 8.42 18.27
C ALA H 108 33.39 8.19 18.26
N ALA H 109 32.87 7.84 17.10
CA ALA H 109 31.41 7.58 17.00
C ALA H 109 31.06 6.39 17.91
N GLY H 110 29.98 6.54 18.68
CA GLY H 110 29.37 5.34 19.32
C GLY H 110 30.10 4.91 20.59
N ILE H 111 31.11 5.67 21.05
CA ILE H 111 31.85 5.22 22.31
C ILE H 111 31.41 6.09 23.47
N LYS H 112 30.70 5.49 24.40
CA LYS H 112 30.09 6.20 25.52
C LYS H 112 31.09 6.71 26.57
N MET H 113 30.67 7.74 27.27
CA MET H 113 31.48 8.42 28.29
C MET H 113 31.84 7.44 29.40
N LYS H 114 30.90 6.56 29.78
CA LYS H 114 31.18 5.57 30.84
C LYS H 114 32.43 4.73 30.49
N ASP H 115 32.51 4.30 29.25
CA ASP H 115 33.63 3.52 28.76
C ASP H 115 34.92 4.33 28.66
N LEU H 116 34.82 5.55 28.11
CA LEU H 116 35.97 6.38 28.00
C LEU H 116 36.67 6.55 29.40
N GLN H 117 35.87 6.83 30.39
CA GLN H 117 36.36 7.12 31.74
C GLN H 117 36.99 5.87 32.37
N GLU H 118 36.33 4.75 32.19
CA GLU H 118 36.81 3.43 32.63
C GLU H 118 38.14 3.10 31.99
N TRP H 119 38.26 3.28 30.69
CA TRP H 119 39.53 2.99 30.00
C TRP H 119 40.68 3.89 30.46
N ALA H 120 40.39 5.19 30.58
CA ALA H 120 41.43 6.13 30.94
C ALA H 120 41.80 6.07 32.43
N GLY H 121 40.87 5.61 33.23
CA GLY H 121 40.99 5.60 34.68
C GLY H 121 40.73 6.91 35.37
N HIS H 122 40.18 7.89 34.67
CA HIS H 122 39.71 9.11 35.33
C HIS H 122 38.59 9.77 34.52
N GLU H 123 38.02 10.85 35.06
CA GLU H 123 36.76 11.44 34.55
C GLU H 123 36.90 12.80 33.93
N ARG H 124 38.12 13.19 33.69
CA ARG H 124 38.39 14.45 33.05
C ARG H 124 38.48 14.16 31.56
N PHE H 125 37.27 14.00 31.02
CA PHE H 125 37.08 13.53 29.66
C PHE H 125 35.87 14.24 29.08
N ILE H 126 36.02 14.66 27.83
CA ILE H 126 34.86 15.21 27.05
C ILE H 126 34.68 14.39 25.77
N ARG H 127 33.44 14.04 25.48
CA ARG H 127 33.08 13.34 24.25
C ARG H 127 32.45 14.38 23.33
N VAL H 128 32.91 14.36 22.08
CA VAL H 128 32.30 15.18 21.01
C VAL H 128 31.82 14.21 19.89
N MET H 129 30.62 14.52 19.37
CA MET H 129 30.20 13.82 18.12
C MET H 129 30.05 14.87 17.03
N PRO H 130 31.05 14.98 16.17
CA PRO H 130 30.95 15.93 15.08
C PRO H 130 30.20 15.28 13.94
N ASN H 131 30.15 15.89 12.78
CA ASN H 131 29.68 15.16 11.59
C ASN H 131 30.55 15.48 10.37
N THR H 132 30.16 14.96 9.22
CA THR H 132 31.00 15.00 7.99
C THR H 132 31.26 16.41 7.46
N ALA H 133 30.40 17.37 7.80
CA ALA H 133 30.55 18.72 7.29
C ALA H 133 31.66 19.52 7.97
N ALA H 134 32.33 18.93 8.93
CA ALA H 134 33.52 19.48 9.51
C ALA H 134 34.52 19.92 8.40
N THR H 135 34.54 19.16 7.33
CA THR H 135 35.45 19.38 6.22
C THR H 135 35.27 20.80 5.62
N VAL H 136 34.06 21.34 5.67
CA VAL H 136 33.76 22.68 5.16
C VAL H 136 33.39 23.67 6.24
N GLY H 137 33.76 23.38 7.46
CA GLY H 137 33.52 24.28 8.60
C GLY H 137 32.05 24.42 8.97
N GLU H 138 31.22 23.42 8.59
CA GLU H 138 29.82 23.48 8.91
C GLU H 138 29.30 22.23 9.66
N ALA H 139 30.14 21.68 10.45
CA ALA H 139 29.75 20.57 11.31
C ALA H 139 28.62 20.96 12.24
N ALA H 140 27.80 19.96 12.51
CA ALA H 140 26.86 19.99 13.63
C ALA H 140 27.50 19.04 14.66
N SER H 141 27.99 19.61 15.74
CA SER H 141 28.65 18.83 16.79
C SER H 141 27.95 18.95 18.14
N VAL H 142 28.06 17.89 18.93
CA VAL H 142 27.52 17.92 20.29
C VAL H 142 28.59 17.36 21.24
N MET H 143 28.72 17.98 22.40
CA MET H 143 29.65 17.50 23.44
C MET H 143 28.91 17.05 24.70
N SER H 144 29.44 16.02 25.32
CA SER H 144 29.00 15.59 26.67
C SER H 144 30.22 15.60 27.61
N LEU H 145 29.97 15.92 28.86
CA LEU H 145 31.06 16.09 29.85
C LEU H 145 31.18 14.87 30.75
N GLY H 146 32.38 14.40 30.90
CA GLY H 146 32.69 13.42 31.94
C GLY H 146 32.58 14.05 33.35
N GLY H 147 32.62 13.19 34.35
CA GLY H 147 32.31 13.60 35.75
C GLY H 147 33.28 14.64 36.34
N ALA H 148 34.49 14.70 35.81
CA ALA H 148 35.48 15.71 36.31
C ALA H 148 35.82 16.79 35.30
N ALA H 149 35.14 16.82 34.18
CA ALA H 149 35.37 17.88 33.21
C ALA H 149 34.80 19.15 33.73
N THR H 150 35.60 20.20 33.73
CA THR H 150 35.14 21.49 34.33
C THR H 150 34.42 22.36 33.34
N GLU H 151 33.84 23.44 33.82
CA GLU H 151 33.21 24.43 32.94
C GLU H 151 34.25 25.06 32.00
N GLU H 152 35.44 25.23 32.51
CA GLU H 152 36.50 25.86 31.72
C GLU H 152 36.99 24.88 30.66
N ASP H 153 37.04 23.61 31.02
CA ASP H 153 37.34 22.50 30.06
C ASP H 153 36.33 22.53 28.91
N ALA H 154 35.06 22.64 29.28
CA ALA H 154 33.93 22.71 28.29
C ALA H 154 34.10 23.88 27.34
N ASN H 155 34.40 25.04 27.91
CA ASN H 155 34.59 26.26 27.12
C ASN H 155 35.74 26.11 26.12
N LEU H 156 36.83 25.51 26.57
CA LEU H 156 37.97 25.32 25.75
C LEU H 156 37.55 24.45 24.51
N ILE H 157 36.83 23.37 24.78
CA ILE H 157 36.35 22.43 23.73
C ILE H 157 35.26 23.11 22.83
N SER H 158 34.42 23.92 23.41
CA SER H 158 33.50 24.73 22.55
C SER H 158 34.20 25.55 21.55
N GLN H 159 35.24 26.22 22.04
CA GLN H 159 35.97 27.13 21.16
C GLN H 159 36.63 26.33 20.07
N LEU H 160 37.19 25.21 20.46
CA LEU H 160 37.92 24.38 19.54
C LEU H 160 36.95 23.83 18.40
N PHE H 161 35.83 23.26 18.80
CA PHE H 161 34.87 22.72 17.81
C PHE H 161 33.98 23.78 17.17
N GLY H 162 33.86 24.95 17.84
CA GLY H 162 33.29 26.16 17.21
C GLY H 162 34.04 26.59 15.97
N SER H 163 35.29 26.13 15.85
CA SER H 163 36.08 26.50 14.72
C SER H 163 35.81 25.69 13.49
N ILE H 164 35.04 24.60 13.60
CA ILE H 164 34.65 23.73 12.43
C ILE H 164 33.11 23.58 12.20
N GLY H 165 32.37 24.37 12.90
CA GLY H 165 30.90 24.37 12.76
C GLY H 165 30.30 24.87 14.04
N LYS H 166 29.12 24.34 14.35
CA LYS H 166 28.38 24.73 15.51
C LYS H 166 28.52 23.61 16.49
N ILE H 167 28.42 23.96 17.76
CA ILE H 167 28.63 23.00 18.84
C ILE H 167 27.69 23.25 19.98
N TRP H 168 27.00 22.21 20.37
CA TRP H 168 26.02 22.27 21.46
C TRP H 168 26.46 21.28 22.55
N LYS H 169 25.78 21.32 23.68
CA LYS H 169 26.04 20.41 24.79
C LYS H 169 24.86 19.52 25.04
N ALA H 170 25.09 18.26 25.37
CA ALA H 170 24.02 17.41 25.75
C ALA H 170 24.53 16.25 26.58
N ASP H 171 23.63 15.68 27.33
CA ASP H 171 23.89 14.51 28.11
C ASP H 171 24.28 13.38 27.19
N ASP H 172 25.13 12.52 27.71
CA ASP H 172 25.61 11.40 26.95
C ASP H 172 24.48 10.48 26.49
N LYS H 173 23.41 10.39 27.29
CA LYS H 173 22.40 9.45 26.97
C LYS H 173 21.67 9.79 25.61
N TYR H 174 21.79 11.03 25.15
CA TYR H 174 21.17 11.45 23.89
C TYR H 174 22.00 11.10 22.66
N PHE H 175 23.18 10.55 22.84
CA PHE H 175 24.12 10.45 21.70
C PHE H 175 23.74 9.39 20.62
N ASP H 176 23.04 8.34 21.00
CA ASP H 176 22.50 7.47 19.92
C ASP H 176 21.57 8.20 18.97
N ALA H 177 20.67 9.01 19.51
CA ALA H 177 19.75 9.78 18.72
C ALA H 177 20.49 10.87 17.93
N ILE H 178 21.44 11.54 18.56
CA ILE H 178 22.23 12.54 17.86
C ILE H 178 22.90 11.85 16.62
N THR H 179 23.41 10.64 16.84
CA THR H 179 24.17 9.94 15.77
C THR H 179 23.19 9.72 14.63
N GLY H 180 21.94 9.36 14.95
CA GLY H 180 20.94 9.10 13.90
C GLY H 180 20.43 10.31 13.15
N LEU H 181 20.53 11.48 13.79
CA LEU H 181 20.12 12.77 13.24
C LEU H 181 21.25 13.55 12.58
N SER H 182 22.17 14.10 13.39
CA SER H 182 23.27 14.89 12.79
C SER H 182 24.44 14.09 12.29
N GLY H 183 24.69 12.92 12.83
CA GLY H 183 25.72 12.06 12.29
C GLY H 183 25.37 11.46 10.95
N SER H 184 24.21 10.84 10.89
CA SER H 184 23.74 10.17 9.72
C SER H 184 22.92 10.96 8.76
N GLY H 185 22.27 12.04 9.24
CA GLY H 185 21.44 12.91 8.40
C GLY H 185 22.01 13.44 7.11
N PRO H 186 23.34 13.72 7.06
CA PRO H 186 23.86 14.21 5.79
C PRO H 186 23.52 13.29 4.61
N ALA H 187 23.56 12.00 4.82
CA ALA H 187 23.23 11.07 3.71
C ALA H 187 21.78 11.22 3.22
N TYR H 188 20.86 11.49 4.16
CA TYR H 188 19.48 11.70 3.82
C TYR H 188 19.34 12.93 2.91
N ILE H 189 20.13 13.96 3.20
CA ILE H 189 20.15 15.15 2.39
C ILE H 189 20.89 14.94 1.06
N TYR H 190 21.90 14.08 1.01
CA TYR H 190 22.48 13.70 -0.29
C TYR H 190 21.51 13.00 -1.21
N LEU H 191 20.68 12.09 -0.65
CA LEU H 191 19.58 11.51 -1.37
C LEU H 191 18.62 12.55 -1.87
N ALA H 192 18.25 13.43 -0.97
CA ALA H 192 17.29 14.48 -1.33
C ALA H 192 17.78 15.34 -2.47
N ILE H 193 19.03 15.74 -2.43
CA ILE H 193 19.63 16.54 -3.47
C ILE H 193 19.64 15.84 -4.82
N GLU H 194 20.01 14.59 -4.83
CA GLU H 194 19.95 13.82 -6.06
C GLU H 194 18.55 13.65 -6.60
N ALA H 195 17.59 13.41 -5.68
CA ALA H 195 16.26 13.25 -6.08
C ALA H 195 15.65 14.53 -6.62
N LEU H 196 15.97 15.63 -5.97
CA LEU H 196 15.54 16.94 -6.52
C LEU H 196 16.08 17.21 -7.89
N ALA H 197 17.38 16.94 -8.08
CA ALA H 197 17.97 17.01 -9.41
C ALA H 197 17.34 16.11 -10.45
N ASP H 198 17.12 14.83 -10.09
CA ASP H 198 16.37 13.93 -10.94
C ASP H 198 14.97 14.45 -11.28
N GLY H 199 14.31 15.04 -10.28
CA GLY H 199 13.01 15.62 -10.52
C GLY H 199 13.05 16.76 -11.52
N GLY H 200 14.04 17.62 -11.37
CA GLY H 200 14.23 18.69 -12.33
C GLY H 200 14.44 18.18 -13.73
N VAL H 201 15.28 17.14 -13.86
CA VAL H 201 15.49 16.52 -15.18
C VAL H 201 14.21 15.88 -15.71
N ALA H 202 13.40 15.29 -14.80
CA ALA H 202 12.13 14.71 -15.20
C ALA H 202 11.18 15.79 -15.76
N ALA H 203 11.30 16.96 -15.21
CA ALA H 203 10.51 18.14 -15.61
C ALA H 203 11.13 18.92 -16.75
N GLY H 204 12.23 18.43 -17.33
CA GLY H 204 12.81 19.00 -18.54
C GLY H 204 14.06 19.84 -18.36
N LEU H 205 14.60 19.95 -17.15
CA LEU H 205 15.81 20.69 -16.96
C LEU H 205 17.08 19.97 -17.35
N PRO H 206 18.08 20.73 -17.83
CA PRO H 206 19.38 20.13 -18.05
C PRO H 206 19.94 19.63 -16.74
N ARG H 207 20.70 18.54 -16.80
CA ARG H 207 21.25 17.89 -15.60
C ARG H 207 22.16 18.79 -14.79
N ASP H 208 23.05 19.53 -15.44
N ASP H 208 23.06 19.52 -15.42
CA ASP H 208 24.01 20.32 -14.69
CA ASP H 208 24.02 20.31 -14.68
C ASP H 208 23.35 21.47 -13.96
C ASP H 208 23.32 21.44 -13.94
N LEU H 209 22.36 22.06 -14.58
CA LEU H 209 21.58 23.10 -13.92
C LEU H 209 20.72 22.49 -12.76
N ALA H 210 20.09 21.37 -13.04
CA ALA H 210 19.20 20.72 -12.04
C ALA H 210 19.95 20.43 -10.79
N LEU H 211 21.16 19.89 -10.92
CA LEU H 211 21.97 19.60 -9.74
C LEU H 211 22.49 20.80 -9.04
N SER H 212 22.96 21.79 -9.81
CA SER H 212 23.34 23.09 -9.21
C SER H 212 22.19 23.71 -8.42
N LEU H 213 21.03 23.78 -9.04
CA LEU H 213 19.88 24.38 -8.38
C LEU H 213 19.51 23.60 -7.10
N ALA H 214 19.53 22.28 -7.20
CA ALA H 214 19.15 21.44 -6.07
C ALA H 214 20.00 21.72 -4.89
N SER H 215 21.33 21.70 -5.07
CA SER H 215 22.19 21.87 -3.94
C SER H 215 22.03 23.24 -3.33
N GLN H 216 21.96 24.26 -4.18
CA GLN H 216 21.91 25.63 -3.65
C GLN H 216 20.54 25.91 -3.02
N THR H 217 19.49 25.29 -3.56
CA THR H 217 18.14 25.41 -2.94
C THR H 217 18.11 24.86 -1.50
N VAL H 218 18.73 23.67 -1.35
CA VAL H 218 18.83 23.10 -0.03
C VAL H 218 19.66 24.00 0.91
N LEU H 219 20.80 24.45 0.44
CA LEU H 219 21.67 25.34 1.24
C LEU H 219 20.98 26.62 1.67
N GLY H 220 20.25 27.18 0.74
CA GLY H 220 19.51 28.42 1.04
C GLY H 220 18.39 28.24 2.03
N ALA H 221 17.60 27.18 1.85
CA ALA H 221 16.55 26.93 2.78
C ALA H 221 17.07 26.69 4.21
N ALA H 222 18.16 25.90 4.31
CA ALA H 222 18.71 25.64 5.62
C ALA H 222 19.27 26.91 6.22
N SER H 223 19.84 27.77 5.36
CA SER H 223 20.34 29.10 5.87
C SER H 223 19.22 30.00 6.37
N MET H 224 18.08 29.94 5.71
CA MET H 224 16.87 30.62 6.24
C MET H 224 16.45 30.07 7.58
N ALA H 225 16.44 28.74 7.71
CA ALA H 225 16.03 28.14 8.93
C ALA H 225 17.00 28.51 10.04
N THR H 226 18.27 28.54 9.73
CA THR H 226 19.29 28.77 10.79
C THR H 226 19.27 30.24 11.23
N GLN H 227 19.00 31.15 10.32
CA GLN H 227 19.10 32.59 10.64
C GLN H 227 17.84 33.30 10.95
N SER H 228 16.69 32.79 10.50
CA SER H 228 15.47 33.58 10.53
C SER H 228 14.85 33.71 11.92
N GLY H 229 15.21 32.85 12.83
CA GLY H 229 14.47 32.79 14.07
C GLY H 229 13.02 32.21 13.92
N LYS H 230 12.67 31.57 12.80
CA LYS H 230 11.32 31.15 12.62
C LYS H 230 11.17 29.63 12.72
N HIS H 231 9.99 29.21 13.15
CA HIS H 231 9.68 27.80 13.08
C HIS H 231 9.63 27.36 11.63
N PRO H 232 10.03 26.11 11.33
CA PRO H 232 9.93 25.65 9.93
C PRO H 232 8.59 25.65 9.33
N GLY H 233 7.56 25.49 10.13
CA GLY H 233 6.15 25.63 9.67
C GLY H 233 5.83 27.04 9.20
N GLN H 234 6.37 28.01 9.92
CA GLN H 234 6.16 29.43 9.54
C GLN H 234 6.90 29.73 8.21
N LEU H 235 8.08 29.19 8.06
CA LEU H 235 8.84 29.33 6.83
C LEU H 235 8.10 28.69 5.67
N LYS H 236 7.53 27.52 5.89
CA LYS H 236 6.73 26.88 4.85
C LYS H 236 5.51 27.75 4.52
N ASP H 237 4.85 28.31 5.56
CA ASP H 237 3.72 29.21 5.32
C ASP H 237 4.12 30.42 4.51
N ASP H 238 5.29 30.97 4.81
CA ASP H 238 5.77 32.17 4.08
C ASP H 238 5.88 31.91 2.57
N VAL H 239 6.25 30.72 2.14
CA VAL H 239 6.46 30.49 0.73
C VAL H 239 5.31 29.81 -0.02
N THR H 240 4.30 29.35 0.70
CA THR H 240 3.24 28.58 0.03
C THR H 240 2.06 29.54 -0.36
N SER H 241 2.24 30.21 -1.49
CA SER H 241 1.19 31.16 -1.91
C SER H 241 -0.09 30.41 -2.30
N PRO H 242 -1.26 31.03 -2.10
CA PRO H 242 -2.52 30.37 -2.38
C PRO H 242 -2.61 29.73 -3.78
N GLY H 243 -2.94 28.44 -3.85
CA GLY H 243 -3.09 27.72 -5.13
C GLY H 243 -1.88 27.71 -6.02
N GLY H 244 -0.71 27.99 -5.47
CA GLY H 244 0.50 28.15 -6.25
C GLY H 244 1.36 26.91 -6.47
N THR H 245 2.52 27.10 -7.07
CA THR H 245 3.34 25.99 -7.41
C THR H 245 3.87 25.29 -6.13
N THR H 246 4.24 26.06 -5.12
CA THR H 246 4.88 25.52 -3.91
C THR H 246 3.90 24.61 -3.13
N ILE H 247 2.67 25.06 -2.90
CA ILE H 247 1.68 24.22 -2.24
C ILE H 247 1.35 23.01 -3.02
N ALA H 248 1.40 23.13 -4.35
CA ALA H 248 1.20 21.90 -5.15
C ALA H 248 2.28 20.84 -4.82
N GLY H 249 3.52 21.27 -4.79
CA GLY H 249 4.60 20.34 -4.48
C GLY H 249 4.53 19.80 -3.09
N VAL H 250 4.22 20.70 -2.15
CA VAL H 250 4.07 20.31 -0.75
C VAL H 250 2.96 19.25 -0.61
N HIS H 251 1.85 19.44 -1.32
CA HIS H 251 0.78 18.52 -1.23
C HIS H 251 1.24 17.13 -1.68
N GLU H 252 2.07 17.04 -2.73
CA GLU H 252 2.55 15.73 -3.14
C GLU H 252 3.37 15.09 -2.06
N LEU H 253 4.18 15.89 -1.37
CA LEU H 253 4.95 15.33 -0.29
C LEU H 253 4.05 14.75 0.82
N GLU H 254 3.02 15.54 1.19
CA GLU H 254 2.12 15.15 2.26
C GLU H 254 1.35 13.92 1.87
N LYS H 255 0.86 13.85 0.62
CA LYS H 255 0.13 12.65 0.15
CA LYS H 255 0.13 12.65 0.15
C LYS H 255 0.93 11.39 0.43
N ALA H 256 2.20 11.50 0.27
CA ALA H 256 3.07 10.34 0.37
C ALA H 256 3.66 10.10 1.75
N GLY H 257 3.40 10.98 2.69
CA GLY H 257 3.93 10.76 4.04
C GLY H 257 5.39 11.06 4.18
N PHE H 258 5.82 12.03 3.44
CA PHE H 258 7.26 12.50 3.39
C PHE H 258 7.83 12.77 4.73
N ARG H 259 7.09 13.49 5.61
CA ARG H 259 7.63 13.73 6.95
C ARG H 259 7.85 12.46 7.71
N GLY H 260 6.89 11.53 7.70
CA GLY H 260 7.03 10.32 8.42
C GLY H 260 8.20 9.46 7.95
N ILE H 261 8.52 9.56 6.72
CA ILE H 261 9.71 8.79 6.12
C ILE H 261 10.99 9.26 6.67
N LEU H 262 11.12 10.56 6.82
CA LEU H 262 12.29 11.11 7.46
C LEU H 262 12.38 10.81 8.92
N MET H 263 11.21 10.82 9.62
CA MET H 263 11.19 10.40 10.99
C MET H 263 11.66 8.94 11.11
N ASN H 264 11.11 8.09 10.27
CA ASN H 264 11.49 6.66 10.25
C ASN H 264 13.02 6.51 10.09
N ALA H 265 13.62 7.30 9.24
CA ALA H 265 15.09 7.20 8.98
C ALA H 265 15.90 7.58 10.24
N VAL H 266 15.52 8.67 10.92
CA VAL H 266 16.19 9.06 12.16
C VAL H 266 16.04 8.00 13.22
N VAL H 267 14.77 7.51 13.44
CA VAL H 267 14.51 6.49 14.39
C VAL H 267 15.30 5.21 14.11
N ALA H 268 15.36 4.80 12.86
CA ALA H 268 16.07 3.56 12.52
C ALA H 268 17.54 3.68 12.72
N ALA H 269 18.08 4.83 12.39
CA ALA H 269 19.51 5.09 12.54
C ALA H 269 19.89 5.17 14.01
N ALA H 270 19.05 5.80 14.81
CA ALA H 270 19.25 5.83 16.28
C ALA H 270 19.20 4.47 16.94
N LYS H 271 18.23 3.66 16.53
N LYS H 271 18.22 3.66 16.54
CA LYS H 271 18.15 2.28 16.97
CA LYS H 271 18.15 2.30 17.00
C LYS H 271 19.38 1.45 16.59
C LYS H 271 19.36 1.45 16.59
N ARG H 272 19.83 1.62 15.38
N ARG H 272 19.84 1.62 15.37
CA ARG H 272 21.06 0.96 14.93
CA ARG H 272 21.09 0.96 14.92
C ARG H 272 22.26 1.38 15.80
C ARG H 272 22.27 1.39 15.80
N SER H 273 22.32 2.67 16.12
CA SER H 273 23.38 3.18 16.98
C SER H 273 23.40 2.47 18.29
N GLN H 274 22.23 2.33 18.88
CA GLN H 274 22.08 1.65 20.14
C GLN H 274 22.48 0.18 20.00
N GLU H 275 22.04 -0.46 18.94
CA GLU H 275 22.38 -1.86 18.73
C GLU H 275 23.87 -2.07 18.55
N LEU H 276 24.59 -1.13 17.97
CA LEU H 276 26.03 -1.27 17.79
C LEU H 276 26.80 -1.06 19.06
N SER H 277 26.06 -0.75 20.09
CA SER H 277 26.34 -0.61 21.49
C SER H 277 26.37 0.87 21.70
N ILE I 6 -29.79 54.04 -1.90
CA ILE I 6 -28.98 53.32 -0.88
C ILE I 6 -28.92 54.24 0.37
N ILE I 7 -30.01 54.24 1.15
CA ILE I 7 -30.06 54.95 2.46
C ILE I 7 -29.40 54.03 3.53
N PRO I 8 -28.51 54.60 4.38
CA PRO I 8 -27.89 53.74 5.41
C PRO I 8 -28.94 53.07 6.31
N ILE I 9 -28.66 51.85 6.71
CA ILE I 9 -29.57 51.11 7.59
C ILE I 9 -29.31 51.57 8.99
N PRO I 10 -30.35 51.98 9.73
CA PRO I 10 -30.11 52.49 11.09
C PRO I 10 -29.52 51.42 11.99
N ALA I 11 -28.26 51.63 12.35
CA ALA I 11 -27.45 50.59 12.98
C ALA I 11 -28.08 50.04 14.27
N ASP I 12 -28.78 50.88 15.02
CA ASP I 12 -29.29 50.50 16.37
C ASP I 12 -30.76 50.18 16.40
N SER I 13 -31.45 50.40 15.31
CA SER I 13 -32.88 50.21 15.33
C SER I 13 -33.41 49.43 14.12
N TYR I 14 -32.54 48.88 13.28
CA TYR I 14 -33.02 48.22 12.07
C TYR I 14 -33.84 46.99 12.42
N THR I 15 -34.73 46.65 11.54
CA THR I 15 -35.49 45.41 11.64
C THR I 15 -34.92 44.35 10.65
N LEU I 16 -34.98 43.09 11.08
CA LEU I 16 -34.40 41.97 10.35
C LEU I 16 -35.47 40.96 9.98
N GLY I 17 -35.49 40.54 8.72
CA GLY I 17 -36.46 39.52 8.29
C GLY I 17 -35.76 38.30 7.81
N PHE I 18 -36.28 37.16 8.18
CA PHE I 18 -35.82 35.89 7.59
C PHE I 18 -36.85 35.32 6.60
N ILE I 19 -36.37 35.08 5.40
CA ILE I 19 -37.11 34.31 4.43
C ILE I 19 -36.57 32.87 4.41
N GLY I 20 -37.40 31.96 4.92
CA GLY I 20 -37.05 30.59 5.22
C GLY I 20 -36.76 30.46 6.71
N ALA I 21 -37.74 29.99 7.46
CA ALA I 21 -37.63 29.89 8.91
C ALA I 21 -37.05 28.55 9.33
N GLY I 22 -35.83 28.29 8.88
CA GLY I 22 -35.11 27.05 9.13
C GLY I 22 -34.20 27.09 10.33
N LYS I 23 -33.36 26.07 10.42
CA LYS I 23 -32.42 25.93 11.53
C LYS I 23 -31.44 27.10 11.55
N MET I 24 -30.91 27.48 10.39
CA MET I 24 -29.89 28.52 10.38
C MET I 24 -30.54 29.85 10.77
N ALA I 25 -31.72 30.13 10.22
CA ALA I 25 -32.44 31.37 10.59
C ALA I 25 -32.64 31.43 12.14
N GLU I 26 -33.06 30.30 12.68
CA GLU I 26 -33.26 30.19 14.12
C GLU I 26 -31.96 30.47 14.87
N SER I 27 -30.86 29.85 14.44
CA SER I 27 -29.59 30.09 15.13
C SER I 27 -29.15 31.52 15.10
N ILE I 28 -29.35 32.16 13.95
CA ILE I 28 -28.98 33.58 13.81
C ILE I 28 -29.88 34.48 14.71
N ALA I 29 -31.15 34.23 14.64
CA ALA I 29 -32.10 34.99 15.46
C ALA I 29 -31.73 34.87 16.97
N LYS I 30 -31.56 33.63 17.42
CA LYS I 30 -31.22 33.39 18.82
C LYS I 30 -29.95 34.09 19.21
N GLY I 31 -28.92 33.95 18.36
CA GLY I 31 -27.64 34.58 18.65
C GLY I 31 -27.78 36.10 18.74
N ALA I 32 -28.49 36.68 17.79
CA ALA I 32 -28.58 38.11 17.74
C ALA I 32 -29.35 38.62 19.02
N VAL I 33 -30.37 37.86 19.41
CA VAL I 33 -31.17 38.22 20.63
C VAL I 33 -30.26 38.07 21.88
N ARG I 34 -29.63 36.91 22.01
CA ARG I 34 -28.71 36.63 23.11
C ARG I 34 -27.63 37.67 23.26
N SER I 35 -27.03 38.09 22.16
CA SER I 35 -25.95 39.08 22.25
C SER I 35 -26.46 40.51 22.44
N GLY I 36 -27.77 40.70 22.41
CA GLY I 36 -28.32 42.07 22.45
C GLY I 36 -28.18 42.88 21.17
N VAL I 37 -27.70 42.27 20.09
CA VAL I 37 -27.63 42.99 18.80
C VAL I 37 -29.01 43.34 18.28
N LEU I 38 -29.95 42.44 18.48
CA LEU I 38 -31.36 42.63 18.15
C LEU I 38 -32.26 42.22 19.34
N SER I 39 -33.44 42.77 19.37
CA SER I 39 -34.50 42.33 20.29
C SER I 39 -35.42 41.45 19.46
N PRO I 40 -36.17 40.52 20.08
CA PRO I 40 -37.18 39.77 19.31
C PRO I 40 -38.21 40.60 18.54
N SER I 41 -38.57 41.76 19.06
CA SER I 41 -39.61 42.57 18.41
C SER I 41 -39.12 43.14 17.09
N ARG I 42 -37.80 43.18 16.92
CA ARG I 42 -37.17 43.68 15.70
C ARG I 42 -36.88 42.58 14.62
N ILE I 43 -37.39 41.38 14.85
CA ILE I 43 -37.19 40.27 13.96
C ILE I 43 -38.53 39.75 13.50
N LYS I 44 -38.61 39.43 12.19
CA LYS I 44 -39.79 38.78 11.61
C LYS I 44 -39.42 37.63 10.73
N THR I 45 -40.30 36.65 10.65
CA THR I 45 -40.19 35.62 9.63
C THR I 45 -41.58 35.21 9.16
N ALA I 46 -41.64 34.31 8.18
CA ALA I 46 -42.92 33.76 7.73
C ALA I 46 -42.78 32.28 7.54
N ILE I 47 -43.84 31.54 7.82
CA ILE I 47 -43.78 30.08 7.82
C ILE I 47 -44.38 29.43 6.59
N HIS I 48 -43.68 28.40 6.10
CA HIS I 48 -44.08 27.67 4.90
C HIS I 48 -44.87 26.40 5.28
N SER I 49 -44.49 25.28 4.68
CA SER I 49 -45.18 24.01 4.89
C SER I 49 -45.14 23.50 6.33
N ASN I 50 -44.01 23.69 7.00
CA ASN I 50 -43.82 23.13 8.34
C ASN I 50 -44.40 24.00 9.46
N PRO I 51 -45.38 23.38 10.26
CA PRO I 51 -45.88 24.26 11.33
C PRO I 51 -45.10 24.15 12.63
N ALA I 52 -44.16 23.21 12.67
CA ALA I 52 -43.30 23.05 13.84
C ALA I 52 -42.47 24.31 14.02
N ARG I 53 -42.08 24.90 12.90
CA ARG I 53 -41.23 26.08 12.89
C ARG I 53 -41.88 27.29 13.58
N ARG I 54 -43.18 27.46 13.42
CA ARG I 54 -43.87 28.64 13.96
C ARG I 54 -43.55 28.79 15.46
N THR I 55 -43.57 27.65 16.16
CA THR I 55 -43.44 27.64 17.63
C THR I 55 -42.02 27.94 18.02
N ALA I 56 -41.08 27.40 17.23
CA ALA I 56 -39.65 27.73 17.41
C ALA I 56 -39.32 29.23 17.42
N PHE I 57 -39.93 30.00 16.52
CA PHE I 57 -39.73 31.45 16.50
C PHE I 57 -40.61 32.16 17.53
N GLU I 58 -41.83 31.72 17.64
CA GLU I 58 -42.78 32.40 18.59
C GLU I 58 -42.27 32.26 20.02
N SER I 59 -41.67 31.13 20.31
CA SER I 59 -41.15 30.90 21.65
C SER I 59 -39.92 31.74 22.01
N ILE I 60 -39.32 32.41 21.05
CA ILE I 60 -38.23 33.35 21.30
C ILE I 60 -38.78 34.73 21.36
N GLY I 61 -40.08 34.89 21.18
CA GLY I 61 -40.70 36.22 21.16
C GLY I 61 -40.81 36.87 19.78
N ILE I 62 -40.56 36.08 18.75
CA ILE I 62 -40.53 36.63 17.40
C ILE I 62 -41.88 36.47 16.76
N THR I 63 -42.31 37.54 16.11
CA THR I 63 -43.55 37.50 15.31
C THR I 63 -43.41 36.79 13.95
N VAL I 64 -44.30 35.83 13.76
CA VAL I 64 -44.39 35.05 12.55
C VAL I 64 -45.53 35.57 11.69
N LEU I 65 -45.18 36.15 10.57
CA LEU I 65 -46.16 36.70 9.60
C LEU I 65 -46.66 35.63 8.66
N SER I 66 -47.66 36.01 7.87
CA SER I 66 -48.39 35.04 7.03
C SER I 66 -47.83 34.96 5.60
N SER I 67 -47.00 35.94 5.23
CA SER I 67 -46.34 35.89 3.92
C SER I 67 -44.93 36.45 3.88
N ASN I 68 -44.16 35.92 2.94
CA ASN I 68 -42.81 36.40 2.68
C ASN I 68 -42.87 37.86 2.33
N ASP I 69 -43.90 38.27 1.55
CA ASP I 69 -44.03 39.66 1.13
C ASP I 69 -44.04 40.62 2.33
N ASP I 70 -44.81 40.27 3.33
CA ASP I 70 -44.90 41.12 4.56
C ASP I 70 -43.60 41.18 5.34
N VAL I 71 -42.91 40.05 5.35
CA VAL I 71 -41.58 40.03 6.02
C VAL I 71 -40.67 41.03 5.35
N VAL I 72 -40.64 41.00 4.02
CA VAL I 72 -39.81 41.92 3.25
C VAL I 72 -40.24 43.40 3.53
N ARG I 73 -41.53 43.67 3.40
CA ARG I 73 -42.05 45.06 3.65
C ARG I 73 -41.64 45.61 5.02
N ASP I 74 -41.75 44.77 6.03
CA ASP I 74 -41.43 45.21 7.39
C ASP I 74 -39.96 45.20 7.77
N SER I 75 -39.07 44.81 6.87
CA SER I 75 -37.67 44.61 7.24
C SER I 75 -36.71 45.55 6.48
N ASN I 76 -35.72 46.05 7.21
CA ASN I 76 -34.64 46.82 6.61
C ASN I 76 -33.57 45.89 6.00
N VAL I 77 -33.40 44.75 6.63
CA VAL I 77 -32.36 43.75 6.27
C VAL I 77 -33.10 42.43 6.12
N VAL I 78 -32.92 41.78 4.98
CA VAL I 78 -33.62 40.53 4.68
C VAL I 78 -32.59 39.42 4.47
N VAL I 79 -32.68 38.37 5.29
CA VAL I 79 -31.82 37.23 5.17
C VAL I 79 -32.53 36.11 4.49
N PHE I 80 -31.95 35.65 3.36
CA PHE I 80 -32.48 34.49 2.68
C PHE I 80 -31.82 33.23 3.18
N SER I 81 -32.62 32.37 3.79
CA SER I 81 -32.18 31.16 4.43
C SER I 81 -33.00 29.96 4.04
N VAL I 82 -33.49 29.96 2.82
CA VAL I 82 -34.04 28.73 2.20
C VAL I 82 -32.93 27.86 1.60
N LYS I 83 -33.25 26.60 1.32
CA LYS I 83 -32.34 25.72 0.67
C LYS I 83 -31.93 26.31 -0.70
N PRO I 84 -30.65 26.06 -1.14
CA PRO I 84 -30.13 26.75 -2.25
C PRO I 84 -30.94 26.57 -3.54
N GLN I 85 -31.39 25.37 -3.76
CA GLN I 85 -32.14 25.04 -5.00
C GLN I 85 -33.52 25.73 -5.05
N LEU I 86 -33.98 26.29 -3.94
CA LEU I 86 -35.23 27.04 -3.90
C LEU I 86 -35.05 28.56 -3.96
N LEU I 87 -33.82 29.04 -3.87
CA LEU I 87 -33.61 30.46 -3.64
C LEU I 87 -33.96 31.35 -4.84
N LYS I 88 -33.55 30.93 -6.02
CA LYS I 88 -33.78 31.73 -7.23
C LYS I 88 -35.29 32.09 -7.34
N ASP I 89 -36.15 31.08 -7.24
CA ASP I 89 -37.62 31.33 -7.41
C ASP I 89 -38.18 32.20 -6.33
N VAL I 90 -37.64 32.03 -5.09
CA VAL I 90 -38.08 32.83 -4.00
C VAL I 90 -37.71 34.29 -4.22
N VAL I 91 -36.46 34.53 -4.66
CA VAL I 91 -36.02 35.92 -4.88
C VAL I 91 -36.84 36.56 -6.06
N LEU I 92 -36.96 35.79 -7.11
CA LEU I 92 -37.75 36.30 -8.29
C LEU I 92 -39.18 36.69 -7.87
N LYS I 93 -39.85 35.84 -7.09
CA LYS I 93 -41.21 36.15 -6.61
C LYS I 93 -41.28 37.45 -5.79
N LEU I 94 -40.24 37.73 -4.98
CA LEU I 94 -40.23 38.88 -4.12
C LEU I 94 -39.70 40.13 -4.76
N LYS I 95 -39.15 39.95 -5.96
CA LYS I 95 -38.38 41.02 -6.59
C LYS I 95 -38.99 42.47 -6.55
N PRO I 96 -40.31 42.61 -6.77
CA PRO I 96 -40.92 43.98 -6.78
C PRO I 96 -40.77 44.68 -5.45
N LEU I 97 -40.64 43.88 -4.38
CA LEU I 97 -40.43 44.43 -3.01
C LEU I 97 -38.99 44.66 -2.59
N LEU I 98 -38.05 44.16 -3.41
CA LEU I 98 -36.61 44.22 -3.07
C LEU I 98 -36.05 45.53 -3.48
N THR I 99 -36.51 46.59 -2.85
CA THR I 99 -36.03 47.90 -3.18
C THR I 99 -34.66 48.16 -2.59
N LYS I 100 -33.91 49.08 -3.19
CA LYS I 100 -32.49 49.32 -2.85
C LYS I 100 -32.23 49.88 -1.46
N ASP I 101 -33.29 50.31 -0.77
CA ASP I 101 -33.18 50.77 0.61
C ASP I 101 -33.12 49.59 1.60
N LYS I 102 -33.36 48.37 1.10
CA LYS I 102 -33.23 47.14 1.91
C LYS I 102 -31.94 46.34 1.58
N LEU I 103 -31.16 46.08 2.61
CA LEU I 103 -29.97 45.27 2.48
C LEU I 103 -30.36 43.82 2.40
N LEU I 104 -29.89 43.13 1.36
CA LEU I 104 -30.19 41.67 1.21
C LEU I 104 -28.96 40.83 1.60
N VAL I 105 -29.23 39.66 2.22
CA VAL I 105 -28.19 38.76 2.66
C VAL I 105 -28.61 37.36 2.23
N SER I 106 -27.64 36.58 1.73
CA SER I 106 -27.89 35.16 1.48
C SER I 106 -26.96 34.35 2.32
N VAL I 107 -27.51 33.33 2.98
CA VAL I 107 -26.68 32.30 3.62
C VAL I 107 -26.66 30.99 2.84
N ALA I 108 -27.19 30.98 1.63
CA ALA I 108 -27.31 29.73 0.88
C ALA I 108 -25.98 29.19 0.44
N ALA I 109 -25.75 27.90 0.71
CA ALA I 109 -24.49 27.29 0.29
C ALA I 109 -24.42 27.24 -1.22
N GLY I 110 -23.26 27.64 -1.78
CA GLY I 110 -23.00 27.39 -3.20
C GLY I 110 -23.64 28.40 -4.15
N ILE I 111 -24.34 29.43 -3.67
CA ILE I 111 -24.95 30.38 -4.59
C ILE I 111 -24.10 31.67 -4.67
N LYS I 112 -23.59 31.95 -5.84
CA LYS I 112 -22.64 33.03 -6.06
C LYS I 112 -23.26 34.39 -6.06
N MET I 113 -22.43 35.38 -5.76
CA MET I 113 -22.90 36.77 -5.68
C MET I 113 -23.42 37.22 -7.02
N LYS I 114 -22.73 36.80 -8.08
CA LYS I 114 -23.19 37.22 -9.45
C LYS I 114 -24.66 36.86 -9.69
N ASP I 115 -25.05 35.68 -9.29
CA ASP I 115 -26.40 35.22 -9.41
C ASP I 115 -27.36 35.89 -8.49
N LEU I 116 -26.96 36.03 -7.23
CA LEU I 116 -27.80 36.74 -6.28
C LEU I 116 -28.21 38.14 -6.81
N GLN I 117 -27.23 38.86 -7.32
CA GLN I 117 -27.45 40.24 -7.79
C GLN I 117 -28.39 40.28 -9.04
N GLU I 118 -28.16 39.34 -9.93
CA GLU I 118 -29.00 39.19 -11.11
C GLU I 118 -30.41 38.93 -10.73
N TRP I 119 -30.61 38.02 -9.79
CA TRP I 119 -31.99 37.65 -9.41
C TRP I 119 -32.71 38.82 -8.77
N ALA I 120 -32.02 39.52 -7.89
CA ALA I 120 -32.67 40.57 -7.13
C ALA I 120 -32.81 41.88 -7.98
N GLY I 121 -31.97 42.04 -8.99
CA GLY I 121 -31.97 43.19 -9.85
C GLY I 121 -31.21 44.37 -9.26
N HIS I 122 -30.48 44.15 -8.18
CA HIS I 122 -29.57 45.18 -7.69
C HIS I 122 -28.43 44.54 -6.90
N GLU I 123 -27.48 45.36 -6.46
CA GLU I 123 -26.18 44.88 -5.93
C GLU I 123 -25.96 45.14 -4.47
N ARG I 124 -27.00 45.53 -3.78
CA ARG I 124 -26.92 45.78 -2.34
C ARG I 124 -27.22 44.46 -1.62
N PHE I 125 -26.23 43.59 -1.70
CA PHE I 125 -26.37 42.19 -1.37
C PHE I 125 -25.08 41.78 -0.67
N ILE I 126 -25.23 40.98 0.39
CA ILE I 126 -24.08 40.32 1.05
C ILE I 126 -24.30 38.84 1.12
N ARG I 127 -23.27 38.05 0.74
CA ARG I 127 -23.33 36.62 0.84
C ARG I 127 -22.54 36.24 2.09
N VAL I 128 -23.08 35.32 2.89
CA VAL I 128 -22.39 34.75 4.04
C VAL I 128 -22.40 33.27 3.86
N MET I 129 -21.28 32.63 4.17
CA MET I 129 -21.24 31.17 4.34
C MET I 129 -20.92 30.83 5.78
N PRO I 130 -21.93 30.50 6.61
CA PRO I 130 -21.73 30.10 7.98
C PRO I 130 -21.46 28.62 8.01
N ASN I 131 -21.42 28.02 9.18
CA ASN I 131 -21.34 26.57 9.24
C ASN I 131 -22.19 26.05 10.34
N THR I 132 -22.21 24.75 10.53
CA THR I 132 -23.15 24.07 11.42
C THR I 132 -23.04 24.51 12.89
N ALA I 133 -21.88 25.04 13.30
CA ALA I 133 -21.66 25.39 14.68
C ALA I 133 -22.35 26.67 15.12
N ALA I 134 -23.04 27.32 14.19
CA ALA I 134 -23.90 28.44 14.50
C ALA I 134 -24.84 28.08 15.65
N THR I 135 -25.26 26.83 15.71
CA THR I 135 -26.20 26.33 16.74
C THR I 135 -25.67 26.55 18.15
N VAL I 136 -24.35 26.50 18.33
CA VAL I 136 -23.75 26.74 19.66
C VAL I 136 -22.94 28.04 19.73
N GLY I 137 -23.17 28.94 18.76
CA GLY I 137 -22.49 30.23 18.78
C GLY I 137 -21.01 30.18 18.43
N GLU I 138 -20.58 29.09 17.75
CA GLU I 138 -19.19 28.95 17.39
C GLU I 138 -19.02 28.69 15.86
N ALA I 139 -19.89 29.31 15.07
CA ALA I 139 -19.72 29.26 13.64
C ALA I 139 -18.40 29.86 13.16
N ALA I 140 -17.90 29.30 12.06
CA ALA I 140 -16.83 29.95 11.24
C ALA I 140 -17.56 30.45 10.00
N SER I 141 -17.71 31.77 9.87
CA SER I 141 -18.43 32.38 8.78
C SER I 141 -17.56 33.31 7.93
N VAL I 142 -17.87 33.35 6.64
CA VAL I 142 -17.22 34.32 5.78
C VAL I 142 -18.24 35.07 4.96
N MET I 143 -18.05 36.37 4.83
CA MET I 143 -18.88 37.19 4.01
C MET I 143 -18.18 37.76 2.77
N SER I 144 -18.95 37.97 1.69
CA SER I 144 -18.46 38.65 0.48
C SER I 144 -19.50 39.72 0.16
N LEU I 145 -19.01 40.82 -0.34
CA LEU I 145 -19.86 41.99 -0.60
C LEU I 145 -20.23 42.14 -2.07
N GLY I 146 -21.52 42.36 -2.32
CA GLY I 146 -22.00 42.72 -3.63
C GLY I 146 -21.51 44.13 -4.00
N GLY I 147 -21.72 44.50 -5.25
CA GLY I 147 -21.16 45.77 -5.81
C GLY I 147 -21.68 47.07 -5.15
N ALA I 148 -22.85 47.02 -4.54
CA ALA I 148 -23.39 48.21 -3.86
C ALA I 148 -23.52 48.09 -2.35
N ALA I 149 -23.03 46.99 -1.79
CA ALA I 149 -23.04 46.85 -0.35
C ALA I 149 -22.03 47.85 0.21
N THR I 150 -22.46 48.64 1.17
CA THR I 150 -21.57 49.67 1.76
C THR I 150 -20.76 49.15 2.94
N GLU I 151 -19.78 49.93 3.36
CA GLU I 151 -18.96 49.56 4.50
C GLU I 151 -19.82 49.42 5.75
N GLU I 152 -20.84 50.28 5.85
CA GLU I 152 -21.75 50.26 7.00
C GLU I 152 -22.62 48.99 6.95
N ASP I 153 -23.03 48.60 5.74
CA ASP I 153 -23.78 47.34 5.51
C ASP I 153 -22.91 46.15 6.01
N ALA I 154 -21.64 46.17 5.63
CA ALA I 154 -20.70 45.12 6.01
C ALA I 154 -20.58 45.03 7.54
N ASN I 155 -20.45 46.21 8.17
CA ASN I 155 -20.34 46.25 9.63
C ASN I 155 -21.56 45.71 10.32
N LEU I 156 -22.72 46.06 9.77
CA LEU I 156 -23.98 45.55 10.30
C LEU I 156 -24.03 43.96 10.25
N ILE I 157 -23.58 43.43 9.12
CA ILE I 157 -23.56 41.95 8.95
C ILE I 157 -22.48 41.33 9.82
N SER I 158 -21.34 41.99 9.93
CA SER I 158 -20.27 41.51 10.79
C SER I 158 -20.79 41.38 12.24
N GLN I 159 -21.52 42.40 12.68
CA GLN I 159 -22.07 42.38 14.06
C GLN I 159 -23.05 41.27 14.21
N LEU I 160 -23.90 41.13 13.20
CA LEU I 160 -24.95 40.11 13.24
C LEU I 160 -24.36 38.69 13.30
N PHE I 161 -23.41 38.39 12.40
CA PHE I 161 -22.85 37.05 12.36
C PHE I 161 -21.76 36.83 13.43
N GLY I 162 -21.20 37.93 13.96
CA GLY I 162 -20.38 37.90 15.16
C GLY I 162 -21.15 37.34 16.35
N SER I 163 -22.47 37.40 16.31
CA SER I 163 -23.27 36.90 17.43
C SER I 163 -23.47 35.39 17.40
N ILE I 164 -23.06 34.71 16.32
CA ILE I 164 -23.09 33.23 16.27
C ILE I 164 -21.76 32.57 16.04
N GLY I 165 -20.65 33.32 16.15
CA GLY I 165 -19.33 32.79 15.97
C GLY I 165 -18.40 33.87 15.51
N LYS I 166 -17.41 33.49 14.74
CA LYS I 166 -16.45 34.43 14.15
C LYS I 166 -16.81 34.64 12.69
N ILE I 167 -16.45 35.80 12.18
CA ILE I 167 -16.80 36.19 10.83
C ILE I 167 -15.68 36.96 10.19
N TRP I 168 -15.29 36.48 9.03
CA TRP I 168 -14.23 37.07 8.22
C TRP I 168 -14.81 37.53 6.86
N LYS I 169 -14.02 38.26 6.10
CA LYS I 169 -14.42 38.79 4.78
C LYS I 169 -13.57 38.19 3.72
N ALA I 170 -14.15 37.83 2.58
CA ALA I 170 -13.35 37.33 1.49
C ALA I 170 -14.05 37.48 0.19
N ASP I 171 -13.26 37.52 -0.85
CA ASP I 171 -13.77 37.64 -2.19
C ASP I 171 -14.60 36.40 -2.51
N ASP I 172 -15.59 36.60 -3.33
CA ASP I 172 -16.52 35.51 -3.70
C ASP I 172 -15.79 34.36 -4.36
N LYS I 173 -14.68 34.62 -5.04
CA LYS I 173 -14.03 33.54 -5.76
C LYS I 173 -13.35 32.47 -4.81
N TYR I 174 -13.19 32.81 -3.56
CA TYR I 174 -12.70 31.87 -2.54
C TYR I 174 -13.77 30.93 -1.97
N PHE I 175 -15.04 31.10 -2.34
CA PHE I 175 -16.06 30.44 -1.57
C PHE I 175 -16.16 28.89 -1.80
N ASP I 176 -15.78 28.38 -2.94
CA ASP I 176 -15.73 26.93 -3.11
C ASP I 176 -14.75 26.30 -2.09
N ALA I 177 -13.60 26.91 -1.94
CA ALA I 177 -12.58 26.43 -0.99
C ALA I 177 -13.02 26.65 0.47
N ILE I 178 -13.64 27.79 0.76
CA ILE I 178 -14.22 28.02 2.08
C ILE I 178 -15.22 26.88 2.38
N THR I 179 -16.04 26.58 1.39
CA THR I 179 -17.14 25.57 1.55
C THR I 179 -16.48 24.19 1.90
N GLY I 180 -15.37 23.87 1.27
CA GLY I 180 -14.69 22.61 1.54
C GLY I 180 -13.96 22.55 2.84
N LEU I 181 -13.57 23.69 3.38
CA LEU I 181 -12.85 23.83 4.65
C LEU I 181 -13.77 24.06 5.86
N SER I 182 -14.35 25.26 5.95
CA SER I 182 -15.17 25.56 7.15
C SER I 182 -16.59 25.08 6.98
N GLY I 183 -17.12 24.99 5.75
CA GLY I 183 -18.44 24.43 5.62
C GLY I 183 -18.56 22.92 5.85
N SER I 184 -17.63 22.18 5.27
CA SER I 184 -17.63 20.73 5.34
C SER I 184 -16.79 20.20 6.42
N GLY I 185 -15.79 20.95 6.81
CA GLY I 185 -14.84 20.52 7.84
C GLY I 185 -15.38 19.97 9.14
N PRO I 186 -16.55 20.47 9.61
CA PRO I 186 -17.03 19.87 10.85
C PRO I 186 -17.20 18.38 10.80
N ALA I 187 -17.64 17.86 9.65
CA ALA I 187 -17.80 16.40 9.55
C ALA I 187 -16.45 15.65 9.72
N TYR I 188 -15.37 16.27 9.23
CA TYR I 188 -14.04 15.67 9.33
C TYR I 188 -13.70 15.53 10.80
N ILE I 189 -14.06 16.56 11.56
CA ILE I 189 -13.81 16.55 12.97
C ILE I 189 -14.74 15.63 13.76
N TYR I 190 -15.96 15.48 13.36
CA TYR I 190 -16.82 14.47 13.91
C TYR I 190 -16.29 13.07 13.74
N LEU I 191 -15.79 12.75 12.57
CA LEU I 191 -15.09 11.48 12.34
C LEU I 191 -13.90 11.39 13.31
N ALA I 192 -13.12 12.45 13.41
CA ALA I 192 -11.95 12.44 14.28
C ALA I 192 -12.28 12.20 15.72
N ILE I 193 -13.29 12.88 16.25
CA ILE I 193 -13.81 12.66 17.62
C ILE I 193 -14.27 11.22 17.89
N GLU I 194 -14.97 10.63 16.90
CA GLU I 194 -15.38 9.27 17.06
C GLU I 194 -14.16 8.33 17.06
N ALA I 195 -13.27 8.58 16.06
CA ALA I 195 -12.07 7.73 16.00
C ALA I 195 -11.20 7.81 17.26
N LEU I 196 -11.03 9.01 17.76
CA LEU I 196 -10.28 9.18 19.02
C LEU I 196 -10.88 8.43 20.16
N ALA I 197 -12.20 8.53 20.28
CA ALA I 197 -12.94 7.71 21.25
C ALA I 197 -12.77 6.25 21.07
N ASP I 198 -12.94 5.77 19.84
CA ASP I 198 -12.66 4.36 19.52
C ASP I 198 -11.28 3.93 19.90
N GLY I 199 -10.30 4.82 19.61
CA GLY I 199 -8.93 4.63 20.02
C GLY I 199 -8.76 4.47 21.51
N GLY I 200 -9.44 5.32 22.25
CA GLY I 200 -9.39 5.22 23.72
C GLY I 200 -9.94 3.90 24.20
N VAL I 201 -11.10 3.52 23.66
CA VAL I 201 -11.67 2.20 23.98
C VAL I 201 -10.74 1.07 23.61
N ALA I 202 -10.08 1.21 22.44
CA ALA I 202 -9.13 0.13 21.96
C ALA I 202 -7.96 0.03 22.94
N ALA I 203 -7.62 1.16 23.57
CA ALA I 203 -6.59 1.21 24.60
C ALA I 203 -7.08 0.90 26.00
N GLY I 204 -8.32 0.54 26.20
CA GLY I 204 -8.84 0.06 27.45
C GLY I 204 -9.74 1.00 28.21
N LEU I 205 -10.05 2.16 27.65
CA LEU I 205 -10.98 3.08 28.32
C LEU I 205 -12.47 2.70 28.26
N PRO I 206 -13.24 3.04 29.29
CA PRO I 206 -14.69 3.03 29.16
C PRO I 206 -15.15 4.01 28.05
N ARG I 207 -16.21 3.63 27.36
CA ARG I 207 -16.74 4.42 26.26
C ARG I 207 -17.13 5.83 26.63
N ASP I 208 -17.92 6.01 27.73
CA ASP I 208 -18.34 7.32 28.07
C ASP I 208 -17.22 8.27 28.35
N LEU I 209 -16.23 7.80 29.10
CA LEU I 209 -15.07 8.62 29.40
C LEU I 209 -14.28 8.89 28.09
N ALA I 210 -14.12 7.86 27.26
CA ALA I 210 -13.32 8.03 25.99
C ALA I 210 -13.93 9.08 25.08
N LEU I 211 -15.26 9.08 24.97
CA LEU I 211 -15.93 10.07 24.16
C LEU I 211 -15.88 11.43 24.79
N SER I 212 -16.11 11.51 26.11
CA SER I 212 -15.95 12.82 26.79
C SER I 212 -14.59 13.40 26.64
N LEU I 213 -13.57 12.57 26.85
CA LEU I 213 -12.20 13.03 26.67
C LEU I 213 -11.89 13.45 25.24
N ALA I 214 -12.39 12.66 24.30
CA ALA I 214 -12.15 12.97 22.86
C ALA I 214 -12.67 14.35 22.50
N SER I 215 -13.94 14.59 22.85
CA SER I 215 -14.54 15.92 22.55
C SER I 215 -13.83 17.07 23.23
N GLN I 216 -13.49 16.90 24.50
CA GLN I 216 -12.92 18.03 25.22
C GLN I 216 -11.50 18.24 24.76
N THR I 217 -10.80 17.15 24.41
CA THR I 217 -9.40 17.28 23.88
C THR I 217 -9.35 18.09 22.66
N VAL I 218 -10.25 17.77 21.75
CA VAL I 218 -10.38 18.57 20.51
C VAL I 218 -10.75 20.01 20.78
N LEU I 219 -11.75 20.21 21.64
CA LEU I 219 -12.16 21.60 22.04
C LEU I 219 -11.01 22.40 22.64
N GLY I 220 -10.28 21.75 23.54
CA GLY I 220 -9.13 22.42 24.19
C GLY I 220 -8.02 22.75 23.23
N ALA I 221 -7.68 21.80 22.35
CA ALA I 221 -6.58 22.05 21.43
C ALA I 221 -6.93 23.19 20.46
N ALA I 222 -8.16 23.15 19.96
CA ALA I 222 -8.59 24.24 19.08
C ALA I 222 -8.66 25.59 19.80
N SER I 223 -9.04 25.57 21.07
CA SER I 223 -8.97 26.86 21.87
C SER I 223 -7.56 27.39 22.03
N MET I 224 -6.61 26.48 22.21
CA MET I 224 -5.19 26.88 22.27
C MET I 224 -4.77 27.49 20.97
N ALA I 225 -5.20 26.89 19.85
CA ALA I 225 -4.79 27.39 18.57
C ALA I 225 -5.45 28.78 18.32
N THR I 226 -6.65 28.93 18.79
CA THR I 226 -7.35 30.18 18.59
C THR I 226 -6.78 31.32 19.40
N GLN I 227 -6.38 31.02 20.60
CA GLN I 227 -6.01 32.11 21.58
C GLN I 227 -4.55 32.34 21.72
N SER I 228 -3.71 31.38 21.37
CA SER I 228 -2.32 31.42 21.77
C SER I 228 -1.51 32.37 20.96
N GLY I 229 -1.97 32.72 19.78
CA GLY I 229 -1.08 33.43 18.86
C GLY I 229 0.11 32.60 18.29
N LYS I 230 0.06 31.28 18.43
CA LYS I 230 1.17 30.46 17.95
C LYS I 230 0.83 29.72 16.70
N HIS I 231 1.86 29.47 15.91
CA HIS I 231 1.71 28.56 14.77
C HIS I 231 1.38 27.13 15.29
N PRO I 232 0.56 26.39 14.58
CA PRO I 232 0.28 24.97 15.03
C PRO I 232 1.47 24.11 15.19
N GLY I 233 2.52 24.32 14.38
CA GLY I 233 3.77 23.62 14.56
C GLY I 233 4.47 23.88 15.89
N GLN I 234 4.41 25.12 16.34
CA GLN I 234 4.96 25.53 17.63
C GLN I 234 4.15 24.91 18.79
N LEU I 235 2.86 24.85 18.62
CA LEU I 235 1.97 24.18 19.60
C LEU I 235 2.26 22.68 19.69
N LYS I 236 2.51 22.04 18.54
CA LYS I 236 2.89 20.66 18.53
C LYS I 236 4.23 20.50 19.21
N ASP I 237 5.15 21.42 18.94
CA ASP I 237 6.48 21.34 19.57
C ASP I 237 6.36 21.47 21.11
N ASP I 238 5.48 22.35 21.54
CA ASP I 238 5.28 22.59 22.97
C ASP I 238 4.85 21.30 23.69
N VAL I 239 4.09 20.41 23.04
CA VAL I 239 3.58 19.23 23.74
C VAL I 239 4.33 17.92 23.46
N THR I 240 5.29 17.92 22.55
CA THR I 240 5.96 16.67 22.22
C THR I 240 7.26 16.50 23.04
N SER I 241 7.14 16.00 24.24
CA SER I 241 8.28 15.80 25.08
C SER I 241 9.22 14.70 24.49
N PRO I 242 10.53 14.79 24.78
CA PRO I 242 11.49 13.83 24.21
C PRO I 242 11.17 12.40 24.46
N GLY I 243 11.09 11.61 23.40
CA GLY I 243 10.81 10.19 23.51
C GLY I 243 9.48 9.82 24.20
N GLY I 244 8.56 10.75 24.27
CA GLY I 244 7.37 10.59 25.09
C GLY I 244 6.16 10.00 24.37
N THR I 245 5.01 10.05 25.05
CA THR I 245 3.85 9.42 24.48
C THR I 245 3.34 10.23 23.29
N THR I 246 3.42 11.55 23.38
CA THR I 246 2.86 12.42 22.32
C THR I 246 3.57 12.22 21.00
N ILE I 247 4.88 12.19 21.00
CA ILE I 247 5.61 12.03 19.78
C ILE I 247 5.45 10.64 19.26
N ALA I 248 5.26 9.65 20.13
CA ALA I 248 4.94 8.31 19.63
C ALA I 248 3.63 8.29 18.79
N GLY I 249 2.64 8.97 19.30
CA GLY I 249 1.36 9.12 18.58
C GLY I 249 1.45 9.93 17.35
N VAL I 250 2.12 11.08 17.44
CA VAL I 250 2.40 11.91 16.25
C VAL I 250 3.16 11.13 15.16
N HIS I 251 4.13 10.31 15.56
CA HIS I 251 4.85 9.54 14.58
C HIS I 251 3.91 8.58 13.82
N GLU I 252 2.98 7.90 14.53
CA GLU I 252 2.01 7.07 13.81
C GLU I 252 1.18 7.87 12.82
N LEU I 253 0.75 9.06 13.17
CA LEU I 253 0.05 9.92 12.23
C LEU I 253 0.91 10.21 10.96
N GLU I 254 2.18 10.58 11.18
CA GLU I 254 3.04 10.91 10.08
C GLU I 254 3.35 9.69 9.21
N LYS I 255 3.55 8.48 9.78
CA LYS I 255 3.78 7.28 9.00
C LYS I 255 2.67 7.10 8.02
N ALA I 256 1.45 7.49 8.45
CA ALA I 256 0.24 7.20 7.65
C ALA I 256 -0.13 8.34 6.74
N GLY I 257 0.62 9.44 6.76
CA GLY I 257 0.28 10.53 5.86
C GLY I 257 -1.02 11.25 6.29
N PHE I 258 -1.23 11.33 7.57
CA PHE I 258 -2.41 11.99 8.18
C PHE I 258 -2.65 13.38 7.65
N ARG I 259 -1.62 14.22 7.60
CA ARG I 259 -1.79 15.56 7.10
C ARG I 259 -2.25 15.60 5.68
N GLY I 260 -1.66 14.79 4.81
CA GLY I 260 -2.06 14.71 3.47
C GLY I 260 -3.48 14.22 3.20
N ILE I 261 -3.96 13.38 4.06
CA ILE I 261 -5.38 12.90 4.02
C ILE I 261 -6.37 14.00 4.31
N LEU I 262 -6.04 14.81 5.28
CA LEU I 262 -6.87 15.99 5.55
C LEU I 262 -6.82 17.06 4.43
N MET I 263 -5.62 17.24 3.80
CA MET I 263 -5.54 18.06 2.71
C MET I 263 -6.40 17.53 1.56
N ASN I 264 -6.32 16.24 1.31
CA ASN I 264 -7.13 15.62 0.29
C ASN I 264 -8.62 15.84 0.46
N ALA I 265 -9.09 15.77 1.70
CA ALA I 265 -10.50 15.97 2.02
C ALA I 265 -10.98 17.39 1.71
N VAL I 266 -10.16 18.37 2.10
CA VAL I 266 -10.51 19.77 1.78
C VAL I 266 -10.53 19.97 0.27
N VAL I 267 -9.49 19.50 -0.45
CA VAL I 267 -9.43 19.66 -1.85
C VAL I 267 -10.59 18.99 -2.55
N ALA I 268 -10.95 17.78 -2.14
CA ALA I 268 -12.06 17.08 -2.79
C ALA I 268 -13.38 17.77 -2.54
N ALA I 269 -13.59 18.26 -1.32
CA ALA I 269 -14.79 18.99 -1.03
C ALA I 269 -14.91 20.32 -1.80
N ALA I 270 -13.79 21.02 -1.91
CA ALA I 270 -13.74 22.22 -2.71
C ALA I 270 -14.02 21.96 -4.20
N LYS I 271 -13.43 20.92 -4.75
N LYS I 271 -13.42 20.91 -4.74
CA LYS I 271 -13.69 20.51 -6.12
CA LYS I 271 -13.68 20.50 -6.11
C LYS I 271 -15.15 20.12 -6.36
C LYS I 271 -15.14 20.10 -6.34
N ARG I 272 -15.72 19.39 -5.42
N ARG I 272 -15.73 19.37 -5.41
CA ARG I 272 -17.16 19.09 -5.46
CA ARG I 272 -17.18 19.09 -5.45
C ARG I 272 -18.03 20.39 -5.44
C ARG I 272 -18.04 20.40 -5.43
N SER I 273 -17.65 21.34 -4.60
CA SER I 273 -18.33 22.62 -4.54
C SER I 273 -18.37 23.31 -5.90
N GLN I 274 -17.22 23.31 -6.54
CA GLN I 274 -17.07 23.90 -7.88
C GLN I 274 -17.95 23.13 -8.87
N GLU I 275 -17.92 21.82 -8.81
CA GLU I 275 -18.71 21.02 -9.72
C GLU I 275 -20.18 21.22 -9.57
N LEU I 276 -20.66 21.51 -8.38
CA LEU I 276 -22.05 21.70 -8.13
C LEU I 276 -22.52 23.10 -8.53
N SER I 277 -21.59 23.95 -8.92
CA SER I 277 -21.86 25.39 -9.13
C SER I 277 -22.67 25.58 -10.40
N ILE J 6 -9.87 11.48 59.75
CA ILE J 6 -10.40 12.69 60.42
C ILE J 6 -9.93 13.95 59.58
N ILE J 7 -10.00 15.13 60.21
CA ILE J 7 -9.25 16.33 59.77
C ILE J 7 -9.64 16.62 58.28
N PRO J 8 -10.96 16.83 58.07
CA PRO J 8 -11.40 17.25 56.73
C PRO J 8 -10.71 18.55 56.43
N ILE J 9 -10.37 18.75 55.17
CA ILE J 9 -9.72 19.98 54.75
C ILE J 9 -10.81 21.05 54.66
N PRO J 10 -10.62 22.22 55.29
CA PRO J 10 -11.72 23.21 55.32
C PRO J 10 -11.98 23.72 53.91
N ALA J 11 -13.12 23.35 53.38
CA ALA J 11 -13.43 23.52 51.96
C ALA J 11 -13.30 24.97 51.52
N ASP J 12 -13.66 25.93 52.38
CA ASP J 12 -13.73 27.36 52.00
C ASP J 12 -12.53 28.16 52.39
N SER J 13 -11.62 27.57 53.14
CA SER J 13 -10.49 28.36 53.67
C SER J 13 -9.12 27.69 53.53
N TYR J 14 -9.07 26.52 52.87
CA TYR J 14 -7.82 25.76 52.87
C TYR J 14 -6.74 26.53 52.14
N THR J 15 -5.51 26.23 52.49
CA THR J 15 -4.38 26.78 51.79
C THR J 15 -3.81 25.67 50.83
N LEU J 16 -3.33 26.15 49.73
CA LEU J 16 -2.81 25.29 48.64
C LEU J 16 -1.36 25.61 48.37
N GLY J 17 -0.54 24.58 48.28
CA GLY J 17 0.86 24.78 47.99
C GLY J 17 1.24 24.06 46.71
N PHE J 18 2.06 24.72 45.89
CA PHE J 18 2.65 24.05 44.68
C PHE J 18 4.12 23.77 44.87
N ILE J 19 4.45 22.50 44.69
CA ILE J 19 5.85 22.05 44.67
C ILE J 19 6.22 21.82 43.21
N GLY J 20 7.03 22.73 42.68
CA GLY J 20 7.33 22.87 41.27
C GLY J 20 6.49 24.01 40.73
N ALA J 21 7.11 25.18 40.59
CA ALA J 21 6.40 26.35 40.12
C ALA J 21 6.43 26.43 38.60
N GLY J 22 5.89 25.41 37.98
CA GLY J 22 5.86 25.27 36.54
C GLY J 22 4.68 25.91 35.84
N LYS J 23 4.59 25.69 34.54
CA LYS J 23 3.47 26.19 33.76
C LYS J 23 2.13 25.63 34.26
N MET J 24 2.12 24.34 34.56
CA MET J 24 0.87 23.72 34.97
C MET J 24 0.46 24.30 36.35
N ALA J 25 1.42 24.45 37.26
CA ALA J 25 1.11 25.08 38.56
C ALA J 25 0.48 26.48 38.36
N GLU J 26 1.09 27.23 37.48
CA GLU J 26 0.60 28.56 37.15
C GLU J 26 -0.81 28.54 36.60
N SER J 27 -1.06 27.65 35.67
CA SER J 27 -2.42 27.55 35.13
C SER J 27 -3.45 27.18 36.13
N ILE J 28 -3.09 26.24 37.01
CA ILE J 28 -4.04 25.87 38.09
C ILE J 28 -4.26 27.04 39.06
N ALA J 29 -3.19 27.69 39.46
CA ALA J 29 -3.31 28.85 40.36
C ALA J 29 -4.20 29.97 39.75
N LYS J 30 -3.95 30.33 38.51
CA LYS J 30 -4.72 31.37 37.85
C LYS J 30 -6.17 30.98 37.74
N GLY J 31 -6.43 29.73 37.37
CA GLY J 31 -7.82 29.27 37.26
C GLY J 31 -8.57 29.33 38.59
N ALA J 32 -7.91 28.86 39.63
CA ALA J 32 -8.53 28.78 40.93
C ALA J 32 -8.82 30.21 41.43
N VAL J 33 -7.89 31.12 41.20
CA VAL J 33 -8.10 32.51 41.57
C VAL J 33 -9.31 33.08 40.77
N ARG J 34 -9.24 32.93 39.44
CA ARG J 34 -10.27 33.50 38.53
C ARG J 34 -11.63 33.00 38.93
N SER J 35 -11.74 31.73 39.26
CA SER J 35 -13.07 31.18 39.64
C SER J 35 -13.51 31.48 41.06
N GLY J 36 -12.63 32.10 41.83
CA GLY J 36 -12.96 32.40 43.21
C GLY J 36 -12.85 31.18 44.11
N VAL J 37 -12.41 30.04 43.57
CA VAL J 37 -12.20 28.85 44.43
C VAL J 37 -11.12 29.12 45.49
N LEU J 38 -10.08 29.84 45.09
CA LEU J 38 -9.00 30.29 45.98
C LEU J 38 -8.73 31.82 45.80
N SER J 39 -8.15 32.44 46.80
CA SER J 39 -7.62 33.79 46.71
C SER J 39 -6.09 33.62 46.59
N PRO J 40 -5.38 34.60 46.03
CA PRO J 40 -3.91 34.48 45.97
C PRO J 40 -3.22 34.30 47.34
N SER J 41 -3.81 34.87 48.39
CA SER J 41 -3.17 34.82 49.74
C SER J 41 -3.20 33.41 50.31
N ARG J 42 -4.06 32.56 49.74
CA ARG J 42 -4.20 31.16 50.15
C ARG J 42 -3.34 30.18 49.32
N ILE J 43 -2.48 30.72 48.47
CA ILE J 43 -1.61 29.91 47.62
C ILE J 43 -0.17 30.25 47.92
N LYS J 44 0.65 29.21 48.02
CA LYS J 44 2.08 29.38 48.15
C LYS J 44 2.81 28.49 47.15
N THR J 45 4.00 28.93 46.77
CA THR J 45 4.93 28.03 46.05
C THR J 45 6.38 28.40 46.45
N ALA J 46 7.34 27.67 45.90
CA ALA J 46 8.76 27.98 46.08
C ALA J 46 9.47 27.78 44.75
N ILE J 47 10.48 28.58 44.46
CA ILE J 47 11.14 28.50 43.16
C ILE J 47 12.52 27.84 43.29
N HIS J 48 12.71 26.77 42.54
CA HIS J 48 13.96 26.03 42.61
C HIS J 48 15.17 26.83 42.13
N SER J 49 15.04 27.49 40.98
CA SER J 49 16.14 28.29 40.46
C SER J 49 15.70 29.52 39.68
N ASN J 50 14.50 29.46 39.11
CA ASN J 50 14.10 30.38 38.05
C ASN J 50 13.56 31.72 38.53
N PRO J 51 14.35 32.82 38.16
CA PRO J 51 13.77 34.11 38.57
C PRO J 51 12.45 34.41 37.87
N ALA J 52 12.36 34.00 36.61
CA ALA J 52 11.18 34.32 35.80
C ALA J 52 9.94 33.71 36.43
N ARG J 53 10.08 32.50 36.97
CA ARG J 53 8.96 31.83 37.61
C ARG J 53 8.46 32.60 38.81
N ARG J 54 9.37 33.19 39.57
CA ARG J 54 8.99 33.94 40.77
C ARG J 54 8.10 35.12 40.43
N THR J 55 8.41 35.81 39.34
CA THR J 55 7.67 37.02 38.97
C THR J 55 6.30 36.60 38.44
N ALA J 56 6.25 35.47 37.73
CA ALA J 56 4.97 34.89 37.29
C ALA J 56 3.96 34.66 38.42
N PHE J 57 4.43 34.13 39.54
CA PHE J 57 3.54 33.92 40.70
C PHE J 57 3.30 35.17 41.48
N GLU J 58 4.36 35.93 41.70
CA GLU J 58 4.24 37.20 42.47
C GLU J 58 3.30 38.20 41.77
N SER J 59 3.34 38.23 40.46
CA SER J 59 2.47 39.13 39.71
C SER J 59 0.98 38.77 39.74
N ILE J 60 0.63 37.59 40.21
CA ILE J 60 -0.79 37.30 40.47
C ILE J 60 -1.13 37.33 41.96
N GLY J 61 -0.19 37.84 42.76
CA GLY J 61 -0.44 38.09 44.19
C GLY J 61 -0.06 36.94 45.09
N ILE J 62 0.68 35.97 44.55
CA ILE J 62 1.00 34.76 45.27
C ILE J 62 2.38 34.89 45.92
N THR J 63 2.46 34.54 47.19
CA THR J 63 3.73 34.56 47.91
C THR J 63 4.63 33.33 47.60
N VAL J 64 5.84 33.69 47.20
CA VAL J 64 6.86 32.74 46.86
C VAL J 64 7.82 32.59 48.05
N LEU J 65 7.80 31.41 48.66
CA LEU J 65 8.67 31.05 49.77
C LEU J 65 10.02 30.53 49.28
N SER J 66 10.92 30.35 50.24
CA SER J 66 12.33 30.05 49.93
C SER J 66 12.61 28.55 49.89
N SER J 67 11.72 27.74 50.46
CA SER J 67 11.90 26.28 50.43
C SER J 67 10.61 25.49 50.22
N ASN J 68 10.75 24.33 49.61
CA ASN J 68 9.66 23.39 49.48
C ASN J 68 9.10 23.06 50.85
N ASP J 69 10.00 22.89 51.82
CA ASP J 69 9.61 22.51 53.19
C ASP J 69 8.57 23.48 53.75
N ASP J 70 8.82 24.78 53.59
CA ASP J 70 7.90 25.79 54.07
C ASP J 70 6.55 25.80 53.35
N VAL J 71 6.61 25.53 52.06
CA VAL J 71 5.34 25.46 51.28
C VAL J 71 4.50 24.34 51.89
N VAL J 72 5.15 23.18 52.15
CA VAL J 72 4.42 22.02 52.73
C VAL J 72 3.85 22.35 54.12
N ARG J 73 4.71 22.86 55.01
CA ARG J 73 4.26 23.28 56.33
C ARG J 73 3.04 24.18 56.29
N ASP J 74 3.06 25.17 55.38
CA ASP J 74 2.00 26.20 55.34
C ASP J 74 0.75 25.79 54.55
N SER J 75 0.74 24.57 54.00
CA SER J 75 -0.38 24.18 53.09
C SER J 75 -1.20 23.02 53.63
N ASN J 76 -2.50 23.11 53.46
CA ASN J 76 -3.38 21.99 53.74
C ASN J 76 -3.39 20.98 52.60
N VAL J 77 -3.25 21.50 51.37
CA VAL J 77 -3.27 20.68 50.12
C VAL J 77 -2.00 20.98 49.37
N VAL J 78 -1.25 19.92 49.00
CA VAL J 78 0.05 20.09 48.33
C VAL J 78 0.01 19.45 46.94
N VAL J 79 0.26 20.26 45.90
CA VAL J 79 0.25 19.81 44.56
C VAL J 79 1.67 19.68 44.09
N PHE J 80 2.01 18.45 43.71
CA PHE J 80 3.35 18.17 43.10
C PHE J 80 3.25 18.33 41.62
N SER J 81 3.98 19.33 41.13
CA SER J 81 3.94 19.74 39.70
C SER J 81 5.39 19.89 39.18
N VAL J 82 6.30 19.06 39.72
CA VAL J 82 7.62 18.90 39.11
C VAL J 82 7.56 17.84 38.00
N LYS J 83 8.60 17.82 37.18
CA LYS J 83 8.73 16.84 36.11
C LYS J 83 8.76 15.46 36.69
N PRO J 84 8.15 14.50 36.02
CA PRO J 84 7.98 13.18 36.62
C PRO J 84 9.22 12.49 37.13
N GLN J 85 10.30 12.61 36.36
CA GLN J 85 11.59 11.93 36.74
C GLN J 85 12.19 12.57 38.03
N LEU J 86 11.73 13.75 38.44
CA LEU J 86 12.24 14.41 39.65
C LEU J 86 11.35 14.17 40.88
N LEU J 87 10.17 13.60 40.66
CA LEU J 87 9.11 13.57 41.71
C LEU J 87 9.46 12.66 42.90
N LYS J 88 9.99 11.47 42.60
CA LYS J 88 10.33 10.53 43.67
C LYS J 88 11.27 11.16 44.70
N ASP J 89 12.37 11.75 44.25
CA ASP J 89 13.33 12.34 45.21
C ASP J 89 12.74 13.51 45.96
N VAL J 90 11.96 14.30 45.26
CA VAL J 90 11.28 15.46 45.88
C VAL J 90 10.36 15.01 47.02
N VAL J 91 9.55 13.97 46.74
CA VAL J 91 8.59 13.45 47.76
C VAL J 91 9.40 12.85 48.94
N LEU J 92 10.43 12.07 48.61
CA LEU J 92 11.23 11.41 49.66
C LEU J 92 11.88 12.46 50.59
N LYS J 93 12.41 13.53 50.03
CA LYS J 93 13.01 14.60 50.81
C LYS J 93 12.00 15.30 51.73
N LEU J 94 10.75 15.41 51.31
CA LEU J 94 9.70 16.10 52.06
C LEU J 94 8.94 15.19 53.02
N LYS J 95 9.20 13.91 52.89
CA LYS J 95 8.38 12.89 53.56
C LYS J 95 8.04 13.13 55.06
N PRO J 96 9.07 13.48 55.89
CA PRO J 96 8.72 13.81 57.30
C PRO J 96 7.60 14.87 57.50
N LEU J 97 7.50 15.79 56.56
CA LEU J 97 6.50 16.86 56.59
C LEU J 97 5.13 16.46 56.02
N LEU J 98 5.08 15.31 55.36
CA LEU J 98 3.87 14.87 54.67
C LEU J 98 2.92 14.13 55.64
N THR J 99 2.40 14.88 56.58
CA THR J 99 1.54 14.29 57.60
C THR J 99 0.16 14.06 57.04
N LYS J 100 -0.54 13.09 57.61
CA LYS J 100 -1.82 12.53 57.06
C LYS J 100 -2.97 13.54 57.12
N ASP J 101 -2.75 14.66 57.80
CA ASP J 101 -3.71 15.77 57.79
C ASP J 101 -3.63 16.66 56.49
N LYS J 102 -2.61 16.40 55.65
CA LYS J 102 -2.43 17.15 54.43
C LYS J 102 -2.80 16.26 53.24
N LEU J 103 -3.68 16.79 52.40
CA LEU J 103 -4.06 16.11 51.16
C LEU J 103 -2.98 16.32 50.07
N LEU J 104 -2.49 15.23 49.50
CA LEU J 104 -1.42 15.33 48.49
C LEU J 104 -1.99 15.05 47.11
N VAL J 105 -1.47 15.79 46.14
CA VAL J 105 -1.97 15.72 44.74
C VAL J 105 -0.77 15.68 43.83
N SER J 106 -0.80 14.78 42.87
CA SER J 106 0.24 14.75 41.81
C SER J 106 -0.36 15.00 40.46
N VAL J 107 0.26 15.89 39.69
CA VAL J 107 -0.14 16.08 38.28
C VAL J 107 0.87 15.48 37.36
N ALA J 108 1.82 14.77 37.93
CA ALA J 108 2.91 14.21 37.13
C ALA J 108 2.45 13.19 36.13
N ALA J 109 2.86 13.36 34.88
CA ALA J 109 2.48 12.40 33.85
C ALA J 109 3.16 11.04 34.13
N GLY J 110 2.40 9.96 34.00
CA GLY J 110 2.97 8.63 33.99
C GLY J 110 3.32 8.09 35.38
N ILE J 111 3.10 8.82 36.46
CA ILE J 111 3.45 8.30 37.80
C ILE J 111 2.21 7.70 38.47
N LYS J 112 2.23 6.38 38.70
CA LYS J 112 1.09 5.63 39.27
C LYS J 112 0.84 5.86 40.77
N MET J 113 -0.40 5.70 41.16
CA MET J 113 -0.86 5.94 42.52
C MET J 113 -0.12 5.02 43.49
N LYS J 114 0.12 3.77 43.07
CA LYS J 114 0.83 2.84 43.97
C LYS J 114 2.19 3.41 44.39
N ASP J 115 2.91 4.01 43.45
CA ASP J 115 4.19 4.65 43.71
C ASP J 115 4.08 5.92 44.53
N LEU J 116 3.12 6.77 44.16
CA LEU J 116 2.93 8.01 44.92
C LEU J 116 2.77 7.68 46.43
N GLN J 117 1.94 6.71 46.71
CA GLN J 117 1.56 6.36 48.10
C GLN J 117 2.76 5.76 48.85
N GLU J 118 3.47 4.91 48.17
CA GLU J 118 4.71 4.31 48.69
C GLU J 118 5.73 5.38 49.02
N TRP J 119 5.91 6.35 48.13
CA TRP J 119 6.91 7.43 48.36
C TRP J 119 6.54 8.33 49.52
N ALA J 120 5.27 8.69 49.58
CA ALA J 120 4.80 9.57 50.65
C ALA J 120 4.66 8.83 52.01
N GLY J 121 4.45 7.53 51.96
CA GLY J 121 4.20 6.72 53.16
C GLY J 121 2.78 6.78 53.68
N HIS J 122 1.87 7.34 52.92
CA HIS J 122 0.45 7.22 53.26
C HIS J 122 -0.40 7.28 51.97
N GLU J 123 -1.71 7.12 52.13
CA GLU J 123 -2.65 6.95 51.05
C GLU J 123 -3.65 8.09 50.84
N ARG J 124 -3.39 9.21 51.47
CA ARG J 124 -4.25 10.41 51.32
C ARG J 124 -3.69 11.27 50.17
N PHE J 125 -3.88 10.70 48.97
CA PHE J 125 -3.19 11.14 47.78
C PHE J 125 -4.20 11.07 46.62
N ILE J 126 -4.22 12.13 45.81
CA ILE J 126 -5.02 12.12 44.55
C ILE J 126 -4.04 12.38 43.36
N ARG J 127 -4.23 11.62 42.30
CA ARG J 127 -3.52 11.84 41.05
C ARG J 127 -4.47 12.48 40.08
N VAL J 128 -3.97 13.48 39.37
CA VAL J 128 -4.69 14.10 38.26
C VAL J 128 -3.80 14.04 37.01
N MET J 129 -4.43 13.71 35.89
CA MET J 129 -3.78 13.93 34.63
C MET J 129 -4.54 15.02 33.87
N PRO J 130 -4.02 16.27 33.88
CA PRO J 130 -4.62 17.37 33.09
C PRO J 130 -4.04 17.32 31.71
N ASN J 131 -4.29 18.33 30.88
CA ASN J 131 -3.61 18.41 29.60
C ASN J 131 -3.27 19.85 29.31
N THR J 132 -2.67 20.06 28.18
CA THR J 132 -2.06 21.39 27.84
C THR J 132 -3.09 22.56 27.79
N ALA J 133 -4.36 22.22 27.57
CA ALA J 133 -5.38 23.26 27.46
C ALA J 133 -5.79 23.91 28.78
N ALA J 134 -5.22 23.44 29.87
CA ALA J 134 -5.29 24.13 31.15
C ALA J 134 -5.00 25.66 31.04
N THR J 135 -4.08 26.02 30.18
CA THR J 135 -3.70 27.39 29.94
C THR J 135 -4.88 28.28 29.55
N VAL J 136 -5.85 27.73 28.85
CA VAL J 136 -7.03 28.50 28.40
C VAL J 136 -8.32 28.05 29.08
N GLY J 137 -8.20 27.35 30.15
CA GLY J 137 -9.36 26.91 30.92
C GLY J 137 -10.15 25.82 30.27
N GLU J 138 -9.53 25.05 29.39
CA GLU J 138 -10.23 23.99 28.66
C GLU J 138 -9.53 22.62 28.73
N ALA J 139 -8.87 22.41 29.84
CA ALA J 139 -8.29 21.12 30.08
C ALA J 139 -9.32 20.01 30.03
N ALA J 140 -8.83 18.85 29.61
CA ALA J 140 -9.48 17.60 29.86
C ALA J 140 -8.63 16.95 30.96
N SER J 141 -9.21 16.82 32.14
CA SER J 141 -8.52 16.22 33.27
C SER J 141 -9.22 15.00 33.87
N VAL J 142 -8.43 14.07 34.37
CA VAL J 142 -9.01 12.89 35.06
C VAL J 142 -8.27 12.67 36.35
N MET J 143 -9.02 12.36 37.39
CA MET J 143 -8.41 12.09 38.71
C MET J 143 -8.61 10.64 39.14
N SER J 144 -7.67 10.13 39.95
CA SER J 144 -7.82 8.82 40.61
C SER J 144 -7.50 9.03 42.09
N LEU J 145 -8.20 8.28 42.93
CA LEU J 145 -8.10 8.44 44.39
C LEU J 145 -7.19 7.38 45.00
N GLY J 146 -6.30 7.83 45.82
CA GLY J 146 -5.56 6.93 46.70
C GLY J 146 -6.48 6.27 47.74
N GLY J 147 -5.95 5.27 48.43
CA GLY J 147 -6.74 4.45 49.39
C GLY J 147 -7.33 5.20 50.60
N ALA J 148 -6.76 6.35 50.96
CA ALA J 148 -7.31 7.16 52.07
C ALA J 148 -7.81 8.53 51.66
N ALA J 149 -7.87 8.80 50.36
CA ALA J 149 -8.51 10.04 49.92
C ALA J 149 -10.03 9.94 50.16
N THR J 150 -10.59 10.94 50.82
CA THR J 150 -12.03 10.95 51.15
C THR J 150 -12.88 11.56 50.06
N GLU J 151 -14.19 11.38 50.19
CA GLU J 151 -15.11 11.96 49.21
C GLU J 151 -14.99 13.48 49.20
N GLU J 152 -14.72 14.04 50.37
CA GLU J 152 -14.62 15.49 50.48
C GLU J 152 -13.30 15.95 49.83
N ASP J 153 -12.25 15.16 50.00
CA ASP J 153 -10.95 15.38 49.31
C ASP J 153 -11.18 15.42 47.76
N ALA J 154 -11.91 14.44 47.25
CA ALA J 154 -12.24 14.36 45.84
C ALA J 154 -12.97 15.60 45.37
N ASN J 155 -13.98 16.02 46.16
CA ASN J 155 -14.76 17.18 45.80
C ASN J 155 -13.90 18.42 45.72
N LEU J 156 -13.01 18.54 46.65
CA LEU J 156 -12.14 19.68 46.71
C LEU J 156 -11.28 19.73 45.41
N ILE J 157 -10.74 18.60 45.05
CA ILE J 157 -9.94 18.48 43.80
C ILE J 157 -10.81 18.68 42.53
N SER J 158 -12.05 18.21 42.55
CA SER J 158 -12.92 18.48 41.45
C SER J 158 -13.09 19.95 41.24
N GLN J 159 -13.37 20.64 42.34
CA GLN J 159 -13.65 22.07 42.26
C GLN J 159 -12.40 22.74 41.71
N LEU J 160 -11.27 22.32 42.20
CA LEU J 160 -10.00 22.94 41.83
C LEU J 160 -9.71 22.76 40.30
N PHE J 161 -9.76 21.53 39.83
CA PHE J 161 -9.48 21.26 38.43
C PHE J 161 -10.66 21.56 37.50
N GLY J 162 -11.89 21.69 38.09
CA GLY J 162 -13.05 22.26 37.40
C GLY J 162 -12.86 23.72 37.03
N SER J 163 -11.93 24.36 37.66
CA SER J 163 -11.63 25.74 37.34
C SER J 163 -10.77 25.92 36.13
N ILE J 164 -10.18 24.83 35.61
CA ILE J 164 -9.30 24.91 34.44
C ILE J 164 -9.75 24.03 33.23
N GLY J 165 -10.96 23.51 33.31
CA GLY J 165 -11.52 22.70 32.28
C GLY J 165 -12.52 21.75 32.89
N LYS J 166 -12.61 20.59 32.32
CA LYS J 166 -13.52 19.57 32.75
C LYS J 166 -12.71 18.58 33.53
N ILE J 167 -13.36 17.90 34.47
CA ILE J 167 -12.66 16.92 35.31
C ILE J 167 -13.53 15.70 35.55
N TRP J 168 -12.99 14.52 35.28
CA TRP J 168 -13.69 13.25 35.44
C TRP J 168 -12.89 12.37 36.46
N LYS J 169 -13.49 11.28 36.88
CA LYS J 169 -12.85 10.35 37.81
C LYS J 169 -12.69 9.03 37.17
N ALA J 170 -11.53 8.41 37.37
CA ALA J 170 -11.34 7.10 36.83
C ALA J 170 -10.31 6.33 37.66
N ASP J 171 -10.38 5.03 37.53
N ASP J 171 -10.41 5.00 37.61
CA ASP J 171 -9.45 4.15 38.17
CA ASP J 171 -9.45 4.16 38.31
C ASP J 171 -8.05 4.37 37.59
C ASP J 171 -8.08 4.39 37.63
N ASP J 172 -7.05 4.22 38.45
CA ASP J 172 -5.68 4.46 38.06
C ASP J 172 -5.27 3.59 36.90
N LYS J 173 -5.86 2.40 36.78
CA LYS J 173 -5.39 1.51 35.73
C LYS J 173 -5.70 2.05 34.26
N TYR J 174 -6.58 3.01 34.15
CA TYR J 174 -6.93 3.63 32.85
C TYR J 174 -5.96 4.73 32.42
N PHE J 175 -5.01 5.11 33.28
CA PHE J 175 -4.30 6.32 33.03
C PHE J 175 -3.29 6.28 31.82
N ASP J 176 -2.74 5.13 31.54
CA ASP J 176 -1.91 5.06 30.34
C ASP J 176 -2.76 5.42 29.07
N ALA J 177 -3.97 4.90 28.97
CA ALA J 177 -4.86 5.17 27.90
C ALA J 177 -5.36 6.59 27.91
N ILE J 178 -5.64 7.14 29.12
CA ILE J 178 -5.96 8.54 29.22
C ILE J 178 -4.81 9.45 28.71
N THR J 179 -3.60 9.08 29.08
CA THR J 179 -2.40 9.80 28.64
C THR J 179 -2.28 9.80 27.12
N GLY J 180 -2.56 8.68 26.49
CA GLY J 180 -2.50 8.58 24.99
C GLY J 180 -3.60 9.29 24.25
N LEU J 181 -4.72 9.58 24.94
CA LEU J 181 -5.87 10.23 24.40
C LEU J 181 -5.94 11.71 24.75
N SER J 182 -6.28 12.05 26.02
CA SER J 182 -6.38 13.47 26.38
C SER J 182 -5.07 14.13 26.65
N GLY J 183 -4.08 13.39 27.07
CA GLY J 183 -2.75 13.99 27.31
C GLY J 183 -1.98 14.33 26.05
N SER J 184 -1.98 13.36 25.12
CA SER J 184 -1.27 13.45 23.90
C SER J 184 -2.09 13.99 22.71
N GLY J 185 -3.41 13.82 22.79
CA GLY J 185 -4.31 14.19 21.71
C GLY J 185 -4.20 15.59 21.18
N PRO J 186 -3.87 16.57 22.02
CA PRO J 186 -3.84 17.90 21.48
C PRO J 186 -2.86 18.02 20.32
N ALA J 187 -1.76 17.29 20.36
CA ALA J 187 -0.79 17.34 19.23
C ALA J 187 -1.44 16.82 17.93
N TYR J 188 -2.28 15.82 18.05
CA TYR J 188 -2.92 15.18 16.88
C TYR J 188 -3.79 16.24 16.26
N ILE J 189 -4.44 17.04 17.10
CA ILE J 189 -5.27 18.11 16.60
C ILE J 189 -4.49 19.31 16.03
N TYR J 190 -3.35 19.63 16.61
CA TYR J 190 -2.48 20.64 16.03
C TYR J 190 -2.03 20.27 14.64
N LEU J 191 -1.70 19.03 14.42
CA LEU J 191 -1.46 18.52 13.07
C LEU J 191 -2.63 18.66 12.19
N ALA J 192 -3.82 18.34 12.72
CA ALA J 192 -5.01 18.44 11.95
C ALA J 192 -5.32 19.83 11.50
N ILE J 193 -5.15 20.77 12.40
CA ILE J 193 -5.38 22.19 12.11
C ILE J 193 -4.43 22.72 11.04
N GLU J 194 -3.17 22.36 11.13
CA GLU J 194 -2.21 22.76 10.14
C GLU J 194 -2.51 22.16 8.79
N ALA J 195 -2.93 20.88 8.80
CA ALA J 195 -3.24 20.17 7.56
C ALA J 195 -4.46 20.71 6.91
N LEU J 196 -5.46 21.05 7.72
CA LEU J 196 -6.65 21.65 7.18
C LEU J 196 -6.33 23.03 6.51
N ALA J 197 -5.53 23.82 7.20
CA ALA J 197 -5.07 25.09 6.64
C ALA J 197 -4.32 24.89 5.36
N ASP J 198 -3.40 23.92 5.34
CA ASP J 198 -2.59 23.63 4.11
C ASP J 198 -3.52 23.19 2.96
N GLY J 199 -4.57 22.43 3.31
CA GLY J 199 -5.57 22.06 2.35
C GLY J 199 -6.29 23.26 1.77
N GLY J 200 -6.70 24.16 2.64
CA GLY J 200 -7.33 25.39 2.20
C GLY J 200 -6.45 26.21 1.25
N VAL J 201 -5.19 26.34 1.60
CA VAL J 201 -4.21 26.98 0.72
C VAL J 201 -4.02 26.22 -0.61
N ALA J 202 -4.02 24.88 -0.53
CA ALA J 202 -3.89 24.05 -1.75
C ALA J 202 -5.10 24.28 -2.67
N ALA J 203 -6.25 24.56 -2.03
CA ALA J 203 -7.48 24.86 -2.74
C ALA J 203 -7.61 26.34 -3.11
N GLY J 204 -6.60 27.16 -2.86
CA GLY J 204 -6.59 28.55 -3.33
C GLY J 204 -6.90 29.60 -2.25
N LEU J 205 -7.07 29.21 -0.99
CA LEU J 205 -7.31 30.21 0.05
C LEU J 205 -6.06 30.95 0.48
N PRO J 206 -6.22 32.20 0.87
CA PRO J 206 -5.12 32.86 1.57
C PRO J 206 -4.79 32.18 2.87
N ARG J 207 -3.52 32.19 3.24
CA ARG J 207 -3.02 31.46 4.43
C ARG J 207 -3.65 31.93 5.74
N ASP J 208 -3.77 33.26 5.93
CA ASP J 208 -4.33 33.69 7.19
C ASP J 208 -5.76 33.25 7.36
N LEU J 209 -6.55 33.43 6.35
CA LEU J 209 -7.93 33.01 6.35
C LEU J 209 -8.02 31.48 6.55
N ALA J 210 -7.20 30.77 5.84
CA ALA J 210 -7.19 29.26 5.93
C ALA J 210 -6.92 28.76 7.34
N LEU J 211 -5.96 29.38 8.00
CA LEU J 211 -5.65 29.01 9.35
C LEU J 211 -6.74 29.43 10.32
N SER J 212 -7.28 30.66 10.14
CA SER J 212 -8.38 31.11 10.99
C SER J 212 -9.58 30.19 10.85
N LEU J 213 -9.90 29.85 9.63
CA LEU J 213 -11.04 28.97 9.41
C LEU J 213 -10.81 27.55 10.00
N ALA J 214 -9.62 27.05 9.80
CA ALA J 214 -9.27 25.68 10.32
C ALA J 214 -9.48 25.62 11.81
N SER J 215 -8.89 26.56 12.54
CA SER J 215 -9.00 26.53 14.01
C SER J 215 -10.44 26.67 14.47
N GLN J 216 -11.18 27.60 13.88
CA GLN J 216 -12.51 27.86 14.38
C GLN J 216 -13.48 26.73 13.96
N THR J 217 -13.22 26.10 12.82
CA THR J 217 -13.97 24.94 12.41
C THR J 217 -13.83 23.79 13.39
N VAL J 218 -12.59 23.56 13.84
CA VAL J 218 -12.34 22.50 14.81
C VAL J 218 -13.05 22.86 16.11
N LEU J 219 -12.86 24.12 16.57
CA LEU J 219 -13.48 24.57 17.85
C LEU J 219 -14.99 24.38 17.82
N GLY J 220 -15.60 24.80 16.72
CA GLY J 220 -17.05 24.71 16.60
C GLY J 220 -17.55 23.32 16.55
N ALA J 221 -16.90 22.45 15.77
CA ALA J 221 -17.32 21.06 15.75
C ALA J 221 -17.20 20.40 17.13
N ALA J 222 -16.11 20.65 17.85
CA ALA J 222 -15.94 20.05 19.16
C ALA J 222 -17.00 20.63 20.12
N SER J 223 -17.32 21.94 19.92
CA SER J 223 -18.41 22.52 20.80
C SER J 223 -19.77 21.87 20.56
N MET J 224 -20.04 21.54 19.28
CA MET J 224 -21.26 20.81 18.95
C MET J 224 -21.26 19.43 19.61
N ALA J 225 -20.10 18.74 19.54
CA ALA J 225 -20.01 17.44 20.12
C ALA J 225 -20.22 17.53 21.67
N THR J 226 -19.64 18.55 22.26
N THR J 226 -19.67 18.57 22.27
CA THR J 226 -19.70 18.65 23.72
CA THR J 226 -19.75 18.69 23.71
C THR J 226 -21.13 19.06 24.19
C THR J 226 -21.16 19.04 24.17
N GLN J 227 -21.84 19.87 23.41
CA GLN J 227 -23.14 20.42 23.90
C GLN J 227 -24.36 19.74 23.41
N SER J 228 -24.27 19.04 22.30
CA SER J 228 -25.47 18.63 21.56
C SER J 228 -26.16 17.45 22.17
N GLY J 229 -25.45 16.72 22.96
CA GLY J 229 -26.02 15.45 23.38
C GLY J 229 -26.09 14.36 22.27
N LYS J 230 -25.43 14.57 21.12
CA LYS J 230 -25.56 13.61 20.05
C LYS J 230 -24.32 12.75 19.85
N HIS J 231 -24.53 11.56 19.34
CA HIS J 231 -23.39 10.70 18.98
C HIS J 231 -22.64 11.42 17.83
N PRO J 232 -21.33 11.32 17.74
CA PRO J 232 -20.62 11.89 16.56
C PRO J 232 -21.06 11.43 15.17
N GLY J 233 -21.53 10.20 15.07
CA GLY J 233 -22.15 9.70 13.87
C GLY J 233 -23.35 10.46 13.45
N GLN J 234 -24.18 10.80 14.44
CA GLN J 234 -25.35 11.53 14.14
C GLN J 234 -25.04 12.94 13.70
N LEU J 235 -24.09 13.55 14.34
CA LEU J 235 -23.58 14.87 13.93
C LEU J 235 -23.02 14.88 12.53
N LYS J 236 -22.28 13.84 12.18
CA LYS J 236 -21.83 13.65 10.80
C LYS J 236 -23.01 13.48 9.85
N ASP J 237 -24.03 12.72 10.26
CA ASP J 237 -25.23 12.55 9.41
C ASP J 237 -25.89 13.92 9.19
N ASP J 238 -25.96 14.72 10.23
CA ASP J 238 -26.65 16.03 10.16
C ASP J 238 -26.03 16.92 9.12
N VAL J 239 -24.72 16.83 8.90
CA VAL J 239 -24.06 17.73 7.93
C VAL J 239 -23.71 17.15 6.58
N THR J 240 -23.94 15.86 6.36
CA THR J 240 -23.60 15.27 5.05
C THR J 240 -24.79 15.24 4.10
N SER J 241 -25.08 16.37 3.48
CA SER J 241 -26.20 16.45 2.57
C SER J 241 -25.98 15.54 1.33
N PRO J 242 -27.04 15.03 0.74
CA PRO J 242 -26.92 14.04 -0.38
C PRO J 242 -26.08 14.53 -1.50
N GLY J 243 -25.09 13.74 -1.88
CA GLY J 243 -24.22 14.09 -2.97
C GLY J 243 -23.45 15.39 -2.85
N GLY J 244 -23.32 15.92 -1.66
CA GLY J 244 -22.80 17.26 -1.43
C GLY J 244 -21.30 17.34 -1.20
N THR J 245 -20.83 18.53 -0.82
CA THR J 245 -19.38 18.74 -0.67
C THR J 245 -18.86 17.99 0.57
N THR J 246 -19.65 17.93 1.61
CA THR J 246 -19.27 17.29 2.87
C THR J 246 -19.05 15.81 2.69
N ILE J 247 -20.00 15.10 2.08
CA ILE J 247 -19.86 13.64 1.90
C ILE J 247 -18.71 13.35 0.94
N ALA J 248 -18.42 14.26 0.02
CA ALA J 248 -17.25 14.09 -0.85
C ALA J 248 -15.99 14.05 -0.01
N GLY J 249 -15.86 15.01 0.87
CA GLY J 249 -14.68 15.06 1.76
C GLY J 249 -14.60 13.90 2.72
N VAL J 250 -15.73 13.54 3.30
CA VAL J 250 -15.76 12.42 4.22
C VAL J 250 -15.36 11.13 3.47
N HIS J 251 -15.87 10.95 2.25
CA HIS J 251 -15.50 9.79 1.50
C HIS J 251 -13.98 9.72 1.27
N GLU J 252 -13.31 10.82 1.03
CA GLU J 252 -11.88 10.81 0.89
C GLU J 252 -11.21 10.34 2.19
N LEU J 253 -11.68 10.84 3.30
CA LEU J 253 -11.18 10.38 4.59
C LEU J 253 -11.34 8.87 4.83
N GLU J 254 -12.49 8.38 4.49
CA GLU J 254 -12.75 6.93 4.62
C GLU J 254 -11.91 6.10 3.66
N LYS J 255 -11.76 6.51 2.43
CA LYS J 255 -10.87 5.79 1.47
C LYS J 255 -9.50 5.58 2.05
N ALA J 256 -9.03 6.56 2.80
CA ALA J 256 -7.68 6.54 3.35
C ALA J 256 -7.59 5.94 4.70
N GLY J 257 -8.70 5.52 5.31
CA GLY J 257 -8.62 4.89 6.63
C GLY J 257 -8.31 5.87 7.76
N PHE J 258 -8.77 7.08 7.59
CA PHE J 258 -8.59 8.19 8.57
C PHE J 258 -8.90 7.84 9.98
N ARG J 259 -10.05 7.17 10.22
CA ARG J 259 -10.37 6.81 11.55
C ARG J 259 -9.35 5.87 12.17
N GLY J 260 -8.96 4.84 11.41
CA GLY J 260 -8.01 3.89 11.90
C GLY J 260 -6.63 4.51 12.25
N ILE J 261 -6.30 5.57 11.52
CA ILE J 261 -5.01 6.27 11.79
C ILE J 261 -5.02 6.96 13.10
N LEU J 262 -6.11 7.61 13.41
CA LEU J 262 -6.29 8.16 14.74
C LEU J 262 -6.35 7.15 15.84
N MET J 263 -7.01 6.01 15.57
CA MET J 263 -7.00 4.92 16.54
C MET J 263 -5.59 4.45 16.78
N ASN J 264 -4.80 4.28 15.70
CA ASN J 264 -3.43 3.91 15.82
C ASN J 264 -2.62 4.84 16.71
N ALA J 265 -2.82 6.12 16.56
CA ALA J 265 -2.08 7.10 17.33
C ALA J 265 -2.35 7.01 18.81
N VAL J 266 -3.63 6.86 19.18
CA VAL J 266 -4.00 6.73 20.57
C VAL J 266 -3.42 5.46 21.14
N VAL J 267 -3.58 4.34 20.40
CA VAL J 267 -3.00 3.09 20.83
C VAL J 267 -1.45 3.11 21.02
N ALA J 268 -0.75 3.74 20.10
CA ALA J 268 0.67 3.82 20.18
C ALA J 268 1.11 4.68 21.35
N ALA J 269 0.41 5.78 21.54
CA ALA J 269 0.73 6.66 22.64
C ALA J 269 0.49 6.01 24.00
N ALA J 270 -0.63 5.32 24.13
CA ALA J 270 -0.90 4.54 25.31
C ALA J 270 0.09 3.44 25.61
N LYS J 271 0.47 2.69 24.60
N LYS J 271 0.49 2.70 24.58
CA LYS J 271 1.51 1.66 24.74
CA LYS J 271 1.56 1.71 24.70
C LYS J 271 2.85 2.28 25.19
C LYS J 271 2.88 2.38 25.13
N ARG J 272 3.18 3.41 24.60
N ARG J 272 3.20 3.55 24.58
CA ARG J 272 4.38 4.15 25.02
CA ARG J 272 4.42 4.29 25.00
C ARG J 272 4.31 4.60 26.49
C ARG J 272 4.31 4.68 26.48
N SER J 273 3.14 5.06 26.90
CA SER J 273 2.93 5.42 28.29
C SER J 273 3.23 4.24 29.23
N GLN J 274 2.68 3.12 28.88
CA GLN J 274 2.91 1.90 29.66
C GLN J 274 4.41 1.56 29.69
N GLU J 275 5.06 1.64 28.55
CA GLU J 275 6.47 1.32 28.46
C GLU J 275 7.32 2.23 29.24
N LEU J 276 6.94 3.47 29.37
CA LEU J 276 7.69 4.42 30.18
C LEU J 276 7.43 4.29 31.68
N SER J 277 6.47 3.51 32.08
CA SER J 277 5.89 3.68 33.44
C SER J 277 6.78 2.95 34.46
PA NAD K . -37.29 -13.99 -15.14
O1A NAD K . -36.53 -14.18 -16.37
O2A NAD K . -37.45 -14.97 -14.06
O5B NAD K . -38.91 -13.87 -15.75
C5B NAD K . -38.97 -13.19 -16.93
C4B NAD K . -40.09 -13.86 -17.71
O4B NAD K . -40.50 -13.09 -18.78
C3B NAD K . -39.49 -15.16 -18.27
O3B NAD K . -40.26 -16.15 -17.74
C2B NAD K . -39.70 -15.02 -19.78
O2B NAD K . -40.13 -16.21 -20.37
C1B NAD K . -40.88 -14.01 -19.77
N9A NAD K . -40.98 -13.25 -20.99
C8A NAD K . -40.00 -12.87 -21.89
N7A NAD K . -40.47 -12.14 -22.89
C5A NAD K . -41.80 -12.04 -22.62
C6A NAD K . -42.91 -11.42 -23.26
N6A NAD K . -42.71 -10.75 -24.39
N1A NAD K . -44.20 -11.48 -22.74
C2A NAD K . -44.43 -12.16 -21.59
N3A NAD K . -43.47 -12.80 -20.90
C4A NAD K . -42.17 -12.72 -21.44
O3 NAD K . -36.86 -12.53 -14.73
PN NAD K . -36.90 -12.14 -13.19
O1N NAD K . -35.68 -12.35 -12.35
O2N NAD K . -38.28 -12.36 -12.79
O5D NAD K . -36.87 -10.43 -13.20
C5D NAD K . -37.95 -9.89 -13.81
C4D NAD K . -37.90 -8.36 -13.65
O4D NAD K . -37.73 -8.09 -12.29
C3D NAD K . -36.66 -7.83 -14.40
O3D NAD K . -37.01 -6.70 -15.05
C2D NAD K . -35.67 -7.54 -13.27
O2D NAD K . -34.89 -6.43 -13.46
C1D NAD K . -36.72 -7.17 -12.14
N1N NAD K . -36.07 -7.39 -10.81
C2N NAD K . -35.81 -8.67 -10.45
C3N NAD K . -35.20 -8.93 -9.22
C7N NAD K . -34.96 -10.35 -8.87
O7N NAD K . -34.56 -10.64 -7.78
N7N NAD K . -35.19 -11.30 -9.80
C4N NAD K . -34.84 -7.87 -8.40
C5N NAD K . -35.11 -6.58 -8.79
C6N NAD K . -35.72 -6.35 -10.04
S1 MPO L . -31.95 -7.83 -15.03
O1 MPO L . -32.12 -6.35 -14.67
O2 MPO L . -31.55 -7.96 -16.50
O4 MPO L . -30.45 -4.99 -8.39
N1 MPO L . -30.08 -6.23 -10.80
C1 MPO L . -30.41 -8.27 -14.11
O3 MPO L . -32.94 -8.86 -14.55
C2 MPO L . -30.49 -7.94 -12.61
C3 MPO L . -30.43 -6.43 -12.25
C4 MPO L . -31.26 -6.52 -9.97
C5 MPO L . -30.93 -6.31 -8.48
C6 MPO L . -29.26 -4.72 -9.07
C7 MPO L . -29.47 -4.95 -10.58
CL CL M . -16.19 -6.55 23.65
PA NAD N . -25.73 -5.61 32.84
O1A NAD N . -24.68 -4.83 33.50
O2A NAD N . -26.95 -5.10 32.18
O5B NAD N . -26.43 -6.48 34.12
C5B NAD N . -25.54 -6.81 35.11
C4B NAD N . -26.37 -6.77 36.41
O4B NAD N . -25.71 -7.37 37.49
C3B NAD N . -26.61 -5.27 36.77
O3B NAD N . -27.97 -5.12 36.90
C2B NAD N . -25.87 -5.15 38.11
O2B NAD N . -26.51 -4.32 38.97
C1B NAD N . -26.05 -6.61 38.60
N9A NAD N . -25.10 -6.92 39.65
C8A NAD N . -23.87 -6.33 39.97
N7A NAD N . -23.27 -6.87 41.00
C5A NAD N . -24.13 -7.88 41.37
C6A NAD N . -24.14 -8.88 42.39
N6A NAD N . -23.11 -8.94 43.26
N1A NAD N . -25.18 -9.80 42.53
C2A NAD N . -26.25 -9.73 41.68
N3A NAD N . -26.36 -8.83 40.67
C4A NAD N . -25.29 -7.93 40.55
O3 NAD N . -24.87 -6.72 32.10
PN NAD N . -25.43 -7.36 30.79
O1N NAD N . -25.09 -6.67 29.51
O2N NAD N . -26.67 -8.04 31.16
O5D NAD N . -24.46 -8.76 30.56
C5D NAD N . -24.52 -9.61 31.61
C4D NAD N . -23.73 -10.84 31.25
O4D NAD N . -24.11 -11.21 29.97
C3D NAD N . -22.21 -10.46 31.19
O3D NAD N . -21.58 -11.48 31.72
C2D NAD N . -21.94 -10.35 29.70
O2D NAD N . -20.69 -10.78 29.29
C1D NAD N . -22.96 -11.41 29.23
N1N NAD N . -23.29 -11.17 27.79
C2N NAD N . -24.07 -10.08 27.51
C3N NAD N . -24.39 -9.82 26.19
C7N NAD N . -25.25 -8.66 25.92
O7N NAD N . -25.60 -8.43 24.80
N7N NAD N . -25.62 -7.89 26.94
C4N NAD N . -23.91 -10.64 25.19
C5N NAD N . -23.12 -11.73 25.50
C6N NAD N . -22.80 -11.99 26.83
S1 MPO O . -18.76 -7.56 29.43
O1 MPO O . -18.40 -9.01 29.17
O2 MPO O . -17.92 -6.71 30.41
O4 MPO O . -19.18 -10.66 22.58
N1 MPO O . -18.39 -9.00 24.68
C1 MPO O . -18.51 -6.86 27.78
O3 MPO O . -20.19 -7.63 29.88
C2 MPO O . -19.12 -7.75 26.69
C3 MPO O . -17.98 -8.49 26.00
C4 MPO O . -19.75 -9.55 24.70
C5 MPO O . -20.23 -9.94 23.31
C6 MPO O . -17.90 -10.06 22.59
C7 MPO O . -17.42 -9.89 24.08
CL CL P . -26.69 -6.89 -11.34
PA NAD Q . 0.26 -20.74 -37.24
O1A NAD Q . 0.94 -19.56 -37.74
O2A NAD Q . 0.84 -21.93 -36.62
O5B NAD Q . -0.47 -21.37 -38.71
C5B NAD Q . -0.81 -20.36 -39.63
C4B NAD Q . -0.50 -20.92 -41.03
O4B NAD Q . -1.07 -20.16 -42.07
C3B NAD Q . 1.03 -20.81 -41.19
O3B NAD Q . 1.43 -22.09 -41.41
C2B NAD Q . 1.15 -19.92 -42.43
O2B NAD Q . 2.21 -20.28 -43.24
C1B NAD Q . -0.18 -20.30 -43.14
N9A NAD Q . -0.62 -19.32 -44.15
C8A NAD Q . -0.29 -17.97 -44.27
N7A NAD Q . -0.88 -17.38 -45.28
C5A NAD Q . -1.63 -18.36 -45.85
C6A NAD Q . -2.50 -18.43 -46.97
N6A NAD Q . -2.72 -17.31 -47.68
N1A NAD Q . -3.16 -19.60 -47.34
C2A NAD Q . -2.94 -20.74 -46.61
N3A NAD Q . -2.13 -20.81 -45.53
C4A NAD Q . -1.49 -19.61 -45.17
O3 NAD Q . -0.94 -20.05 -36.47
PN NAD Q . -1.75 -20.86 -35.35
O1N NAD Q . -1.30 -20.69 -33.94
O2N NAD Q . -2.22 -22.10 -35.96
O5D NAD Q . -3.25 -19.98 -35.24
C5D NAD Q . -4.06 -20.15 -36.30
C4D NAD Q . -5.39 -19.52 -35.93
O4D NAD Q . -5.84 -20.10 -34.72
C3D NAD Q . -5.10 -18.01 -35.65
O3D NAD Q . -6.01 -17.28 -36.32
C2D NAD Q . -5.28 -17.89 -34.13
O2D NAD Q . -5.99 -16.77 -33.76
C1D NAD Q . -6.23 -19.07 -33.87
N1N NAD Q . -6.04 -19.51 -32.45
C2N NAD Q . -4.90 -20.19 -32.17
C3N NAD Q . -4.64 -20.62 -30.89
C7N NAD Q . -3.36 -21.40 -30.71
O7N NAD Q . -3.30 -22.28 -29.90
N7N NAD Q . -2.31 -21.12 -31.52
C4N NAD Q . -5.57 -20.34 -29.88
C5N NAD Q . -6.71 -19.64 -30.18
C6N NAD Q . -6.95 -19.20 -31.48
S1 MPO R . -3.02 -14.38 -33.11
O1 MPO R . -2.98 -15.87 -33.48
O2 MPO R . -2.50 -13.47 -34.22
O4 MPO R . -6.47 -16.17 -26.83
N1 MPO R . -4.52 -15.23 -28.58
C1 MPO R . -2.07 -14.25 -31.52
O3 MPO R . -4.40 -13.78 -32.80
C2 MPO R . -2.66 -15.12 -30.37
C3 MPO R . -4.05 -14.66 -29.86
C4 MPO R . -4.93 -16.62 -28.68
C5 MPO R . -5.65 -17.20 -27.47
C6 MPO R . -5.72 -15.02 -26.52
C7 MPO R . -5.39 -14.32 -27.84
CL CL S . -6.23 -28.11 6.22
PA NAD T . -12.62 -39.94 6.92
O1A NAD T . -12.95 -39.33 8.22
O2A NAD T . -13.46 -40.06 5.71
O5B NAD T . -12.44 -41.63 7.34
C5B NAD T . -12.08 -41.84 8.64
C4B NAD T . -12.70 -43.19 8.98
O4B NAD T . -12.11 -43.75 10.13
C3B NAD T . -14.18 -42.89 9.32
O3B NAD T . -14.90 -43.76 8.54
C2B NAD T . -14.22 -43.22 10.83
O2B NAD T . -15.45 -43.74 11.22
C1B NAD T . -13.16 -44.34 10.86
N9A NAD T . -12.61 -44.58 12.17
C8A NAD T . -12.53 -43.75 13.29
N7A NAD T . -11.93 -44.32 14.32
C5A NAD T . -11.63 -45.56 13.86
C6A NAD T . -10.98 -46.71 14.41
N6A NAD T . -10.55 -46.65 15.68
N1A NAD T . -10.78 -47.88 13.68
C2A NAD T . -11.22 -47.94 12.39
N3A NAD T . -11.84 -46.93 11.75
C4A NAD T . -12.03 -45.77 12.51
O3 NAD T . -11.14 -39.35 6.76
PN NAD T . -10.54 -39.14 5.32
O1N NAD T . -10.76 -37.80 4.67
O2N NAD T . -10.52 -40.48 4.72
O5D NAD T . -8.82 -38.95 5.66
C5D NAD T . -8.28 -40.06 6.16
C4D NAD T . -6.80 -39.79 6.32
O4D NAD T . -6.32 -39.32 5.06
C3D NAD T . -6.67 -38.64 7.35
O3D NAD T . -5.61 -38.94 8.13
C2D NAD T . -6.31 -37.45 6.50
O2D NAD T . -5.38 -36.66 7.09
C1D NAD T . -5.59 -38.18 5.31
N1N NAD T . -5.66 -37.33 4.04
C2N NAD T . -6.88 -37.15 3.48
C3N NAD T . -6.99 -36.37 2.33
C7N NAD T . -8.33 -36.21 1.77
O7N NAD T . -8.48 -35.92 0.63
N7N NAD T . -9.38 -36.40 2.57
C4N NAD T . -5.87 -35.79 1.77
C5N NAD T . -4.64 -35.99 2.36
C6N NAD T . -4.55 -36.77 3.51
S1 MPO U . -7.22 -33.78 9.01
O1 MPO U . -7.45 -35.07 8.26
O2 MPO U . -5.75 -33.63 9.42
O4 MPO U . -3.50 -31.30 3.11
N1 MPO U . -5.32 -31.42 5.21
C1 MPO U . -7.81 -32.38 8.00
O3 MPO U . -8.09 -33.88 10.26
C2 MPO U . -7.26 -32.44 6.55
C3 MPO U . -5.78 -31.98 6.48
C4 MPO U . -5.29 -32.43 4.19
C5 MPO U . -4.76 -31.96 2.86
C6 MPO U . -3.61 -30.20 4.04
C7 MPO U . -4.03 -30.77 5.41
CL CL V . -2.37 -12.77 -26.76
PA NAD W . 26.67 14.15 -29.78
O1A NAD W . 26.00 15.41 -29.41
O2A NAD W . 27.88 13.56 -29.16
O5B NAD W . 27.26 14.48 -31.37
C5B NAD W . 26.49 15.38 -32.07
C4B NAD W . 27.47 16.13 -32.97
O4B NAD W . 26.80 16.77 -34.02
C3B NAD W . 28.16 17.19 -32.12
O3B NAD W . 29.50 16.96 -32.31
C2B NAD W . 27.67 18.51 -32.80
O2B NAD W . 28.63 19.54 -32.77
C1B NAD W . 27.48 17.97 -34.26
N9A NAD W . 26.59 18.78 -35.08
C8A NAD W . 25.56 19.62 -34.68
N7A NAD W . 24.92 20.18 -35.69
C5A NAD W . 25.56 19.71 -36.79
C6A NAD W . 25.42 19.91 -38.20
N6A NAD W . 24.45 20.73 -38.63
N1A NAD W . 26.26 19.27 -39.13
C2A NAD W . 27.25 18.44 -38.67
N3A NAD W . 27.48 18.17 -37.36
C4A NAD W . 26.63 18.82 -36.45
O3 NAD W . 25.41 13.24 -29.98
PN NAD W . 25.57 11.68 -29.69
O1N NAD W . 25.28 11.14 -28.32
O2N NAD W . 26.63 11.19 -30.60
O5D NAD W . 24.20 11.01 -30.47
C5D NAD W . 24.19 11.24 -31.77
C4D NAD W . 22.97 10.60 -32.32
O4D NAD W . 22.97 9.26 -31.87
C3D NAD W . 21.72 11.30 -31.72
O3D NAD W . 20.90 11.44 -32.73
C2D NAD W . 21.17 10.26 -30.71
O2D NAD W . 19.84 10.11 -30.67
C1D NAD W . 21.70 8.96 -31.39
N1N NAD W . 21.87 7.91 -30.33
C2N NAD W . 22.87 8.09 -29.44
C3N NAD W . 23.08 7.17 -28.43
C7N NAD W . 24.21 7.43 -27.50
O7N NAD W . 24.48 6.67 -26.61
N7N NAD W . 24.94 8.56 -27.69
C4N NAD W . 22.23 6.10 -28.31
C5N NAD W . 21.20 5.95 -29.22
C6N NAD W . 21.01 6.88 -30.23
S1 MPO X . 19.10 12.50 -27.78
O1 MPO X . 20.50 12.22 -28.35
O2 MPO X . 18.71 13.99 -27.83
O4 MPO X . 17.48 5.57 -25.79
N1 MPO X . 17.85 8.34 -25.76
C1 MPO X . 19.05 11.98 -26.04
O3 MPO X . 18.11 11.70 -28.57
C2 MPO X . 19.18 10.45 -25.89
C3 MPO X . 17.89 9.69 -26.30
C4 MPO X . 18.92 7.53 -26.35
C5 MPO X . 18.86 6.06 -25.85
C6 MPO X . 16.54 6.37 -25.10
C7 MPO X . 16.54 7.73 -25.85
CL CL Y . 20.70 -20.62 -2.67
PA NAD Z . 27.74 -30.55 -7.42
O1A NAD Z . 26.79 -31.33 -6.63
O2A NAD Z . 27.71 -30.30 -8.86
O5B NAD Z . 29.17 -31.49 -7.25
C5B NAD Z . 29.30 -32.08 -6.01
C4B NAD Z . 30.09 -33.39 -6.25
O4B NAD Z . 30.54 -33.98 -5.06
C3B NAD Z . 29.11 -34.40 -6.93
O3B NAD Z . 29.71 -34.81 -8.07
C2B NAD Z . 29.07 -35.51 -5.88
O2B NAD Z . 28.96 -36.72 -6.44
C1B NAD Z . 30.50 -35.35 -5.29
N9A NAD Z . 30.64 -36.02 -3.99
C8A NAD Z . 29.71 -36.28 -3.01
N7A NAD Z . 30.22 -36.86 -1.94
C5A NAD Z . 31.52 -36.97 -2.21
C6A NAD Z . 32.67 -37.50 -1.52
N6A NAD Z . 32.52 -38.03 -0.30
N1A NAD Z . 33.93 -37.47 -2.07
C2A NAD Z . 34.12 -36.94 -3.32
N3A NAD Z . 33.13 -36.42 -4.08
C4A NAD Z . 31.85 -36.45 -3.50
O3 NAD Z . 27.89 -29.27 -6.50
PN NAD Z . 28.36 -27.88 -7.15
O1N NAD Z . 27.32 -26.92 -7.61
O2N NAD Z . 29.64 -28.17 -7.79
O5D NAD Z . 28.91 -27.04 -5.72
C5D NAD Z . 30.11 -27.42 -5.25
C4D NAD Z . 30.49 -26.45 -4.13
O4D NAD Z . 30.59 -25.17 -4.72
C3D NAD Z . 29.29 -26.42 -3.10
O3D NAD Z . 29.79 -26.50 -1.86
C2D NAD Z . 28.64 -25.04 -3.36
O2D NAD Z . 28.21 -24.41 -2.24
C1D NAD Z . 29.91 -24.27 -3.92
N1N NAD Z . 29.44 -23.15 -4.81
C2N NAD Z . 28.82 -23.49 -5.97
C3N NAD Z . 28.35 -22.50 -6.82
C7N NAD Z . 27.72 -22.95 -8.08
O7N NAD Z . 27.37 -22.14 -8.90
N7N NAD Z . 27.54 -24.27 -8.29
C4N NAD Z . 28.51 -21.17 -6.49
C5N NAD Z . 29.13 -20.84 -5.31
C6N NAD Z . 29.59 -21.84 -4.47
S1 MPO AA . 24.80 -25.52 -1.87
O1 MPO AA . 25.79 -25.82 -2.92
O2 MPO AA . 25.47 -24.65 -0.82
O4 MPO AA . 25.39 -18.39 -3.57
N1 MPO AA . 24.19 -20.92 -3.15
C1 MPO AA . 23.42 -24.66 -2.72
O3 MPO AA . 24.20 -26.84 -1.27
C2 MPO AA . 23.93 -23.41 -3.43
C3 MPO AA . 24.19 -22.26 -2.46
C4 MPO AA . 25.42 -20.78 -3.96
C5 MPO AA . 25.51 -19.39 -4.61
C6 MPO AA . 24.09 -18.50 -2.93
C7 MPO AA . 24.02 -19.84 -2.17
CL CL BA . 16.47 9.70 -22.79
PA NAD CA . 6.17 42.27 -1.93
O1A NAD CA . 4.70 42.29 -2.09
O2A NAD CA . 6.96 42.25 -0.69
O5B NAD CA . 6.69 43.78 -2.65
C5B NAD CA . 5.77 44.27 -3.57
C4B NAD CA . 5.75 45.79 -3.42
O4B NAD CA . 5.25 46.41 -4.57
C3B NAD CA . 4.80 46.09 -2.25
O3B NAD CA . 5.54 46.89 -1.42
C2B NAD CA . 3.65 46.83 -2.95
O2B NAD CA . 3.14 47.89 -2.20
C1B NAD CA . 4.42 47.46 -4.13
N9A NAD CA . 3.53 47.84 -5.25
C8A NAD CA . 2.23 47.41 -5.56
N7A NAD CA . 1.74 47.98 -6.65
C5A NAD CA . 2.76 48.81 -7.07
C6A NAD CA . 2.95 49.74 -8.16
N6A NAD CA . 1.94 49.92 -9.09
N1A NAD CA . 4.13 50.49 -8.31
C2A NAD CA . 5.14 50.31 -7.40
N3A NAD CA . 5.09 49.47 -6.32
C4A NAD CA . 3.89 48.75 -6.19
O3 NAD CA . 6.51 41.19 -3.05
PN NAD CA . 7.89 40.38 -2.91
O1N NAD CA . 7.85 39.12 -2.10
O2N NAD CA . 8.95 41.41 -3.00
O5D NAD CA . 8.07 39.65 -4.48
C5D NAD CA . 8.10 40.59 -5.42
C4D NAD CA . 8.47 39.98 -6.73
O4D NAD CA . 9.55 39.06 -6.48
C3D NAD CA . 7.25 39.18 -7.18
O3D NAD CA . 7.19 39.36 -8.52
C2D NAD CA . 7.66 37.75 -6.84
O2D NAD CA . 7.22 36.82 -7.76
C1D NAD CA . 9.20 37.88 -7.06
N1N NAD CA . 9.87 36.78 -6.31
C2N NAD CA . 9.93 36.87 -4.95
C3N NAD CA . 10.54 35.84 -4.23
C7N NAD CA . 10.60 35.99 -2.74
O7N NAD CA . 11.13 35.14 -2.05
N7N NAD CA . 10.04 37.11 -2.19
C4N NAD CA . 11.07 34.76 -4.90
C5N NAD CA . 10.98 34.70 -6.28
C6N NAD CA . 10.38 35.72 -6.98
S1 MPO DA . 3.80 35.60 -6.11
O1 MPO DA . 4.87 36.48 -5.47
O2 MPO DA . 4.21 35.33 -7.57
O4 MPO DA . 8.93 30.32 -6.23
N1 MPO DA . 6.47 31.54 -5.77
C1 MPO DA . 3.57 34.00 -5.26
O3 MPO DA . 2.52 36.41 -5.90
C2 MPO DA . 4.89 33.30 -4.88
C3 MPO DA . 5.32 32.39 -6.03
C4 MPO DA . 7.69 32.27 -5.58
C5 MPO DA . 8.91 31.40 -5.32
C6 MPO DA . 7.71 29.62 -6.42
C7 MPO DA . 6.57 30.56 -6.80
CL CL EA . 27.56 5.22 9.43
PA NAD FA . 40.42 8.11 9.70
O1A NAD FA . 40.48 6.66 9.50
O2A NAD FA . 40.55 9.15 8.67
O5B NAD FA . 41.77 8.45 10.74
C5B NAD FA . 42.12 7.38 11.51
C4B NAD FA . 43.63 7.47 11.68
O4B NAD FA . 44.04 6.74 12.79
C3B NAD FA . 44.22 6.80 10.43
O3B NAD FA . 45.06 7.74 9.90
C2B NAD FA . 44.95 5.57 11.05
O2B NAD FA . 46.15 5.27 10.41
C1B NAD FA . 45.26 6.15 12.45
N9A NAD FA . 45.49 5.11 13.42
C8A NAD FA . 45.03 3.80 13.47
N7A NAD FA . 45.42 3.14 14.53
C5A NAD FA . 46.19 4.05 15.21
C6A NAD FA . 46.94 4.01 16.43
N6A NAD FA . 46.96 2.87 17.17
N1A NAD FA . 47.64 5.13 16.88
C2A NAD FA . 47.63 6.29 16.15
N3A NAD FA . 46.96 6.45 14.98
C4A NAD FA . 46.26 5.30 14.54
O3 NAD FA . 39.17 8.20 10.62
PN NAD FA . 38.35 9.60 10.59
O1N NAD FA . 37.25 9.74 9.58
O2N NAD FA . 39.30 10.65 10.96
O5D NAD FA . 37.40 9.55 12.00
C5D NAD FA . 38.16 9.37 13.06
C4D NAD FA . 37.25 9.35 14.27
O4D NAD FA . 36.32 10.44 14.18
C3D NAD FA . 36.44 8.05 14.23
O3D NAD FA . 36.46 7.65 15.46
C2D NAD FA . 35.02 8.49 13.82
O2D NAD FA . 34.00 7.83 14.45
C1D NAD FA . 35.05 9.94 14.41
N1N NAD FA . 34.05 10.76 13.61
C2N NAD FA . 34.34 11.00 12.31
C3N NAD FA . 33.44 11.71 11.52
C7N NAD FA . 33.85 11.97 10.11
O7N NAD FA . 33.20 12.70 9.40
N7N NAD FA . 35.00 11.41 9.67
C4N NAD FA . 32.26 12.16 12.08
C5N NAD FA . 31.97 11.89 13.39
C6N NAD FA . 32.90 11.17 14.17
S1 MPO GA . 33.39 4.99 12.03
O1 MPO GA . 34.53 5.92 11.71
O2 MPO GA . 34.02 3.55 11.91
O4 MPO GA . 27.59 9.56 12.21
N1 MPO GA . 29.34 7.50 11.49
C1 MPO GA . 32.19 5.10 10.65
O3 MPO GA . 32.76 5.23 13.37
C2 MPO GA . 31.46 6.44 10.62
C3 MPO GA . 30.40 6.51 11.74
C4 MPO GA . 29.85 8.84 11.68
C5 MPO GA . 28.72 9.89 11.37
C6 MPO GA . 27.04 8.25 11.97
C7 MPO GA . 28.14 7.25 12.33
CL CL HA . 4.14 29.45 -4.65
PA NAD IA . -33.89 24.26 6.77
O1A NAD IA . -34.43 23.29 5.82
O2A NAD IA . -33.77 24.12 8.22
O5B NAD IA . -34.87 25.63 6.59
C5B NAD IA . -35.39 25.76 5.33
C4B NAD IA . -36.74 26.48 5.54
O4B NAD IA . -37.20 27.14 4.38
C3B NAD IA . -37.73 25.36 5.87
O3B NAD IA . -38.30 25.74 7.05
C2B NAD IA . -38.67 25.43 4.63
O2B NAD IA . -39.95 25.12 4.93
C1B NAD IA . -38.59 26.92 4.32
N9A NAD IA . -39.03 27.19 2.95
C8A NAD IA . -39.01 26.36 1.83
N7A NAD IA . -39.49 26.94 0.74
C5A NAD IA . -39.82 28.20 1.16
C6A NAD IA . -40.39 29.38 0.56
N6A NAD IA . -40.73 29.38 -0.75
N1A NAD IA . -40.63 30.55 1.26
C2A NAD IA . -40.33 30.59 2.58
N3A NAD IA . -39.79 29.55 3.26
C4A NAD IA . -39.56 28.39 2.54
O3 NAD IA . -32.54 24.67 6.04
PN NAD IA . -31.31 25.10 6.95
O1N NAD IA . -30.36 24.04 7.41
O2N NAD IA . -31.75 26.27 7.69
O5D NAD IA . -30.25 25.90 5.84
C5D NAD IA . -30.89 26.84 5.19
C4D NAD IA . -29.89 27.61 4.37
O4D NAD IA . -28.74 27.82 5.13
C3D NAD IA . -29.52 26.74 3.14
O3D NAD IA . -29.38 27.60 2.15
C2D NAD IA . -28.15 26.15 3.53
O2D NAD IA . -27.26 26.00 2.50
C1D NAD IA . -27.64 27.33 4.40
N1N NAD IA . -26.58 26.89 5.35
C2N NAD IA . -26.95 26.08 6.38
C3N NAD IA . -26.00 25.66 7.31
C7N NAD IA . -26.44 24.78 8.43
O7N NAD IA . -25.63 24.33 9.19
N7N NAD IA . -27.76 24.49 8.55
C4N NAD IA . -24.68 26.06 7.16
C5N NAD IA . -24.33 26.88 6.11
C6N NAD IA . -25.30 27.31 5.20
S1 MPO JA . -28.10 22.52 1.63
O1 MPO JA . -28.67 23.22 2.80
O2 MPO JA . -27.19 23.62 1.23
O4 MPO JA . -21.16 23.58 4.21
N1 MPO JA . -23.49 22.25 3.19
C1 MPO JA . -26.96 21.21 2.25
O3 MPO JA . -29.18 21.83 0.75
C2 MPO JA . -25.93 21.85 3.20
C3 MPO JA . -24.71 22.27 2.38
C4 MPO JA . -23.59 23.29 4.20
C5 MPO JA . -22.32 23.33 5.04
C6 MPO JA . -21.01 22.53 3.24
C7 MPO JA . -22.31 22.51 2.37
CL CL KA . 4.80 13.70 25.67
PA NAD LA . 7.66 23.00 34.12
O1A NAD LA . 8.96 22.37 33.92
O2A NAD LA . 7.09 24.19 33.50
O5B NAD LA . 7.80 23.52 35.75
C5B NAD LA . 8.36 22.54 36.56
C4B NAD LA . 9.03 23.29 37.70
O4B NAD LA . 9.68 22.44 38.59
C3B NAD LA . 10.13 24.21 37.07
O3B NAD LA . 9.81 25.47 37.45
C2B NAD LA . 11.43 23.66 37.74
O2B NAD LA . 12.33 24.66 38.00
C1B NAD LA . 10.81 23.20 39.06
N9A NAD LA . 11.68 22.28 39.81
C8A NAD LA . 12.71 21.42 39.40
N7A NAD LA . 13.25 20.73 40.39
C5A NAD LA . 12.57 21.15 41.50
C6A NAD LA . 12.63 20.85 42.91
N6A NAD LA . 13.53 19.94 43.35
N1A NAD LA . 11.78 21.47 43.83
C2A NAD LA . 10.87 22.40 43.39
N3A NAD LA . 10.71 22.77 42.10
C4A NAD LA . 11.57 22.13 41.18
O3 NAD LA . 6.84 21.65 34.16
PN NAD LA . 5.34 21.67 33.66
O1N NAD LA . 5.06 21.55 32.20
O2N NAD LA . 4.62 22.48 34.65
O5D NAD LA . 4.76 20.12 34.13
C5D NAD LA . 4.88 19.88 35.44
C4D NAD LA . 4.15 18.58 35.74
O4D NAD LA . 2.85 18.66 35.15
C3D NAD LA . 4.91 17.39 35.06
O3D NAD LA . 4.88 16.36 35.92
C2D NAD LA . 4.03 17.07 33.86
O2D NAD LA . 3.96 15.76 33.53
C1D NAD LA . 2.62 17.48 34.47
N1N NAD LA . 1.65 17.77 33.33
C2N NAD LA . 1.82 18.92 32.62
C3N NAD LA . 0.98 19.21 31.55
C7N NAD LA . 1.23 20.46 30.82
O7N NAD LA . 0.54 20.79 29.89
N7N NAD LA . 2.25 21.24 31.25
C4N NAD LA . -0.02 18.32 31.20
C5N NAD LA . -0.16 17.18 31.93
C6N NAD LA . 0.68 16.90 33.00
S1 MPO MA . 6.88 15.58 31.18
O1 MPO MA . 6.45 16.96 31.71
O2 MPO MA . 8.43 15.46 31.30
O4 MPO MA . 0.23 14.04 28.22
N1 MPO MA . 2.93 14.41 28.47
C1 MPO MA . 6.41 15.55 29.42
O3 MPO MA . 6.05 14.52 31.86
C2 MPO MA . 4.88 15.71 29.25
C3 MPO MA . 4.26 14.33 29.10
C4 MPO MA . 1.99 15.32 29.12
C5 MPO MA . 0.69 15.41 28.33
C6 MPO MA . 1.14 13.22 27.46
C7 MPO MA . 2.42 13.07 28.33
CL CL NA . -22.84 19.08 2.23
#